data_7UAI
#
_entry.id   7UAI
#
_cell.length_a   1.00
_cell.length_b   1.00
_cell.length_c   1.00
_cell.angle_alpha   90.00
_cell.angle_beta   90.00
_cell.angle_gamma   90.00
#
_symmetry.space_group_name_H-M   'P 1'
#
loop_
_entity.id
_entity.type
_entity.pdbx_description
1 polymer 'Meprin A subunit alpha'
2 polymer Fetuin-B
3 branched 2-acetamido-2-deoxy-beta-D-glucopyranose-(1-4)-2-acetamido-2-deoxy-beta-D-glucopyranose-(1-4)-2-acetamido-2-deoxy-beta-D-glucopyranose
4 branched 2-acetamido-2-deoxy-beta-D-glucopyranose-(1-4)-2-acetamido-2-deoxy-beta-D-glucopyranose
5 branched beta-D-mannopyranose-(1-4)-2-acetamido-2-deoxy-beta-D-glucopyranose-(1-4)-[alpha-L-fucopyranose-(1-6)]2-acetamido-2-deoxy-beta-D-glucopyranose
6 non-polymer 'CALCIUM ION'
7 non-polymer 'ZINC ION'
8 non-polymer 2-acetamido-2-deoxy-beta-D-glucopyranose
#
loop_
_entity_poly.entity_id
_entity_poly.type
_entity_poly.pdbx_seq_one_letter_code
_entity_poly.pdbx_strand_id
1 'polypeptide(L)'
;WSHPQFEKVPIKYLPEENVHDADFGEQKDISEINLAAGLDLFQGDILLQKSRNGLRDPNTRWTFPIPYILADNLGLNAKG
AILYAFEMFRLKSCVDFKPYEGESSYIIFQQFDGCWSEVGDQHVGQNISIGQGCAYKAIIEHEILHALGFYHEQSRTDRD
DYVNIWWDQILSGYQHNFDTYDDSLITDLNTPYDYESLMHYQPFSFNKNASVPTITAKIPEFNSIIGQRLDFSAIDLERL
NRMYNCTTTHTLLDHCTFEKANICGMIQGTRDDTDWAHQDSAQAGEVDHTLLGQCTGAGYFMQFSTSSGSAEEAALLESR
ILYPKRKQQCLQFFYKMTGSPSDRLVVWVRRDDSTGNVRKLVKVQTFQGDDDHNWKIAHVVLKEEQKFRYLFQGTKGDPQ
NSTGGIYLDDITLTETPCPTGVWTVRNFSQVLENTSKGDKLQSPRFYNSEGYGFGVTLYPNSRESSGYLRLAFHVCSGEN
DAILEWPVENRQVIITILDQEPDVRNRMSSSMVFTTSKSHTSPAINDTVIWDRPSRVGTYHTDCNCFRSIDLGWSGFISH
QMLKRRSFLKNDDLIIFVDFEDITHLS
;
E,B,C,D
2 'polypeptide(L)'
;MGLLLPLALCILVLCCGAMSPPQLALNPSALLSRGCNDSDVLAVAGFALRDINKDRKDGYVLRLNRVNDAQEYRRGGLGS
LFYLTLDVLETDCHVLRKKAWQDCGMRIFFESVYGQCKAIFYMNNPSRVLYLAAYNCTLRPVSKKKIYMTCPDCPSSIPT
DSSNHQVLEAATESLAKYNNENTSKQYSLFKVTRASSQWVVGPSYFVEYLIKESPCTKSQASSCSLQSSDSVPVGLCKGS
LTRTHWEKFVSVTCDFFESQAPATGSENSAVNQKPTNLPKVEESQQKNTPPTDSPSKAGPRGSVQYLPDLDDKNSQEKGP
QEAFPVHLDLTTNPQGETLDISFLFLEPMEEKLVVLPFPKEKARTAECPGPAQNASPLVLPPHHHHHH
;
A,H
#
# COMPACT_ATOMS: atom_id res chain seq x y z
N ASN A 53 -13.51 68.84 -3.37
CA ASN A 53 -13.42 68.36 -1.96
C ASN A 53 -12.28 67.34 -1.72
N GLY A 54 -11.32 67.14 -2.63
CA GLY A 54 -10.22 66.19 -2.43
C GLY A 54 -9.02 66.83 -1.73
N LEU A 55 -8.43 66.14 -0.76
CA LEU A 55 -7.24 66.59 -0.06
C LEU A 55 -6.07 66.75 -1.06
N ARG A 56 -5.55 67.97 -1.23
CA ARG A 56 -4.62 68.31 -2.32
C ARG A 56 -3.31 67.53 -2.26
N ASP A 57 -2.70 67.44 -1.10
CA ASP A 57 -1.38 66.82 -0.89
C ASP A 57 -1.33 65.35 -1.39
N PRO A 58 -0.58 65.03 -2.46
CA PRO A 58 -0.52 63.69 -3.01
C PRO A 58 0.11 62.66 -2.07
N ASN A 59 0.85 63.06 -1.04
CA ASN A 59 1.33 62.11 -0.02
C ASN A 59 0.17 61.45 0.75
N THR A 60 -1.04 62.03 0.71
CA THR A 60 -2.22 61.48 1.40
C THR A 60 -2.96 60.41 0.59
N ARG A 61 -2.52 60.09 -0.62
CA ARG A 61 -3.14 59.07 -1.47
C ARG A 61 -2.83 57.67 -0.92
N TRP A 62 -3.80 56.77 -0.98
CA TRP A 62 -3.55 55.33 -0.85
C TRP A 62 -2.81 54.75 -2.05
N THR A 63 -2.34 53.50 -1.92
CA THR A 63 -1.95 52.67 -3.07
C THR A 63 -2.68 51.33 -2.99
N PHE A 64 -3.39 50.95 -4.04
CA PHE A 64 -4.33 49.84 -4.00
C PHE A 64 -3.63 48.48 -4.10
N PRO A 65 -4.26 47.39 -3.60
CA PRO A 65 -5.48 47.39 -2.80
C PRO A 65 -5.24 47.95 -1.38
N ILE A 66 -6.15 48.75 -0.85
CA ILE A 66 -6.11 49.22 0.53
C ILE A 66 -6.17 48.01 1.48
N PRO A 67 -5.13 47.75 2.28
CA PRO A 67 -5.16 46.68 3.24
C PRO A 67 -6.08 47.08 4.38
N TYR A 68 -6.90 46.15 4.85
CA TYR A 68 -7.89 46.45 5.87
C TYR A 68 -8.00 45.37 6.94
N ILE A 69 -8.54 45.77 8.08
CA ILE A 69 -8.92 44.91 9.19
C ILE A 69 -10.37 45.18 9.54
N LEU A 70 -11.16 44.15 9.78
CA LEU A 70 -12.46 44.30 10.44
C LEU A 70 -12.31 43.89 11.89
N ALA A 71 -12.41 44.83 12.82
CA ALA A 71 -12.26 44.55 14.24
C ALA A 71 -13.47 43.77 14.78
N ASP A 72 -13.26 42.84 15.69
CA ASP A 72 -14.31 41.94 16.16
C ASP A 72 -15.35 42.63 17.06
N ASN A 73 -15.14 43.90 17.42
CA ASN A 73 -16.17 44.72 18.03
C ASN A 73 -17.27 45.13 17.03
N LEU A 74 -17.05 45.00 15.71
CA LEU A 74 -18.09 45.07 14.68
C LEU A 74 -19.08 43.91 14.83
N GLY A 75 -20.37 44.21 14.79
CA GLY A 75 -21.38 43.18 14.57
C GLY A 75 -21.17 42.48 13.23
N LEU A 76 -21.65 41.25 13.09
CA LEU A 76 -21.63 40.57 11.79
C LEU A 76 -22.30 41.41 10.72
N ASN A 77 -23.42 42.05 11.04
CA ASN A 77 -24.14 42.88 10.09
C ASN A 77 -23.27 44.01 9.55
N ALA A 78 -22.50 44.64 10.41
CA ALA A 78 -21.53 45.64 10.00
C ALA A 78 -20.40 45.02 9.16
N LYS A 79 -19.82 43.89 9.56
CA LYS A 79 -18.76 43.24 8.76
C LYS A 79 -19.23 42.93 7.35
N GLY A 80 -20.40 42.32 7.20
CA GLY A 80 -20.97 42.03 5.89
C GLY A 80 -21.24 43.29 5.07
N ALA A 81 -21.80 44.32 5.69
CA ALA A 81 -22.07 45.58 5.02
C ALA A 81 -20.80 46.30 4.57
N ILE A 82 -19.70 46.16 5.29
CA ILE A 82 -18.43 46.73 4.88
C ILE A 82 -17.90 46.02 3.66
N LEU A 83 -17.93 44.69 3.62
CA LEU A 83 -17.50 43.97 2.44
C LEU A 83 -18.39 44.32 1.26
N TYR A 84 -19.70 44.40 1.46
CA TYR A 84 -20.60 44.84 0.41
C TYR A 84 -20.25 46.25 -0.09
N ALA A 85 -19.91 47.17 0.80
CA ALA A 85 -19.43 48.47 0.36
C ALA A 85 -18.14 48.36 -0.45
N PHE A 86 -17.16 47.54 -0.04
CA PHE A 86 -15.99 47.29 -0.86
C PHE A 86 -16.38 46.79 -2.25
N GLU A 87 -17.38 45.93 -2.38
CA GLU A 87 -17.81 45.46 -3.70
C GLU A 87 -18.36 46.60 -4.53
N MET A 88 -19.02 47.58 -3.93
CA MET A 88 -19.49 48.74 -4.69
C MET A 88 -18.34 49.62 -5.17
N PHE A 89 -17.30 49.77 -4.36
CA PHE A 89 -16.11 50.54 -4.81
C PHE A 89 -15.49 49.80 -6.01
N ARG A 90 -15.29 48.49 -5.88
CA ARG A 90 -14.66 47.68 -6.97
C ARG A 90 -15.55 47.67 -8.21
N LEU A 91 -16.86 47.90 -8.07
CA LEU A 91 -17.81 47.83 -9.21
C LEU A 91 -17.95 49.19 -9.89
N LYS A 92 -17.45 50.27 -9.28
CA LYS A 92 -17.65 51.62 -9.82
C LYS A 92 -16.37 52.43 -9.98
N SER A 93 -15.25 51.91 -9.48
CA SER A 93 -13.95 52.56 -9.49
C SER A 93 -12.82 51.54 -9.55
N CYS A 94 -11.59 51.99 -9.79
CA CYS A 94 -10.39 51.15 -9.63
C CYS A 94 -9.88 51.06 -8.18
N VAL A 95 -10.60 51.60 -7.19
CA VAL A 95 -10.35 51.34 -5.77
C VAL A 95 -10.50 49.84 -5.51
N ASP A 96 -9.59 49.27 -4.73
CA ASP A 96 -9.67 47.88 -4.31
C ASP A 96 -9.18 47.75 -2.88
N PHE A 97 -9.54 46.66 -2.22
CA PHE A 97 -9.26 46.36 -0.82
C PHE A 97 -8.68 44.96 -0.67
N LYS A 98 -7.91 44.69 0.39
CA LYS A 98 -7.39 43.34 0.71
C LYS A 98 -7.31 43.10 2.22
N PRO A 99 -7.41 41.88 2.73
CA PRO A 99 -7.10 41.61 4.11
C PRO A 99 -5.70 42.11 4.49
N TYR A 100 -5.54 42.57 5.71
CA TYR A 100 -4.28 43.06 6.24
C TYR A 100 -3.24 41.96 6.45
N GLU A 101 -2.00 42.21 6.02
CA GLU A 101 -0.89 41.25 6.04
C GLU A 101 0.40 41.85 6.60
N GLY A 102 0.30 42.90 7.40
CA GLY A 102 1.43 43.57 8.05
C GLY A 102 1.86 44.89 7.40
N GLU A 103 1.07 45.43 6.46
CA GLU A 103 1.39 46.69 5.81
C GLU A 103 1.50 47.88 6.78
N SER A 104 2.20 48.93 6.35
CA SER A 104 2.40 50.14 7.14
C SER A 104 1.11 50.94 7.32
N SER A 105 0.44 51.33 6.23
CA SER A 105 -0.85 52.02 6.28
C SER A 105 -1.98 51.10 5.88
N TYR A 106 -3.08 51.16 6.65
CA TYR A 106 -4.21 50.26 6.55
C TYR A 106 -5.43 50.91 7.19
N ILE A 107 -6.62 50.42 6.87
CA ILE A 107 -7.83 50.82 7.57
C ILE A 107 -8.24 49.71 8.53
N ILE A 108 -8.41 50.02 9.80
CA ILE A 108 -9.13 49.14 10.71
C ILE A 108 -10.53 49.69 10.95
N PHE A 109 -11.54 48.92 10.59
CA PHE A 109 -12.94 49.25 10.77
C PHE A 109 -13.41 48.71 12.10
N GLN A 110 -14.03 49.55 12.90
CA GLN A 110 -14.39 49.26 14.28
C GLN A 110 -15.79 49.79 14.58
N GLN A 111 -16.37 49.39 15.70
CA GLN A 111 -17.68 49.88 16.16
C GLN A 111 -17.55 50.82 17.37
N PHE A 112 -16.86 51.94 17.19
CA PHE A 112 -16.74 52.96 18.23
C PHE A 112 -18.00 53.83 18.30
N ASP A 113 -17.99 54.80 19.20
CA ASP A 113 -19.02 55.85 19.24
C ASP A 113 -19.05 56.62 17.92
N GLY A 114 -20.25 56.75 17.33
CA GLY A 114 -20.45 57.46 16.07
C GLY A 114 -19.78 56.79 14.86
N CYS A 115 -19.84 57.46 13.72
CA CYS A 115 -19.42 56.89 12.44
C CYS A 115 -18.60 57.91 11.66
N TRP A 116 -17.32 57.63 11.47
CA TRP A 116 -16.30 58.63 11.13
C TRP A 116 -15.02 57.98 10.59
N SER A 117 -14.15 58.79 9.99
CA SER A 117 -12.83 58.41 9.47
C SER A 117 -11.85 59.58 9.56
N GLU A 118 -10.55 59.31 9.64
CA GLU A 118 -9.53 60.31 9.28
C GLU A 118 -9.47 60.49 7.75
N VAL A 119 -9.13 61.67 7.24
CA VAL A 119 -9.24 61.96 5.79
C VAL A 119 -7.95 61.65 5.07
N GLY A 120 -8.01 60.81 4.05
CA GLY A 120 -6.83 60.36 3.29
C GLY A 120 -6.03 59.27 4.03
N ASP A 121 -5.01 58.73 3.39
CA ASP A 121 -4.07 57.80 4.01
C ASP A 121 -3.31 58.51 5.13
N GLN A 122 -3.46 58.01 6.35
CA GLN A 122 -2.54 58.25 7.46
C GLN A 122 -1.52 57.12 7.47
N HIS A 123 -0.25 57.41 7.24
CA HIS A 123 0.74 56.38 6.91
C HIS A 123 1.00 55.33 8.01
N VAL A 124 0.66 55.63 9.25
CA VAL A 124 0.72 54.69 10.38
C VAL A 124 -0.45 53.70 10.43
N GLY A 125 -1.47 53.89 9.59
CA GLY A 125 -2.73 53.14 9.59
C GLY A 125 -3.78 53.74 10.53
N GLN A 126 -5.06 53.59 10.21
CA GLN A 126 -6.10 54.45 10.73
C GLN A 126 -7.41 53.73 11.02
N ASN A 127 -8.19 54.27 11.95
CA ASN A 127 -9.53 53.81 12.25
C ASN A 127 -10.56 54.32 11.24
N ILE A 128 -11.58 53.51 10.99
CA ILE A 128 -12.92 53.96 10.59
C ILE A 128 -13.85 53.43 11.65
N SER A 129 -14.77 54.27 12.10
CA SER A 129 -15.86 53.85 12.96
C SER A 129 -17.12 53.70 12.15
N ILE A 130 -17.81 52.58 12.38
CA ILE A 130 -19.17 52.37 11.93
C ILE A 130 -19.96 51.98 13.17
N GLY A 131 -20.32 53.00 13.95
CA GLY A 131 -21.18 52.85 15.12
C GLY A 131 -22.55 52.26 14.78
N GLN A 132 -23.24 51.73 15.78
CA GLN A 132 -24.50 51.03 15.56
C GLN A 132 -25.51 51.90 14.81
N GLY A 133 -26.20 51.33 13.83
CA GLY A 133 -27.15 52.04 12.97
C GLY A 133 -26.53 52.59 11.68
N CYS A 134 -25.20 52.63 11.58
CA CYS A 134 -24.51 53.07 10.37
C CYS A 134 -24.28 51.97 9.32
N ALA A 135 -24.92 50.82 9.42
CA ALA A 135 -24.63 49.68 8.54
C ALA A 135 -24.88 49.95 7.05
N TYR A 136 -25.79 50.83 6.66
CA TYR A 136 -26.28 50.91 5.28
C TYR A 136 -25.18 51.34 4.30
N LYS A 137 -25.10 50.76 3.10
CA LYS A 137 -23.92 50.86 2.24
C LYS A 137 -23.47 52.29 2.03
N ALA A 138 -24.41 53.22 1.84
CA ALA A 138 -24.09 54.60 1.57
C ALA A 138 -23.34 55.29 2.70
N ILE A 139 -23.61 54.93 3.96
CA ILE A 139 -22.87 55.47 5.09
C ILE A 139 -21.45 54.91 5.05
N ILE A 140 -21.31 53.61 4.82
CA ILE A 140 -19.99 52.99 4.72
C ILE A 140 -19.18 53.60 3.58
N GLU A 141 -19.80 53.79 2.43
CA GLU A 141 -19.21 54.42 1.27
C GLU A 141 -18.80 55.85 1.59
N HIS A 142 -19.62 56.62 2.30
CA HIS A 142 -19.28 57.97 2.74
C HIS A 142 -18.01 57.95 3.58
N GLU A 143 -17.92 57.11 4.61
CA GLU A 143 -16.72 57.06 5.43
C GLU A 143 -15.49 56.52 4.71
N ILE A 144 -15.65 55.59 3.77
CA ILE A 144 -14.53 55.13 2.98
C ILE A 144 -14.06 56.22 1.99
N LEU A 145 -14.93 57.08 1.50
CA LEU A 145 -14.53 58.26 0.74
C LEU A 145 -13.73 59.25 1.60
N HIS A 146 -14.07 59.44 2.85
CA HIS A 146 -13.24 60.22 3.77
C HIS A 146 -11.84 59.61 3.84
N ALA A 147 -11.70 58.32 4.14
CA ALA A 147 -10.39 57.68 4.10
C ALA A 147 -9.69 57.76 2.74
N LEU A 148 -10.40 57.72 1.62
CA LEU A 148 -9.81 57.91 0.29
C LEU A 148 -9.28 59.34 0.07
N GLY A 149 -9.79 60.34 0.79
CA GLY A 149 -9.29 61.71 0.74
C GLY A 149 -10.33 62.80 0.55
N PHE A 150 -11.63 62.51 0.66
CA PHE A 150 -12.68 63.50 0.37
C PHE A 150 -13.27 64.09 1.65
N TYR A 151 -13.31 65.43 1.73
CA TYR A 151 -14.06 66.18 2.74
C TYR A 151 -15.54 66.29 2.36
N HIS A 152 -16.41 66.75 3.27
CA HIS A 152 -17.81 66.94 2.95
C HIS A 152 -18.00 67.98 1.84
N GLU A 153 -19.03 67.81 1.04
CA GLU A 153 -19.24 68.67 -0.14
C GLU A 153 -19.54 70.11 0.28
N GLN A 154 -20.39 70.30 1.30
CA GLN A 154 -20.66 71.64 1.84
C GLN A 154 -19.44 72.24 2.57
N SER A 155 -18.30 71.55 2.68
CA SER A 155 -17.03 72.14 3.10
C SER A 155 -16.13 72.60 1.95
N ARG A 156 -16.56 72.47 0.68
CA ARG A 156 -15.84 73.06 -0.48
C ARG A 156 -15.54 74.55 -0.27
N THR A 157 -14.46 75.05 -0.85
CA THR A 157 -14.04 76.46 -0.74
C THR A 157 -15.09 77.43 -1.27
N ASP A 158 -15.78 77.03 -2.33
CA ASP A 158 -16.76 77.84 -3.07
C ASP A 158 -18.22 77.59 -2.64
N ARG A 159 -18.39 76.69 -1.63
CA ARG A 159 -19.76 76.24 -1.22
C ARG A 159 -20.79 77.36 -1.15
N ASP A 160 -20.45 78.49 -0.60
CA ASP A 160 -21.37 79.61 -0.34
C ASP A 160 -22.04 80.13 -1.62
N ASP A 161 -21.48 79.84 -2.79
CA ASP A 161 -22.08 80.16 -4.08
C ASP A 161 -23.29 79.26 -4.39
N TYR A 162 -23.41 78.13 -3.67
CA TYR A 162 -24.31 77.03 -3.98
C TYR A 162 -25.29 76.69 -2.86
N VAL A 163 -24.96 76.93 -1.58
CA VAL A 163 -25.82 76.63 -0.41
C VAL A 163 -25.89 77.79 0.56
N ASN A 164 -26.96 77.79 1.37
CA ASN A 164 -27.18 78.64 2.53
C ASN A 164 -26.97 77.80 3.78
N ILE A 165 -26.18 78.31 4.71
CA ILE A 165 -26.05 77.75 6.06
C ILE A 165 -26.81 78.68 7.01
N TRP A 166 -27.87 78.18 7.64
CA TRP A 166 -28.68 78.92 8.60
C TRP A 166 -28.06 78.74 9.99
N TRP A 167 -26.97 79.46 10.23
CA TRP A 167 -26.08 79.29 11.39
C TRP A 167 -26.81 79.29 12.74
N ASP A 168 -27.77 80.19 12.91
CA ASP A 168 -28.60 80.32 14.09
C ASP A 168 -29.49 79.10 14.39
N GLN A 169 -29.73 78.24 13.40
CA GLN A 169 -30.45 76.98 13.55
C GLN A 169 -29.55 75.80 13.96
N ILE A 170 -28.23 75.90 13.83
CA ILE A 170 -27.28 74.84 14.24
C ILE A 170 -27.22 74.77 15.77
N LEU A 171 -27.05 73.57 16.32
CA LEU A 171 -26.74 73.36 17.73
C LEU A 171 -25.43 74.06 18.14
N SER A 172 -25.41 74.72 19.30
CA SER A 172 -24.21 75.39 19.82
C SER A 172 -23.09 74.39 20.12
N GLY A 173 -21.89 74.66 19.61
CA GLY A 173 -20.75 73.74 19.69
C GLY A 173 -20.65 72.72 18.55
N TYR A 174 -21.46 72.86 17.48
CA TYR A 174 -21.40 72.00 16.29
C TYR A 174 -21.13 72.77 14.99
N GLN A 175 -21.23 74.09 15.00
CA GLN A 175 -21.09 74.94 13.83
C GLN A 175 -19.76 74.76 13.08
N HIS A 176 -18.69 74.42 13.78
CA HIS A 176 -17.38 74.16 13.15
C HIS A 176 -17.39 72.97 12.19
N ASN A 177 -18.31 72.02 12.34
CA ASN A 177 -18.47 70.92 11.39
C ASN A 177 -18.94 71.42 10.00
N PHE A 178 -19.40 72.67 9.91
CA PHE A 178 -19.78 73.37 8.69
C PHE A 178 -18.72 74.39 8.23
N ASP A 179 -17.49 74.32 8.73
CA ASP A 179 -16.42 75.16 8.20
C ASP A 179 -16.10 74.80 6.74
N THR A 180 -15.73 75.81 5.95
CA THR A 180 -15.22 75.66 4.60
C THR A 180 -13.70 75.75 4.59
N TYR A 181 -13.06 74.95 3.74
CA TYR A 181 -11.61 74.76 3.67
C TYR A 181 -11.04 75.55 2.47
N ASP A 182 -9.83 76.11 2.59
CA ASP A 182 -9.22 76.85 1.48
C ASP A 182 -8.70 75.93 0.36
N ASP A 183 -8.38 76.52 -0.79
CA ASP A 183 -7.89 75.79 -1.95
C ASP A 183 -6.49 75.19 -1.76
N SER A 184 -5.74 75.54 -0.70
CA SER A 184 -4.44 74.93 -0.41
C SER A 184 -4.61 73.58 0.26
N LEU A 185 -5.63 73.44 1.12
CA LEU A 185 -6.02 72.16 1.66
C LEU A 185 -6.68 71.26 0.60
N ILE A 186 -7.57 71.81 -0.23
CA ILE A 186 -8.43 71.00 -1.10
C ILE A 186 -8.46 71.40 -2.58
N THR A 187 -8.53 70.40 -3.47
CA THR A 187 -8.82 70.54 -4.90
C THR A 187 -10.31 70.36 -5.18
N ASP A 188 -10.84 71.03 -6.20
CA ASP A 188 -12.13 70.69 -6.82
C ASP A 188 -12.00 69.55 -7.84
N LEU A 189 -10.79 69.11 -8.18
CA LEU A 189 -10.51 68.19 -9.30
C LEU A 189 -11.16 68.65 -10.62
N ASN A 190 -11.30 69.97 -10.79
CA ASN A 190 -12.05 70.62 -11.86
C ASN A 190 -13.50 70.14 -12.01
N THR A 191 -14.19 69.91 -10.90
CA THR A 191 -15.60 69.50 -10.90
C THR A 191 -16.51 70.55 -10.24
N PRO A 192 -17.76 70.71 -10.70
CA PRO A 192 -18.71 71.62 -10.09
C PRO A 192 -19.09 71.15 -8.68
N TYR A 193 -19.69 72.05 -7.92
CA TYR A 193 -20.39 71.70 -6.69
C TYR A 193 -21.55 70.74 -7.00
N ASP A 194 -21.61 69.61 -6.30
CA ASP A 194 -22.60 68.57 -6.56
C ASP A 194 -23.57 68.40 -5.40
N TYR A 195 -24.79 68.88 -5.58
CA TYR A 195 -25.90 68.68 -4.65
C TYR A 195 -26.27 67.21 -4.46
N GLU A 196 -26.08 66.36 -5.46
CA GLU A 196 -26.33 64.92 -5.41
C GLU A 196 -25.19 64.16 -4.70
N SER A 197 -24.12 64.83 -4.30
CA SER A 197 -22.96 64.15 -3.73
C SER A 197 -23.33 63.39 -2.45
N LEU A 198 -22.84 62.16 -2.34
CA LEU A 198 -22.90 61.38 -1.10
C LEU A 198 -22.14 62.07 0.05
N MET A 199 -21.18 62.94 -0.29
CA MET A 199 -20.41 63.73 0.66
C MET A 199 -21.15 64.99 1.12
N HIS A 200 -22.36 65.23 0.58
CA HIS A 200 -23.17 66.40 0.99
C HIS A 200 -23.83 66.13 2.34
N TYR A 201 -24.42 67.16 2.96
CA TYR A 201 -25.11 66.99 4.28
C TYR A 201 -26.62 67.16 4.08
N GLN A 202 -27.41 66.31 4.75
CA GLN A 202 -28.89 66.40 4.66
C GLN A 202 -29.37 67.78 5.16
N PRO A 203 -30.53 68.35 4.72
CA PRO A 203 -30.99 69.64 5.24
C PRO A 203 -31.01 69.69 6.77
N PHE A 204 -31.59 68.68 7.41
CA PHE A 204 -31.66 68.53 8.85
C PHE A 204 -30.36 67.87 9.39
N SER A 205 -29.28 68.64 9.46
CA SER A 205 -27.98 68.20 9.98
C SER A 205 -27.56 69.06 11.19
N PHE A 206 -27.26 68.45 12.34
CA PHE A 206 -26.88 69.15 13.59
C PHE A 206 -27.83 70.30 14.01
N ASN A 207 -29.12 70.23 13.64
CA ASN A 207 -30.10 71.31 13.80
C ASN A 207 -30.80 71.28 15.17
N LYS A 208 -31.04 72.46 15.74
CA LYS A 208 -31.77 72.67 17.01
C LYS A 208 -33.18 72.08 17.02
N ASN A 209 -33.91 72.38 15.95
CA ASN A 209 -35.34 72.14 15.78
C ASN A 209 -35.54 71.18 14.61
N ALA A 210 -36.17 70.03 14.85
CA ALA A 210 -36.38 68.98 13.86
C ALA A 210 -37.22 69.40 12.65
N SER A 211 -38.02 70.47 12.75
CA SER A 211 -38.81 71.00 11.63
C SER A 211 -38.00 71.90 10.69
N VAL A 212 -36.84 72.39 11.13
CA VAL A 212 -36.08 73.47 10.48
C VAL A 212 -34.74 72.93 9.95
N PRO A 213 -34.42 73.11 8.65
CA PRO A 213 -33.14 72.69 8.10
C PRO A 213 -32.00 73.59 8.57
N THR A 214 -30.82 73.01 8.73
CA THR A 214 -29.55 73.73 8.88
C THR A 214 -29.07 74.29 7.54
N ILE A 215 -29.23 73.52 6.47
CA ILE A 215 -28.62 73.77 5.17
C ILE A 215 -29.67 73.66 4.08
N THR A 216 -29.68 74.61 3.15
CA THR A 216 -30.56 74.59 1.98
C THR A 216 -29.78 75.02 0.74
N ALA A 217 -30.14 74.51 -0.42
CA ALA A 217 -29.53 74.89 -1.68
C ALA A 217 -30.04 76.27 -2.16
N LYS A 218 -29.15 77.07 -2.77
CA LYS A 218 -29.53 78.37 -3.35
C LYS A 218 -30.44 78.21 -4.57
N ILE A 219 -30.24 77.15 -5.35
CA ILE A 219 -31.23 76.63 -6.28
C ILE A 219 -32.23 75.77 -5.48
N PRO A 220 -33.46 76.24 -5.23
CA PRO A 220 -34.34 75.68 -4.20
C PRO A 220 -34.82 74.26 -4.49
N GLU A 221 -34.78 73.79 -5.73
CA GLU A 221 -35.12 72.40 -6.08
C GLU A 221 -34.25 71.39 -5.32
N PHE A 222 -32.95 71.64 -5.25
CA PHE A 222 -31.99 70.74 -4.63
C PHE A 222 -32.16 70.60 -3.11
N ASN A 223 -33.01 71.39 -2.45
CA ASN A 223 -33.44 71.13 -1.08
C ASN A 223 -34.00 69.71 -0.90
N SER A 224 -34.68 69.22 -1.94
CA SER A 224 -35.24 67.87 -1.98
C SER A 224 -34.21 66.77 -2.32
N ILE A 225 -32.96 67.12 -2.62
CA ILE A 225 -31.92 66.22 -3.18
C ILE A 225 -30.66 66.18 -2.30
N ILE A 226 -30.27 67.28 -1.67
CA ILE A 226 -29.03 67.34 -0.89
C ILE A 226 -28.95 66.25 0.17
N GLY A 227 -27.77 65.64 0.29
CA GLY A 227 -27.54 64.55 1.23
C GLY A 227 -28.33 63.28 0.91
N GLN A 228 -28.53 62.98 -0.36
CA GLN A 228 -28.96 61.65 -0.78
C GLN A 228 -27.99 60.60 -0.19
N ARG A 229 -28.52 59.44 0.22
CA ARG A 229 -27.72 58.30 0.69
C ARG A 229 -28.15 57.00 0.02
N LEU A 230 -28.30 57.07 -1.30
CA LEU A 230 -28.52 55.94 -2.18
C LEU A 230 -27.21 55.19 -2.39
N ASP A 231 -26.17 55.95 -2.78
CA ASP A 231 -25.02 55.48 -3.54
C ASP A 231 -24.02 56.62 -3.77
N PHE A 232 -22.89 56.36 -4.42
CA PHE A 232 -22.02 57.40 -4.99
C PHE A 232 -22.78 58.20 -6.05
N SER A 233 -22.61 59.52 -6.10
CA SER A 233 -23.07 60.28 -7.26
C SER A 233 -22.19 60.04 -8.49
N ALA A 234 -22.69 60.35 -9.68
CA ALA A 234 -21.87 60.33 -10.89
C ALA A 234 -20.61 61.19 -10.72
N ILE A 235 -20.77 62.40 -10.20
CA ILE A 235 -19.64 63.30 -9.96
C ILE A 235 -18.73 62.77 -8.87
N ASP A 236 -19.23 62.13 -7.82
CA ASP A 236 -18.39 61.49 -6.81
C ASP A 236 -17.46 60.43 -7.44
N LEU A 237 -17.97 59.62 -8.35
CA LEU A 237 -17.16 58.64 -9.06
C LEU A 237 -16.17 59.32 -10.00
N GLU A 238 -16.57 60.37 -10.70
CA GLU A 238 -15.67 61.13 -11.55
C GLU A 238 -14.52 61.73 -10.73
N ARG A 239 -14.84 62.31 -9.57
CA ARG A 239 -13.78 62.83 -8.68
C ARG A 239 -12.87 61.67 -8.23
N LEU A 240 -13.44 60.57 -7.75
CA LEU A 240 -12.65 59.44 -7.29
C LEU A 240 -11.72 58.94 -8.39
N ASN A 241 -12.23 58.83 -9.62
CA ASN A 241 -11.44 58.46 -10.77
C ASN A 241 -10.34 59.49 -11.06
N ARG A 242 -10.65 60.79 -11.04
CA ARG A 242 -9.68 61.87 -11.28
C ARG A 242 -8.60 61.93 -10.20
N MET A 243 -8.92 61.55 -8.96
CA MET A 243 -7.94 61.53 -7.87
C MET A 243 -6.92 60.40 -8.04
N TYR A 244 -7.39 59.20 -8.40
CA TYR A 244 -6.61 57.97 -8.41
C TYR A 244 -6.24 57.46 -9.82
N ASN A 245 -6.52 58.25 -10.85
CA ASN A 245 -6.28 57.95 -12.26
C ASN A 245 -6.99 56.69 -12.79
N CYS A 246 -8.09 56.29 -12.16
CA CYS A 246 -8.91 55.18 -12.63
C CYS A 246 -9.53 55.47 -14.01
N THR A 247 -9.76 54.40 -14.77
CA THR A 247 -10.51 54.43 -16.04
C THR A 247 -11.44 53.22 -16.13
N THR A 248 -10.89 52.04 -15.91
CA THR A 248 -11.61 50.78 -15.70
C THR A 248 -12.19 50.67 -14.29
N THR A 249 -12.91 49.59 -14.01
CA THR A 249 -13.26 49.17 -12.65
C THR A 249 -13.22 47.65 -12.56
N HIS A 250 -12.85 47.11 -11.40
CA HIS A 250 -12.49 45.70 -11.27
C HIS A 250 -13.64 44.72 -11.55
N THR A 251 -14.89 45.16 -11.46
CA THR A 251 -16.00 44.22 -11.35
C THR A 251 -17.11 44.51 -12.36
N LEU A 252 -16.95 45.48 -13.25
CA LEU A 252 -17.79 45.58 -14.45
C LEU A 252 -16.95 45.04 -15.57
N LEU A 253 -17.32 43.87 -16.08
CA LEU A 253 -16.55 43.18 -17.11
C LEU A 253 -17.01 43.62 -18.49
N ASP A 254 -18.31 43.83 -18.67
CA ASP A 254 -18.87 44.33 -19.91
C ASP A 254 -20.28 44.89 -19.71
N HIS A 255 -20.76 45.70 -20.64
CA HIS A 255 -22.15 46.14 -20.74
C HIS A 255 -22.45 46.51 -22.17
N CYS A 256 -23.71 46.46 -22.57
CA CYS A 256 -24.12 46.86 -23.90
C CYS A 256 -25.58 47.31 -23.96
N THR A 257 -25.79 48.48 -24.58
CA THR A 257 -27.18 48.98 -24.80
C THR A 257 -27.44 49.00 -26.31
N PHE A 258 -26.46 48.57 -27.12
CA PHE A 258 -26.60 48.45 -28.60
C PHE A 258 -26.71 49.80 -29.28
N GLU A 259 -26.37 50.87 -28.60
CA GLU A 259 -26.57 52.24 -29.09
C GLU A 259 -25.79 52.55 -30.36
N LYS A 260 -24.55 52.05 -30.47
CA LYS A 260 -23.73 52.16 -31.68
C LYS A 260 -24.04 51.02 -32.65
N ALA A 261 -23.93 51.26 -33.95
CA ALA A 261 -24.04 50.22 -34.99
C ALA A 261 -22.97 49.12 -34.84
N ASN A 262 -21.86 49.43 -34.17
CA ASN A 262 -20.84 48.50 -33.70
C ASN A 262 -21.37 47.38 -32.78
N ILE A 263 -22.56 47.56 -32.21
CA ILE A 263 -23.21 46.66 -31.24
C ILE A 263 -22.26 46.20 -30.14
N CYS A 264 -21.54 47.15 -29.55
CA CYS A 264 -20.63 46.89 -28.43
C CYS A 264 -19.58 45.82 -28.74
N GLY A 265 -19.23 45.63 -30.01
CA GLY A 265 -18.31 44.60 -30.46
C GLY A 265 -18.88 43.19 -30.35
N MET A 266 -20.18 43.03 -30.11
CA MET A 266 -20.85 41.78 -30.43
C MET A 266 -20.71 41.49 -31.92
N ILE A 267 -20.89 40.23 -32.25
CA ILE A 267 -20.89 39.70 -33.59
C ILE A 267 -22.08 38.76 -33.73
N GLN A 268 -22.37 38.30 -34.93
CA GLN A 268 -23.39 37.28 -35.15
C GLN A 268 -22.75 36.00 -35.62
N GLY A 269 -23.31 34.87 -35.23
CA GLY A 269 -22.90 33.58 -35.77
C GLY A 269 -23.14 33.52 -37.28
N THR A 270 -22.42 32.63 -37.95
CA THR A 270 -22.71 32.21 -39.34
C THR A 270 -23.10 30.73 -39.45
N ARG A 271 -22.79 29.91 -38.42
CA ARG A 271 -23.23 28.51 -38.31
C ARG A 271 -24.68 28.35 -37.83
N ASP A 272 -25.26 29.43 -37.30
CA ASP A 272 -26.71 29.55 -37.05
C ASP A 272 -27.51 29.65 -38.36
N ASP A 273 -28.84 29.74 -38.30
CA ASP A 273 -29.66 29.85 -39.51
C ASP A 273 -29.75 31.28 -40.03
N THR A 274 -30.02 32.25 -39.14
CA THR A 274 -30.29 33.66 -39.50
C THR A 274 -29.62 34.62 -38.50
N ASP A 275 -30.05 35.86 -38.46
CA ASP A 275 -29.46 36.94 -37.67
C ASP A 275 -30.51 37.64 -36.79
N TRP A 276 -30.07 38.17 -35.67
CA TRP A 276 -30.76 39.23 -34.94
C TRP A 276 -30.65 40.54 -35.71
N ALA A 277 -31.74 41.26 -35.90
CA ALA A 277 -31.70 42.63 -36.37
C ALA A 277 -31.16 43.56 -35.28
N HIS A 278 -30.20 44.42 -35.60
CA HIS A 278 -29.90 45.61 -34.81
C HIS A 278 -30.99 46.64 -35.07
N GLN A 279 -32.01 46.64 -34.22
CA GLN A 279 -33.30 47.21 -34.53
C GLN A 279 -33.47 48.60 -33.92
N ASP A 280 -34.00 49.50 -34.74
CA ASP A 280 -34.21 50.91 -34.45
C ASP A 280 -35.53 51.14 -33.70
N SER A 281 -35.48 51.86 -32.59
CA SER A 281 -36.65 52.21 -31.77
C SER A 281 -37.63 53.16 -32.47
N ALA A 282 -37.33 53.64 -33.67
CA ALA A 282 -38.20 54.52 -34.44
C ALA A 282 -39.49 53.84 -34.96
N GLN A 283 -39.49 52.52 -35.14
CA GLN A 283 -40.67 51.78 -35.57
C GLN A 283 -41.75 51.80 -34.46
N ALA A 284 -43.01 52.07 -34.82
CA ALA A 284 -44.08 52.33 -33.86
C ALA A 284 -44.36 51.13 -32.93
N GLY A 285 -44.45 51.40 -31.62
CA GLY A 285 -44.79 50.41 -30.59
C GLY A 285 -43.69 49.40 -30.25
N GLU A 286 -42.45 49.60 -30.72
CA GLU A 286 -41.35 48.63 -30.58
C GLU A 286 -40.11 49.31 -29.97
N VAL A 287 -40.24 49.85 -28.76
CA VAL A 287 -39.18 50.67 -28.17
C VAL A 287 -38.06 49.88 -27.50
N ASP A 288 -36.91 50.25 -27.50
CA ASP A 288 -35.82 49.54 -26.80
C ASP A 288 -35.94 49.83 -25.30
N HIS A 289 -35.20 49.24 -24.47
CA HIS A 289 -35.29 49.43 -23.02
C HIS A 289 -34.40 50.59 -22.55
N THR A 290 -33.35 50.91 -23.29
CA THR A 290 -32.43 52.02 -22.92
C THR A 290 -33.12 53.39 -22.96
N LEU A 291 -33.94 53.71 -23.96
CA LEU A 291 -34.57 55.02 -24.07
C LEU A 291 -36.09 54.93 -24.10
N LEU A 292 -36.68 53.76 -24.39
CA LEU A 292 -38.13 53.56 -24.30
C LEU A 292 -38.95 54.56 -25.14
N GLY A 293 -38.37 55.00 -26.26
CA GLY A 293 -38.97 56.00 -27.14
C GLY A 293 -38.83 57.44 -26.64
N GLN A 294 -38.10 57.70 -25.55
CA GLN A 294 -37.87 59.08 -25.06
C GLN A 294 -37.08 59.95 -26.05
N CYS A 295 -36.26 59.33 -26.90
CA CYS A 295 -35.53 60.02 -27.96
C CYS A 295 -35.78 59.34 -29.31
N THR A 296 -36.10 60.13 -30.33
CA THR A 296 -36.18 59.65 -31.72
C THR A 296 -34.78 59.29 -32.26
N GLY A 297 -34.71 58.28 -33.13
CA GLY A 297 -33.50 57.95 -33.90
C GLY A 297 -32.28 57.45 -33.10
N ALA A 298 -32.43 57.11 -31.81
CA ALA A 298 -31.31 56.85 -30.89
C ALA A 298 -31.46 55.60 -30.01
N GLY A 299 -32.69 55.07 -29.92
CA GLY A 299 -32.90 53.81 -29.18
C GLY A 299 -32.58 52.62 -30.07
N TYR A 300 -31.71 51.73 -29.61
CA TYR A 300 -31.31 50.56 -30.42
C TYR A 300 -31.29 49.30 -29.57
N PHE A 301 -31.52 48.14 -30.18
CA PHE A 301 -31.59 46.86 -29.43
C PHE A 301 -31.46 45.70 -30.43
N MET A 302 -31.25 44.47 -29.95
CA MET A 302 -31.23 43.35 -30.88
C MET A 302 -32.62 42.73 -30.90
N GLN A 303 -33.13 42.36 -32.06
CA GLN A 303 -34.44 41.72 -32.19
C GLN A 303 -34.33 40.52 -33.10
N PHE A 304 -34.96 39.42 -32.73
CA PHE A 304 -34.99 38.20 -33.51
C PHE A 304 -36.45 37.84 -33.76
N SER A 305 -36.91 38.14 -34.97
CA SER A 305 -38.29 37.88 -35.36
C SER A 305 -38.53 36.39 -35.41
N THR A 306 -39.62 35.95 -34.81
CA THR A 306 -40.08 34.58 -34.90
C THR A 306 -41.40 34.48 -35.66
N SER A 307 -41.86 35.54 -36.33
CA SER A 307 -43.16 35.58 -37.01
C SER A 307 -43.19 34.89 -38.38
N SER A 308 -42.04 34.49 -38.91
CA SER A 308 -41.92 33.87 -40.25
C SER A 308 -40.80 32.83 -40.29
N GLY A 309 -40.81 31.96 -41.31
CA GLY A 309 -39.89 30.82 -41.46
C GLY A 309 -40.34 29.56 -40.72
N SER A 310 -39.46 28.58 -40.59
CA SER A 310 -39.69 27.33 -39.86
C SER A 310 -39.54 27.50 -38.34
N ALA A 311 -40.17 26.63 -37.57
CA ALA A 311 -39.75 26.32 -36.21
C ALA A 311 -38.29 25.84 -36.17
N GLU A 312 -37.63 26.04 -35.03
CA GLU A 312 -36.26 25.64 -34.71
C GLU A 312 -35.17 26.18 -35.65
N GLU A 313 -35.47 27.22 -36.41
CA GLU A 313 -34.47 28.14 -36.93
C GLU A 313 -33.95 29.01 -35.79
N ALA A 314 -32.70 29.48 -35.88
CA ALA A 314 -32.03 30.16 -34.77
C ALA A 314 -31.05 31.22 -35.24
N ALA A 315 -30.76 32.18 -34.37
CA ALA A 315 -29.69 33.14 -34.56
C ALA A 315 -28.87 33.28 -33.28
N LEU A 316 -27.55 33.26 -33.40
CA LEU A 316 -26.63 33.53 -32.33
C LEU A 316 -26.17 34.97 -32.42
N LEU A 317 -26.36 35.69 -31.34
CA LEU A 317 -25.71 36.95 -31.06
C LEU A 317 -24.62 36.66 -30.05
N GLU A 318 -23.40 37.06 -30.31
CA GLU A 318 -22.23 36.56 -29.59
C GLU A 318 -21.31 37.69 -29.17
N SER A 319 -20.90 37.78 -27.91
CA SER A 319 -20.14 38.92 -27.42
C SER A 319 -18.73 39.00 -27.98
N ARG A 320 -18.03 40.08 -27.61
CA ARG A 320 -16.58 40.13 -27.91
C ARG A 320 -15.92 39.33 -26.78
N ILE A 321 -14.69 38.85 -26.95
CA ILE A 321 -14.04 38.01 -25.94
C ILE A 321 -13.80 38.83 -24.68
N LEU A 322 -13.99 38.21 -23.51
CA LEU A 322 -13.91 38.79 -22.19
C LEU A 322 -12.92 38.03 -21.34
N TYR A 323 -12.15 38.73 -20.52
CA TYR A 323 -11.09 38.15 -19.71
C TYR A 323 -11.48 38.29 -18.24
N PRO A 324 -12.24 37.34 -17.68
CA PRO A 324 -12.78 37.46 -16.34
C PRO A 324 -11.68 37.60 -15.31
N LYS A 325 -11.83 38.45 -14.31
CA LYS A 325 -10.90 38.63 -13.20
C LYS A 325 -11.32 37.84 -11.96
N ARG A 326 -12.52 37.27 -11.92
CA ARG A 326 -13.06 36.46 -10.83
C ARG A 326 -13.68 35.18 -11.34
N LYS A 327 -13.94 34.22 -10.45
CA LYS A 327 -14.47 32.89 -10.80
C LYS A 327 -15.96 32.88 -11.15
N GLN A 328 -16.68 33.97 -10.90
CA GLN A 328 -18.13 34.08 -11.04
C GLN A 328 -18.51 35.40 -11.67
N GLN A 329 -19.53 35.42 -12.52
CA GLN A 329 -20.07 36.64 -13.08
C GLN A 329 -21.58 36.57 -13.14
N CYS A 330 -22.22 37.71 -13.15
CA CYS A 330 -23.65 37.82 -13.34
C CYS A 330 -23.91 38.58 -14.63
N LEU A 331 -24.50 37.91 -15.61
CA LEU A 331 -24.93 38.53 -16.85
C LEU A 331 -26.36 38.99 -16.65
N GLN A 332 -26.53 40.26 -16.35
CA GLN A 332 -27.82 40.91 -16.40
C GLN A 332 -28.15 41.30 -17.83
N PHE A 333 -29.42 41.22 -18.22
CA PHE A 333 -29.90 41.87 -19.43
C PHE A 333 -31.42 42.07 -19.39
N PHE A 334 -31.95 42.91 -20.27
CA PHE A 334 -33.39 43.06 -20.46
C PHE A 334 -33.82 42.45 -21.76
N TYR A 335 -35.00 41.84 -21.81
CA TYR A 335 -35.48 41.10 -22.96
C TYR A 335 -36.99 41.11 -23.07
N LYS A 336 -37.53 40.84 -24.25
CA LYS A 336 -38.96 40.55 -24.47
C LYS A 336 -39.10 39.26 -25.25
N MET A 337 -40.21 38.56 -25.10
CA MET A 337 -40.50 37.33 -25.89
C MET A 337 -41.94 37.45 -26.37
N THR A 338 -42.22 38.44 -27.23
CA THR A 338 -43.61 38.71 -27.71
C THR A 338 -44.06 37.61 -28.67
N GLY A 339 -43.14 36.74 -29.11
CA GLY A 339 -43.47 35.69 -30.09
C GLY A 339 -44.12 34.48 -29.45
N SER A 340 -44.28 33.39 -30.21
CA SER A 340 -44.99 32.18 -29.70
C SER A 340 -44.32 31.66 -28.43
N PRO A 341 -45.10 31.20 -27.42
CA PRO A 341 -44.52 30.63 -26.20
C PRO A 341 -43.39 29.64 -26.52
N SER A 342 -43.50 28.90 -27.63
CA SER A 342 -42.48 27.90 -27.93
C SER A 342 -41.16 28.53 -28.39
N ASP A 343 -41.10 29.83 -28.62
CA ASP A 343 -39.82 30.52 -28.84
C ASP A 343 -38.92 30.37 -27.62
N ARG A 344 -37.62 30.19 -27.85
CA ARG A 344 -36.63 30.08 -26.79
C ARG A 344 -35.58 31.14 -26.99
N LEU A 345 -35.26 31.84 -25.91
CA LEU A 345 -34.03 32.61 -25.80
C LEU A 345 -33.08 31.77 -24.96
N VAL A 346 -31.96 31.30 -25.50
CA VAL A 346 -31.04 30.46 -24.77
C VAL A 346 -29.74 31.20 -24.61
N VAL A 347 -29.29 31.34 -23.37
CA VAL A 347 -28.02 31.95 -23.07
C VAL A 347 -26.99 30.85 -23.03
N TRP A 348 -25.87 31.13 -23.65
CA TRP A 348 -24.74 30.24 -23.81
C TRP A 348 -23.48 30.98 -23.42
N VAL A 349 -22.46 30.23 -23.11
CA VAL A 349 -21.09 30.72 -23.06
C VAL A 349 -20.32 30.02 -24.16
N ARG A 350 -19.43 30.72 -24.84
CA ARG A 350 -18.36 30.09 -25.61
C ARG A 350 -17.09 30.39 -24.84
N ARG A 351 -16.40 29.35 -24.37
CA ARG A 351 -15.22 29.62 -23.50
C ARG A 351 -13.95 28.96 -24.02
N ASP A 352 -12.80 29.49 -23.62
CA ASP A 352 -11.51 28.90 -23.94
C ASP A 352 -11.53 27.39 -23.68
N ASP A 353 -11.23 26.58 -24.68
CA ASP A 353 -11.13 25.12 -24.54
C ASP A 353 -9.82 24.66 -23.88
N SER A 354 -9.07 25.60 -23.31
CA SER A 354 -7.74 25.52 -22.70
C SER A 354 -6.58 25.43 -23.66
N THR A 355 -6.85 25.68 -24.96
CA THR A 355 -5.73 25.81 -25.91
C THR A 355 -5.60 27.28 -26.27
N GLY A 356 -6.37 28.13 -25.58
CA GLY A 356 -6.38 29.57 -25.90
C GLY A 356 -7.37 29.87 -27.01
N ASN A 357 -8.13 28.87 -27.46
CA ASN A 357 -9.15 29.09 -28.51
C ASN A 357 -10.52 29.13 -27.83
N VAL A 358 -11.27 30.21 -28.05
CA VAL A 358 -12.59 30.37 -27.36
C VAL A 358 -13.64 29.64 -28.21
N ARG A 359 -13.74 28.32 -28.06
CA ARG A 359 -14.68 27.55 -28.91
C ARG A 359 -15.58 26.61 -28.11
N LYS A 360 -15.48 26.57 -26.78
CA LYS A 360 -16.26 25.56 -26.02
C LYS A 360 -17.63 26.12 -25.65
N LEU A 361 -18.69 25.63 -26.31
CA LEU A 361 -20.06 26.10 -26.02
C LEU A 361 -20.53 25.50 -24.68
N VAL A 362 -21.21 26.28 -23.85
CA VAL A 362 -21.78 25.76 -22.57
C VAL A 362 -23.19 26.36 -22.44
N LYS A 363 -24.24 25.56 -22.63
CA LYS A 363 -25.59 26.14 -22.44
C LYS A 363 -25.75 26.51 -20.98
N VAL A 364 -26.10 27.76 -20.64
CA VAL A 364 -26.21 28.17 -19.23
C VAL A 364 -27.63 28.40 -18.75
N GLN A 365 -28.49 29.05 -19.54
CA GLN A 365 -29.86 29.33 -19.02
C GLN A 365 -30.82 29.54 -20.20
N THR A 366 -32.02 28.96 -20.11
CA THR A 366 -33.01 29.11 -21.19
C THR A 366 -34.17 29.98 -20.69
N PHE A 367 -34.50 31.03 -21.43
CA PHE A 367 -35.62 31.92 -21.06
C PHE A 367 -36.78 31.59 -22.00
N GLN A 368 -37.98 31.39 -21.47
CA GLN A 368 -39.10 30.94 -22.34
C GLN A 368 -40.25 31.96 -22.30
N GLY A 369 -41.04 32.02 -23.37
CA GLY A 369 -42.12 33.02 -23.47
C GLY A 369 -43.19 32.85 -22.42
N ASP A 370 -43.74 33.97 -21.93
CA ASP A 370 -44.82 33.96 -20.91
C ASP A 370 -45.90 34.93 -21.38
N ASP A 371 -47.03 34.98 -20.68
CA ASP A 371 -48.16 35.86 -21.11
C ASP A 371 -47.67 37.31 -21.16
N ASP A 372 -46.80 37.71 -20.23
CA ASP A 372 -46.26 39.09 -20.21
C ASP A 372 -45.47 39.33 -21.49
N HIS A 373 -45.64 40.51 -22.09
CA HIS A 373 -44.89 40.86 -23.32
C HIS A 373 -44.06 42.12 -23.08
N ASN A 374 -44.21 42.76 -21.91
CA ASN A 374 -43.37 43.90 -21.58
C ASN A 374 -41.91 43.46 -21.33
N TRP A 375 -40.97 44.40 -21.33
CA TRP A 375 -39.54 44.15 -21.05
C TRP A 375 -39.34 43.47 -19.71
N LYS A 376 -38.84 42.24 -19.71
CA LYS A 376 -38.41 41.53 -18.51
C LYS A 376 -36.94 41.78 -18.25
N ILE A 377 -36.52 41.53 -17.02
CA ILE A 377 -35.11 41.53 -16.62
C ILE A 377 -34.67 40.09 -16.40
N ALA A 378 -33.47 39.77 -16.83
CA ALA A 378 -32.82 38.50 -16.63
C ALA A 378 -31.48 38.69 -15.93
N HIS A 379 -31.12 37.73 -15.09
CA HIS A 379 -29.77 37.57 -14.56
C HIS A 379 -29.36 36.13 -14.75
N VAL A 380 -28.21 35.89 -15.35
CA VAL A 380 -27.67 34.55 -15.53
C VAL A 380 -26.36 34.47 -14.80
N VAL A 381 -26.27 33.56 -13.85
CA VAL A 381 -25.00 33.25 -13.22
C VAL A 381 -24.12 32.55 -14.24
N LEU A 382 -23.04 33.17 -14.64
CA LEU A 382 -21.92 32.53 -15.31
C LEU A 382 -20.87 32.19 -14.26
N LYS A 383 -19.99 31.24 -14.54
CA LYS A 383 -18.93 30.80 -13.63
C LYS A 383 -17.63 30.62 -14.38
N GLU A 384 -17.23 31.66 -15.10
CA GLU A 384 -16.13 31.59 -16.06
C GLU A 384 -14.84 32.03 -15.40
N GLU A 385 -13.82 31.18 -15.45
CA GLU A 385 -12.49 31.49 -14.93
C GLU A 385 -11.44 31.61 -16.04
N GLN A 386 -11.83 31.36 -17.28
CA GLN A 386 -10.98 31.49 -18.46
C GLN A 386 -11.73 32.32 -19.49
N LYS A 387 -11.00 32.99 -20.39
CA LYS A 387 -11.58 33.93 -21.34
C LYS A 387 -12.71 33.31 -22.14
N PHE A 388 -13.72 34.09 -22.46
CA PHE A 388 -14.99 33.58 -22.97
C PHE A 388 -15.80 34.64 -23.71
N ARG A 389 -16.97 34.22 -24.20
CA ARG A 389 -17.93 35.14 -24.86
C ARG A 389 -19.33 34.70 -24.44
N TYR A 390 -20.19 35.61 -23.99
CA TYR A 390 -21.59 35.28 -23.71
C TYR A 390 -22.38 35.38 -25.00
N LEU A 391 -23.31 34.47 -25.19
CA LEU A 391 -24.03 34.27 -26.44
C LEU A 391 -25.51 34.21 -26.14
N PHE A 392 -26.33 34.79 -27.01
CA PHE A 392 -27.77 34.59 -27.02
C PHE A 392 -28.16 33.87 -28.29
N GLN A 393 -28.68 32.66 -28.17
CA GLN A 393 -29.44 32.03 -29.22
C GLN A 393 -30.88 32.46 -29.05
N GLY A 394 -31.55 32.90 -30.10
CA GLY A 394 -33.01 32.86 -30.15
C GLY A 394 -33.43 31.66 -30.95
N THR A 395 -34.44 30.90 -30.55
CA THR A 395 -34.94 29.78 -31.37
C THR A 395 -36.36 30.10 -31.82
N LYS A 396 -36.61 30.07 -33.13
CA LYS A 396 -37.99 30.26 -33.60
C LYS A 396 -38.81 29.06 -33.15
N GLY A 397 -40.02 29.29 -32.66
CA GLY A 397 -40.91 28.17 -32.29
C GLY A 397 -42.29 28.45 -32.83
N ASP A 398 -42.82 27.55 -33.66
CA ASP A 398 -44.13 27.78 -34.29
C ASP A 398 -44.36 29.20 -34.86
N PRO A 399 -43.64 29.65 -35.90
CA PRO A 399 -43.91 30.96 -36.50
C PRO A 399 -45.35 31.17 -36.98
N GLN A 400 -46.05 30.08 -37.32
CA GLN A 400 -47.49 30.07 -37.58
C GLN A 400 -48.34 30.52 -36.36
N ASN A 401 -47.75 30.63 -35.18
CA ASN A 401 -48.34 31.08 -33.94
C ASN A 401 -47.48 32.15 -33.23
N SER A 402 -46.66 32.87 -33.99
CA SER A 402 -45.92 34.04 -33.50
C SER A 402 -46.31 35.26 -34.30
N THR A 403 -46.70 36.33 -33.61
CA THR A 403 -46.90 37.68 -34.20
C THR A 403 -45.76 38.62 -33.85
N GLY A 404 -44.60 38.09 -33.45
CA GLY A 404 -43.58 38.89 -32.77
C GLY A 404 -42.17 38.29 -32.81
N GLY A 405 -41.41 38.49 -31.74
CA GLY A 405 -40.04 38.00 -31.67
C GLY A 405 -39.47 37.97 -30.27
N ILE A 406 -38.16 37.84 -30.22
CA ILE A 406 -37.33 37.95 -29.03
C ILE A 406 -36.56 39.27 -29.15
N TYR A 407 -36.38 39.99 -28.06
CA TYR A 407 -35.71 41.30 -28.03
C TYR A 407 -34.64 41.30 -26.96
N LEU A 408 -33.54 42.01 -27.15
CA LEU A 408 -32.51 42.25 -26.13
C LEU A 408 -32.07 43.70 -26.09
N ASP A 409 -31.91 44.23 -24.90
CA ASP A 409 -31.33 45.55 -24.65
C ASP A 409 -30.71 45.60 -23.24
N ASP A 410 -29.93 46.63 -22.94
CA ASP A 410 -29.45 46.91 -21.58
C ASP A 410 -28.71 45.74 -20.91
N ILE A 411 -27.86 45.05 -21.64
CA ILE A 411 -26.99 44.02 -21.09
C ILE A 411 -25.96 44.64 -20.15
N THR A 412 -25.69 44.00 -19.03
CA THR A 412 -24.62 44.35 -18.09
C THR A 412 -24.00 43.07 -17.55
N LEU A 413 -22.69 43.00 -17.39
CA LEU A 413 -21.98 41.82 -16.97
C LEU A 413 -20.98 42.19 -15.89
N THR A 414 -21.33 41.84 -14.67
CA THR A 414 -20.54 42.17 -13.48
C THR A 414 -19.92 40.93 -12.89
N GLU A 415 -18.71 41.02 -12.38
CA GLU A 415 -18.02 39.89 -11.76
C GLU A 415 -18.42 39.72 -10.30
N THR A 416 -19.70 39.46 -10.08
CA THR A 416 -20.38 39.43 -8.77
C THR A 416 -21.31 38.23 -8.71
N PRO A 417 -21.81 37.90 -7.51
CA PRO A 417 -23.05 37.17 -7.39
C PRO A 417 -24.18 37.84 -8.18
N CYS A 418 -25.17 37.07 -8.59
CA CYS A 418 -26.44 37.63 -9.03
C CYS A 418 -27.37 37.89 -7.86
N PRO A 419 -28.27 38.88 -7.97
CA PRO A 419 -29.34 39.04 -7.01
C PRO A 419 -30.09 37.73 -6.88
N THR A 420 -30.18 37.26 -5.64
CA THR A 420 -30.67 35.94 -5.27
C THR A 420 -32.15 35.78 -5.60
N GLY A 421 -32.94 36.80 -5.40
CA GLY A 421 -34.30 36.91 -5.89
C GLY A 421 -34.51 38.26 -6.54
N VAL A 422 -35.23 38.31 -7.65
CA VAL A 422 -35.58 39.56 -8.32
C VAL A 422 -37.07 39.64 -8.51
N TRP A 423 -37.65 40.74 -8.06
CA TRP A 423 -39.05 41.06 -8.22
C TRP A 423 -39.19 42.28 -9.12
N THR A 424 -40.06 42.20 -10.11
CA THR A 424 -40.57 43.38 -10.81
C THR A 424 -42.01 43.63 -10.37
N VAL A 425 -42.38 44.89 -10.11
CA VAL A 425 -43.79 45.29 -9.98
C VAL A 425 -44.15 46.18 -11.17
N ARG A 426 -45.14 45.73 -11.96
CA ARG A 426 -45.52 46.45 -13.19
C ARG A 426 -46.40 47.68 -12.91
N ASN A 427 -46.46 48.60 -13.87
CA ASN A 427 -47.26 49.83 -13.80
C ASN A 427 -47.20 50.45 -12.40
N PHE A 428 -46.00 50.60 -11.85
CA PHE A 428 -45.85 50.89 -10.43
C PHE A 428 -46.41 52.26 -10.06
N SER A 429 -46.28 53.26 -10.92
CA SER A 429 -46.88 54.59 -10.72
C SER A 429 -48.41 54.52 -10.61
N GLN A 430 -49.05 53.67 -11.41
CA GLN A 430 -50.49 53.42 -11.37
C GLN A 430 -50.88 52.65 -10.09
N VAL A 431 -50.08 51.66 -9.70
CA VAL A 431 -50.22 50.94 -8.43
C VAL A 431 -50.12 51.91 -7.25
N LEU A 432 -49.11 52.78 -7.26
CA LEU A 432 -48.82 53.69 -6.17
C LEU A 432 -49.96 54.69 -5.95
N GLU A 433 -50.69 55.07 -7.00
CA GLU A 433 -51.91 55.86 -6.88
C GLU A 433 -53.11 55.02 -6.42
N ASN A 434 -53.26 53.79 -6.91
CA ASN A 434 -54.43 52.98 -6.62
C ASN A 434 -54.43 52.38 -5.21
N THR A 435 -53.26 52.17 -4.62
CA THR A 435 -53.08 51.45 -3.36
C THR A 435 -53.40 52.35 -2.14
N SER A 436 -54.17 51.87 -1.16
CA SER A 436 -54.38 52.61 0.11
C SER A 436 -53.21 52.41 1.08
N LYS A 437 -53.05 53.30 2.07
CA LYS A 437 -52.01 53.15 3.10
C LYS A 437 -52.15 51.81 3.82
N GLY A 438 -51.04 51.11 3.99
CA GLY A 438 -51.01 49.84 4.71
C GLY A 438 -51.56 48.63 3.95
N ASP A 439 -52.05 48.79 2.72
CA ASP A 439 -52.13 47.69 1.76
C ASP A 439 -50.73 47.19 1.40
N LYS A 440 -50.63 45.93 0.98
CA LYS A 440 -49.37 45.29 0.65
C LYS A 440 -49.44 44.50 -0.66
N LEU A 441 -48.27 44.28 -1.22
CA LEU A 441 -47.94 43.32 -2.24
C LEU A 441 -46.90 42.37 -1.65
N GLN A 442 -46.86 41.13 -2.09
CA GLN A 442 -45.84 40.18 -1.68
C GLN A 442 -45.15 39.59 -2.90
N SER A 443 -43.84 39.46 -2.85
CA SER A 443 -43.12 38.75 -3.89
C SER A 443 -43.45 37.26 -3.90
N PRO A 444 -43.44 36.59 -5.06
CA PRO A 444 -43.27 35.14 -5.11
C PRO A 444 -42.02 34.72 -4.33
N ARG A 445 -42.04 33.46 -3.89
CA ARG A 445 -40.98 32.93 -3.00
C ARG A 445 -39.67 32.58 -3.70
N PHE A 446 -38.60 33.30 -3.39
CA PHE A 446 -37.26 32.98 -3.83
C PHE A 446 -36.60 31.97 -2.93
N TYR A 447 -35.58 31.27 -3.41
CA TYR A 447 -34.74 30.42 -2.59
C TYR A 447 -33.31 30.94 -2.60
N ASN A 448 -32.65 30.99 -1.45
CA ASN A 448 -31.24 31.30 -1.44
C ASN A 448 -30.37 30.10 -1.82
N SER A 449 -29.06 30.31 -1.91
CA SER A 449 -28.08 29.26 -2.23
C SER A 449 -28.12 28.08 -1.27
N GLU A 450 -28.45 28.33 0.00
CA GLU A 450 -28.63 27.31 1.02
C GLU A 450 -30.02 26.65 1.02
N GLY A 451 -30.96 27.10 0.20
CA GLY A 451 -32.30 26.55 0.11
C GLY A 451 -33.31 27.12 1.10
N TYR A 452 -33.00 28.17 1.86
CA TYR A 452 -34.04 28.91 2.57
C TYR A 452 -34.95 29.62 1.61
N GLY A 453 -36.25 29.38 1.72
CA GLY A 453 -37.27 30.15 1.01
C GLY A 453 -37.43 31.53 1.64
N PHE A 454 -37.56 32.59 0.87
CA PHE A 454 -37.77 33.93 1.36
C PHE A 454 -38.56 34.78 0.37
N GLY A 455 -39.03 35.94 0.80
CA GLY A 455 -39.76 36.88 -0.01
C GLY A 455 -39.63 38.28 0.54
N VAL A 456 -40.26 39.23 -0.10
CA VAL A 456 -40.33 40.61 0.34
C VAL A 456 -41.78 41.06 0.30
N THR A 457 -42.17 41.84 1.29
CA THR A 457 -43.42 42.56 1.34
C THR A 457 -43.12 43.99 0.95
N LEU A 458 -43.83 44.48 -0.05
CA LEU A 458 -43.83 45.89 -0.41
C LEU A 458 -45.15 46.47 0.06
N TYR A 459 -45.11 47.56 0.82
CA TYR A 459 -46.26 48.37 1.17
C TYR A 459 -46.11 49.69 0.41
N PRO A 460 -46.73 49.84 -0.78
CA PRO A 460 -46.45 50.96 -1.67
C PRO A 460 -46.68 52.31 -1.01
N ASN A 461 -47.75 52.45 -0.24
CA ASN A 461 -48.00 53.60 0.61
C ASN A 461 -47.83 53.19 2.06
N SER A 462 -46.76 53.70 2.69
CA SER A 462 -46.49 53.49 4.11
C SER A 462 -47.64 54.04 4.95
N ARG A 463 -48.14 53.24 5.90
CA ARG A 463 -49.05 53.73 6.95
C ARG A 463 -48.31 54.49 8.05
N GLU A 464 -47.00 54.30 8.13
CA GLU A 464 -46.13 54.87 9.14
C GLU A 464 -45.74 56.33 8.80
N SER A 465 -45.72 56.68 7.52
CA SER A 465 -45.58 58.06 7.00
C SER A 465 -46.13 58.20 5.57
N SER A 466 -46.80 59.31 5.29
CA SER A 466 -47.23 59.69 3.94
C SER A 466 -46.05 59.92 2.98
N GLY A 467 -46.21 59.54 1.71
CA GLY A 467 -45.19 59.75 0.67
C GLY A 467 -43.90 58.92 0.85
N TYR A 468 -43.96 57.81 1.59
CA TYR A 468 -42.87 56.86 1.74
C TYR A 468 -43.27 55.44 1.35
N LEU A 469 -42.32 54.71 0.78
CA LEU A 469 -42.44 53.31 0.40
C LEU A 469 -41.81 52.47 1.52
N ARG A 470 -42.59 51.49 1.98
CA ARG A 470 -42.07 50.56 3.02
C ARG A 470 -41.74 49.24 2.32
N LEU A 471 -40.61 48.64 2.66
CA LEU A 471 -40.15 47.41 2.04
C LEU A 471 -39.49 46.52 3.08
N ALA A 472 -39.93 45.28 3.17
CA ALA A 472 -39.57 44.39 4.26
C ALA A 472 -39.35 42.96 3.77
N PHE A 473 -38.39 42.29 4.36
CA PHE A 473 -38.06 40.91 4.12
C PHE A 473 -38.92 39.97 4.93
N HIS A 474 -39.14 38.74 4.47
CA HIS A 474 -39.58 37.66 5.31
C HIS A 474 -39.05 36.34 4.78
N VAL A 475 -38.82 35.38 5.66
CA VAL A 475 -38.58 34.01 5.24
C VAL A 475 -39.92 33.40 4.86
N CYS A 476 -39.94 32.52 3.87
CA CYS A 476 -41.09 31.75 3.45
C CYS A 476 -40.84 30.27 3.72
N SER A 477 -41.84 29.51 4.10
CA SER A 477 -41.68 28.05 4.08
C SER A 477 -41.42 27.58 2.67
N GLY A 478 -40.64 26.53 2.52
CA GLY A 478 -40.33 25.98 1.22
C GLY A 478 -39.81 24.55 1.33
N GLU A 479 -39.62 23.94 0.17
CA GLU A 479 -39.44 22.50 0.03
C GLU A 479 -38.21 21.93 0.75
N ASN A 480 -37.34 22.81 1.26
CA ASN A 480 -36.08 22.45 1.89
C ASN A 480 -36.12 22.56 3.42
N ASP A 481 -37.09 23.27 4.00
CA ASP A 481 -37.03 23.75 5.38
C ASP A 481 -36.65 22.69 6.40
N ALA A 482 -37.14 21.47 6.19
CA ALA A 482 -37.04 20.40 7.15
C ALA A 482 -35.59 20.09 7.57
N ILE A 483 -34.61 20.44 6.75
CA ILE A 483 -33.20 20.13 7.02
C ILE A 483 -32.34 21.33 7.35
N LEU A 484 -32.88 22.54 7.22
CA LEU A 484 -32.12 23.76 7.41
C LEU A 484 -32.03 24.09 8.88
N GLU A 485 -30.96 24.71 9.34
CA GLU A 485 -30.91 25.10 10.75
C GLU A 485 -31.86 26.26 11.03
N TRP A 486 -32.57 26.19 12.15
CA TRP A 486 -33.56 27.25 12.45
C TRP A 486 -33.30 27.75 13.87
N PRO A 487 -33.14 29.07 14.17
CA PRO A 487 -33.67 30.18 13.37
C PRO A 487 -32.69 30.54 12.26
N VAL A 488 -32.99 31.60 11.50
CA VAL A 488 -31.97 32.05 10.51
C VAL A 488 -31.03 32.87 11.38
N GLU A 489 -29.92 32.27 11.81
CA GLU A 489 -29.05 32.92 12.82
C GLU A 489 -28.22 34.07 12.25
N ASN A 490 -27.62 33.90 11.06
CA ASN A 490 -26.66 34.94 10.62
C ASN A 490 -26.79 35.30 9.12
N ARG A 491 -27.91 34.97 8.48
CA ARG A 491 -28.02 35.26 7.03
C ARG A 491 -28.15 36.77 6.82
N GLN A 492 -27.46 37.31 5.81
CA GLN A 492 -27.46 38.79 5.64
C GLN A 492 -28.35 39.22 4.48
N VAL A 493 -29.50 39.78 4.79
CA VAL A 493 -30.38 40.34 3.79
C VAL A 493 -29.74 41.59 3.23
N ILE A 494 -29.66 41.70 1.91
CA ILE A 494 -29.45 42.95 1.20
C ILE A 494 -30.63 43.11 0.27
N ILE A 495 -31.44 44.15 0.45
CA ILE A 495 -32.51 44.51 -0.47
C ILE A 495 -32.09 45.75 -1.20
N THR A 496 -32.30 45.78 -2.50
CA THR A 496 -31.93 46.89 -3.38
C THR A 496 -33.08 47.24 -4.31
N ILE A 497 -33.38 48.53 -4.42
CA ILE A 497 -34.34 48.97 -5.46
C ILE A 497 -33.45 49.32 -6.64
N LEU A 498 -33.41 48.47 -7.66
CA LEU A 498 -32.42 48.67 -8.75
C LEU A 498 -32.62 50.01 -9.47
N ASP A 499 -31.52 50.71 -9.76
CA ASP A 499 -31.61 51.91 -10.61
C ASP A 499 -31.37 51.32 -11.99
N GLN A 500 -32.30 51.47 -12.92
CA GLN A 500 -32.15 50.74 -14.21
C GLN A 500 -31.25 51.48 -15.18
N GLU A 501 -29.94 51.50 -14.91
CA GLU A 501 -28.98 52.09 -15.89
C GLU A 501 -28.03 50.97 -16.28
N PRO A 502 -27.84 50.66 -17.58
CA PRO A 502 -27.00 49.54 -17.98
C PRO A 502 -25.62 49.71 -17.34
N ASP A 503 -24.97 50.83 -17.60
CA ASP A 503 -23.66 51.12 -17.06
C ASP A 503 -23.76 51.18 -15.55
N VAL A 504 -23.01 50.33 -14.85
CA VAL A 504 -23.10 50.26 -13.38
C VAL A 504 -22.59 51.53 -12.72
N ARG A 505 -21.70 52.28 -13.36
CA ARG A 505 -21.20 53.57 -12.85
C ARG A 505 -22.26 54.67 -12.91
N ASN A 506 -23.25 54.53 -13.79
CA ASN A 506 -24.39 55.43 -13.87
C ASN A 506 -25.53 55.04 -12.90
N ARG A 507 -25.31 53.98 -12.11
CA ARG A 507 -26.38 53.48 -11.20
C ARG A 507 -26.25 53.99 -9.77
N MET A 508 -27.33 54.51 -9.19
CA MET A 508 -27.38 54.84 -7.78
C MET A 508 -28.45 54.00 -7.10
N SER A 509 -28.32 52.69 -7.20
CA SER A 509 -29.33 51.76 -6.69
C SER A 509 -29.48 51.91 -5.18
N SER A 510 -30.67 52.25 -4.71
CA SER A 510 -30.93 52.37 -3.26
C SER A 510 -30.83 50.99 -2.64
N SER A 511 -30.13 50.83 -1.53
CA SER A 511 -30.04 49.51 -0.89
C SER A 511 -29.96 49.61 0.62
N MET A 512 -30.61 48.65 1.29
CA MET A 512 -30.66 48.54 2.73
C MET A 512 -30.30 47.11 3.14
N VAL A 513 -29.64 46.99 4.28
CA VAL A 513 -28.97 45.76 4.70
C VAL A 513 -29.34 45.45 6.13
N PHE A 514 -29.70 44.22 6.44
CA PHE A 514 -29.73 43.76 7.82
C PHE A 514 -29.34 42.30 7.90
N THR A 515 -28.98 41.83 9.09
CA THR A 515 -28.69 40.41 9.27
C THR A 515 -29.72 39.82 10.16
N THR A 516 -30.43 38.80 9.69
CA THR A 516 -31.37 38.04 10.52
C THR A 516 -30.66 37.61 11.78
N SER A 517 -31.27 37.79 12.95
CA SER A 517 -30.58 37.74 14.25
C SER A 517 -31.44 37.10 15.33
N LYS A 518 -30.79 36.53 16.35
CA LYS A 518 -31.43 35.99 17.55
C LYS A 518 -32.20 37.04 18.36
N SER A 519 -31.77 38.30 18.31
CA SER A 519 -32.45 39.43 18.95
C SER A 519 -33.80 39.79 18.32
N HIS A 520 -34.10 39.36 17.10
CA HIS A 520 -35.33 39.69 16.39
C HIS A 520 -36.50 38.80 16.85
N THR A 521 -37.45 39.39 17.55
CA THR A 521 -38.55 38.70 18.25
C THR A 521 -39.84 39.52 18.24
N SER A 522 -40.99 38.91 18.52
CA SER A 522 -42.23 39.64 18.81
C SER A 522 -43.18 38.88 19.76
N PRO A 523 -43.93 39.59 20.63
CA PRO A 523 -45.06 39.02 21.38
C PRO A 523 -46.12 38.37 20.48
N ALA A 524 -46.23 38.79 19.22
CA ALA A 524 -47.14 38.17 18.26
C ALA A 524 -46.83 36.69 18.01
N ILE A 525 -45.59 36.28 18.29
CA ILE A 525 -45.06 34.91 18.21
C ILE A 525 -44.50 34.46 19.57
N ASN A 526 -45.17 34.86 20.65
CA ASN A 526 -44.84 34.49 22.02
C ASN A 526 -43.38 34.81 22.41
N ASP A 527 -42.84 35.91 21.90
CA ASP A 527 -41.47 36.37 22.12
C ASP A 527 -40.41 35.34 21.68
N THR A 528 -40.69 34.55 20.66
CA THR A 528 -39.73 33.66 19.97
C THR A 528 -39.06 34.36 18.78
N VAL A 529 -37.96 33.81 18.26
CA VAL A 529 -37.21 34.44 17.17
C VAL A 529 -38.02 34.46 15.87
N ILE A 530 -38.09 35.62 15.19
CA ILE A 530 -38.82 35.81 13.94
C ILE A 530 -38.37 34.85 12.85
N TRP A 531 -37.08 34.54 12.85
CA TRP A 531 -36.42 33.69 11.87
C TRP A 531 -36.47 32.21 12.21
N ASP A 532 -37.29 31.77 13.16
CA ASP A 532 -37.57 30.34 13.37
C ASP A 532 -38.42 29.79 12.21
N ARG A 533 -38.49 28.48 12.07
CA ARG A 533 -39.09 27.78 10.94
C ARG A 533 -40.51 28.30 10.65
N PRO A 534 -40.81 28.83 9.46
CA PRO A 534 -42.06 29.54 9.24
C PRO A 534 -43.33 28.73 9.48
N SER A 535 -43.33 27.40 9.35
CA SER A 535 -44.49 26.59 9.71
C SER A 535 -44.84 26.67 11.20
N ARG A 536 -43.83 26.79 12.07
CA ARG A 536 -44.01 27.00 13.51
C ARG A 536 -44.52 28.41 13.82
N VAL A 537 -43.93 29.41 13.18
CA VAL A 537 -43.86 30.79 13.70
C VAL A 537 -44.39 31.86 12.75
N GLY A 538 -44.54 31.57 11.48
CA GLY A 538 -45.12 32.47 10.49
C GLY A 538 -46.63 32.34 10.38
N THR A 539 -47.22 33.03 9.41
CA THR A 539 -48.65 32.99 9.08
C THR A 539 -48.86 32.46 7.68
N TYR A 540 -49.90 31.64 7.48
CA TYR A 540 -50.11 30.95 6.21
C TYR A 540 -50.69 31.85 5.14
N HIS A 541 -50.29 31.59 3.90
CA HIS A 541 -50.69 32.29 2.70
C HIS A 541 -50.98 31.27 1.60
N THR A 542 -52.26 30.98 1.39
CA THR A 542 -52.71 30.25 0.19
C THR A 542 -52.27 30.93 -1.11
N ASP A 543 -52.01 32.23 -1.02
CA ASP A 543 -51.49 33.12 -2.06
C ASP A 543 -50.21 32.62 -2.74
N CYS A 544 -49.45 31.73 -2.07
CA CYS A 544 -48.35 30.97 -2.64
C CYS A 544 -48.23 29.56 -2.04
N ASN A 545 -49.24 29.11 -1.29
CA ASN A 545 -49.18 27.95 -0.41
C ASN A 545 -47.91 27.92 0.44
N CYS A 546 -47.66 29.01 1.15
CA CYS A 546 -46.51 29.17 2.01
C CYS A 546 -46.92 29.62 3.42
N PHE A 547 -46.10 29.36 4.41
CA PHE A 547 -46.05 30.21 5.59
C PHE A 547 -45.11 31.35 5.27
N ARG A 548 -45.29 32.52 5.86
CA ARG A 548 -44.31 33.62 5.80
C ARG A 548 -44.00 34.10 7.21
N SER A 549 -42.75 34.42 7.52
CA SER A 549 -42.40 34.99 8.81
C SER A 549 -43.09 36.34 9.04
N ILE A 550 -43.06 36.84 10.27
CA ILE A 550 -43.20 38.28 10.51
C ILE A 550 -42.14 38.97 9.66
N ASP A 551 -42.50 40.04 8.97
CA ASP A 551 -41.56 40.73 8.09
C ASP A 551 -40.75 41.78 8.86
N LEU A 552 -39.49 41.98 8.46
CA LEU A 552 -38.59 42.98 9.03
C LEU A 552 -37.95 43.77 7.91
N GLY A 553 -37.78 45.06 8.10
CA GLY A 553 -37.15 45.91 7.10
C GLY A 553 -37.27 47.36 7.48
N TRP A 554 -37.82 48.17 6.59
CA TRP A 554 -37.81 49.61 6.75
C TRP A 554 -39.12 50.24 6.29
N SER A 555 -39.84 50.88 7.20
CA SER A 555 -40.78 51.94 6.87
C SER A 555 -39.99 53.11 6.26
N GLY A 556 -40.40 53.58 5.09
CA GLY A 556 -39.60 54.58 4.38
C GLY A 556 -38.21 54.08 4.03
N PHE A 557 -38.15 52.94 3.34
CA PHE A 557 -36.95 52.48 2.64
C PHE A 557 -36.48 53.57 1.66
N ILE A 558 -37.43 54.24 1.01
CA ILE A 558 -37.22 55.36 0.06
C ILE A 558 -38.49 56.23 0.01
N SER A 559 -38.37 57.55 -0.14
CA SER A 559 -39.56 58.38 -0.40
C SER A 559 -40.03 58.26 -1.84
N HIS A 560 -41.34 58.39 -2.10
CA HIS A 560 -41.88 58.52 -3.46
C HIS A 560 -41.18 59.62 -4.25
N GLN A 561 -40.92 60.78 -3.65
CA GLN A 561 -40.29 61.88 -4.37
C GLN A 561 -38.83 61.61 -4.71
N MET A 562 -38.19 60.66 -4.02
CA MET A 562 -36.88 60.13 -4.41
C MET A 562 -37.01 59.05 -5.50
N LEU A 563 -37.92 58.09 -5.30
CA LEU A 563 -38.16 56.98 -6.23
C LEU A 563 -38.54 57.43 -7.63
N LYS A 564 -39.27 58.54 -7.78
CA LYS A 564 -39.61 59.10 -9.10
C LYS A 564 -38.42 59.70 -9.85
N ARG A 565 -37.30 59.92 -9.16
CA ARG A 565 -36.09 60.48 -9.82
C ARG A 565 -35.24 59.35 -10.40
N ARG A 566 -34.24 59.68 -11.23
CA ARG A 566 -33.31 58.66 -11.78
C ARG A 566 -34.02 57.58 -12.59
N SER A 567 -33.51 56.36 -12.56
CA SER A 567 -34.01 55.27 -13.37
C SER A 567 -34.63 54.16 -12.51
N PHE A 568 -35.11 54.45 -11.29
CA PHE A 568 -35.75 53.46 -10.41
C PHE A 568 -37.11 52.95 -10.91
N LEU A 569 -37.76 53.69 -11.81
CA LEU A 569 -39.07 53.38 -12.37
C LEU A 569 -39.06 53.47 -13.90
N LYS A 570 -37.99 53.01 -14.54
CA LYS A 570 -37.61 53.37 -15.91
C LYS A 570 -38.68 53.10 -16.95
N ASN A 571 -39.26 51.90 -16.95
CA ASN A 571 -40.34 51.51 -17.84
C ASN A 571 -41.70 51.59 -17.12
N ASP A 572 -41.89 52.67 -16.34
CA ASP A 572 -43.04 52.88 -15.45
C ASP A 572 -43.28 51.71 -14.48
N ASP A 573 -42.23 51.00 -14.12
CA ASP A 573 -42.28 49.83 -13.27
C ASP A 573 -41.05 49.70 -12.35
N LEU A 574 -41.23 49.04 -11.22
CA LEU A 574 -40.26 49.00 -10.12
C LEU A 574 -39.52 47.67 -10.14
N ILE A 575 -38.20 47.67 -9.96
CA ILE A 575 -37.42 46.44 -9.86
C ILE A 575 -36.69 46.38 -8.52
N ILE A 576 -36.92 45.32 -7.77
CA ILE A 576 -36.32 45.04 -6.46
C ILE A 576 -35.47 43.80 -6.58
N PHE A 577 -34.23 43.90 -6.14
CA PHE A 577 -33.33 42.80 -5.95
C PHE A 577 -33.24 42.44 -4.48
N VAL A 578 -33.18 41.16 -4.17
CA VAL A 578 -32.95 40.67 -2.83
C VAL A 578 -31.82 39.67 -2.83
N ASP A 579 -30.89 39.82 -1.91
CA ASP A 579 -29.89 38.82 -1.54
C ASP A 579 -30.08 38.43 -0.09
N PHE A 580 -29.81 37.18 0.23
CA PHE A 580 -30.05 36.62 1.55
C PHE A 580 -29.09 35.47 1.78
N GLU A 581 -27.88 35.80 2.20
CA GLU A 581 -26.77 34.87 2.23
C GLU A 581 -26.17 34.78 3.62
N ASP A 582 -25.62 33.63 3.98
CA ASP A 582 -24.99 33.47 5.28
C ASP A 582 -23.73 34.32 5.40
N ILE A 583 -23.58 35.07 6.47
CA ILE A 583 -22.33 35.76 6.78
C ILE A 583 -21.66 35.26 8.05
N THR A 584 -22.06 34.09 8.55
CA THR A 584 -21.40 33.46 9.70
C THR A 584 -19.89 33.37 9.51
N HIS A 585 -19.42 33.12 8.29
CA HIS A 585 -17.99 32.98 8.04
C HIS A 585 -17.20 34.27 8.21
N LEU A 586 -17.84 35.43 8.36
CA LEU A 586 -17.15 36.66 8.72
C LEU A 586 -16.86 36.75 10.23
N SER A 587 -17.48 35.92 11.07
CA SER A 587 -17.29 35.85 12.53
C SER A 587 -16.00 35.14 12.94
N LEU B 31 21.38 50.68 40.39
CA LEU B 31 21.72 49.23 40.30
C LEU B 31 22.37 48.91 38.95
N LEU B 32 23.34 48.00 38.97
CA LEU B 32 23.94 47.57 37.68
C LEU B 32 23.20 46.30 37.27
N SER B 33 22.32 46.41 36.27
CA SER B 33 21.63 45.20 35.77
C SER B 33 22.70 44.24 35.25
N ARG B 34 22.59 42.96 35.59
CA ARG B 34 23.66 42.00 35.20
C ARG B 34 23.16 41.06 34.12
N GLY B 35 23.92 40.89 33.03
CA GLY B 35 23.54 39.93 31.99
C GLY B 35 23.16 38.60 32.60
N CYS B 36 22.17 37.92 32.03
CA CYS B 36 21.68 36.69 32.65
C CYS B 36 22.72 35.56 32.53
N ASN B 37 23.58 35.63 31.51
CA ASN B 37 24.72 34.72 31.33
C ASN B 37 26.03 35.21 32.01
N ASP B 38 25.99 36.27 32.83
CA ASP B 38 27.19 36.73 33.54
C ASP B 38 27.71 35.64 34.49
N SER B 39 29.00 35.30 34.41
CA SER B 39 29.53 34.09 35.07
C SER B 39 29.48 34.13 36.61
N ASP B 40 29.63 35.30 37.23
CA ASP B 40 29.41 35.47 38.66
C ASP B 40 27.94 35.29 39.04
N VAL B 41 27.00 35.79 38.21
CA VAL B 41 25.56 35.54 38.39
C VAL B 41 25.23 34.06 38.22
N LEU B 42 25.78 33.39 37.21
CA LEU B 42 25.61 31.94 37.01
C LEU B 42 26.11 31.14 38.22
N ALA B 43 27.23 31.54 38.83
CA ALA B 43 27.70 30.94 40.08
C ALA B 43 26.73 31.24 41.25
N VAL B 44 26.38 32.50 41.46
CA VAL B 44 25.44 32.95 42.51
C VAL B 44 24.11 32.22 42.44
N ALA B 45 23.55 32.02 41.25
CA ALA B 45 22.25 31.37 41.07
C ALA B 45 22.20 29.97 41.69
N GLY B 46 23.26 29.16 41.54
CA GLY B 46 23.30 27.82 42.13
C GLY B 46 23.35 27.82 43.67
N PHE B 47 23.97 28.83 44.26
CA PHE B 47 23.93 28.92 45.75
C PHE B 47 22.59 29.50 46.19
N ALA B 48 22.13 30.57 45.54
CA ALA B 48 20.82 31.13 45.84
C ALA B 48 19.73 30.05 45.79
N LEU B 49 19.77 29.21 44.76
CA LEU B 49 18.78 28.10 44.61
C LEU B 49 18.95 27.10 45.77
N ARG B 50 20.19 26.79 46.13
CA ARG B 50 20.44 25.83 47.24
C ARG B 50 19.87 26.42 48.53
N ASP B 51 20.08 27.72 48.76
CA ASP B 51 19.54 28.39 49.98
C ASP B 51 18.00 28.40 49.92
N ILE B 52 17.43 28.60 48.74
CA ILE B 52 15.94 28.59 48.59
C ILE B 52 15.46 27.19 49.01
N ASN B 53 16.16 26.15 48.57
CA ASN B 53 15.77 24.77 48.96
C ASN B 53 16.02 24.61 50.47
N LYS B 54 17.16 25.14 50.94
CA LYS B 54 17.48 25.05 52.39
C LYS B 54 16.35 25.60 53.26
N ASP B 55 15.73 26.70 52.82
CA ASP B 55 14.58 27.27 53.58
C ASP B 55 13.36 26.36 53.44
N ARG B 56 13.09 25.88 52.22
CA ARG B 56 11.87 25.04 51.98
C ARG B 56 11.86 23.84 52.93
N LYS B 57 10.80 23.69 53.73
CA LYS B 57 10.67 22.49 54.60
C LYS B 57 9.65 21.44 54.13
N ASP B 58 8.93 21.71 53.04
CA ASP B 58 8.03 20.75 52.38
C ASP B 58 8.06 20.91 50.85
N GLY B 59 7.57 19.90 50.13
CA GLY B 59 7.62 19.81 48.67
C GLY B 59 8.97 19.36 48.14
N TYR B 60 9.27 19.73 46.90
CA TYR B 60 10.35 19.12 46.13
C TYR B 60 11.47 20.10 45.81
N VAL B 61 12.70 19.61 45.72
CA VAL B 61 13.89 20.41 45.42
C VAL B 61 13.76 21.00 44.02
N LEU B 62 13.88 22.33 43.94
CA LEU B 62 13.83 23.07 42.69
C LEU B 62 15.18 23.01 41.96
N ARG B 63 15.16 23.05 40.63
CA ARG B 63 16.32 23.08 39.74
C ARG B 63 16.31 24.36 38.91
N LEU B 64 17.46 24.96 38.64
CA LEU B 64 17.56 26.05 37.68
C LEU B 64 17.19 25.56 36.27
N ASN B 65 16.26 26.23 35.58
CA ASN B 65 16.20 26.13 34.12
C ASN B 65 17.10 27.20 33.49
N ARG B 66 16.91 28.47 33.88
CA ARG B 66 17.82 29.53 33.36
C ARG B 66 17.63 30.89 34.07
N VAL B 67 18.73 31.62 34.35
CA VAL B 67 18.61 32.99 34.86
C VAL B 67 17.76 33.79 33.87
N ASN B 68 16.76 34.52 34.37
CA ASN B 68 15.88 35.35 33.55
C ASN B 68 15.87 36.82 33.99
N ASP B 69 16.30 37.12 35.23
CA ASP B 69 16.69 38.46 35.64
C ASP B 69 17.78 38.42 36.72
N ALA B 70 18.64 39.43 36.76
CA ALA B 70 19.60 39.69 37.82
C ALA B 70 20.00 41.18 37.83
N GLN B 71 19.76 41.88 38.93
CA GLN B 71 19.97 43.33 39.05
C GLN B 71 20.67 43.62 40.38
N GLU B 72 21.77 44.36 40.35
CA GLU B 72 22.73 44.38 41.47
C GLU B 72 22.85 45.75 42.16
N TYR B 73 22.59 45.79 43.47
CA TYR B 73 22.92 46.89 44.37
C TYR B 73 24.37 46.73 44.90
N ARG B 74 25.07 47.87 45.05
CA ARG B 74 26.50 47.94 45.41
C ARG B 74 26.75 48.98 46.51
N GLY B 79 31.32 43.74 48.54
CA GLY B 79 30.42 42.70 48.05
C GLY B 79 29.34 43.21 47.09
N SER B 80 28.36 42.36 46.80
CA SER B 80 27.33 42.53 45.78
C SER B 80 25.98 41.99 46.26
N LEU B 81 24.92 42.80 46.22
CA LEU B 81 23.55 42.37 46.51
C LEU B 81 22.76 42.26 45.21
N PHE B 82 22.22 41.09 44.89
CA PHE B 82 21.44 40.83 43.69
C PHE B 82 19.96 40.62 44.02
N TYR B 83 19.10 41.35 43.32
CA TYR B 83 17.74 40.90 43.03
C TYR B 83 17.79 39.96 41.83
N LEU B 84 16.98 38.91 41.79
CA LEU B 84 16.98 37.91 40.71
C LEU B 84 15.58 37.46 40.31
N THR B 85 15.44 37.03 39.06
CA THR B 85 14.42 36.06 38.63
C THR B 85 15.11 34.85 38.02
N LEU B 86 14.88 33.68 38.60
CA LEU B 86 15.33 32.39 38.09
C LEU B 86 14.11 31.62 37.58
N ASP B 87 14.13 31.22 36.32
CA ASP B 87 13.15 30.27 35.81
C ASP B 87 13.61 28.86 36.17
N VAL B 88 12.70 28.01 36.63
CA VAL B 88 13.05 26.81 37.40
C VAL B 88 12.16 25.62 37.07
N LEU B 89 12.69 24.41 37.29
CA LEU B 89 11.96 23.13 37.22
C LEU B 89 11.89 22.47 38.60
N GLU B 90 11.17 21.36 38.72
CA GLU B 90 11.17 20.48 39.88
C GLU B 90 12.00 19.22 39.63
N THR B 91 12.94 18.91 40.53
CA THR B 91 13.65 17.61 40.54
C THR B 91 12.77 16.50 41.11
N ASP B 92 13.19 15.25 40.92
CA ASP B 92 12.53 14.08 41.49
C ASP B 92 12.80 13.84 43.00
N CYS B 93 13.49 14.74 43.72
CA CYS B 93 13.84 14.60 45.14
C CYS B 93 13.01 15.53 46.06
N HIS B 94 12.41 14.99 47.13
CA HIS B 94 11.73 15.80 48.16
C HIS B 94 12.74 16.53 49.06
N VAL B 95 12.42 17.72 49.57
CA VAL B 95 13.36 18.54 50.36
C VAL B 95 13.85 17.89 51.65
N LEU B 96 13.10 16.93 52.22
CA LEU B 96 13.54 16.17 53.40
C LEU B 96 14.63 15.14 53.08
N ARG B 97 14.81 14.76 51.81
CA ARG B 97 15.94 13.91 51.38
C ARG B 97 17.26 14.67 51.47
N LYS B 98 18.32 14.01 51.93
CA LYS B 98 19.61 14.65 52.29
C LYS B 98 20.49 15.02 51.09
N LYS B 99 20.12 14.62 49.87
CA LYS B 99 20.83 14.94 48.61
C LYS B 99 20.87 16.45 48.35
N ALA B 100 22.00 16.96 47.85
CA ALA B 100 22.09 18.31 47.31
C ALA B 100 21.37 18.39 45.95
N TRP B 101 20.92 19.57 45.52
CA TRP B 101 20.13 19.67 44.28
C TRP B 101 20.91 19.22 43.02
N GLN B 102 22.24 19.41 43.03
CA GLN B 102 23.15 18.94 41.98
C GLN B 102 23.28 17.41 41.90
N ASP B 103 22.93 16.69 42.97
CA ASP B 103 22.98 15.23 43.04
C ASP B 103 21.76 14.56 42.36
N CYS B 104 20.74 15.35 42.02
CA CYS B 104 19.42 14.88 41.63
C CYS B 104 19.11 15.05 40.12
N GLY B 105 18.10 14.33 39.63
CA GLY B 105 17.65 14.35 38.24
C GLY B 105 16.42 15.25 38.00
N MET B 106 16.18 15.56 36.72
CA MET B 106 14.98 16.36 36.36
C MET B 106 13.76 15.44 36.27
N ARG B 107 12.55 15.99 36.42
CA ARG B 107 11.29 15.18 36.29
C ARG B 107 11.04 14.86 34.81
N ILE B 108 10.29 13.79 34.53
CA ILE B 108 9.95 13.42 33.12
C ILE B 108 8.93 14.46 32.60
N PHE B 109 8.87 14.66 31.28
CA PHE B 109 7.97 15.67 30.71
C PHE B 109 6.56 15.71 31.33
N PHE B 110 5.80 14.61 31.39
CA PHE B 110 4.44 14.60 31.94
C PHE B 110 4.36 14.89 33.44
N GLU B 111 5.40 14.58 34.22
CA GLU B 111 5.45 14.87 35.66
C GLU B 111 5.70 16.35 35.96
N SER B 112 6.10 17.15 34.97
CA SER B 112 6.86 18.39 35.21
C SER B 112 6.09 19.42 36.04
N VAL B 113 6.79 20.02 36.99
CA VAL B 113 6.43 21.29 37.63
C VAL B 113 7.55 22.28 37.34
N TYR B 114 7.20 23.54 37.10
CA TYR B 114 8.13 24.58 36.68
C TYR B 114 7.58 25.97 37.02
N GLY B 115 8.41 27.00 36.91
CA GLY B 115 7.93 28.38 37.02
C GLY B 115 9.04 29.38 37.25
N GLN B 116 8.79 30.35 38.14
CA GLN B 116 9.74 31.41 38.46
C GLN B 116 9.95 31.53 39.98
N CYS B 117 11.22 31.62 40.36
CA CYS B 117 11.66 32.07 41.67
C CYS B 117 12.19 33.49 41.54
N LYS B 118 11.62 34.43 42.31
CA LYS B 118 12.19 35.77 42.51
C LYS B 118 12.91 35.80 43.85
N ALA B 119 14.09 36.40 43.89
CA ALA B 119 15.00 36.28 45.04
C ALA B 119 15.84 37.53 45.29
N ILE B 120 16.32 37.66 46.52
CA ILE B 120 17.25 38.70 46.97
C ILE B 120 18.42 38.01 47.68
N PHE B 121 19.65 38.14 47.17
CA PHE B 121 20.82 37.37 47.59
C PHE B 121 22.11 38.20 47.58
N TYR B 122 23.01 38.03 48.54
CA TYR B 122 24.27 38.79 48.64
C TYR B 122 25.51 37.90 48.66
N MET B 123 26.58 38.39 48.03
CA MET B 123 27.87 37.65 47.98
C MET B 123 29.00 38.63 48.30
N ASN B 124 29.79 38.35 49.35
CA ASN B 124 30.96 39.22 49.66
C ASN B 124 32.21 38.51 49.17
N ASN B 125 32.91 39.10 48.20
CA ASN B 125 34.12 38.44 47.62
C ASN B 125 35.26 38.28 48.65
N PRO B 126 35.63 39.29 49.47
CA PRO B 126 36.67 39.11 50.49
C PRO B 126 36.33 38.08 51.57
N SER B 127 35.09 38.07 52.06
CA SER B 127 34.72 37.15 53.17
C SER B 127 34.17 35.83 52.61
N ARG B 128 34.08 35.71 51.28
CA ARG B 128 33.51 34.48 50.64
C ARG B 128 32.09 34.27 51.20
N VAL B 129 31.33 35.35 51.37
CA VAL B 129 29.96 35.25 51.95
C VAL B 129 28.96 34.92 50.84
N LEU B 130 28.01 34.02 51.10
CA LEU B 130 26.97 33.66 50.14
C LEU B 130 25.65 33.52 50.92
N TYR B 131 24.71 34.44 50.73
CA TYR B 131 23.51 34.53 51.58
C TYR B 131 22.27 35.01 50.84
N LEU B 132 21.27 34.14 50.70
CA LEU B 132 19.90 34.53 50.38
C LEU B 132 19.29 35.31 51.55
N ALA B 133 18.76 36.51 51.29
CA ALA B 133 17.97 37.26 52.27
C ALA B 133 16.48 36.91 52.22
N ALA B 134 15.90 36.83 51.01
CA ALA B 134 14.46 36.61 50.84
C ALA B 134 14.09 36.09 49.43
N TYR B 135 12.89 35.54 49.27
CA TYR B 135 12.39 35.01 47.99
C TYR B 135 10.86 34.87 47.92
N ASN B 136 10.33 34.72 46.70
CA ASN B 136 8.96 34.24 46.44
C ASN B 136 8.99 33.39 45.15
N CYS B 137 8.47 32.15 45.21
CA CYS B 137 8.45 31.22 44.09
C CYS B 137 7.03 30.82 43.68
N THR B 138 6.65 31.11 42.43
CA THR B 138 5.40 30.63 41.85
C THR B 138 5.70 29.53 40.85
N LEU B 139 5.01 28.41 41.03
CA LEU B 139 5.19 27.18 40.27
C LEU B 139 3.84 26.74 39.69
N ARG B 140 3.88 26.00 38.59
CA ARG B 140 2.73 25.36 37.95
C ARG B 140 3.14 23.95 37.51
N PRO B 141 2.22 22.97 37.46
CA PRO B 141 2.44 21.80 36.64
C PRO B 141 2.48 22.22 35.15
N VAL B 142 3.10 21.40 34.31
CA VAL B 142 2.98 21.51 32.85
C VAL B 142 1.51 21.48 32.42
N SER B 143 1.16 22.20 31.34
CA SER B 143 -0.21 22.19 30.80
C SER B 143 -0.69 20.76 30.52
N LYS B 144 -1.76 20.34 31.20
CA LYS B 144 -2.30 18.98 31.06
C LYS B 144 -2.77 18.71 29.63
N LYS B 145 -3.27 19.74 28.93
CA LYS B 145 -3.52 19.70 27.48
C LYS B 145 -2.25 19.41 26.69
N LYS B 146 -1.20 20.21 26.85
CA LYS B 146 0.04 20.04 26.06
C LYS B 146 0.73 18.70 26.30
N ILE B 147 0.66 18.16 27.52
CA ILE B 147 1.06 16.78 27.79
C ILE B 147 0.21 15.80 26.98
N TYR B 148 -1.11 15.86 27.05
CA TYR B 148 -1.97 14.98 26.26
C TYR B 148 -1.71 15.11 24.75
N MET B 149 -1.42 16.32 24.23
CA MET B 149 -1.00 16.57 22.84
C MET B 149 0.32 15.90 22.45
N THR B 150 1.23 15.74 23.41
CA THR B 150 2.56 15.13 23.21
C THR B 150 2.53 13.61 23.43
N CYS B 151 1.77 13.12 24.41
CA CYS B 151 1.67 11.74 24.86
C CYS B 151 0.26 11.49 25.45
N PRO B 152 -0.69 10.85 24.73
CA PRO B 152 -2.06 10.76 25.21
C PRO B 152 -2.30 9.96 26.49
N ASP B 153 -1.49 8.93 26.73
CA ASP B 153 -1.76 8.05 27.89
C ASP B 153 -0.91 8.47 29.09
N CYS B 154 -0.15 9.56 28.96
CA CYS B 154 0.76 10.00 30.05
C CYS B 154 -0.03 10.33 31.33
N PRO B 155 0.32 9.80 32.54
CA PRO B 155 -0.44 10.07 33.76
C PRO B 155 -0.63 11.57 33.97
N SER B 156 -1.86 12.06 33.84
CA SER B 156 -2.14 13.48 34.05
C SER B 156 -2.17 13.78 35.55
N SER B 157 -1.49 14.84 35.98
CA SER B 157 -1.38 15.22 37.40
C SER B 157 -2.73 15.63 38.01
N ILE B 158 -2.91 15.40 39.30
CA ILE B 158 -4.20 15.56 40.00
C ILE B 158 -4.17 16.80 40.92
N PRO B 159 -5.22 17.62 41.01
CA PRO B 159 -5.36 18.60 42.09
C PRO B 159 -5.28 17.87 43.45
N THR B 160 -4.23 18.15 44.24
CA THR B 160 -3.90 17.36 45.44
C THR B 160 -4.82 17.71 46.61
N ASP B 161 -5.70 16.78 46.97
CA ASP B 161 -6.58 16.84 48.15
C ASP B 161 -7.10 15.44 48.54
N SER B 162 -7.69 15.34 49.71
CA SER B 162 -8.34 14.13 50.23
C SER B 162 -9.69 13.80 49.55
N SER B 163 -10.26 14.71 48.75
CA SER B 163 -11.53 14.47 48.04
C SER B 163 -11.36 13.43 46.92
N ASN B 164 -10.15 13.32 46.36
CA ASN B 164 -9.78 12.19 45.52
C ASN B 164 -9.57 10.92 46.38
N HIS B 165 -10.66 10.21 46.66
CA HIS B 165 -10.65 8.98 47.47
C HIS B 165 -9.77 7.89 46.87
N GLN B 166 -9.66 7.82 45.54
CA GLN B 166 -8.80 6.88 44.83
C GLN B 166 -7.30 7.16 45.06
N VAL B 167 -6.88 8.42 45.21
CA VAL B 167 -5.52 8.76 45.64
C VAL B 167 -5.23 8.24 47.05
N LEU B 168 -6.17 8.44 47.98
CA LEU B 168 -6.04 7.88 49.32
C LEU B 168 -5.96 6.35 49.28
N GLU B 169 -6.79 5.69 48.48
CA GLU B 169 -6.76 4.25 48.27
C GLU B 169 -5.41 3.80 47.67
N ALA B 170 -4.88 4.52 46.68
CA ALA B 170 -3.59 4.21 46.08
C ALA B 170 -2.45 4.29 47.10
N ALA B 171 -2.35 5.39 47.85
CA ALA B 171 -1.30 5.57 48.84
C ALA B 171 -1.40 4.57 50.00
N THR B 172 -2.61 4.30 50.50
CA THR B 172 -2.81 3.31 51.55
C THR B 172 -2.55 1.88 51.05
N GLU B 173 -2.93 1.51 49.83
CA GLU B 173 -2.59 0.21 49.27
C GLU B 173 -1.08 0.04 49.06
N SER B 174 -0.38 1.01 48.47
CA SER B 174 1.07 0.90 48.29
C SER B 174 1.80 0.83 49.63
N LEU B 175 1.38 1.59 50.64
CA LEU B 175 1.89 1.47 52.00
C LEU B 175 1.62 0.09 52.60
N ALA B 176 0.39 -0.40 52.49
CA ALA B 176 0.02 -1.73 52.98
C ALA B 176 0.86 -2.82 52.33
N LYS B 177 1.14 -2.72 51.01
CA LYS B 177 2.05 -3.63 50.33
C LYS B 177 3.44 -3.56 50.96
N TYR B 178 4.01 -2.36 51.17
CA TYR B 178 5.34 -2.28 51.79
C TYR B 178 5.37 -2.86 53.22
N ASN B 179 4.34 -2.60 54.03
CA ASN B 179 4.19 -3.20 55.35
C ASN B 179 4.06 -4.74 55.33
N ASN B 180 3.85 -5.36 54.17
CA ASN B 180 3.96 -6.80 53.96
C ASN B 180 5.30 -7.21 53.31
N GLU B 181 5.88 -6.39 52.44
CA GLU B 181 7.21 -6.62 51.86
C GLU B 181 8.33 -6.58 52.91
N ASN B 182 8.17 -5.77 53.96
CA ASN B 182 9.00 -5.81 55.15
C ASN B 182 8.16 -5.75 56.43
N THR B 183 8.62 -6.45 57.47
CA THR B 183 8.01 -6.47 58.82
C THR B 183 9.02 -6.24 59.95
N SER B 184 10.30 -5.96 59.66
CA SER B 184 11.25 -5.55 60.71
C SER B 184 10.86 -4.21 61.37
N LYS B 185 10.17 -3.36 60.59
CA LYS B 185 9.43 -2.16 61.00
C LYS B 185 8.11 -2.08 60.23
N GLN B 186 7.20 -1.25 60.72
CA GLN B 186 5.91 -0.95 60.08
C GLN B 186 5.73 0.57 60.04
N TYR B 187 5.02 1.08 59.03
CA TYR B 187 4.94 2.52 58.76
C TYR B 187 3.50 2.98 58.51
N SER B 188 3.28 4.27 58.71
CA SER B 188 2.02 4.99 58.61
C SER B 188 2.12 6.12 57.59
N LEU B 189 1.02 6.39 56.88
CA LEU B 189 0.92 7.46 55.90
C LEU B 189 0.93 8.82 56.61
N PHE B 190 1.91 9.67 56.32
CA PHE B 190 2.01 11.01 56.89
C PHE B 190 1.26 12.06 56.06
N LYS B 191 1.54 12.13 54.74
CA LYS B 191 0.96 13.10 53.81
C LYS B 191 1.17 12.69 52.36
N VAL B 192 0.15 12.74 51.51
CA VAL B 192 0.33 12.57 50.05
C VAL B 192 0.83 13.88 49.43
N THR B 193 1.94 13.79 48.68
CA THR B 193 2.55 15.01 48.09
C THR B 193 2.21 15.16 46.60
N ARG B 194 2.70 14.28 45.74
CA ARG B 194 2.48 14.43 44.27
C ARG B 194 1.64 13.26 43.74
N ALA B 195 0.76 13.52 42.76
CA ALA B 195 -0.15 12.44 42.30
C ALA B 195 -0.56 12.61 40.83
N SER B 196 -0.69 11.50 40.08
CA SER B 196 -1.18 11.50 38.70
C SER B 196 -2.03 10.26 38.45
N SER B 197 -2.88 10.28 37.43
CA SER B 197 -3.65 9.10 37.06
C SER B 197 -3.90 9.03 35.56
N GLN B 198 -4.32 7.85 35.14
CA GLN B 198 -4.37 7.36 33.78
C GLN B 198 -5.52 6.34 33.71
N TRP B 199 -6.12 6.08 32.53
CA TRP B 199 -7.28 5.19 32.46
C TRP B 199 -7.27 4.17 31.32
N VAL B 200 -6.08 3.78 30.86
CA VAL B 200 -5.92 2.94 29.66
C VAL B 200 -6.16 1.44 29.89
N VAL B 201 -6.20 0.98 31.14
CA VAL B 201 -6.43 -0.43 31.49
C VAL B 201 -7.51 -0.52 32.58
N GLY B 202 -8.47 0.40 32.51
CA GLY B 202 -9.19 0.88 33.69
C GLY B 202 -8.36 1.91 34.48
N PRO B 203 -8.84 2.37 35.65
CA PRO B 203 -8.15 3.38 36.45
C PRO B 203 -6.79 2.90 36.94
N SER B 204 -5.78 3.69 36.65
CA SER B 204 -4.41 3.57 37.13
C SER B 204 -3.99 4.86 37.82
N TYR B 205 -3.61 4.79 39.08
CA TYR B 205 -3.20 5.91 39.91
C TYR B 205 -1.75 5.76 40.34
N PHE B 206 -1.04 6.88 40.41
CA PHE B 206 0.37 6.99 40.76
C PHE B 206 0.54 8.09 41.78
N VAL B 207 1.29 7.84 42.83
CA VAL B 207 1.33 8.67 44.04
C VAL B 207 2.73 8.77 44.61
N GLU B 208 3.00 9.87 45.29
CA GLU B 208 4.17 10.03 46.15
C GLU B 208 3.67 10.54 47.49
N TYR B 209 4.21 10.00 48.59
CA TYR B 209 3.75 10.35 49.92
C TYR B 209 4.84 10.19 50.98
N LEU B 210 4.77 11.03 52.01
CA LEU B 210 5.59 10.94 53.20
C LEU B 210 5.08 9.86 54.15
N ILE B 211 5.99 9.32 54.95
CA ILE B 211 5.72 8.31 55.97
C ILE B 211 6.44 8.59 57.29
N LYS B 212 5.91 8.01 58.37
CA LYS B 212 6.61 7.78 59.65
C LYS B 212 6.31 6.36 60.15
N GLU B 213 6.90 5.90 61.24
CA GLU B 213 6.59 4.56 61.78
C GLU B 213 5.10 4.41 62.21
N SER B 214 4.67 3.17 62.43
CA SER B 214 3.32 2.85 62.91
C SER B 214 3.04 3.39 64.32
N SER B 231 4.87 12.98 65.44
CA SER B 231 6.32 13.02 65.25
C SER B 231 6.74 13.17 63.78
N VAL B 232 8.02 13.49 63.55
CA VAL B 232 8.61 13.85 62.24
C VAL B 232 8.63 12.66 61.26
N PRO B 233 8.40 12.88 59.94
CA PRO B 233 8.57 11.85 58.91
C PRO B 233 9.94 11.17 58.88
N VAL B 234 9.97 9.96 58.32
CA VAL B 234 11.20 9.14 58.14
C VAL B 234 11.56 8.92 56.67
N GLY B 235 10.63 9.14 55.74
CA GLY B 235 10.87 8.85 54.33
C GLY B 235 9.77 9.32 53.37
N LEU B 236 10.08 9.26 52.09
CA LEU B 236 9.13 9.39 50.98
C LEU B 236 8.99 8.03 50.29
N CYS B 237 7.76 7.67 49.93
CA CYS B 237 7.45 6.47 49.18
C CYS B 237 6.73 6.83 47.88
N LYS B 238 7.17 6.29 46.74
CA LYS B 238 6.35 6.27 45.51
C LYS B 238 5.38 5.10 45.61
N GLY B 239 4.27 5.13 44.88
CA GLY B 239 3.41 3.96 44.76
C GLY B 239 2.44 4.04 43.61
N SER B 240 1.79 2.93 43.31
CA SER B 240 0.73 2.87 42.33
C SER B 240 -0.34 1.85 42.67
N LEU B 241 -1.53 2.09 42.11
CA LEU B 241 -2.66 1.18 42.15
C LEU B 241 -3.30 1.16 40.77
N THR B 242 -3.53 -0.04 40.24
CA THR B 242 -4.14 -0.21 38.89
C THR B 242 -5.27 -1.22 39.02
N ARG B 243 -6.51 -0.77 38.90
CA ARG B 243 -7.66 -1.69 39.17
C ARG B 243 -8.30 -2.18 37.88
N THR B 244 -7.77 -3.25 37.29
CA THR B 244 -8.47 -3.84 36.12
C THR B 244 -9.71 -4.53 36.70
N HIS B 245 -10.74 -4.75 35.89
CA HIS B 245 -12.00 -5.31 36.44
C HIS B 245 -11.72 -6.67 37.10
N TRP B 246 -10.84 -7.48 36.48
CA TRP B 246 -10.60 -8.85 36.99
C TRP B 246 -9.45 -8.92 38.02
N GLU B 247 -8.66 -7.86 38.19
CA GLU B 247 -7.49 -8.01 39.11
C GLU B 247 -6.80 -6.69 39.46
N LYS B 248 -6.60 -6.42 40.76
CA LYS B 248 -5.80 -5.27 41.20
C LYS B 248 -4.35 -5.47 40.78
N PHE B 249 -3.61 -4.36 40.66
CA PHE B 249 -2.15 -4.34 40.71
C PHE B 249 -1.71 -3.26 41.67
N VAL B 250 -0.67 -3.50 42.47
CA VAL B 250 -0.13 -2.54 43.44
C VAL B 250 1.39 -2.51 43.36
N SER B 251 2.00 -1.32 43.45
CA SER B 251 3.46 -1.18 43.55
C SER B 251 3.85 -0.08 44.54
N VAL B 252 5.08 -0.14 45.04
CA VAL B 252 5.62 0.78 46.04
C VAL B 252 7.15 0.89 45.94
N THR B 253 7.70 2.05 46.29
CA THR B 253 9.10 2.23 46.68
C THR B 253 9.11 2.90 48.05
N CYS B 254 10.13 2.65 48.88
CA CYS B 254 10.37 3.51 50.02
C CYS B 254 11.83 3.96 50.09
N ASP B 255 12.01 5.28 50.19
CA ASP B 255 13.29 5.95 50.35
C ASP B 255 13.28 6.76 51.66
N PHE B 256 14.43 6.82 52.34
CA PHE B 256 14.49 7.20 53.76
C PHE B 256 15.47 8.35 54.02
N PHE B 257 15.10 9.22 54.96
CA PHE B 257 15.82 10.45 55.29
C PHE B 257 16.97 10.21 56.27
N GLY B 299 15.23 30.52 58.95
CA GLY B 299 15.79 30.68 57.61
C GLY B 299 15.34 31.97 56.92
N PRO B 300 15.88 32.27 55.72
CA PRO B 300 15.57 33.50 54.98
C PRO B 300 14.11 33.55 54.52
N ARG B 301 13.41 34.62 54.89
CA ARG B 301 11.95 34.77 54.72
C ARG B 301 11.53 34.65 53.25
N GLY B 302 10.54 33.81 52.97
CA GLY B 302 9.98 33.70 51.62
C GLY B 302 8.72 32.85 51.53
N SER B 303 8.23 32.68 50.31
CA SER B 303 6.91 32.06 50.03
C SER B 303 6.94 31.21 48.76
N VAL B 304 6.07 30.20 48.71
CA VAL B 304 5.96 29.26 47.58
C VAL B 304 4.49 28.93 47.29
N GLN B 305 4.11 28.83 46.02
CA GLN B 305 2.77 28.37 45.63
C GLN B 305 2.78 27.53 44.34
N TYR B 306 2.19 26.34 44.42
CA TYR B 306 1.88 25.45 43.30
C TYR B 306 0.49 25.82 42.74
N LEU B 307 0.43 26.71 41.76
CA LEU B 307 -0.82 27.14 41.12
C LEU B 307 -1.28 26.14 40.02
N PRO B 308 -2.59 26.01 39.74
CA PRO B 308 -3.09 25.25 38.61
C PRO B 308 -2.62 25.81 37.25
N ASP B 309 -2.52 24.94 36.24
CA ASP B 309 -2.10 25.27 34.87
C ASP B 309 -3.25 25.75 33.97
N LEU B 310 -2.91 26.29 32.80
CA LEU B 310 -3.83 26.50 31.68
C LEU B 310 -4.07 25.18 30.92
N PHE B 324 3.38 33.75 35.13
CA PHE B 324 3.82 33.51 36.50
C PHE B 324 3.73 34.79 37.35
N PRO B 325 2.62 35.01 38.08
CA PRO B 325 2.50 36.12 39.03
C PRO B 325 3.34 35.86 40.27
N VAL B 326 4.12 36.85 40.71
CA VAL B 326 4.99 36.80 41.90
C VAL B 326 5.07 38.19 42.54
N HIS B 327 5.23 38.29 43.85
CA HIS B 327 5.38 39.58 44.57
C HIS B 327 6.53 39.54 45.58
N LEU B 328 7.41 40.55 45.58
CA LEU B 328 8.58 40.61 46.48
C LEU B 328 9.02 42.04 46.81
N ASP B 329 8.10 43.01 46.76
CA ASP B 329 8.38 44.42 47.06
C ASP B 329 8.51 44.65 48.58
N LEU B 330 9.68 44.31 49.15
CA LEU B 330 9.95 44.43 50.59
C LEU B 330 9.91 45.89 51.12
N THR B 331 10.07 46.88 50.23
CA THR B 331 9.82 48.28 50.54
C THR B 331 9.17 48.99 49.36
N THR B 332 8.43 50.06 49.65
CA THR B 332 7.99 51.08 48.68
C THR B 332 8.98 52.25 48.56
N ASN B 333 9.94 52.39 49.50
CA ASN B 333 10.76 53.59 49.66
C ASN B 333 11.74 53.82 48.49
N PRO B 334 11.63 54.91 47.70
CA PRO B 334 12.55 55.17 46.58
C PRO B 334 14.01 55.42 47.01
N GLN B 335 14.24 55.85 48.25
CA GLN B 335 15.58 56.01 48.84
C GLN B 335 16.15 54.68 49.38
N GLY B 336 15.35 53.60 49.37
CA GLY B 336 15.65 52.34 50.02
C GLY B 336 15.33 52.32 51.52
N GLU B 337 15.21 51.12 52.06
CA GLU B 337 14.89 50.82 53.46
C GLU B 337 15.94 49.85 54.05
N THR B 338 16.25 49.98 55.34
CA THR B 338 17.40 49.30 55.97
C THR B 338 17.22 47.79 56.17
N LEU B 339 18.35 47.09 56.11
CA LEU B 339 18.55 45.66 56.39
C LEU B 339 19.88 45.50 57.15
N ASP B 340 20.07 44.40 57.86
CA ASP B 340 21.34 44.07 58.52
C ASP B 340 21.77 42.64 58.22
N ILE B 341 23.04 42.46 57.83
CA ILE B 341 23.67 41.15 57.64
C ILE B 341 24.89 40.95 58.56
N SER B 342 25.12 41.85 59.52
CA SER B 342 26.26 41.83 60.44
C SER B 342 26.31 40.62 61.39
N PHE B 343 25.20 39.88 61.54
CA PHE B 343 25.14 38.65 62.34
C PHE B 343 25.96 37.49 61.73
N LEU B 344 26.33 37.57 60.46
CA LEU B 344 27.10 36.53 59.75
C LEU B 344 28.54 36.34 60.26
N PHE B 345 29.07 37.25 61.07
CA PHE B 345 30.51 37.39 61.35
C PHE B 345 30.86 37.19 62.82
N LEU B 346 32.05 36.65 63.09
CA LEU B 346 32.62 36.50 64.44
C LEU B 346 33.13 37.82 65.04
N GLU B 347 33.32 38.84 64.20
CA GLU B 347 33.82 40.17 64.57
C GLU B 347 32.90 41.28 64.02
N PRO B 348 32.72 42.41 64.74
CA PRO B 348 31.72 43.44 64.42
C PRO B 348 32.13 44.38 63.26
N MET B 349 32.28 43.83 62.05
CA MET B 349 32.34 44.62 60.82
C MET B 349 30.99 45.34 60.58
N GLU B 350 31.02 46.58 60.09
CA GLU B 350 29.81 47.35 59.82
C GLU B 350 29.14 46.90 58.50
N GLU B 351 28.12 46.03 58.60
CA GLU B 351 27.47 45.39 57.45
C GLU B 351 25.93 45.49 57.52
N LYS B 352 25.44 46.70 57.82
CA LYS B 352 24.09 47.13 57.41
C LYS B 352 24.02 47.30 55.89
N LEU B 353 22.81 47.19 55.36
CA LEU B 353 22.51 47.00 53.94
C LEU B 353 21.17 47.69 53.57
N VAL B 354 20.88 47.86 52.29
CA VAL B 354 19.66 48.55 51.81
C VAL B 354 18.86 47.67 50.86
N VAL B 355 17.55 47.61 51.05
CA VAL B 355 16.58 47.08 50.08
C VAL B 355 15.79 48.25 49.51
N LEU B 356 15.81 48.40 48.19
CA LEU B 356 14.94 49.27 47.40
C LEU B 356 13.76 48.46 46.82
N PRO B 357 12.72 49.09 46.23
CA PRO B 357 11.59 48.39 45.60
C PRO B 357 12.07 47.40 44.52
N PHE B 358 11.35 46.28 44.36
CA PHE B 358 11.84 45.15 43.56
C PHE B 358 12.03 45.52 42.07
N PRO B 359 13.22 45.32 41.47
CA PRO B 359 13.47 45.65 40.07
C PRO B 359 12.61 44.83 39.09
N LYS B 360 11.99 45.49 38.09
CA LYS B 360 11.11 44.85 37.10
C LYS B 360 11.92 44.01 36.09
N GLU B 361 11.36 42.87 35.70
CA GLU B 361 12.02 41.83 34.90
C GLU B 361 12.24 42.27 33.44
N ALA B 366 21.13 43.37 27.31
CA ALA B 366 20.83 42.61 26.09
C ALA B 366 21.27 41.13 26.16
N GLU B 367 22.19 40.79 27.06
CA GLU B 367 22.73 39.44 27.28
C GLU B 367 21.80 38.58 28.16
N CYS B 368 20.52 38.52 27.76
CA CYS B 368 19.44 37.87 28.48
C CYS B 368 18.39 37.25 27.52
N PRO B 369 17.64 36.23 27.97
CA PRO B 369 17.86 35.45 29.19
C PRO B 369 19.06 34.49 29.06
N GLY B 370 19.39 33.75 30.13
CA GLY B 370 20.42 32.70 30.07
C GLY B 370 19.95 31.46 29.30
N PRO B 371 20.87 30.59 28.86
CA PRO B 371 20.53 29.34 28.17
C PRO B 371 19.84 28.34 29.12
N ALA B 372 18.81 27.66 28.62
CA ALA B 372 17.98 26.75 29.40
C ALA B 372 18.65 25.38 29.64
N GLN B 373 18.53 24.82 30.85
CA GLN B 373 18.87 23.41 31.12
C GLN B 373 17.90 22.43 30.43
N ASN B 374 16.64 22.85 30.22
CA ASN B 374 15.67 22.17 29.37
C ASN B 374 14.87 23.23 28.58
N ALA B 375 15.12 23.27 27.27
CA ALA B 375 14.56 24.27 26.36
C ALA B 375 13.09 24.03 25.94
N SER B 376 12.46 22.93 26.35
CA SER B 376 11.09 22.61 25.92
C SER B 376 10.08 23.66 26.39
N PRO B 377 9.16 24.15 25.53
CA PRO B 377 8.14 25.11 25.90
C PRO B 377 7.15 24.58 26.95
N LEU B 378 7.13 23.26 27.18
CA LEU B 378 6.38 22.60 28.27
C LEU B 378 6.79 23.09 29.68
N VAL B 379 8.00 23.63 29.85
CA VAL B 379 8.57 24.01 31.15
C VAL B 379 9.22 25.41 31.11
N LEU B 380 8.71 26.29 30.25
CA LEU B 380 9.29 27.60 29.97
C LEU B 380 8.31 28.75 30.30
N PRO B 381 8.65 29.65 31.24
CA PRO B 381 7.85 30.86 31.51
C PRO B 381 7.75 31.82 30.30
N PRO B 382 6.69 32.63 30.20
CA PRO B 382 6.44 33.51 29.05
C PRO B 382 7.41 34.71 28.96
N ASN C 53 5.03 -11.40 -12.12
CA ASN C 53 5.54 -10.93 -13.44
C ASN C 53 6.20 -9.54 -13.37
N GLY C 54 6.62 -9.02 -12.22
CA GLY C 54 7.22 -7.69 -12.13
C GLY C 54 8.73 -7.75 -12.16
N LEU C 55 9.37 -6.82 -12.84
CA LEU C 55 10.83 -6.74 -12.91
C LEU C 55 11.43 -6.48 -11.52
N ARG C 56 12.23 -7.43 -11.01
CA ARG C 56 12.72 -7.36 -9.61
C ARG C 56 13.52 -6.09 -9.30
N ASP C 57 14.51 -5.74 -10.13
CA ASP C 57 15.41 -4.63 -9.84
C ASP C 57 14.63 -3.34 -9.50
N PRO C 58 14.71 -2.81 -8.27
CA PRO C 58 13.99 -1.61 -7.87
C PRO C 58 14.41 -0.36 -8.64
N ASN C 59 15.60 -0.32 -9.25
CA ASN C 59 15.96 0.83 -10.07
C ASN C 59 14.99 1.00 -11.23
N THR C 60 14.43 -0.08 -11.77
CA THR C 60 13.48 -0.04 -12.90
C THR C 60 12.11 0.54 -12.55
N ARG C 61 11.90 0.94 -11.29
CA ARG C 61 10.58 1.48 -10.86
C ARG C 61 10.47 2.98 -11.14
N TRP C 62 9.36 3.42 -11.73
CA TRP C 62 9.12 4.86 -11.87
C TRP C 62 9.06 5.58 -10.53
N THR C 63 9.15 6.90 -10.56
CA THR C 63 8.81 7.75 -9.41
C THR C 63 7.74 8.74 -9.84
N PHE C 64 6.58 8.71 -9.20
CA PHE C 64 5.39 9.40 -9.68
C PHE C 64 5.42 10.90 -9.42
N PRO C 65 4.73 11.71 -10.24
CA PRO C 65 4.00 11.30 -11.43
C PRO C 65 4.96 10.93 -12.57
N ILE C 66 4.65 9.90 -13.35
CA ILE C 66 5.41 9.60 -14.55
C ILE C 66 5.22 10.77 -15.48
N PRO C 67 6.26 11.51 -15.88
CA PRO C 67 6.06 12.57 -16.83
C PRO C 67 5.87 11.97 -18.21
N TYR C 68 4.94 12.51 -18.98
CA TYR C 68 4.62 12.00 -20.30
C TYR C 68 4.63 13.10 -21.36
N ILE C 69 5.03 12.72 -22.55
CA ILE C 69 4.79 13.44 -23.79
C ILE C 69 3.76 12.63 -24.57
N LEU C 70 2.80 13.29 -25.17
CA LEU C 70 2.02 12.75 -26.27
C LEU C 70 2.62 13.31 -27.54
N ALA C 71 3.16 12.48 -28.42
CA ALA C 71 3.65 12.96 -29.71
C ALA C 71 2.50 13.41 -30.61
N ASP C 72 2.72 14.41 -31.44
CA ASP C 72 1.68 14.91 -32.34
C ASP C 72 1.39 13.97 -33.52
N ASN C 73 2.18 12.92 -33.73
CA ASN C 73 1.85 11.87 -34.69
C ASN C 73 0.65 11.01 -34.23
N LEU C 74 0.34 11.00 -32.94
CA LEU C 74 -0.86 10.39 -32.39
C LEU C 74 -2.09 11.09 -32.95
N GLY C 75 -3.09 10.30 -33.34
CA GLY C 75 -4.39 10.89 -33.63
C GLY C 75 -4.97 11.55 -32.40
N LEU C 76 -6.00 12.35 -32.55
CA LEU C 76 -6.79 12.79 -31.41
C LEU C 76 -7.38 11.59 -30.65
N ASN C 77 -7.90 10.60 -31.35
CA ASN C 77 -8.49 9.44 -30.70
C ASN C 77 -7.51 8.72 -29.79
N ALA C 78 -6.28 8.56 -30.24
CA ALA C 78 -5.21 7.99 -29.45
C ALA C 78 -4.77 8.89 -28.30
N LYS C 79 -4.57 10.20 -28.49
CA LYS C 79 -4.28 11.14 -27.38
C LYS C 79 -5.36 11.08 -26.30
N GLY C 80 -6.63 11.10 -26.69
CA GLY C 80 -7.71 11.06 -25.73
C GLY C 80 -7.84 9.70 -25.05
N ALA C 81 -7.60 8.61 -25.76
CA ALA C 81 -7.54 7.29 -25.16
C ALA C 81 -6.40 7.14 -24.16
N ILE C 82 -5.27 7.78 -24.39
CA ILE C 82 -4.16 7.75 -23.43
C ILE C 82 -4.56 8.47 -22.17
N LEU C 83 -5.09 9.68 -22.27
CA LEU C 83 -5.50 10.43 -21.10
C LEU C 83 -6.63 9.73 -20.37
N TYR C 84 -7.53 9.05 -21.05
CA TYR C 84 -8.52 8.20 -20.41
C TYR C 84 -7.90 7.01 -19.68
N ALA C 85 -6.89 6.34 -20.23
CA ALA C 85 -6.19 5.31 -19.48
C ALA C 85 -5.52 5.87 -18.22
N PHE C 86 -4.91 7.05 -18.29
CA PHE C 86 -4.33 7.68 -17.10
C PHE C 86 -5.38 7.88 -16.04
N GLU C 87 -6.58 8.30 -16.40
CA GLU C 87 -7.63 8.42 -15.41
C GLU C 87 -7.93 7.10 -14.74
N MET C 88 -7.89 5.99 -15.46
CA MET C 88 -8.08 4.69 -14.83
C MET C 88 -6.96 4.32 -13.90
N PHE C 89 -5.72 4.65 -14.22
CA PHE C 89 -4.60 4.41 -13.33
C PHE C 89 -4.78 5.23 -12.07
N ARG C 90 -4.99 6.53 -12.21
CA ARG C 90 -5.21 7.44 -11.09
C ARG C 90 -6.40 7.02 -10.25
N LEU C 91 -7.40 6.39 -10.85
CA LEU C 91 -8.60 5.98 -10.16
C LEU C 91 -8.43 4.67 -9.44
N LYS C 92 -7.57 3.78 -9.87
CA LYS C 92 -7.43 2.44 -9.32
C LYS C 92 -6.12 2.16 -8.61
N SER C 93 -5.20 3.11 -8.62
CA SER C 93 -3.88 2.97 -8.01
C SER C 93 -3.32 4.34 -7.65
N CYS C 94 -2.16 4.40 -7.01
CA CYS C 94 -1.46 5.66 -6.82
C CYS C 94 -0.59 6.05 -8.03
N VAL C 95 -0.65 5.33 -9.15
CA VAL C 95 0.08 5.70 -10.37
C VAL C 95 -0.46 7.03 -10.86
N ASP C 96 0.42 7.96 -11.17
CA ASP C 96 0.01 9.27 -11.64
C ASP C 96 0.89 9.70 -12.80
N PHE C 97 0.37 10.62 -13.58
CA PHE C 97 0.94 11.11 -14.82
C PHE C 97 1.02 12.62 -14.76
N LYS C 98 2.03 13.23 -15.36
CA LYS C 98 2.10 14.68 -15.54
C LYS C 98 2.61 15.04 -16.92
N PRO C 99 2.27 16.18 -17.52
CA PRO C 99 2.92 16.65 -18.73
C PRO C 99 4.42 16.79 -18.51
N TYR C 100 5.15 16.70 -19.63
CA TYR C 100 6.63 16.76 -19.59
C TYR C 100 7.15 18.16 -19.30
N GLU C 101 8.20 18.25 -18.47
CA GLU C 101 8.86 19.50 -18.07
C GLU C 101 10.38 19.33 -17.96
N GLY C 102 10.97 18.54 -18.86
CA GLY C 102 12.43 18.39 -18.95
C GLY C 102 13.04 17.31 -18.05
N GLU C 103 12.24 16.41 -17.49
CA GLU C 103 12.72 15.34 -16.61
C GLU C 103 13.62 14.33 -17.33
N SER C 104 14.48 13.64 -16.58
CA SER C 104 15.46 12.69 -17.11
C SER C 104 14.83 11.47 -17.78
N SER C 105 13.77 10.89 -17.21
CA SER C 105 12.96 9.89 -17.89
C SER C 105 11.49 10.21 -17.81
N TYR C 106 10.83 9.82 -18.88
CA TYR C 106 9.48 10.18 -19.23
C TYR C 106 9.00 9.15 -20.22
N ILE C 107 7.71 8.97 -20.39
CA ILE C 107 7.18 8.23 -21.52
C ILE C 107 6.92 9.22 -22.62
N ILE C 108 7.32 8.94 -23.85
CA ILE C 108 6.65 9.53 -24.99
C ILE C 108 5.78 8.45 -25.62
N PHE C 109 4.49 8.73 -25.72
CA PHE C 109 3.56 7.90 -26.48
C PHE C 109 3.59 8.32 -27.94
N GLN C 110 3.52 7.35 -28.84
CA GLN C 110 3.75 7.50 -30.27
C GLN C 110 2.74 6.69 -31.06
N GLN C 111 2.39 7.13 -32.25
CA GLN C 111 1.75 6.28 -33.26
C GLN C 111 2.83 5.72 -34.18
N PHE C 112 3.72 4.90 -33.63
CA PHE C 112 4.63 4.10 -34.42
C PHE C 112 3.96 2.80 -34.86
N ASP C 113 4.69 1.98 -35.61
CA ASP C 113 4.25 0.65 -35.99
C ASP C 113 4.02 -0.22 -34.75
N GLY C 114 2.82 -0.73 -34.57
CA GLY C 114 2.49 -1.61 -33.44
C GLY C 114 2.29 -0.88 -32.12
N CYS C 115 2.14 -1.63 -31.04
CA CYS C 115 1.65 -1.12 -29.78
C CYS C 115 2.45 -1.69 -28.63
N TRP C 116 3.48 -1.01 -28.19
CA TRP C 116 4.54 -1.68 -27.47
C TRP C 116 5.28 -0.71 -26.57
N SER C 117 5.95 -1.24 -25.55
CA SER C 117 6.64 -0.45 -24.56
C SER C 117 7.88 -1.20 -24.12
N GLU C 118 8.96 -0.48 -23.87
CA GLU C 118 10.04 -1.04 -23.06
C GLU C 118 9.51 -1.35 -21.65
N VAL C 119 10.12 -2.27 -20.92
CA VAL C 119 9.57 -2.69 -19.63
C VAL C 119 10.31 -2.01 -18.50
N GLY C 120 9.58 -1.35 -17.60
CA GLY C 120 10.16 -0.54 -16.53
C GLY C 120 10.69 0.81 -17.01
N ASP C 121 11.07 1.65 -16.07
CA ASP C 121 11.63 2.97 -16.32
C ASP C 121 13.01 2.88 -16.95
N GLN C 122 13.14 3.17 -18.24
CA GLN C 122 14.45 3.40 -18.83
C GLN C 122 14.84 4.83 -18.46
N HIS C 123 15.95 5.03 -17.77
CA HIS C 123 16.20 6.33 -17.14
C HIS C 123 16.56 7.46 -18.11
N VAL C 124 16.64 7.17 -19.41
CA VAL C 124 16.74 8.16 -20.50
C VAL C 124 15.37 8.66 -21.00
N GLY C 125 14.27 8.02 -20.59
CA GLY C 125 12.92 8.21 -21.12
C GLY C 125 12.69 7.46 -22.43
N GLN C 126 11.48 6.98 -22.63
CA GLN C 126 11.23 5.85 -23.52
C GLN C 126 10.00 6.04 -24.40
N ASN C 127 10.01 5.42 -25.58
CA ASN C 127 8.84 5.33 -26.42
C ASN C 127 7.84 4.31 -25.86
N ILE C 128 6.57 4.59 -26.04
CA ILE C 128 5.50 3.62 -26.11
C ILE C 128 4.84 3.85 -27.44
N SER C 129 4.47 2.79 -28.14
CA SER C 129 3.69 2.94 -29.34
C SER C 129 2.28 2.48 -29.12
N ILE C 130 1.38 3.11 -29.84
CA ILE C 130 -0.06 2.88 -29.89
C ILE C 130 -0.48 3.01 -31.36
N GLY C 131 -0.30 1.92 -32.11
CA GLY C 131 -0.75 1.80 -33.48
C GLY C 131 -2.27 1.68 -33.57
N GLN C 132 -2.79 1.49 -34.78
CA GLN C 132 -4.23 1.51 -35.02
C GLN C 132 -4.95 0.45 -34.18
N GLY C 133 -6.13 0.78 -33.66
CA GLY C 133 -6.89 -0.11 -32.79
C GLY C 133 -6.34 -0.22 -31.37
N CYS C 134 -5.06 0.09 -31.15
CA CYS C 134 -4.60 0.04 -29.74
C CYS C 134 -5.11 1.27 -29.00
N ALA C 135 -6.06 2.00 -29.61
CA ALA C 135 -6.68 3.16 -28.93
C ALA C 135 -7.57 2.63 -27.80
N TYR C 136 -7.87 1.32 -27.82
CA TYR C 136 -8.78 0.75 -26.79
C TYR C 136 -8.14 0.98 -25.41
N LYS C 137 -8.92 1.42 -24.43
CA LYS C 137 -8.39 1.77 -23.09
C LYS C 137 -7.54 0.63 -22.52
N ALA C 138 -7.99 -0.61 -22.61
CA ALA C 138 -7.29 -1.72 -21.99
C ALA C 138 -5.94 -2.01 -22.62
N ILE C 139 -5.76 -1.68 -23.89
CA ILE C 139 -4.49 -1.90 -24.56
C ILE C 139 -3.52 -0.80 -24.17
N ILE C 140 -3.99 0.43 -24.00
CA ILE C 140 -3.16 1.46 -23.39
C ILE C 140 -2.74 1.04 -21.98
N GLU C 141 -3.68 0.56 -21.17
CA GLU C 141 -3.40 0.11 -19.83
C GLU C 141 -2.37 -1.02 -19.81
N HIS C 142 -2.47 -1.98 -20.72
CA HIS C 142 -1.49 -3.04 -20.87
C HIS C 142 -0.11 -2.48 -21.19
N GLU C 143 0.01 -1.58 -22.17
CA GLU C 143 1.31 -1.00 -22.48
C GLU C 143 1.86 -0.17 -21.33
N ILE C 144 1.04 0.60 -20.64
CA ILE C 144 1.51 1.32 -19.47
C ILE C 144 1.89 0.36 -18.36
N LEU C 145 1.26 -0.81 -18.19
CA LEU C 145 1.77 -1.78 -17.24
C LEU C 145 3.14 -2.34 -17.65
N HIS C 146 3.44 -2.50 -18.95
CA HIS C 146 4.81 -2.82 -19.36
C HIS C 146 5.75 -1.70 -18.96
N ALA C 147 5.41 -0.46 -19.28
CA ALA C 147 6.19 0.68 -18.85
C ALA C 147 6.44 0.68 -17.35
N LEU C 148 5.46 0.20 -16.59
CA LEU C 148 5.60 0.08 -15.11
C LEU C 148 6.24 -1.27 -14.75
N GLY C 149 7.28 -1.70 -15.46
CA GLY C 149 8.00 -2.93 -15.11
C GLY C 149 7.17 -4.20 -15.04
N PHE C 150 6.17 -4.47 -15.88
CA PHE C 150 5.46 -5.77 -15.88
C PHE C 150 5.57 -6.55 -17.17
N TYR C 151 5.98 -7.81 -17.09
CA TYR C 151 5.99 -8.74 -18.21
C TYR C 151 4.66 -9.44 -18.39
N HIS C 152 4.43 -10.08 -19.53
CA HIS C 152 3.18 -10.80 -19.75
C HIS C 152 2.96 -11.90 -18.73
N GLU C 153 1.71 -12.20 -18.44
CA GLU C 153 1.41 -13.15 -17.38
C GLU C 153 1.84 -14.55 -17.77
N GLN C 154 1.68 -14.95 -19.04
CA GLN C 154 2.23 -16.22 -19.51
C GLN C 154 3.75 -16.24 -19.58
N SER C 155 4.44 -15.14 -19.29
CA SER C 155 5.90 -15.12 -19.16
C SER C 155 6.37 -15.24 -17.72
N ARG C 156 5.48 -15.48 -16.75
CA ARG C 156 5.90 -15.85 -15.39
C ARG C 156 6.77 -17.09 -15.37
N THR C 157 7.63 -17.18 -14.36
CA THR C 157 8.55 -18.32 -14.19
C THR C 157 7.79 -19.63 -14.01
N ASP C 158 6.68 -19.58 -13.31
CA ASP C 158 5.80 -20.71 -13.02
C ASP C 158 4.69 -20.92 -14.06
N ARG C 159 4.67 -20.18 -15.17
CA ARG C 159 3.55 -20.19 -16.12
C ARG C 159 3.17 -21.57 -16.63
N ASP C 160 4.14 -22.47 -16.73
CA ASP C 160 3.90 -23.82 -17.23
C ASP C 160 3.04 -24.65 -16.28
N ASP C 161 2.90 -24.25 -15.02
CA ASP C 161 1.97 -24.86 -14.10
C ASP C 161 0.50 -24.51 -14.41
N TYR C 162 0.26 -23.47 -15.19
CA TYR C 162 -1.05 -22.84 -15.36
C TYR C 162 -1.55 -22.79 -16.79
N VAL C 163 -0.65 -22.67 -17.76
CA VAL C 163 -0.98 -22.59 -19.17
C VAL C 163 -0.13 -23.53 -20.01
N ASN C 164 -0.76 -24.18 -20.97
CA ASN C 164 -0.11 -24.91 -22.03
C ASN C 164 0.36 -23.93 -23.09
N ILE C 165 1.56 -24.07 -23.61
CA ILE C 165 1.95 -23.42 -24.85
C ILE C 165 2.03 -24.48 -25.93
N TRP C 166 1.26 -24.28 -27.00
CA TRP C 166 1.19 -25.18 -28.14
C TRP C 166 2.20 -24.73 -29.19
N TRP C 167 3.51 -24.93 -28.93
CA TRP C 167 4.62 -24.44 -29.76
C TRP C 167 4.47 -24.78 -31.25
N ASP C 168 3.95 -25.98 -31.52
CA ASP C 168 3.61 -26.51 -32.83
C ASP C 168 2.56 -25.65 -33.58
N GLN C 169 1.70 -24.94 -32.87
CA GLN C 169 0.66 -24.04 -33.40
C GLN C 169 1.11 -22.58 -33.50
N ILE C 170 2.25 -22.21 -32.94
CA ILE C 170 2.80 -20.86 -33.11
C ILE C 170 3.37 -20.71 -34.51
N LEU C 171 3.17 -19.54 -35.13
CA LEU C 171 3.87 -19.16 -36.36
C LEU C 171 5.38 -19.30 -36.21
N SER C 172 6.03 -19.90 -37.21
CA SER C 172 7.49 -19.99 -37.22
C SER C 172 8.08 -18.58 -37.27
N GLY C 173 8.95 -18.30 -36.28
CA GLY C 173 9.54 -16.95 -36.18
C GLY C 173 8.93 -16.17 -35.03
N TYR C 174 8.00 -16.78 -34.27
CA TYR C 174 7.31 -16.05 -33.16
C TYR C 174 7.25 -16.86 -31.86
N GLN C 175 7.99 -17.96 -31.76
CA GLN C 175 7.92 -18.83 -30.54
C GLN C 175 8.53 -18.10 -29.34
N HIS C 176 9.52 -17.23 -29.58
CA HIS C 176 10.20 -16.49 -28.53
C HIS C 176 9.27 -15.53 -27.77
N ASN C 177 8.14 -15.10 -28.34
CA ASN C 177 7.16 -14.27 -27.64
C ASN C 177 6.42 -15.03 -26.52
N PHE C 178 6.72 -16.31 -26.37
CA PHE C 178 6.26 -17.18 -25.29
C PHE C 178 7.43 -17.61 -24.42
N ASP C 179 8.57 -16.91 -24.45
CA ASP C 179 9.61 -17.11 -23.46
C ASP C 179 9.13 -16.75 -22.05
N THR C 180 9.67 -17.43 -21.05
CA THR C 180 9.41 -17.22 -19.63
C THR C 180 10.70 -16.79 -18.95
N TYR C 181 10.61 -15.85 -18.03
CA TYR C 181 11.78 -15.27 -17.36
C TYR C 181 12.05 -15.96 -16.03
N ASP C 182 13.32 -16.14 -15.68
CA ASP C 182 13.68 -16.71 -14.38
C ASP C 182 13.33 -15.77 -13.22
N ASP C 183 13.32 -16.32 -12.00
CA ASP C 183 12.95 -15.57 -10.81
C ASP C 183 14.00 -14.57 -10.33
N SER C 184 15.22 -14.55 -10.88
CA SER C 184 16.16 -13.46 -10.62
C SER C 184 15.73 -12.21 -11.37
N LEU C 185 15.23 -12.37 -12.61
CA LEU C 185 14.69 -11.25 -13.36
C LEU C 185 13.37 -10.73 -12.79
N ILE C 186 12.44 -11.60 -12.40
CA ILE C 186 11.08 -11.19 -12.05
C ILE C 186 10.63 -11.72 -10.69
N THR C 187 9.86 -10.91 -9.98
CA THR C 187 9.09 -11.31 -8.80
C THR C 187 7.74 -11.86 -9.19
N ASP C 188 7.16 -12.72 -8.35
CA ASP C 188 5.72 -12.99 -8.36
C ASP C 188 4.90 -11.95 -7.57
N LEU C 189 5.53 -11.05 -6.82
CA LEU C 189 4.91 -10.14 -5.83
C LEU C 189 4.05 -10.87 -4.82
N ASN C 190 4.44 -12.10 -4.50
CA ASN C 190 3.70 -13.05 -3.71
C ASN C 190 2.24 -13.19 -4.18
N THR C 191 2.00 -13.13 -5.49
CA THR C 191 0.67 -13.29 -6.10
C THR C 191 0.58 -14.57 -6.91
N PRO C 192 -0.60 -15.19 -6.98
CA PRO C 192 -0.87 -16.29 -7.86
C PRO C 192 -0.80 -15.86 -9.32
N TYR C 193 -0.61 -16.84 -10.21
CA TYR C 193 -0.82 -16.65 -11.63
C TYR C 193 -2.27 -16.29 -11.89
N ASP C 194 -2.55 -15.22 -12.61
CA ASP C 194 -3.91 -14.74 -12.82
C ASP C 194 -4.36 -14.83 -14.27
N TYR C 195 -5.26 -15.75 -14.55
CA TYR C 195 -5.89 -15.83 -15.83
C TYR C 195 -6.68 -14.56 -16.20
N GLU C 196 -7.29 -13.89 -15.23
CA GLU C 196 -8.05 -12.66 -15.46
C GLU C 196 -7.12 -11.48 -15.72
N SER C 197 -5.79 -11.65 -15.67
CA SER C 197 -4.85 -10.55 -15.81
C SER C 197 -4.92 -9.91 -17.19
N LEU C 198 -4.87 -8.60 -17.22
CA LEU C 198 -4.69 -7.77 -18.41
C LEU C 198 -3.36 -8.03 -19.11
N MET C 199 -2.37 -8.54 -18.40
CA MET C 199 -1.05 -8.86 -18.94
C MET C 199 -1.01 -10.21 -19.63
N HIS C 200 -2.09 -10.98 -19.61
CA HIS C 200 -2.13 -12.30 -20.22
C HIS C 200 -2.47 -12.21 -21.71
N TYR C 201 -1.93 -13.14 -22.50
CA TYR C 201 -2.29 -13.20 -23.96
C TYR C 201 -3.52 -14.10 -24.15
N GLN C 202 -4.42 -13.73 -25.08
CA GLN C 202 -5.60 -14.55 -25.37
C GLN C 202 -5.23 -15.88 -26.02
N PRO C 203 -6.15 -16.84 -26.17
CA PRO C 203 -5.83 -18.15 -26.72
C PRO C 203 -5.31 -18.09 -28.15
N PHE C 204 -5.96 -17.35 -29.02
CA PHE C 204 -5.54 -17.12 -30.40
C PHE C 204 -4.57 -15.95 -30.47
N SER C 205 -3.33 -16.16 -30.06
CA SER C 205 -2.25 -15.20 -30.20
C SER C 205 -1.06 -15.84 -30.93
N PHE C 206 -0.50 -15.19 -31.97
CA PHE C 206 0.60 -15.70 -32.81
C PHE C 206 0.36 -17.09 -33.45
N ASN C 207 -0.88 -17.51 -33.63
CA ASN C 207 -1.23 -18.84 -34.12
C ASN C 207 -1.10 -18.98 -35.65
N LYS C 208 -0.69 -20.17 -36.11
CA LYS C 208 -0.71 -20.56 -37.53
C LYS C 208 -2.11 -20.53 -38.11
N ASN C 209 -3.06 -21.15 -37.41
CA ASN C 209 -4.41 -21.42 -37.86
C ASN C 209 -5.39 -20.67 -36.96
N ALA C 210 -6.26 -19.83 -37.53
CA ALA C 210 -7.20 -19.01 -36.79
C ALA C 210 -8.09 -19.80 -35.81
N SER C 211 -8.41 -21.06 -36.11
CA SER C 211 -9.26 -21.89 -35.27
C SER C 211 -8.52 -22.50 -34.07
N VAL C 212 -7.18 -22.52 -34.06
CA VAL C 212 -6.39 -23.31 -33.11
C VAL C 212 -5.67 -22.41 -32.08
N PRO C 213 -5.91 -22.60 -30.76
CA PRO C 213 -5.32 -21.73 -29.75
C PRO C 213 -3.85 -22.06 -29.51
N THR C 214 -3.03 -21.02 -29.47
CA THR C 214 -1.61 -21.08 -29.12
C THR C 214 -1.41 -21.38 -27.65
N ILE C 215 -2.27 -20.85 -26.81
CA ILE C 215 -2.13 -20.87 -25.36
C ILE C 215 -3.46 -21.25 -24.72
N THR C 216 -3.47 -22.15 -23.76
CA THR C 216 -4.71 -22.57 -23.08
C THR C 216 -4.48 -22.80 -21.60
N ALA C 217 -5.49 -22.53 -20.79
CA ALA C 217 -5.45 -22.73 -19.36
C ALA C 217 -5.61 -24.20 -18.99
N LYS C 218 -4.74 -24.70 -18.11
CA LYS C 218 -4.79 -26.07 -17.62
C LYS C 218 -6.05 -26.35 -16.78
N ILE C 219 -6.55 -25.36 -16.03
CA ILE C 219 -7.95 -25.33 -15.58
C ILE C 219 -8.80 -24.90 -16.79
N PRO C 220 -9.60 -25.77 -17.42
CA PRO C 220 -10.08 -25.54 -18.79
C PRO C 220 -11.14 -24.46 -18.89
N GLU C 221 -11.86 -24.19 -17.82
CA GLU C 221 -12.79 -23.06 -17.69
C GLU C 221 -12.18 -21.74 -18.19
N PHE C 222 -10.93 -21.48 -17.83
CA PHE C 222 -10.28 -20.20 -18.10
C PHE C 222 -9.90 -19.97 -19.55
N ASN C 223 -10.01 -20.97 -20.43
CA ASN C 223 -9.89 -20.74 -21.86
C ASN C 223 -10.84 -19.64 -22.34
N SER C 224 -12.02 -19.59 -21.75
CA SER C 224 -13.03 -18.58 -22.04
C SER C 224 -12.76 -17.20 -21.43
N ILE C 225 -11.61 -17.02 -20.74
CA ILE C 225 -11.28 -15.86 -19.89
C ILE C 225 -9.91 -15.25 -20.20
N ILE C 226 -8.87 -16.06 -20.42
CA ILE C 226 -7.50 -15.55 -20.49
C ILE C 226 -7.35 -14.48 -21.56
N GLY C 227 -6.62 -13.43 -21.22
CA GLY C 227 -6.40 -12.31 -22.15
C GLY C 227 -7.61 -11.41 -22.33
N GLN C 228 -8.47 -11.30 -21.34
CA GLN C 228 -9.49 -10.26 -21.27
C GLN C 228 -8.88 -8.88 -21.53
N ARG C 229 -9.68 -8.01 -22.18
CA ARG C 229 -9.28 -6.61 -22.50
C ARG C 229 -10.33 -5.65 -21.94
N LEU C 230 -10.91 -5.94 -20.78
CA LEU C 230 -11.85 -5.12 -20.05
C LEU C 230 -11.12 -3.99 -19.31
N ASP C 231 -10.16 -4.35 -18.48
CA ASP C 231 -9.55 -3.47 -17.48
C ASP C 231 -8.35 -4.17 -16.80
N PHE C 232 -7.74 -3.52 -15.82
CA PHE C 232 -6.89 -4.22 -14.86
C PHE C 232 -7.68 -5.30 -14.14
N SER C 233 -7.08 -6.45 -13.87
CA SER C 233 -7.65 -7.40 -12.94
C SER C 233 -7.42 -6.98 -11.49
N ALA C 234 -8.13 -7.58 -10.55
CA ALA C 234 -7.89 -7.31 -9.15
C ALA C 234 -6.47 -7.66 -8.72
N ILE C 235 -5.88 -8.73 -9.28
CA ILE C 235 -4.50 -9.11 -9.02
C ILE C 235 -3.53 -8.19 -9.77
N ASP C 236 -3.87 -7.66 -10.92
CA ASP C 236 -3.03 -6.64 -11.55
C ASP C 236 -2.93 -5.39 -10.71
N LEU C 237 -4.00 -4.97 -10.08
CA LEU C 237 -3.95 -3.89 -9.11
C LEU C 237 -3.18 -4.30 -7.87
N GLU C 238 -3.41 -5.49 -7.33
CA GLU C 238 -2.69 -5.99 -6.16
C GLU C 238 -1.19 -6.01 -6.41
N ARG C 239 -0.77 -6.45 -7.59
CA ARG C 239 0.60 -6.40 -8.03
C ARG C 239 1.09 -4.98 -8.19
N LEU C 240 0.38 -4.14 -8.90
CA LEU C 240 0.76 -2.76 -9.12
C LEU C 240 0.95 -2.02 -7.80
N ASN C 241 0.10 -2.28 -6.83
CA ASN C 241 0.16 -1.64 -5.53
C ASN C 241 1.34 -2.15 -4.73
N ARG C 242 1.62 -3.46 -4.76
CA ARG C 242 2.81 -4.03 -4.13
C ARG C 242 4.08 -3.52 -4.77
N MET C 243 4.06 -3.26 -6.06
CA MET C 243 5.21 -2.75 -6.78
C MET C 243 5.53 -1.30 -6.43
N TYR C 244 4.51 -0.46 -6.24
CA TYR C 244 4.67 0.98 -6.02
C TYR C 244 4.29 1.48 -4.63
N ASN C 245 4.02 0.58 -3.69
CA ASN C 245 3.60 0.87 -2.33
C ASN C 245 2.33 1.74 -2.26
N CYS C 246 1.45 1.57 -3.25
CA CYS C 246 0.20 2.37 -3.33
C CYS C 246 -0.82 1.89 -2.29
N THR C 247 -1.30 2.78 -1.44
CA THR C 247 -2.36 2.38 -0.49
C THR C 247 -3.66 3.11 -0.82
N THR C 248 -3.57 4.27 -1.47
CA THR C 248 -4.80 5.07 -1.73
C THR C 248 -4.88 5.46 -3.20
N THR C 249 -6.03 5.23 -3.83
CA THR C 249 -6.24 5.66 -5.23
C THR C 249 -6.34 7.18 -5.26
N HIS C 250 -5.82 7.82 -6.31
CA HIS C 250 -5.87 9.30 -6.41
C HIS C 250 -7.32 9.79 -6.50
N THR C 251 -8.18 9.09 -7.25
CA THR C 251 -9.54 9.65 -7.44
C THR C 251 -10.67 8.96 -6.68
N LEU C 252 -10.51 7.70 -6.24
CA LEU C 252 -11.60 7.13 -5.42
C LEU C 252 -11.59 7.90 -4.10
N LEU C 253 -12.53 8.83 -3.95
CA LEU C 253 -12.60 9.67 -2.76
C LEU C 253 -13.34 8.98 -1.64
N ASP C 254 -14.43 8.31 -1.94
CA ASP C 254 -15.17 7.52 -0.97
C ASP C 254 -15.98 6.43 -1.64
N HIS C 255 -16.26 5.33 -0.97
CA HIS C 255 -17.33 4.43 -1.37
C HIS C 255 -17.94 3.79 -0.16
N CYS C 256 -19.19 3.38 -0.28
CA CYS C 256 -19.93 2.81 0.80
C CYS C 256 -21.00 1.89 0.30
N THR C 257 -21.15 0.75 1.00
CA THR C 257 -22.17 -0.28 0.65
C THR C 257 -22.97 -0.57 1.92
N PHE C 258 -22.66 0.10 3.03
CA PHE C 258 -23.38 -0.06 4.33
C PHE C 258 -23.21 -1.46 4.92
N GLU C 259 -22.32 -2.30 4.39
CA GLU C 259 -22.25 -3.69 4.91
C GLU C 259 -21.87 -3.66 6.39
N LYS C 260 -21.24 -2.58 6.85
CA LYS C 260 -20.80 -2.53 8.24
C LYS C 260 -21.70 -1.61 9.06
N ALA C 261 -21.91 -1.92 10.33
CA ALA C 261 -22.84 -1.22 11.19
C ALA C 261 -22.51 0.25 11.46
N ASN C 262 -21.26 0.68 11.28
CA ASN C 262 -20.86 2.09 11.33
C ASN C 262 -21.24 2.89 10.08
N ILE C 263 -21.95 2.26 9.12
CA ILE C 263 -22.46 2.86 7.89
C ILE C 263 -21.42 3.72 7.19
N CYS C 264 -20.20 3.22 7.07
CA CYS C 264 -19.10 3.89 6.39
C CYS C 264 -18.77 5.27 6.96
N GLY C 265 -19.02 5.46 8.24
CA GLY C 265 -18.82 6.73 8.91
C GLY C 265 -19.76 7.80 8.40
N MET C 266 -20.90 7.46 7.81
CA MET C 266 -21.99 8.42 7.70
C MET C 266 -22.60 8.66 9.05
N ILE C 267 -23.35 9.74 9.15
CA ILE C 267 -24.04 10.18 10.36
C ILE C 267 -25.44 10.59 9.96
N GLN C 268 -26.36 10.64 10.91
CA GLN C 268 -27.69 11.16 10.65
C GLN C 268 -27.83 12.52 11.30
N GLY C 269 -28.41 13.48 10.59
CA GLY C 269 -28.64 14.80 11.18
C GLY C 269 -29.65 14.78 12.32
N THR C 270 -29.73 15.91 13.05
CA THR C 270 -30.71 16.05 14.15
C THR C 270 -31.62 17.24 13.80
N ARG C 271 -31.16 18.11 12.90
CA ARG C 271 -32.00 19.24 12.44
C ARG C 271 -33.21 18.66 11.71
N ASP C 272 -33.01 17.56 10.97
CA ASP C 272 -34.13 16.86 10.27
C ASP C 272 -35.15 16.36 11.29
N ASP C 273 -36.30 15.86 10.82
CA ASP C 273 -37.27 15.28 11.75
C ASP C 273 -36.81 13.92 12.29
N THR C 274 -36.41 13.02 11.39
CA THR C 274 -36.31 11.57 11.61
C THR C 274 -34.98 11.00 11.11
N ASP C 275 -34.84 9.68 11.09
CA ASP C 275 -33.66 8.95 10.68
C ASP C 275 -34.00 7.88 9.64
N TRP C 276 -33.04 7.59 8.76
CA TRP C 276 -32.98 6.42 7.89
C TRP C 276 -32.69 5.16 8.71
N ALA C 277 -33.44 4.09 8.51
CA ALA C 277 -33.10 2.79 9.04
C ALA C 277 -31.84 2.29 8.34
N HIS C 278 -30.93 1.66 9.05
CA HIS C 278 -29.91 0.80 8.47
C HIS C 278 -30.53 -0.59 8.32
N GLN C 279 -30.96 -0.96 7.12
CA GLN C 279 -31.93 -2.00 6.93
C GLN C 279 -31.29 -3.32 6.53
N ASP C 280 -31.72 -4.42 7.14
CA ASP C 280 -31.01 -5.71 7.22
C ASP C 280 -31.17 -6.61 6.01
N SER C 281 -31.83 -6.17 4.94
CA SER C 281 -32.09 -6.98 3.74
C SER C 281 -32.89 -8.26 3.97
N ALA C 282 -33.51 -8.43 5.13
CA ALA C 282 -34.12 -9.69 5.57
C ALA C 282 -35.58 -9.85 5.14
N GLN C 283 -36.30 -8.75 4.97
CA GLN C 283 -37.73 -8.76 4.63
C GLN C 283 -37.97 -9.30 3.20
N ALA C 284 -39.19 -9.73 2.90
CA ALA C 284 -39.44 -10.63 1.77
C ALA C 284 -38.99 -10.14 0.38
N GLY C 285 -39.22 -8.87 0.03
CA GLY C 285 -38.79 -8.27 -1.23
C GLY C 285 -37.66 -7.26 -1.07
N GLU C 286 -37.49 -6.73 0.13
CA GLU C 286 -36.64 -5.58 0.44
C GLU C 286 -35.18 -5.99 0.63
N VAL C 287 -34.52 -6.36 -0.47
CA VAL C 287 -33.09 -6.71 -0.49
C VAL C 287 -32.17 -5.51 -0.75
N ASP C 288 -30.93 -5.58 -0.30
CA ASP C 288 -29.91 -4.59 -0.59
C ASP C 288 -29.46 -4.59 -2.06
N HIS C 289 -28.74 -3.58 -2.54
CA HIS C 289 -28.22 -3.64 -3.90
C HIS C 289 -26.87 -4.34 -3.95
N THR C 290 -26.07 -4.30 -2.89
CA THR C 290 -24.77 -4.93 -2.93
C THR C 290 -24.91 -6.41 -3.18
N LEU C 291 -25.68 -7.11 -2.36
CA LEU C 291 -25.76 -8.56 -2.36
C LEU C 291 -27.08 -9.09 -2.90
N LEU C 292 -28.10 -8.28 -3.15
CA LEU C 292 -29.38 -8.70 -3.74
C LEU C 292 -30.06 -9.86 -2.97
N GLY C 293 -29.77 -10.01 -1.67
CA GLY C 293 -30.24 -11.15 -0.89
C GLY C 293 -29.55 -12.49 -1.21
N GLN C 294 -28.45 -12.47 -1.97
CA GLN C 294 -27.61 -13.62 -2.20
C GLN C 294 -26.99 -14.16 -0.91
N CYS C 295 -26.52 -13.27 -0.04
CA CYS C 295 -25.89 -13.65 1.21
C CYS C 295 -26.80 -13.32 2.38
N THR C 296 -27.17 -14.33 3.17
CA THR C 296 -28.16 -14.20 4.21
C THR C 296 -27.60 -13.45 5.42
N GLY C 297 -28.44 -12.63 6.04
CA GLY C 297 -28.08 -11.80 7.20
C GLY C 297 -27.03 -10.71 6.94
N ALA C 298 -26.66 -10.44 5.69
CA ALA C 298 -25.45 -9.69 5.35
C ALA C 298 -25.65 -8.46 4.47
N GLY C 299 -26.71 -8.39 3.65
CA GLY C 299 -26.94 -7.23 2.80
C GLY C 299 -27.52 -6.07 3.60
N TYR C 300 -27.13 -4.84 3.31
CA TYR C 300 -27.63 -3.65 3.98
C TYR C 300 -27.79 -2.49 3.03
N PHE C 301 -28.76 -1.65 3.33
CA PHE C 301 -29.05 -0.40 2.64
C PHE C 301 -29.57 0.57 3.68
N MET C 302 -29.40 1.86 3.46
CA MET C 302 -30.18 2.82 4.24
C MET C 302 -31.58 2.88 3.66
N GLN C 303 -32.60 2.88 4.50
CA GLN C 303 -33.98 2.95 4.07
C GLN C 303 -34.70 4.05 4.82
N PHE C 304 -35.57 4.79 4.15
CA PHE C 304 -36.35 5.85 4.75
C PHE C 304 -37.79 5.62 4.37
N SER C 305 -38.56 5.10 5.31
CA SER C 305 -39.97 4.84 5.10
C SER C 305 -40.71 6.14 4.83
N THR C 306 -41.68 6.11 3.94
CA THR C 306 -42.60 7.21 3.70
C THR C 306 -44.05 6.76 3.81
N SER C 307 -44.34 5.55 4.27
CA SER C 307 -45.71 5.05 4.42
C SER C 307 -46.48 5.61 5.61
N SER C 308 -45.85 6.46 6.43
CA SER C 308 -46.45 7.00 7.67
C SER C 308 -45.89 8.38 8.01
N GLY C 309 -46.61 9.11 8.86
CA GLY C 309 -46.25 10.45 9.32
C GLY C 309 -46.82 11.57 8.45
N SER C 310 -46.39 12.79 8.70
CA SER C 310 -46.71 13.95 7.87
C SER C 310 -45.94 13.95 6.56
N ALA C 311 -46.48 14.60 5.53
CA ALA C 311 -45.67 15.06 4.43
C ALA C 311 -44.58 16.02 4.93
N GLU C 312 -43.54 16.23 4.12
CA GLU C 312 -42.45 17.16 4.40
C GLU C 312 -41.56 16.81 5.61
N GLU C 313 -41.86 15.77 6.38
CA GLU C 313 -40.87 15.17 7.29
C GLU C 313 -39.72 14.60 6.48
N ALA C 314 -38.52 14.65 7.05
CA ALA C 314 -37.31 14.28 6.36
C ALA C 314 -36.31 13.59 7.29
N ALA C 315 -35.33 12.93 6.68
CA ALA C 315 -34.14 12.46 7.34
C ALA C 315 -32.93 12.79 6.48
N LEU C 316 -31.90 13.35 7.07
CA LEU C 316 -30.60 13.55 6.47
C LEU C 316 -29.70 12.42 6.87
N LEU C 317 -29.15 11.74 5.87
CA LEU C 317 -27.97 10.92 6.01
C LEU C 317 -26.83 11.73 5.44
N GLU C 318 -25.73 11.86 6.15
CA GLU C 318 -24.71 12.85 5.87
C GLU C 318 -23.34 12.19 5.97
N SER C 319 -22.46 12.35 4.99
CA SER C 319 -21.20 11.62 4.99
C SER C 319 -20.25 12.09 6.08
N ARG C 320 -19.13 11.37 6.15
CA ARG C 320 -18.02 11.89 6.99
C ARG C 320 -17.40 12.97 6.10
N ILE C 321 -16.62 13.89 6.67
CA ILE C 321 -15.99 14.97 5.91
C ILE C 321 -15.01 14.40 4.90
N LEU C 322 -14.94 14.99 3.71
CA LEU C 322 -14.20 14.53 2.56
C LEU C 322 -13.34 15.66 2.01
N TYR C 323 -12.12 15.35 1.59
CA TYR C 323 -11.14 16.34 1.14
C TYR C 323 -10.87 16.12 -0.34
N PRO C 324 -11.54 16.85 -1.22
CA PRO C 324 -11.43 16.65 -2.64
C PRO C 324 -10.08 17.12 -3.15
N LYS C 325 -9.38 16.27 -3.89
CA LYS C 325 -8.13 16.56 -4.58
C LYS C 325 -8.34 17.27 -5.92
N ARG C 326 -9.57 17.35 -6.44
CA ARG C 326 -9.92 17.98 -7.73
C ARG C 326 -11.09 18.94 -7.61
N LYS C 327 -11.35 19.74 -8.64
CA LYS C 327 -12.48 20.67 -8.69
C LYS C 327 -13.83 20.02 -8.94
N GLN C 328 -13.86 18.73 -9.29
CA GLN C 328 -15.06 18.02 -9.73
C GLN C 328 -15.09 16.59 -9.19
N GLN C 329 -16.26 16.14 -8.78
CA GLN C 329 -16.51 14.77 -8.37
C GLN C 329 -17.81 14.25 -8.94
N CYS C 330 -17.92 12.96 -9.12
CA CYS C 330 -19.18 12.31 -9.40
C CYS C 330 -19.56 11.47 -8.20
N LEU C 331 -20.69 11.79 -7.59
CA LEU C 331 -21.32 10.91 -6.61
C LEU C 331 -22.25 9.98 -7.35
N GLN C 332 -21.84 8.74 -7.50
CA GLN C 332 -22.69 7.68 -7.97
C GLN C 332 -23.37 7.02 -6.80
N PHE C 333 -24.62 6.60 -6.93
CA PHE C 333 -25.23 5.73 -5.95
C PHE C 333 -26.37 4.93 -6.57
N PHE C 334 -26.85 3.91 -5.89
CA PHE C 334 -28.03 3.17 -6.27
C PHE C 334 -29.15 3.46 -5.31
N TYR C 335 -30.36 3.61 -5.81
CA TYR C 335 -31.51 3.96 -5.00
C TYR C 335 -32.80 3.33 -5.49
N LYS C 336 -33.82 3.25 -4.63
CA LYS C 336 -35.21 2.95 -5.02
C LYS C 336 -36.10 4.05 -4.47
N MET C 337 -37.28 4.23 -5.04
CA MET C 337 -38.30 5.13 -4.51
C MET C 337 -39.68 4.49 -4.66
N THR C 338 -39.97 3.52 -3.81
CA THR C 338 -41.20 2.75 -3.87
C THR C 338 -42.37 3.42 -3.17
N GLY C 339 -42.12 4.54 -2.49
CA GLY C 339 -43.12 5.34 -1.79
C GLY C 339 -43.97 6.19 -2.72
N SER C 340 -44.45 7.35 -2.28
CA SER C 340 -45.30 8.26 -3.06
C SER C 340 -44.56 8.89 -4.24
N PRO C 341 -45.23 9.27 -5.34
CA PRO C 341 -44.64 10.08 -6.39
C PRO C 341 -44.13 11.44 -5.89
N SER C 342 -44.70 11.97 -4.82
CA SER C 342 -44.27 13.23 -4.20
C SER C 342 -43.18 13.05 -3.13
N ASP C 343 -42.70 11.85 -2.85
CA ASP C 343 -41.43 11.72 -2.12
C ASP C 343 -40.28 12.32 -2.93
N ARG C 344 -39.28 12.87 -2.23
CA ARG C 344 -38.11 13.49 -2.93
C ARG C 344 -36.78 13.13 -2.27
N LEU C 345 -35.92 12.39 -2.97
CA LEU C 345 -34.58 12.14 -2.49
C LEU C 345 -33.72 13.28 -2.97
N VAL C 346 -33.35 14.19 -2.08
CA VAL C 346 -32.57 15.37 -2.46
C VAL C 346 -31.15 15.14 -2.02
N VAL C 347 -30.21 15.33 -2.92
CA VAL C 347 -28.80 15.28 -2.61
C VAL C 347 -28.32 16.69 -2.39
N TRP C 348 -27.59 16.89 -1.30
CA TRP C 348 -27.05 18.15 -0.86
C TRP C 348 -25.56 17.98 -0.63
N VAL C 349 -24.81 19.05 -0.77
CA VAL C 349 -23.46 19.16 -0.24
C VAL C 349 -23.52 20.05 0.97
N ARG C 350 -22.86 19.68 2.06
CA ARG C 350 -22.50 20.60 3.14
C ARG C 350 -21.01 20.87 2.97
N ARG C 351 -20.58 22.09 2.70
CA ARG C 351 -19.17 22.41 2.48
C ARG C 351 -18.59 23.35 3.51
N ASP C 352 -17.27 23.40 3.56
CA ASP C 352 -16.50 24.38 4.29
C ASP C 352 -16.95 25.78 3.91
N ASP C 353 -17.40 26.56 4.88
CA ASP C 353 -17.81 27.95 4.66
C ASP C 353 -16.62 28.90 4.56
N SER C 354 -15.42 28.36 4.35
CA SER C 354 -14.09 28.96 4.35
C SER C 354 -13.50 29.31 5.72
N THR C 355 -14.24 29.17 6.81
CA THR C 355 -13.65 29.23 8.15
C THR C 355 -12.87 27.97 8.52
N GLY C 356 -13.03 26.93 7.71
CA GLY C 356 -12.46 25.63 8.08
C GLY C 356 -13.54 24.81 8.76
N ASN C 357 -14.79 25.27 8.69
CA ASN C 357 -15.94 24.53 9.31
C ASN C 357 -16.91 24.13 8.20
N VAL C 358 -17.29 22.87 8.13
CA VAL C 358 -18.20 22.36 7.12
C VAL C 358 -19.63 22.59 7.57
N ARG C 359 -20.29 23.64 7.08
CA ARG C 359 -21.68 23.91 7.52
C ARG C 359 -22.50 24.63 6.45
N LYS C 360 -21.99 24.74 5.22
CA LYS C 360 -22.71 25.53 4.19
C LYS C 360 -23.47 24.56 3.29
N LEU C 361 -24.77 24.40 3.48
CA LEU C 361 -25.59 23.54 2.62
C LEU C 361 -25.58 24.04 1.19
N VAL C 362 -25.71 23.12 0.23
CA VAL C 362 -25.86 23.49 -1.20
C VAL C 362 -26.73 22.39 -1.80
N LYS C 363 -27.96 22.69 -2.21
CA LYS C 363 -28.72 21.64 -2.89
C LYS C 363 -27.99 21.32 -4.19
N VAL C 364 -27.84 20.04 -4.55
CA VAL C 364 -27.18 19.69 -5.82
C VAL C 364 -28.02 18.88 -6.79
N GLN C 365 -28.94 18.02 -6.35
CA GLN C 365 -29.89 17.37 -7.25
C GLN C 365 -31.13 16.82 -6.52
N THR C 366 -32.25 16.63 -7.20
CA THR C 366 -33.42 15.91 -6.66
C THR C 366 -33.79 14.72 -7.53
N PHE C 367 -34.22 13.63 -6.89
CA PHE C 367 -34.73 12.41 -7.51
C PHE C 367 -36.15 12.17 -7.05
N GLN C 368 -37.03 11.69 -7.93
CA GLN C 368 -38.46 11.50 -7.65
C GLN C 368 -38.96 10.16 -8.18
N GLY C 369 -39.98 9.61 -7.54
CA GLY C 369 -40.45 8.26 -7.80
C GLY C 369 -41.10 8.03 -9.17
N ASP C 370 -41.18 6.77 -9.56
CA ASP C 370 -41.74 6.26 -10.82
C ASP C 370 -42.49 4.96 -10.59
N ASP C 371 -43.16 4.44 -11.61
CA ASP C 371 -43.65 3.07 -11.59
C ASP C 371 -42.50 2.05 -11.53
N ASP C 372 -41.30 2.37 -12.00
CA ASP C 372 -40.12 1.54 -11.79
C ASP C 372 -39.64 1.61 -10.35
N HIS C 373 -39.99 0.62 -9.55
CA HIS C 373 -39.58 0.63 -8.13
C HIS C 373 -38.22 -0.08 -7.98
N ASN C 374 -37.66 -0.62 -9.06
CA ASN C 374 -36.41 -1.42 -8.97
C ASN C 374 -35.20 -0.52 -8.68
N TRP C 375 -34.09 -1.07 -8.16
CA TRP C 375 -32.88 -0.31 -7.84
C TRP C 375 -32.42 0.47 -9.04
N LYS C 376 -32.29 1.79 -8.91
CA LYS C 376 -31.96 2.64 -10.06
C LYS C 376 -30.62 3.30 -9.76
N ILE C 377 -29.81 3.52 -10.79
CA ILE C 377 -28.56 4.23 -10.60
C ILE C 377 -28.78 5.74 -10.61
N ALA C 378 -27.90 6.50 -9.97
CA ALA C 378 -27.87 7.94 -10.06
C ALA C 378 -26.44 8.43 -10.06
N HIS C 379 -26.24 9.59 -10.69
CA HIS C 379 -24.97 10.29 -10.68
C HIS C 379 -25.20 11.77 -10.46
N VAL C 380 -24.49 12.36 -9.52
CA VAL C 380 -24.61 13.78 -9.18
C VAL C 380 -23.26 14.42 -9.35
N VAL C 381 -23.14 15.41 -10.23
CA VAL C 381 -21.89 16.15 -10.41
C VAL C 381 -21.76 17.09 -9.23
N LEU C 382 -20.81 16.82 -8.35
CA LEU C 382 -20.36 17.75 -7.34
C LEU C 382 -19.18 18.53 -7.94
N LYS C 383 -18.97 19.76 -7.48
CA LYS C 383 -17.83 20.59 -7.89
C LYS C 383 -17.13 21.16 -6.67
N GLU C 384 -16.67 20.30 -5.78
CA GLU C 384 -16.19 20.71 -4.47
C GLU C 384 -14.69 20.86 -4.48
N GLU C 385 -14.18 22.04 -4.19
CA GLU C 385 -12.74 22.31 -4.15
C GLU C 385 -12.20 22.47 -2.73
N GLN C 386 -13.07 22.36 -1.73
CA GLN C 386 -12.78 22.46 -0.31
C GLN C 386 -13.58 21.41 0.42
N LYS C 387 -13.15 21.05 1.63
CA LYS C 387 -13.69 19.91 2.35
C LYS C 387 -15.18 19.98 2.56
N PHE C 388 -15.88 18.86 2.45
CA PHE C 388 -17.33 18.83 2.36
C PHE C 388 -17.89 17.50 2.85
N ARG C 389 -19.21 17.37 2.75
CA ARG C 389 -19.90 16.10 3.06
C ARG C 389 -21.10 16.01 2.12
N TYR C 390 -21.31 14.88 1.45
CA TYR C 390 -22.50 14.65 0.65
C TYR C 390 -23.62 14.13 1.55
N LEU C 391 -24.82 14.57 1.30
CA LEU C 391 -25.98 14.41 2.15
C LEU C 391 -27.14 13.90 1.32
N PHE C 392 -27.92 12.97 1.86
CA PHE C 392 -29.19 12.56 1.28
C PHE C 392 -30.30 12.95 2.21
N GLN C 393 -31.14 13.88 1.78
CA GLN C 393 -32.39 14.21 2.42
C GLN C 393 -33.46 13.34 1.80
N GLY C 394 -33.88 12.29 2.50
CA GLY C 394 -35.11 11.60 2.14
C GLY C 394 -36.28 12.43 2.65
N THR C 395 -37.23 12.79 1.79
CA THR C 395 -38.36 13.64 2.18
C THR C 395 -39.67 13.00 1.84
N LYS C 396 -40.56 12.89 2.82
CA LYS C 396 -41.90 12.32 2.65
C LYS C 396 -42.77 13.27 1.84
N GLY C 397 -43.63 12.73 1.00
CA GLY C 397 -44.73 13.46 0.38
C GLY C 397 -45.96 12.57 0.35
N ASP C 398 -47.12 13.08 0.72
CA ASP C 398 -48.37 12.30 0.76
C ASP C 398 -48.23 10.89 1.39
N PRO C 399 -47.78 10.72 2.65
CA PRO C 399 -47.58 9.39 3.24
C PRO C 399 -48.79 8.46 3.21
N GLN C 400 -50.00 9.03 3.26
CA GLN C 400 -51.23 8.25 3.08
C GLN C 400 -51.30 7.56 1.71
N ASN C 401 -50.63 8.10 0.69
CA ASN C 401 -50.49 7.50 -0.64
C ASN C 401 -49.10 6.88 -0.87
N SER C 402 -48.46 6.34 0.17
CA SER C 402 -47.19 5.61 0.08
C SER C 402 -47.29 4.26 0.75
N THR C 403 -46.72 3.22 0.12
CA THR C 403 -46.63 1.86 0.68
C THR C 403 -45.17 1.42 0.85
N GLY C 404 -44.24 2.36 0.91
CA GLY C 404 -42.81 2.07 0.86
C GLY C 404 -41.94 3.25 1.22
N GLY C 405 -40.80 3.40 0.55
CA GLY C 405 -39.79 4.36 0.99
C GLY C 405 -38.72 4.69 -0.04
N ILE C 406 -37.70 5.39 0.42
CA ILE C 406 -36.50 5.73 -0.32
C ILE C 406 -35.39 4.85 0.19
N TYR C 407 -34.58 4.29 -0.69
CA TYR C 407 -33.57 3.30 -0.35
C TYR C 407 -32.24 3.75 -0.93
N LEU C 408 -31.13 3.56 -0.23
CA LEU C 408 -29.78 3.82 -0.74
C LEU C 408 -28.86 2.64 -0.50
N ASP C 409 -27.99 2.37 -1.46
CA ASP C 409 -26.90 1.44 -1.30
C ASP C 409 -25.81 1.77 -2.32
N ASP C 410 -24.65 1.11 -2.23
CA ASP C 410 -23.61 1.15 -3.26
C ASP C 410 -23.22 2.55 -3.71
N ILE C 411 -23.03 3.45 -2.75
CA ILE C 411 -22.57 4.79 -3.03
C ILE C 411 -21.10 4.75 -3.40
N THR C 412 -20.69 5.49 -4.42
CA THR C 412 -19.30 5.63 -4.85
C THR C 412 -19.05 7.07 -5.23
N LEU C 413 -17.97 7.66 -4.79
CA LEU C 413 -17.64 9.05 -5.05
C LEU C 413 -16.26 9.12 -5.67
N THR C 414 -16.17 9.51 -6.92
CA THR C 414 -14.92 9.56 -7.65
C THR C 414 -14.65 10.96 -8.14
N GLU C 415 -13.41 11.38 -8.14
CA GLU C 415 -13.04 12.73 -8.51
C GLU C 415 -12.92 12.86 -10.02
N THR C 416 -14.02 12.66 -10.73
CA THR C 416 -14.09 12.56 -12.18
C THR C 416 -15.30 13.30 -12.72
N PRO C 417 -15.38 13.62 -14.01
CA PRO C 417 -16.66 13.86 -14.65
C PRO C 417 -17.60 12.67 -14.42
N CYS C 418 -18.90 12.92 -14.34
CA CYS C 418 -19.86 11.83 -14.37
C CYS C 418 -20.00 11.30 -15.79
N PRO C 419 -20.50 10.07 -15.97
CA PRO C 419 -20.96 9.66 -17.27
C PRO C 419 -22.00 10.65 -17.80
N THR C 420 -21.85 11.04 -19.05
CA THR C 420 -22.66 12.07 -19.71
C THR C 420 -24.11 11.63 -19.84
N GLY C 421 -24.34 10.35 -20.11
CA GLY C 421 -25.65 9.76 -20.19
C GLY C 421 -25.56 8.32 -19.75
N VAL C 422 -26.58 7.82 -19.06
CA VAL C 422 -26.59 6.47 -18.52
C VAL C 422 -27.88 5.78 -18.91
N TRP C 423 -27.78 4.56 -19.40
CA TRP C 423 -28.90 3.75 -19.85
C TRP C 423 -28.96 2.47 -19.06
N THR C 424 -30.08 2.15 -18.43
CA THR C 424 -30.22 0.87 -17.74
C THR C 424 -31.22 0.03 -18.50
N VAL C 425 -30.77 -1.04 -19.12
CA VAL C 425 -31.62 -2.00 -19.78
C VAL C 425 -32.06 -3.03 -18.77
N ARG C 426 -33.34 -2.94 -18.40
CA ARG C 426 -33.90 -3.83 -17.36
C ARG C 426 -34.07 -5.26 -17.87
N ASN C 427 -34.12 -6.21 -16.95
CA ASN C 427 -34.33 -7.63 -17.25
C ASN C 427 -33.47 -8.09 -18.44
N PHE C 428 -32.19 -7.75 -18.46
CA PHE C 428 -31.38 -7.87 -19.65
C PHE C 428 -31.25 -9.32 -20.09
N SER C 429 -31.09 -10.27 -19.19
CA SER C 429 -31.04 -11.68 -19.57
C SER C 429 -32.30 -12.11 -20.32
N GLN C 430 -33.47 -11.71 -19.83
CA GLN C 430 -34.75 -11.95 -20.47
C GLN C 430 -34.86 -11.22 -21.82
N VAL C 431 -34.45 -9.95 -21.90
CA VAL C 431 -34.33 -9.23 -23.17
C VAL C 431 -33.42 -9.96 -24.13
N LEU C 432 -32.31 -10.49 -23.67
CA LEU C 432 -31.34 -11.16 -24.51
C LEU C 432 -31.92 -12.42 -25.12
N GLU C 433 -32.74 -13.18 -24.39
CA GLU C 433 -33.46 -14.31 -24.96
C GLU C 433 -34.53 -13.89 -25.96
N ASN C 434 -35.33 -12.89 -25.60
CA ASN C 434 -36.48 -12.46 -26.40
C ASN C 434 -36.08 -11.72 -27.69
N THR C 435 -34.89 -11.14 -27.72
CA THR C 435 -34.32 -10.46 -28.89
C THR C 435 -34.06 -11.45 -30.02
N SER C 436 -34.67 -11.29 -31.18
CA SER C 436 -34.23 -12.02 -32.39
C SER C 436 -32.94 -11.40 -32.93
N LYS C 437 -32.08 -12.16 -33.62
CA LYS C 437 -30.86 -11.59 -34.22
C LYS C 437 -31.21 -10.43 -35.15
N GLY C 438 -30.54 -9.30 -35.02
CA GLY C 438 -30.87 -8.08 -35.76
C GLY C 438 -31.98 -7.22 -35.16
N ASP C 439 -32.66 -7.65 -34.10
CA ASP C 439 -33.50 -6.76 -33.30
C ASP C 439 -32.62 -5.77 -32.52
N LYS C 440 -33.16 -4.58 -32.30
CA LYS C 440 -32.44 -3.44 -31.74
C LYS C 440 -33.18 -2.76 -30.60
N LEU C 441 -32.41 -2.07 -29.76
CA LEU C 441 -32.83 -1.19 -28.68
C LEU C 441 -32.17 0.17 -28.87
N GLN C 442 -32.84 1.24 -28.50
CA GLN C 442 -32.23 2.57 -28.55
C GLN C 442 -32.42 3.28 -27.22
N SER C 443 -31.33 3.86 -26.73
CA SER C 443 -31.34 4.68 -25.54
C SER C 443 -32.21 5.91 -25.73
N PRO C 444 -32.82 6.44 -24.66
CA PRO C 444 -33.31 7.81 -24.67
C PRO C 444 -32.21 8.79 -25.07
N ARG C 445 -32.59 9.91 -25.69
CA ARG C 445 -31.58 10.91 -26.15
C ARG C 445 -30.91 11.58 -24.95
N PHE C 446 -29.58 11.48 -24.83
CA PHE C 446 -28.87 12.19 -23.75
C PHE C 446 -28.31 13.48 -24.34
N TYR C 447 -27.96 14.46 -23.52
CA TYR C 447 -27.35 15.71 -24.02
C TYR C 447 -25.92 15.83 -23.50
N ASN C 448 -24.97 16.13 -24.38
CA ASN C 448 -23.55 16.24 -23.95
C ASN C 448 -23.30 17.61 -23.32
N SER C 449 -22.10 17.83 -22.79
CA SER C 449 -21.77 19.10 -22.14
C SER C 449 -21.95 20.32 -23.07
N GLU C 450 -21.63 20.16 -24.35
CA GLU C 450 -21.81 21.15 -25.40
C GLU C 450 -23.24 21.18 -25.98
N GLY C 451 -24.19 20.42 -25.44
CA GLY C 451 -25.54 20.36 -25.93
C GLY C 451 -25.78 19.52 -27.19
N TYR C 452 -24.82 18.78 -27.72
CA TYR C 452 -25.09 17.81 -28.79
C TYR C 452 -25.98 16.70 -28.26
N GLY C 453 -27.13 16.52 -28.87
CA GLY C 453 -27.96 15.34 -28.62
C GLY C 453 -27.26 14.08 -29.11
N PHE C 454 -27.33 12.98 -28.39
CA PHE C 454 -26.78 11.70 -28.82
C PHE C 454 -27.48 10.56 -28.12
N GLY C 455 -27.22 9.34 -28.54
CA GLY C 455 -27.78 8.13 -27.95
C GLY C 455 -27.07 6.90 -28.46
N VAL C 456 -27.28 5.75 -27.85
CA VAL C 456 -26.69 4.49 -28.30
C VAL C 456 -27.76 3.52 -28.75
N THR C 457 -27.52 2.89 -29.90
CA THR C 457 -28.19 1.67 -30.32
C THR C 457 -27.51 0.51 -29.65
N LEU C 458 -28.25 -0.44 -29.14
CA LEU C 458 -27.77 -1.72 -28.61
C LEU C 458 -28.53 -2.82 -29.33
N TYR C 459 -27.83 -3.73 -29.98
CA TYR C 459 -28.39 -4.93 -30.57
C TYR C 459 -27.94 -6.08 -29.67
N PRO C 460 -28.80 -6.68 -28.83
CA PRO C 460 -28.32 -7.62 -27.83
C PRO C 460 -27.74 -8.89 -28.43
N ASN C 461 -28.37 -9.39 -29.49
CA ASN C 461 -27.90 -10.51 -30.29
C ASN C 461 -27.36 -9.99 -31.61
N SER C 462 -26.05 -9.80 -31.67
CA SER C 462 -25.34 -9.37 -32.87
C SER C 462 -25.40 -10.45 -33.95
N ARG C 463 -26.08 -10.20 -35.07
CA ARG C 463 -26.11 -11.13 -36.24
C ARG C 463 -24.72 -11.28 -36.87
N GLU C 464 -23.96 -10.20 -36.79
CA GLU C 464 -22.57 -10.04 -37.21
C GLU C 464 -21.65 -10.97 -36.42
N SER C 465 -21.98 -11.24 -35.16
CA SER C 465 -21.17 -11.98 -34.22
C SER C 465 -22.08 -12.75 -33.24
N SER C 466 -22.50 -13.95 -33.64
CA SER C 466 -23.34 -14.82 -32.81
C SER C 466 -22.70 -15.03 -31.42
N GLY C 467 -23.45 -14.78 -30.36
CA GLY C 467 -22.90 -14.81 -28.99
C GLY C 467 -22.26 -13.49 -28.52
N TYR C 468 -22.45 -12.40 -29.24
CA TYR C 468 -21.99 -11.06 -28.87
C TYR C 468 -23.09 -10.04 -28.93
N LEU C 469 -22.81 -8.94 -28.25
CA LEU C 469 -23.64 -7.76 -28.10
C LEU C 469 -23.01 -6.62 -28.92
N ARG C 470 -23.85 -5.87 -29.64
CA ARG C 470 -23.37 -4.75 -30.48
C ARG C 470 -23.83 -3.41 -29.91
N LEU C 471 -22.92 -2.46 -29.68
CA LEU C 471 -23.22 -1.12 -29.20
C LEU C 471 -22.74 -0.09 -30.20
N ALA C 472 -23.60 0.84 -30.58
CA ALA C 472 -23.32 1.79 -31.63
C ALA C 472 -23.93 3.14 -31.28
N PHE C 473 -23.06 4.08 -30.98
CA PHE C 473 -23.36 5.48 -30.77
C PHE C 473 -23.93 6.10 -32.03
N HIS C 474 -24.85 7.03 -31.85
CA HIS C 474 -25.34 7.91 -32.90
C HIS C 474 -25.60 9.29 -32.33
N VAL C 475 -25.51 10.30 -33.17
CA VAL C 475 -25.92 11.65 -32.79
C VAL C 475 -27.44 11.75 -32.97
N CYS C 476 -28.12 12.45 -32.07
CA CYS C 476 -29.55 12.72 -32.17
C CYS C 476 -29.75 14.20 -32.41
N SER C 477 -30.76 14.58 -33.19
CA SER C 477 -31.21 15.96 -33.20
C SER C 477 -31.70 16.35 -31.82
N GLY C 478 -31.53 17.61 -31.44
CA GLY C 478 -32.02 18.14 -30.20
C GLY C 478 -32.19 19.65 -30.23
N GLU C 479 -32.53 20.22 -29.10
CA GLU C 479 -32.90 21.63 -29.00
C GLU C 479 -31.78 22.62 -29.36
N ASN C 480 -30.52 22.18 -29.36
CA ASN C 480 -29.36 23.04 -29.57
C ASN C 480 -28.87 23.07 -31.00
N ASP C 481 -29.29 22.16 -31.88
CA ASP C 481 -28.52 21.80 -33.08
C ASP C 481 -28.16 22.97 -33.96
N ALA C 482 -29.04 23.96 -34.07
CA ALA C 482 -28.86 25.09 -34.95
C ALA C 482 -27.63 25.94 -34.58
N ILE C 483 -27.19 25.93 -33.33
CA ILE C 483 -26.03 26.72 -32.90
C ILE C 483 -24.72 25.94 -32.95
N LEU C 484 -24.79 24.62 -32.95
CA LEU C 484 -23.61 23.76 -32.87
C LEU C 484 -22.92 23.63 -34.22
N GLU C 485 -21.61 23.48 -34.26
CA GLU C 485 -20.92 23.19 -35.53
C GLU C 485 -21.16 21.76 -35.99
N TRP C 486 -21.27 21.57 -37.30
CA TRP C 486 -21.41 20.19 -37.86
C TRP C 486 -20.47 20.08 -39.07
N PRO C 487 -19.78 18.96 -39.34
CA PRO C 487 -19.91 17.73 -38.58
C PRO C 487 -19.31 17.83 -37.16
N VAL C 488 -19.85 17.05 -36.23
CA VAL C 488 -19.38 17.13 -34.82
C VAL C 488 -18.10 16.29 -34.74
N GLU C 489 -17.02 16.78 -35.34
CA GLU C 489 -15.77 15.99 -35.39
C GLU C 489 -14.98 16.20 -34.11
N ASN C 490 -13.95 15.37 -33.88
CA ASN C 490 -13.08 15.54 -32.73
C ASN C 490 -13.76 15.35 -31.39
N ARG C 491 -14.92 14.68 -31.38
CA ARG C 491 -15.65 14.38 -30.12
C ARG C 491 -15.43 12.91 -29.77
N GLN C 492 -14.73 12.62 -28.67
CA GLN C 492 -14.45 11.28 -28.27
C GLN C 492 -15.65 10.70 -27.57
N VAL C 493 -16.23 9.70 -28.21
CA VAL C 493 -17.21 8.80 -27.64
C VAL C 493 -16.47 7.81 -26.78
N ILE C 494 -16.95 7.60 -25.57
CA ILE C 494 -16.52 6.52 -24.70
C ILE C 494 -17.78 5.84 -24.23
N ILE C 495 -18.08 4.68 -24.78
CA ILE C 495 -19.15 3.85 -24.26
C ILE C 495 -18.55 2.97 -23.18
N THR C 496 -19.27 2.68 -22.11
CA THR C 496 -18.77 1.84 -21.03
C THR C 496 -19.88 1.03 -20.45
N ILE C 497 -19.78 -0.29 -20.53
CA ILE C 497 -20.65 -1.17 -19.77
C ILE C 497 -20.14 -1.17 -18.34
N LEU C 498 -20.93 -0.65 -17.41
CA LEU C 498 -20.53 -0.58 -16.03
C LEU C 498 -20.44 -1.98 -15.48
N ASP C 499 -19.31 -2.34 -14.90
CA ASP C 499 -19.23 -3.45 -13.98
C ASP C 499 -19.70 -2.92 -12.63
N GLN C 500 -20.86 -3.37 -12.16
CA GLN C 500 -21.56 -2.81 -11.02
C GLN C 500 -20.95 -3.23 -9.68
N GLU C 501 -19.71 -2.83 -9.42
CA GLU C 501 -19.04 -3.01 -8.13
C GLU C 501 -18.86 -1.65 -7.47
N PRO C 502 -19.21 -1.46 -6.20
CA PRO C 502 -19.15 -0.14 -5.58
C PRO C 502 -17.71 0.32 -5.36
N ASP C 503 -16.81 -0.59 -4.98
CA ASP C 503 -15.40 -0.30 -4.86
C ASP C 503 -14.81 -0.29 -6.25
N VAL C 504 -14.35 0.85 -6.72
CA VAL C 504 -13.86 1.04 -8.08
C VAL C 504 -12.65 0.17 -8.41
N ARG C 505 -11.89 -0.30 -7.41
CA ARG C 505 -10.80 -1.24 -7.64
C ARG C 505 -11.31 -2.65 -7.98
N ASN C 506 -12.54 -2.98 -7.60
CA ASN C 506 -13.20 -4.22 -7.99
C ASN C 506 -13.85 -4.17 -9.38
N ARG C 507 -14.07 -2.98 -9.96
CA ARG C 507 -14.69 -2.85 -11.27
C ARG C 507 -13.72 -3.21 -12.40
N MET C 508 -14.22 -3.90 -13.41
CA MET C 508 -13.57 -4.07 -14.71
C MET C 508 -14.48 -3.60 -15.83
N SER C 509 -14.94 -2.37 -15.79
CA SER C 509 -15.97 -1.93 -16.72
C SER C 509 -15.44 -1.97 -18.14
N SER C 510 -16.11 -2.70 -19.03
CA SER C 510 -15.71 -2.76 -20.43
C SER C 510 -15.92 -1.42 -21.08
N SER C 511 -14.99 -0.93 -21.86
CA SER C 511 -15.10 0.40 -22.43
C SER C 511 -14.40 0.53 -23.77
N MET C 512 -15.10 1.09 -24.75
CA MET C 512 -14.60 1.25 -26.09
C MET C 512 -14.68 2.72 -26.50
N VAL C 513 -13.73 3.14 -27.31
CA VAL C 513 -13.45 4.55 -27.55
C VAL C 513 -13.29 4.80 -29.03
N PHE C 514 -14.01 5.76 -29.57
CA PHE C 514 -13.73 6.29 -30.89
C PHE C 514 -13.94 7.78 -30.92
N THR C 515 -13.38 8.45 -31.91
CA THR C 515 -13.57 9.88 -32.07
C THR C 515 -14.19 10.17 -33.40
N THR C 516 -15.23 10.95 -33.41
CA THR C 516 -15.89 11.37 -34.63
C THR C 516 -14.91 12.02 -35.59
N SER C 517 -15.00 11.68 -36.86
CA SER C 517 -14.03 12.09 -37.86
C SER C 517 -14.65 12.12 -39.25
N LYS C 518 -14.09 12.95 -40.13
CA LYS C 518 -14.45 13.06 -41.55
C LYS C 518 -14.35 11.72 -42.29
N SER C 519 -13.44 10.86 -41.83
CA SER C 519 -13.28 9.46 -42.24
C SER C 519 -14.60 8.67 -42.25
N HIS C 520 -15.53 8.98 -41.36
CA HIS C 520 -16.77 8.23 -41.18
C HIS C 520 -17.82 8.69 -42.18
N THR C 521 -18.19 7.82 -43.11
CA THR C 521 -18.99 8.17 -44.30
C THR C 521 -19.84 6.98 -44.75
N SER C 522 -20.92 7.23 -45.49
CA SER C 522 -21.70 6.16 -46.14
C SER C 522 -22.35 6.60 -47.46
N PRO C 523 -22.46 5.71 -48.47
CA PRO C 523 -23.27 5.93 -49.67
C PRO C 523 -24.74 6.23 -49.35
N ALA C 524 -25.24 5.70 -48.23
CA ALA C 524 -26.58 5.99 -47.71
C ALA C 524 -26.83 7.50 -47.44
N ILE C 525 -25.75 8.28 -47.31
CA ILE C 525 -25.74 9.73 -47.19
C ILE C 525 -24.82 10.37 -48.25
N ASN C 526 -24.80 9.80 -49.47
CA ASN C 526 -23.99 10.26 -50.60
C ASN C 526 -22.49 10.39 -50.30
N ASP C 527 -22.00 9.62 -49.31
CA ASP C 527 -20.65 9.73 -48.76
C ASP C 527 -20.27 11.13 -48.26
N THR C 528 -21.24 11.83 -47.70
CA THR C 528 -21.01 12.88 -46.70
C THR C 528 -20.66 12.27 -45.33
N VAL C 529 -20.15 13.11 -44.42
CA VAL C 529 -19.73 12.70 -43.07
C VAL C 529 -20.92 12.26 -42.23
N ILE C 530 -20.82 11.12 -41.56
CA ILE C 530 -21.88 10.57 -40.70
C ILE C 530 -22.29 11.53 -39.58
N TRP C 531 -21.33 12.28 -39.05
CA TRP C 531 -21.47 13.23 -37.97
C TRP C 531 -21.96 14.62 -38.40
N ASP C 532 -22.50 14.78 -39.59
CA ASP C 532 -23.16 16.03 -39.99
C ASP C 532 -24.52 16.19 -39.28
N ARG C 533 -25.14 17.36 -39.37
CA ARG C 533 -26.38 17.70 -38.67
C ARG C 533 -27.48 16.65 -38.93
N PRO C 534 -27.99 15.93 -37.90
CA PRO C 534 -28.93 14.82 -38.13
C PRO C 534 -30.14 15.17 -39.00
N SER C 535 -30.43 16.46 -39.14
CA SER C 535 -31.54 16.86 -40.03
C SER C 535 -31.21 16.40 -41.46
N ARG C 536 -29.94 16.49 -41.85
CA ARG C 536 -29.57 16.12 -43.24
C ARG C 536 -28.81 14.78 -43.24
N VAL C 537 -28.65 14.06 -42.23
CA VAL C 537 -27.85 12.80 -42.35
C VAL C 537 -28.55 11.66 -41.62
N GLY C 538 -29.47 12.02 -40.62
CA GLY C 538 -30.09 10.89 -39.89
C GLY C 538 -31.47 10.49 -40.38
N THR C 539 -32.03 9.42 -39.81
CA THR C 539 -33.40 9.00 -40.18
C THR C 539 -34.31 9.34 -39.00
N TYR C 540 -35.48 9.95 -39.26
CA TYR C 540 -36.37 10.39 -38.16
C TYR C 540 -36.89 9.17 -37.39
N HIS C 541 -36.92 9.25 -36.06
CA HIS C 541 -37.49 8.15 -35.25
C HIS C 541 -38.69 8.69 -34.46
N THR C 542 -39.85 8.03 -34.58
CA THR C 542 -41.08 8.49 -33.88
C THR C 542 -40.93 8.41 -32.37
N ASP C 543 -40.28 7.37 -31.85
CA ASP C 543 -40.21 7.17 -30.37
C ASP C 543 -39.50 8.35 -29.69
N CYS C 544 -38.38 8.82 -30.25
CA CYS C 544 -37.67 9.98 -29.67
C CYS C 544 -38.16 11.28 -30.31
N ASN C 545 -38.98 11.19 -31.37
CA ASN C 545 -39.41 12.41 -32.10
C ASN C 545 -38.13 13.16 -32.52
N CYS C 546 -37.10 12.43 -32.93
CA CYS C 546 -35.80 13.07 -33.24
C CYS C 546 -35.10 12.36 -34.41
N PHE C 547 -34.21 13.06 -35.12
CA PHE C 547 -33.42 12.43 -36.21
C PHE C 547 -32.18 11.77 -35.61
N ARG C 548 -32.01 10.47 -35.84
CA ARG C 548 -30.82 9.73 -35.30
C ARG C 548 -29.87 9.41 -36.45
N SER C 549 -28.57 9.72 -36.29
CA SER C 549 -27.57 9.47 -37.34
C SER C 549 -27.46 7.99 -37.71
N ILE C 550 -26.74 7.68 -38.81
CA ILE C 550 -26.13 6.36 -38.99
C ILE C 550 -25.31 6.07 -37.74
N ASP C 551 -25.43 4.88 -37.17
CA ASP C 551 -24.84 4.54 -35.88
C ASP C 551 -23.50 3.84 -36.07
N LEU C 552 -22.51 4.17 -35.24
CA LEU C 552 -21.15 3.67 -35.34
C LEU C 552 -20.64 3.22 -33.99
N GLY C 553 -19.77 2.21 -33.98
CA GLY C 553 -19.33 1.51 -32.78
C GLY C 553 -19.06 0.06 -33.12
N TRP C 554 -19.25 -0.83 -32.16
CA TRP C 554 -18.66 -2.16 -32.23
C TRP C 554 -19.69 -3.26 -32.23
N SER C 555 -19.77 -3.99 -33.34
CA SER C 555 -20.22 -5.39 -33.26
C SER C 555 -19.16 -6.11 -32.45
N GLY C 556 -19.55 -7.09 -31.64
CA GLY C 556 -18.58 -7.73 -30.77
C GLY C 556 -18.08 -6.86 -29.62
N PHE C 557 -18.88 -5.88 -29.15
CA PHE C 557 -18.48 -5.04 -28.03
C PHE C 557 -18.15 -5.89 -26.80
N ILE C 558 -19.01 -6.85 -26.48
CA ILE C 558 -18.77 -7.84 -25.44
C ILE C 558 -19.47 -9.14 -25.79
N SER C 559 -18.90 -10.29 -25.43
CA SER C 559 -19.58 -11.57 -25.60
C SER C 559 -20.62 -11.75 -24.50
N HIS C 560 -21.74 -12.37 -24.80
CA HIS C 560 -22.68 -12.83 -23.78
C HIS C 560 -21.99 -13.67 -22.72
N GLN C 561 -21.04 -14.53 -23.10
CA GLN C 561 -20.32 -15.37 -22.15
C GLN C 561 -19.35 -14.56 -21.27
N MET C 562 -19.15 -13.29 -21.62
CA MET C 562 -18.28 -12.39 -20.80
C MET C 562 -19.17 -11.40 -20.03
N LEU C 563 -20.25 -10.93 -20.65
CA LEU C 563 -21.13 -9.94 -20.00
C LEU C 563 -21.76 -10.59 -18.77
N LYS C 564 -22.19 -11.84 -18.90
CA LYS C 564 -22.84 -12.53 -17.75
C LYS C 564 -21.84 -12.65 -16.60
N ARG C 565 -20.59 -13.02 -16.91
CA ARG C 565 -19.56 -13.14 -15.86
C ARG C 565 -19.09 -11.76 -15.41
N ARG C 566 -18.53 -11.65 -14.20
CA ARG C 566 -17.92 -10.38 -13.71
C ARG C 566 -18.98 -9.40 -13.17
N SER C 567 -20.25 -9.78 -13.08
CA SER C 567 -21.28 -8.89 -12.43
C SER C 567 -21.63 -7.66 -13.27
N PHE C 568 -21.36 -7.68 -14.57
CA PHE C 568 -21.81 -6.56 -15.42
C PHE C 568 -23.35 -6.54 -15.43
N LEU C 569 -23.97 -7.71 -15.57
CA LEU C 569 -25.45 -7.82 -15.59
C LEU C 569 -26.09 -7.50 -14.23
N LYS C 570 -25.45 -7.96 -13.15
CA LYS C 570 -25.98 -7.80 -11.76
C LYS C 570 -27.46 -8.19 -11.69
N ASN C 571 -28.33 -7.28 -11.26
CA ASN C 571 -29.77 -7.63 -11.09
C ASN C 571 -30.47 -7.49 -12.46
N ASP C 572 -30.00 -8.25 -13.46
CA ASP C 572 -30.62 -8.22 -14.81
C ASP C 572 -30.71 -6.78 -15.31
N ASP C 573 -29.68 -5.97 -15.09
CA ASP C 573 -29.75 -4.53 -15.49
C ASP C 573 -28.45 -4.13 -16.20
N LEU C 574 -28.46 -4.11 -17.53
CA LEU C 574 -27.21 -3.79 -18.26
C LEU C 574 -27.06 -2.29 -18.20
N ILE C 575 -26.29 -1.76 -17.28
CA ILE C 575 -26.04 -0.32 -17.17
C ILE C 575 -24.91 0.08 -18.09
N ILE C 576 -25.23 0.84 -19.12
CA ILE C 576 -24.29 1.42 -20.07
C ILE C 576 -24.16 2.87 -19.72
N PHE C 577 -22.94 3.32 -19.47
CA PHE C 577 -22.58 4.71 -19.48
C PHE C 577 -22.21 5.11 -20.90
N VAL C 578 -22.36 6.38 -21.21
CA VAL C 578 -21.82 7.00 -22.40
C VAL C 578 -21.19 8.32 -22.01
N ASP C 579 -20.06 8.65 -22.59
CA ASP C 579 -19.51 9.99 -22.66
C ASP C 579 -19.33 10.37 -24.11
N PHE C 580 -19.48 11.65 -24.41
CA PHE C 580 -19.33 12.15 -25.77
C PHE C 580 -18.82 13.56 -25.71
N GLU C 581 -17.52 13.73 -25.65
CA GLU C 581 -16.91 14.98 -25.24
C GLU C 581 -15.91 15.45 -26.27
N ASP C 582 -15.80 16.75 -26.44
CA ASP C 582 -14.82 17.32 -27.36
C ASP C 582 -13.42 16.99 -26.85
N ILE C 583 -12.53 16.64 -27.76
CA ILE C 583 -11.11 16.49 -27.47
C ILE C 583 -10.24 17.33 -28.40
N THR C 584 -10.82 18.27 -29.13
CA THR C 584 -10.06 19.12 -30.06
C THR C 584 -8.91 19.82 -29.38
N HIS C 585 -9.05 20.19 -28.10
CA HIS C 585 -7.99 20.85 -27.35
C HIS C 585 -6.73 20.01 -27.19
N LEU C 586 -6.79 18.71 -27.43
CA LEU C 586 -5.60 17.86 -27.44
C LEU C 586 -4.73 18.10 -28.68
N SER C 587 -5.27 18.70 -29.75
CA SER C 587 -4.54 19.01 -31.00
C SER C 587 -3.40 20.01 -30.81
N ASN D 53 54.88 -43.99 2.25
CA ASN D 53 54.52 -43.70 0.84
C ASN D 53 54.17 -42.21 0.59
N GLY D 54 54.46 -41.24 1.45
CA GLY D 54 54.11 -39.84 1.20
C GLY D 54 55.18 -39.12 0.39
N LEU D 55 54.78 -38.30 -0.57
CA LEU D 55 55.65 -37.40 -1.32
C LEU D 55 56.39 -36.47 -0.37
N ARG D 56 57.73 -36.49 -0.38
CA ARG D 56 58.50 -35.72 0.65
C ARG D 56 58.40 -34.20 0.46
N ASP D 57 58.47 -33.72 -0.78
CA ASP D 57 58.53 -32.27 -1.03
C ASP D 57 57.36 -31.51 -0.37
N PRO D 58 57.59 -30.67 0.65
CA PRO D 58 56.52 -29.97 1.35
C PRO D 58 55.79 -28.97 0.45
N ASN D 59 56.37 -28.53 -0.66
CA ASN D 59 55.68 -27.63 -1.60
C ASN D 59 54.45 -28.29 -2.23
N THR D 60 54.38 -29.62 -2.22
CA THR D 60 53.29 -30.41 -2.79
C THR D 60 52.09 -30.61 -1.86
N ARG D 61 52.17 -30.04 -0.65
CA ARG D 61 51.07 -30.20 0.33
C ARG D 61 49.93 -29.21 0.05
N TRP D 62 48.71 -29.71 -0.19
CA TRP D 62 47.56 -28.82 -0.31
C TRP D 62 47.37 -27.96 0.94
N THR D 63 46.67 -26.84 0.81
CA THR D 63 46.16 -26.07 1.94
C THR D 63 44.64 -26.11 1.91
N PHE D 64 44.01 -26.61 2.96
CA PHE D 64 42.57 -26.90 2.97
C PHE D 64 41.69 -25.65 3.11
N PRO D 65 40.46 -25.68 2.57
CA PRO D 65 39.90 -26.77 1.78
C PRO D 65 40.52 -26.86 0.39
N ILE D 66 40.70 -28.08 -0.11
CA ILE D 66 41.00 -28.31 -1.51
C ILE D 66 39.81 -27.85 -2.33
N PRO D 67 39.96 -26.87 -3.21
CA PRO D 67 38.88 -26.52 -4.10
C PRO D 67 38.74 -27.60 -5.16
N TYR D 68 37.52 -28.03 -5.45
CA TYR D 68 37.21 -29.05 -6.45
C TYR D 68 36.22 -28.60 -7.50
N ILE D 69 36.33 -29.17 -8.70
CA ILE D 69 35.37 -29.05 -9.79
C ILE D 69 34.90 -30.45 -10.13
N LEU D 70 33.61 -30.72 -10.14
CA LEU D 70 33.06 -31.97 -10.69
C LEU D 70 32.66 -31.76 -12.14
N ALA D 71 33.51 -32.13 -13.09
CA ALA D 71 33.22 -31.88 -14.50
C ALA D 71 31.99 -32.65 -14.95
N ASP D 72 31.18 -32.03 -15.81
CA ASP D 72 29.88 -32.59 -16.20
C ASP D 72 29.97 -33.87 -17.01
N ASN D 73 31.14 -34.22 -17.53
CA ASN D 73 31.34 -35.54 -18.12
C ASN D 73 31.24 -36.67 -17.09
N LEU D 74 31.36 -36.41 -15.79
CA LEU D 74 31.01 -37.36 -14.73
C LEU D 74 29.53 -37.72 -14.81
N GLY D 75 29.21 -39.01 -14.72
CA GLY D 75 27.82 -39.42 -14.51
C GLY D 75 27.32 -38.91 -13.16
N LEU D 76 26.00 -38.82 -12.98
CA LEU D 76 25.44 -38.41 -11.69
C LEU D 76 25.98 -39.31 -10.60
N ASN D 77 26.07 -40.62 -10.84
CA ASN D 77 26.56 -41.56 -9.84
C ASN D 77 27.96 -41.23 -9.37
N ALA D 78 28.85 -40.89 -10.28
CA ALA D 78 30.17 -40.46 -9.93
C ALA D 78 30.13 -39.17 -9.12
N LYS D 79 29.37 -38.16 -9.53
CA LYS D 79 29.28 -36.91 -8.75
C LYS D 79 28.86 -37.18 -7.32
N GLY D 80 27.78 -37.91 -7.13
CA GLY D 80 27.32 -38.27 -5.79
C GLY D 80 28.33 -39.11 -5.01
N ALA D 81 28.96 -40.10 -5.64
CA ALA D 81 29.98 -40.91 -5.00
C ALA D 81 31.23 -40.11 -4.62
N ILE D 82 31.56 -39.05 -5.35
CA ILE D 82 32.68 -38.19 -4.98
C ILE D 82 32.29 -37.32 -3.80
N LEU D 83 31.09 -36.74 -3.79
CA LEU D 83 30.64 -36.01 -2.61
C LEU D 83 30.56 -36.91 -1.39
N TYR D 84 30.21 -38.18 -1.55
CA TYR D 84 30.26 -39.14 -0.47
C TYR D 84 31.70 -39.45 -0.04
N ALA D 85 32.64 -39.58 -0.96
CA ALA D 85 34.03 -39.74 -0.60
C ALA D 85 34.53 -38.52 0.18
N PHE D 86 34.21 -37.29 -0.21
CA PHE D 86 34.58 -36.12 0.57
C PHE D 86 34.08 -36.19 2.00
N GLU D 87 32.85 -36.62 2.22
CA GLU D 87 32.35 -36.80 3.57
C GLU D 87 33.22 -37.74 4.39
N MET D 88 33.74 -38.81 3.82
CA MET D 88 34.63 -39.71 4.55
C MET D 88 35.94 -39.05 4.92
N PHE D 89 36.51 -38.23 4.05
CA PHE D 89 37.67 -37.44 4.44
C PHE D 89 37.35 -36.51 5.59
N ARG D 90 36.27 -35.74 5.49
CA ARG D 90 35.90 -34.76 6.56
C ARG D 90 35.55 -35.50 7.87
N LEU D 91 35.13 -36.76 7.78
CA LEU D 91 34.74 -37.54 8.93
C LEU D 91 35.91 -38.25 9.58
N LYS D 92 36.97 -38.53 8.83
CA LYS D 92 38.12 -39.30 9.33
C LYS D 92 39.42 -38.51 9.38
N SER D 93 39.46 -37.28 8.91
CA SER D 93 40.68 -36.49 8.81
C SER D 93 40.38 -35.00 8.81
N CYS D 94 41.41 -34.17 8.92
CA CYS D 94 41.28 -32.73 8.78
C CYS D 94 41.27 -32.24 7.32
N VAL D 95 41.33 -33.15 6.34
CA VAL D 95 41.16 -32.81 4.92
C VAL D 95 39.77 -32.24 4.72
N ASP D 96 39.65 -31.22 3.89
CA ASP D 96 38.37 -30.64 3.54
C ASP D 96 38.38 -30.21 2.09
N PHE D 97 37.19 -30.11 1.53
CA PHE D 97 36.93 -29.85 0.13
C PHE D 97 35.95 -28.70 0.00
N LYS D 98 36.09 -27.87 -1.03
CA LYS D 98 35.12 -26.80 -1.32
C LYS D 98 34.82 -26.73 -2.80
N PRO D 99 33.64 -26.27 -3.22
CA PRO D 99 33.42 -25.92 -4.61
C PRO D 99 34.46 -24.91 -5.09
N TYR D 100 34.87 -25.01 -6.34
CA TYR D 100 35.86 -24.13 -6.94
C TYR D 100 35.33 -22.71 -7.09
N GLU D 101 36.19 -21.73 -6.84
CA GLU D 101 35.88 -20.30 -6.87
C GLU D 101 37.07 -19.50 -7.40
N GLY D 102 37.76 -20.01 -8.43
CA GLY D 102 38.85 -19.31 -9.10
C GLY D 102 40.23 -19.51 -8.47
N GLU D 103 40.41 -20.43 -7.53
CA GLU D 103 41.70 -20.70 -6.90
C GLU D 103 42.78 -21.19 -7.87
N SER D 104 44.04 -20.98 -7.50
CA SER D 104 45.20 -21.25 -8.35
C SER D 104 45.35 -22.74 -8.66
N SER D 105 45.34 -23.61 -7.64
CA SER D 105 45.27 -25.05 -7.82
C SER D 105 44.08 -25.65 -7.10
N TYR D 106 43.57 -26.70 -7.71
CA TYR D 106 42.27 -27.28 -7.50
C TYR D 106 42.27 -28.65 -8.13
N ILE D 107 41.33 -29.50 -7.77
CA ILE D 107 41.15 -30.81 -8.38
C ILE D 107 39.94 -30.75 -9.26
N ILE D 108 40.06 -31.12 -10.51
CA ILE D 108 38.91 -31.34 -11.38
C ILE D 108 38.72 -32.83 -11.59
N PHE D 109 37.59 -33.34 -11.15
CA PHE D 109 37.23 -34.74 -11.28
C PHE D 109 36.51 -34.95 -12.60
N GLN D 110 36.97 -35.89 -13.42
CA GLN D 110 36.47 -36.06 -14.78
C GLN D 110 36.30 -37.53 -15.11
N GLN D 111 35.33 -37.88 -15.93
CA GLN D 111 35.20 -39.23 -16.44
C GLN D 111 36.08 -39.39 -17.67
N PHE D 112 37.36 -39.71 -17.46
CA PHE D 112 38.26 -40.12 -18.54
C PHE D 112 38.53 -41.63 -18.44
N ASP D 113 39.50 -42.13 -19.19
CA ASP D 113 39.81 -43.54 -19.25
C ASP D 113 40.31 -44.05 -17.88
N GLY D 114 39.48 -44.77 -17.15
CA GLY D 114 39.86 -45.43 -15.90
C GLY D 114 40.08 -44.48 -14.73
N CYS D 115 40.86 -44.92 -13.74
CA CYS D 115 41.08 -44.22 -12.49
C CYS D 115 42.54 -43.79 -12.37
N TRP D 116 42.82 -42.51 -12.15
CA TRP D 116 44.19 -42.02 -11.95
C TRP D 116 44.20 -40.62 -11.35
N SER D 117 45.34 -40.22 -10.79
CA SER D 117 45.60 -38.87 -10.33
C SER D 117 47.08 -38.56 -10.38
N GLU D 118 47.46 -37.31 -10.68
CA GLU D 118 48.80 -36.80 -10.36
C GLU D 118 48.94 -36.73 -8.85
N VAL D 119 50.14 -36.94 -8.33
CA VAL D 119 50.36 -37.12 -6.89
C VAL D 119 50.81 -35.80 -6.26
N GLY D 120 50.14 -35.35 -5.21
CA GLY D 120 50.38 -34.05 -4.58
C GLY D 120 49.74 -32.87 -5.31
N ASP D 121 49.74 -31.70 -4.70
CA ASP D 121 49.23 -30.46 -5.28
C ASP D 121 50.08 -30.03 -6.47
N GLN D 122 49.58 -30.14 -7.69
CA GLN D 122 50.18 -29.43 -8.82
C GLN D 122 49.66 -27.98 -8.78
N HIS D 123 50.56 -27.01 -8.69
CA HIS D 123 50.19 -25.64 -8.31
C HIS D 123 49.34 -24.89 -9.35
N VAL D 124 49.13 -25.50 -10.53
CA VAL D 124 48.23 -25.04 -11.60
C VAL D 124 46.85 -25.74 -11.60
N GLY D 125 46.59 -26.61 -10.63
CA GLY D 125 45.42 -27.50 -10.58
C GLY D 125 45.56 -28.72 -11.49
N GLN D 126 44.80 -29.77 -11.21
CA GLN D 126 45.03 -31.09 -11.81
C GLN D 126 43.75 -31.91 -12.00
N ASN D 127 43.81 -32.88 -12.90
CA ASN D 127 42.74 -33.84 -13.11
C ASN D 127 42.76 -34.96 -12.06
N ILE D 128 41.60 -35.56 -11.82
CA ILE D 128 41.45 -36.92 -11.31
C ILE D 128 40.47 -37.62 -12.22
N SER D 129 40.81 -38.81 -12.69
CA SER D 129 39.90 -39.55 -13.54
C SER D 129 39.09 -40.52 -12.72
N ILE D 130 37.79 -40.58 -12.97
CA ILE D 130 36.90 -41.59 -12.42
C ILE D 130 36.05 -42.14 -13.57
N GLY D 131 36.56 -43.18 -14.23
CA GLY D 131 35.93 -43.83 -15.37
C GLY D 131 34.81 -44.82 -15.01
N GLN D 132 34.48 -45.72 -15.94
CA GLN D 132 33.45 -46.74 -15.75
C GLN D 132 33.79 -47.66 -14.58
N GLY D 133 32.83 -47.98 -13.72
CA GLY D 133 33.06 -48.81 -12.52
C GLY D 133 34.01 -48.19 -11.47
N CYS D 134 34.63 -47.05 -11.77
CA CYS D 134 35.58 -46.38 -10.88
C CYS D 134 34.87 -45.64 -9.73
N ALA D 135 33.56 -45.43 -9.83
CA ALA D 135 32.76 -44.61 -8.93
C ALA D 135 32.33 -45.33 -7.64
N TYR D 136 33.26 -45.99 -6.95
CA TYR D 136 33.05 -46.57 -5.61
C TYR D 136 33.86 -45.81 -4.57
N LYS D 137 33.35 -45.68 -3.35
CA LYS D 137 33.94 -44.89 -2.25
C LYS D 137 35.45 -45.10 -2.12
N ALA D 138 35.88 -46.33 -1.95
CA ALA D 138 37.29 -46.64 -1.73
C ALA D 138 38.15 -46.35 -2.96
N ILE D 139 37.62 -46.54 -4.16
CA ILE D 139 38.36 -46.20 -5.37
C ILE D 139 38.53 -44.68 -5.48
N ILE D 140 37.51 -43.92 -5.14
CA ILE D 140 37.62 -42.46 -5.12
C ILE D 140 38.57 -42.00 -4.02
N GLU D 141 38.48 -42.57 -2.83
CA GLU D 141 39.42 -42.30 -1.75
C GLU D 141 40.85 -42.63 -2.16
N HIS D 142 41.07 -43.71 -2.92
CA HIS D 142 42.39 -44.02 -3.44
C HIS D 142 42.92 -42.91 -4.34
N GLU D 143 42.13 -42.43 -5.30
CA GLU D 143 42.59 -41.38 -6.19
C GLU D 143 42.75 -40.02 -5.50
N ILE D 144 41.92 -39.70 -4.53
CA ILE D 144 42.10 -38.49 -3.73
C ILE D 144 43.33 -38.62 -2.84
N LEU D 145 43.65 -39.79 -2.29
CA LEU D 145 44.89 -39.96 -1.57
C LEU D 145 46.10 -39.74 -2.46
N HIS D 146 46.03 -40.08 -3.74
CA HIS D 146 47.10 -39.72 -4.66
C HIS D 146 47.23 -38.21 -4.78
N ALA D 147 46.17 -37.49 -5.09
CA ALA D 147 46.25 -36.04 -5.11
C ALA D 147 46.74 -35.44 -3.80
N LEU D 148 46.37 -35.98 -2.65
CA LEU D 148 46.87 -35.50 -1.36
C LEU D 148 48.36 -35.74 -1.16
N GLY D 149 48.98 -36.63 -1.94
CA GLY D 149 50.42 -36.81 -1.96
C GLY D 149 50.92 -38.21 -1.65
N PHE D 150 50.10 -39.24 -1.70
CA PHE D 150 50.51 -40.61 -1.38
C PHE D 150 50.75 -41.42 -2.65
N TYR D 151 51.83 -42.17 -2.71
CA TYR D 151 52.05 -43.20 -3.72
C TYR D 151 51.46 -44.55 -3.29
N HIS D 152 51.46 -45.54 -4.17
CA HIS D 152 51.03 -46.88 -3.81
C HIS D 152 51.93 -47.51 -2.76
N GLU D 153 51.38 -48.32 -1.89
CA GLU D 153 52.12 -48.84 -0.74
C GLU D 153 53.27 -49.74 -1.18
N GLN D 154 53.07 -50.58 -2.19
CA GLN D 154 54.15 -51.41 -2.72
C GLN D 154 55.24 -50.60 -3.42
N SER D 155 55.05 -49.30 -3.65
CA SER D 155 56.12 -48.43 -4.13
C SER D 155 56.97 -47.83 -3.02
N ARG D 156 56.72 -48.15 -1.76
CA ARG D 156 57.62 -47.83 -0.64
C ARG D 156 59.05 -48.27 -0.93
N THR D 157 60.03 -47.54 -0.40
CA THR D 157 61.45 -47.82 -0.62
C THR D 157 61.83 -49.18 -0.04
N ASP D 158 61.29 -49.51 1.13
CA ASP D 158 61.51 -50.73 1.88
C ASP D 158 60.53 -51.86 1.53
N ARG D 159 59.69 -51.66 0.50
CA ARG D 159 58.61 -52.64 0.18
C ARG D 159 59.14 -54.08 0.09
N ASP D 160 60.33 -54.30 -0.45
CA ASP D 160 60.88 -55.64 -0.66
C ASP D 160 60.90 -56.46 0.64
N ASP D 161 61.00 -55.80 1.79
CA ASP D 161 60.99 -56.45 3.09
C ASP D 161 59.61 -57.05 3.44
N TYR D 162 58.57 -56.65 2.72
CA TYR D 162 57.18 -56.90 3.07
C TYR D 162 56.43 -57.65 1.97
N VAL D 163 56.78 -57.44 0.70
CA VAL D 163 56.12 -58.09 -0.43
C VAL D 163 57.10 -58.69 -1.45
N ASN D 164 56.62 -59.72 -2.13
CA ASN D 164 57.21 -60.28 -3.32
C ASN D 164 56.46 -59.71 -4.53
N ILE D 165 57.17 -59.28 -5.56
CA ILE D 165 56.58 -59.05 -6.87
C ILE D 165 57.01 -60.19 -7.79
N TRP D 166 56.04 -60.89 -8.35
CA TRP D 166 56.29 -61.95 -9.32
C TRP D 166 56.34 -61.39 -10.73
N TRP D 167 57.50 -60.81 -11.05
CA TRP D 167 57.76 -60.07 -12.29
C TRP D 167 57.33 -60.82 -13.55
N ASP D 168 57.55 -62.13 -13.57
CA ASP D 168 57.25 -63.01 -14.70
C ASP D 168 55.74 -63.11 -14.99
N GLN D 169 54.90 -62.85 -14.00
CA GLN D 169 53.45 -62.84 -14.10
C GLN D 169 52.86 -61.45 -14.39
N ILE D 170 53.63 -60.36 -14.27
CA ILE D 170 53.15 -59.04 -14.68
C ILE D 170 52.96 -59.03 -16.20
N LEU D 171 51.88 -58.45 -16.69
CA LEU D 171 51.70 -58.16 -18.11
C LEU D 171 52.93 -57.44 -18.72
N SER D 172 53.29 -57.75 -19.96
CA SER D 172 54.37 -57.03 -20.65
C SER D 172 53.95 -55.60 -21.00
N GLY D 173 54.73 -54.60 -20.61
CA GLY D 173 54.40 -53.18 -20.73
C GLY D 173 53.75 -52.56 -19.49
N TYR D 174 53.88 -53.20 -18.32
CA TYR D 174 53.31 -52.76 -17.04
C TYR D 174 54.34 -52.80 -15.89
N GLN D 175 55.58 -53.17 -16.17
CA GLN D 175 56.63 -53.39 -15.18
C GLN D 175 56.86 -52.14 -14.32
N HIS D 176 56.87 -50.97 -14.97
CA HIS D 176 57.03 -49.71 -14.28
C HIS D 176 55.87 -49.34 -13.34
N ASN D 177 54.71 -49.98 -13.47
CA ASN D 177 53.59 -49.79 -12.56
C ASN D 177 53.85 -50.39 -11.16
N PHE D 178 54.94 -51.16 -11.03
CA PHE D 178 55.45 -51.74 -9.78
C PHE D 178 56.80 -51.16 -9.36
N ASP D 179 57.18 -50.01 -9.90
CA ASP D 179 58.37 -49.30 -9.46
C ASP D 179 58.27 -48.87 -8.00
N THR D 180 59.42 -48.86 -7.34
CA THR D 180 59.64 -48.38 -5.99
C THR D 180 60.50 -47.14 -6.05
N TYR D 181 60.25 -46.19 -5.16
CA TYR D 181 60.94 -44.90 -5.17
C TYR D 181 61.85 -44.77 -3.95
N ASP D 182 62.95 -44.03 -4.12
CA ASP D 182 63.91 -43.84 -3.03
C ASP D 182 63.35 -42.94 -1.92
N ASP D 183 64.03 -42.92 -0.79
CA ASP D 183 63.66 -42.07 0.34
C ASP D 183 63.95 -40.58 0.10
N SER D 184 64.40 -40.23 -1.11
CA SER D 184 64.52 -38.79 -1.41
C SER D 184 63.15 -38.37 -1.91
N LEU D 185 62.59 -39.13 -2.85
CA LEU D 185 61.23 -38.84 -3.38
C LEU D 185 60.16 -39.07 -2.30
N ILE D 186 60.30 -40.13 -1.50
CA ILE D 186 59.17 -40.45 -0.56
C ILE D 186 59.53 -40.35 0.92
N THR D 187 58.56 -40.60 1.79
CA THR D 187 58.66 -40.55 3.25
C THR D 187 57.79 -41.65 3.83
N ASP D 188 58.29 -42.45 4.75
CA ASP D 188 57.47 -43.41 5.50
C ASP D 188 56.59 -42.76 6.58
N LEU D 189 56.80 -41.47 6.85
CA LEU D 189 56.20 -40.71 7.94
C LEU D 189 56.43 -41.40 9.29
N ASN D 190 57.52 -42.14 9.36
CA ASN D 190 57.93 -43.05 10.42
C ASN D 190 56.83 -44.07 10.79
N THR D 191 56.17 -44.64 9.78
CA THR D 191 55.16 -45.68 9.93
C THR D 191 55.59 -46.99 9.28
N PRO D 192 55.18 -48.14 9.82
CA PRO D 192 55.46 -49.43 9.21
C PRO D 192 54.82 -49.56 7.84
N TYR D 193 55.27 -50.54 7.06
CA TYR D 193 54.57 -50.92 5.84
C TYR D 193 53.19 -51.45 6.19
N ASP D 194 52.14 -50.97 5.53
CA ASP D 194 50.78 -51.39 5.82
C ASP D 194 50.14 -52.21 4.70
N TYR D 195 50.08 -53.51 4.91
CA TYR D 195 49.36 -54.40 4.03
C TYR D 195 47.88 -54.04 3.86
N GLU D 196 47.24 -53.56 4.90
CA GLU D 196 45.84 -53.14 4.88
C GLU D 196 45.64 -51.79 4.20
N SER D 197 46.69 -51.12 3.74
CA SER D 197 46.58 -49.78 3.17
C SER D 197 45.70 -49.79 1.94
N LEU D 198 44.84 -48.78 1.84
CA LEU D 198 44.05 -48.50 0.67
C LEU D 198 44.93 -48.21 -0.55
N MET D 199 46.15 -47.75 -0.34
CA MET D 199 47.11 -47.46 -1.41
C MET D 199 47.86 -48.71 -1.86
N HIS D 200 47.56 -49.86 -1.26
CA HIS D 200 48.23 -51.14 -1.62
C HIS D 200 47.54 -51.76 -2.84
N TYR D 201 48.29 -52.43 -3.72
CA TYR D 201 47.71 -53.14 -4.89
C TYR D 201 47.10 -54.47 -4.45
N GLN D 202 46.01 -54.90 -5.10
CA GLN D 202 45.42 -56.23 -4.80
C GLN D 202 46.34 -57.31 -5.41
N PRO D 203 46.40 -58.55 -4.90
CA PRO D 203 47.36 -59.56 -5.39
C PRO D 203 47.32 -59.82 -6.90
N PHE D 204 46.14 -59.81 -7.52
CA PHE D 204 45.98 -60.17 -8.93
C PHE D 204 46.04 -58.95 -9.84
N SER D 205 46.59 -57.86 -9.33
CA SER D 205 46.78 -56.62 -10.08
C SER D 205 47.70 -56.82 -11.29
N PHE D 206 47.28 -56.37 -12.48
CA PHE D 206 48.08 -56.39 -13.73
C PHE D 206 48.68 -57.75 -14.11
N ASN D 207 48.08 -58.86 -13.71
CA ASN D 207 48.58 -60.19 -14.02
C ASN D 207 48.30 -60.63 -15.47
N LYS D 208 49.18 -61.49 -16.00
CA LYS D 208 49.03 -62.21 -17.29
C LYS D 208 47.96 -63.29 -17.23
N ASN D 209 48.13 -64.19 -16.27
CA ASN D 209 47.30 -65.35 -16.05
C ASN D 209 46.42 -65.02 -14.87
N ALA D 210 45.12 -64.87 -15.13
CA ALA D 210 44.15 -64.41 -14.15
C ALA D 210 44.10 -65.27 -12.87
N SER D 211 44.48 -66.55 -12.98
CA SER D 211 44.56 -67.48 -11.84
C SER D 211 45.68 -67.12 -10.85
N VAL D 212 46.71 -66.38 -11.28
CA VAL D 212 48.00 -66.28 -10.58
C VAL D 212 48.26 -64.86 -10.04
N PRO D 213 48.59 -64.68 -8.76
CA PRO D 213 48.83 -63.37 -8.18
C PRO D 213 50.15 -62.78 -8.67
N THR D 214 50.13 -61.49 -8.98
CA THR D 214 51.31 -60.66 -9.23
C THR D 214 52.08 -60.33 -7.98
N ILE D 215 51.40 -59.95 -6.90
CA ILE D 215 52.01 -59.42 -5.68
C ILE D 215 51.51 -60.17 -4.46
N THR D 216 52.42 -60.56 -3.59
CA THR D 216 52.09 -61.30 -2.37
C THR D 216 52.89 -60.76 -1.19
N ALA D 217 52.28 -60.71 -0.02
CA ALA D 217 52.96 -60.42 1.22
C ALA D 217 53.86 -61.59 1.58
N LYS D 218 55.05 -61.29 2.09
CA LYS D 218 55.96 -62.30 2.62
C LYS D 218 55.35 -63.05 3.80
N ILE D 219 54.70 -62.35 4.73
CA ILE D 219 53.80 -62.95 5.71
C ILE D 219 52.53 -63.38 4.96
N PRO D 220 52.31 -64.68 4.70
CA PRO D 220 51.40 -65.09 3.64
C PRO D 220 49.92 -64.84 4.00
N GLU D 221 49.64 -64.75 5.30
CA GLU D 221 48.25 -64.51 5.78
C GLU D 221 47.74 -63.18 5.24
N PHE D 222 48.61 -62.19 5.17
CA PHE D 222 48.17 -60.83 4.74
C PHE D 222 47.75 -60.82 3.27
N ASN D 223 48.08 -61.87 2.51
CA ASN D 223 47.79 -61.81 1.05
C ASN D 223 46.29 -61.59 0.85
N SER D 224 45.44 -62.26 1.63
CA SER D 224 43.98 -62.02 1.52
C SER D 224 43.68 -60.57 1.89
N ILE D 225 44.32 -60.06 2.95
CA ILE D 225 44.06 -58.68 3.43
C ILE D 225 44.54 -57.60 2.44
N ILE D 226 45.65 -57.82 1.74
CA ILE D 226 46.23 -56.72 0.90
C ILE D 226 45.26 -56.29 -0.20
N GLY D 227 45.33 -55.01 -0.56
CA GLY D 227 44.46 -54.48 -1.62
C GLY D 227 43.01 -54.39 -1.17
N GLN D 228 42.79 -54.08 0.12
CA GLN D 228 41.41 -53.92 0.61
C GLN D 228 40.78 -52.70 -0.04
N ARG D 229 39.49 -52.76 -0.33
CA ARG D 229 38.77 -51.60 -0.88
C ARG D 229 37.65 -51.22 0.10
N LEU D 230 37.77 -51.46 1.36
CA LEU D 230 36.72 -51.03 2.31
C LEU D 230 36.80 -49.52 2.43
N ASP D 231 38.03 -48.97 2.64
CA ASP D 231 38.23 -47.49 2.79
C ASP D 231 39.65 -47.22 3.30
N PHE D 232 39.89 -46.04 3.88
CA PHE D 232 41.23 -45.69 4.43
C PHE D 232 41.56 -46.65 5.58
N SER D 233 42.83 -47.04 5.70
CA SER D 233 43.24 -47.89 6.85
C SER D 233 43.63 -46.97 8.00
N ALA D 234 43.80 -47.53 9.20
CA ALA D 234 44.23 -46.71 10.35
C ALA D 234 45.56 -46.04 9.99
N ILE D 235 46.47 -46.80 9.38
CA ILE D 235 47.82 -46.26 9.06
C ILE D 235 47.64 -45.16 8.02
N ASP D 236 46.76 -45.38 7.05
CA ASP D 236 46.61 -44.36 5.98
C ASP D 236 46.14 -43.06 6.61
N LEU D 237 45.17 -43.15 7.52
CA LEU D 237 44.69 -41.93 8.21
C LEU D 237 45.83 -41.36 9.04
N GLU D 238 46.61 -42.22 9.70
CA GLU D 238 47.72 -41.75 10.56
C GLU D 238 48.77 -41.05 9.69
N ARG D 239 49.08 -41.63 8.53
CA ARG D 239 50.05 -41.00 7.59
C ARG D 239 49.47 -39.69 7.08
N LEU D 240 48.17 -39.67 6.78
CA LEU D 240 47.50 -38.45 6.28
C LEU D 240 47.58 -37.41 7.40
N ASN D 241 47.35 -37.84 8.63
CA ASN D 241 47.35 -36.87 9.75
C ASN D 241 48.74 -36.24 9.84
N ARG D 242 49.79 -37.07 9.78
CA ARG D 242 51.17 -36.56 9.93
C ARG D 242 51.49 -35.62 8.77
N MET D 243 51.10 -36.00 7.55
CA MET D 243 51.42 -35.18 6.35
C MET D 243 50.73 -33.82 6.45
N TYR D 244 49.47 -33.79 6.86
CA TYR D 244 48.72 -32.51 6.86
C TYR D 244 48.55 -31.94 8.27
N ASN D 245 49.39 -32.41 9.21
CA ASN D 245 49.35 -31.87 10.60
C ASN D 245 47.92 -31.95 11.12
N CYS D 246 47.16 -32.95 10.67
CA CYS D 246 45.78 -33.15 11.18
C CYS D 246 45.86 -33.54 12.64
N THR D 247 44.95 -33.01 13.46
CA THR D 247 44.90 -33.42 14.87
C THR D 247 43.50 -33.99 15.13
N THR D 248 42.47 -33.39 14.51
CA THR D 248 41.10 -33.95 14.65
C THR D 248 40.30 -33.89 13.34
N THR D 249 39.17 -34.57 13.32
CA THR D 249 38.31 -34.63 12.12
C THR D 249 37.40 -33.39 12.10
N HIS D 250 36.71 -33.11 11.00
CA HIS D 250 35.77 -31.96 10.96
C HIS D 250 34.36 -32.34 11.39
N THR D 251 33.95 -33.60 11.19
CA THR D 251 32.59 -34.04 11.42
C THR D 251 32.45 -35.23 12.35
N LEU D 252 33.48 -35.63 13.08
CA LEU D 252 33.36 -36.44 14.28
C LEU D 252 33.24 -35.46 15.45
N LEU D 253 32.04 -35.26 15.95
CA LEU D 253 31.76 -34.23 16.95
C LEU D 253 31.94 -34.78 18.36
N ASP D 254 31.60 -36.03 18.61
CA ASP D 254 31.83 -36.69 19.87
C ASP D 254 31.79 -38.20 19.69
N HIS D 255 32.40 -38.96 20.58
CA HIS D 255 32.13 -40.40 20.70
C HIS D 255 32.41 -40.87 22.11
N CYS D 256 31.73 -41.92 22.54
CA CYS D 256 31.87 -42.39 23.89
C CYS D 256 31.51 -43.87 24.07
N THR D 257 32.51 -44.63 24.54
CA THR D 257 32.34 -46.08 24.81
C THR D 257 32.37 -46.27 26.33
N PHE D 258 32.59 -45.19 27.10
CA PHE D 258 32.61 -45.23 28.59
C PHE D 258 33.82 -45.97 29.16
N GLU D 259 34.77 -46.40 28.31
CA GLU D 259 35.90 -47.22 28.83
C GLU D 259 36.66 -46.43 29.90
N LYS D 260 36.67 -45.09 29.81
CA LYS D 260 37.33 -44.26 30.82
C LYS D 260 36.38 -43.97 31.98
N ALA D 261 36.88 -43.96 33.22
CA ALA D 261 36.06 -43.73 34.41
C ALA D 261 35.38 -42.36 34.44
N ASN D 262 35.90 -41.34 33.76
CA ASN D 262 35.26 -40.03 33.64
C ASN D 262 34.02 -40.03 32.72
N ILE D 263 33.60 -41.19 32.22
CA ILE D 263 32.47 -41.39 31.30
C ILE D 263 32.44 -40.35 30.20
N CYS D 264 33.58 -40.15 29.54
CA CYS D 264 33.69 -39.23 28.41
C CYS D 264 33.23 -37.80 28.76
N GLY D 265 33.39 -37.37 30.00
CA GLY D 265 32.94 -36.07 30.46
C GLY D 265 31.42 -35.92 30.60
N MET D 266 30.64 -36.99 30.45
CA MET D 266 29.20 -36.96 30.68
C MET D 266 28.87 -36.71 32.14
N ILE D 267 27.73 -36.09 32.37
CA ILE D 267 27.28 -35.64 33.69
C ILE D 267 25.88 -36.17 33.94
N GLN D 268 25.55 -36.43 35.19
CA GLN D 268 24.25 -36.94 35.55
C GLN D 268 23.37 -35.82 36.09
N GLY D 269 22.10 -35.85 35.75
CA GLY D 269 21.14 -34.88 36.28
C GLY D 269 21.05 -34.90 37.80
N THR D 270 20.73 -33.75 38.39
CA THR D 270 20.21 -33.62 39.76
C THR D 270 18.71 -33.29 39.78
N ARG D 271 18.17 -32.68 38.72
CA ARG D 271 16.73 -32.43 38.51
C ARG D 271 16.04 -33.66 37.90
N ASP D 272 16.24 -34.79 38.56
CA ASP D 272 15.74 -36.13 38.26
C ASP D 272 15.71 -36.95 39.55
N ASP D 273 15.10 -38.13 39.55
CA ASP D 273 15.01 -38.96 40.76
C ASP D 273 16.30 -39.77 41.04
N THR D 274 16.94 -40.30 40.00
CA THR D 274 17.98 -41.34 40.11
C THR D 274 19.13 -41.11 39.13
N ASP D 275 20.15 -41.97 39.17
CA ASP D 275 21.30 -41.96 38.28
C ASP D 275 21.43 -43.26 37.50
N TRP D 276 21.99 -43.18 36.30
CA TRP D 276 22.54 -44.32 35.59
C TRP D 276 23.75 -44.87 36.35
N ALA D 277 23.87 -46.17 36.53
CA ALA D 277 25.14 -46.75 36.93
C ALA D 277 26.14 -46.66 35.77
N HIS D 278 27.43 -46.48 36.04
CA HIS D 278 28.51 -46.79 35.10
C HIS D 278 28.93 -48.24 35.30
N GLN D 279 28.27 -49.17 34.62
CA GLN D 279 28.29 -50.58 34.96
C GLN D 279 29.44 -51.34 34.29
N ASP D 280 29.97 -52.32 35.03
CA ASP D 280 31.34 -52.83 34.93
C ASP D 280 31.51 -54.17 34.19
N SER D 281 30.47 -54.65 33.50
CA SER D 281 30.53 -55.92 32.75
C SER D 281 30.91 -57.15 33.60
N ALA D 282 30.65 -57.14 34.90
CA ALA D 282 30.89 -58.27 35.80
C ALA D 282 29.91 -59.42 35.54
N GLU D 286 26.36 -60.73 31.88
CA GLU D 286 25.88 -59.40 31.48
C GLU D 286 27.06 -58.48 31.14
N VAL D 287 27.20 -58.14 29.84
CA VAL D 287 28.44 -57.41 29.40
C VAL D 287 28.14 -56.12 28.64
N ASP D 288 29.20 -55.45 28.18
CA ASP D 288 29.08 -54.17 27.42
C ASP D 288 28.98 -54.46 25.93
N HIS D 289 29.09 -53.42 25.10
CA HIS D 289 29.08 -53.63 23.63
C HIS D 289 30.46 -53.34 23.06
N THR D 290 31.30 -52.58 23.76
CA THR D 290 32.59 -52.29 23.12
C THR D 290 33.51 -53.48 23.11
N LEU D 291 33.48 -54.33 24.12
CA LEU D 291 34.36 -55.47 24.27
C LEU D 291 33.59 -56.78 24.33
N LEU D 292 32.28 -56.76 24.57
CA LEU D 292 31.46 -57.96 24.74
C LEU D 292 32.00 -58.90 25.84
N GLY D 293 32.79 -58.31 26.74
CA GLY D 293 33.40 -59.11 27.82
C GLY D 293 34.68 -59.81 27.38
N GLN D 294 35.26 -59.42 26.24
CA GLN D 294 36.54 -60.01 25.80
C GLN D 294 37.65 -59.67 26.81
N CYS D 295 37.65 -58.45 27.35
CA CYS D 295 38.75 -58.03 28.25
C CYS D 295 38.19 -57.96 29.67
N THR D 296 38.95 -58.59 30.63
CA THR D 296 38.46 -58.65 32.02
C THR D 296 38.62 -57.31 32.74
N GLY D 297 37.49 -56.78 33.32
CA GLY D 297 37.61 -55.54 34.10
C GLY D 297 37.55 -54.25 33.30
N ALA D 298 37.37 -54.32 31.98
CA ALA D 298 37.42 -53.05 31.20
C ALA D 298 36.12 -52.80 30.42
N GLY D 299 35.17 -53.73 30.47
CA GLY D 299 33.88 -53.54 29.78
C GLY D 299 33.03 -52.53 30.53
N TYR D 300 32.70 -51.40 29.89
CA TYR D 300 31.94 -50.34 30.59
C TYR D 300 30.73 -49.90 29.78
N PHE D 301 29.60 -49.69 30.44
CA PHE D 301 28.35 -49.27 29.76
C PHE D 301 27.42 -48.64 30.79
N MET D 302 26.64 -47.63 30.40
CA MET D 302 25.73 -47.02 31.36
C MET D 302 24.51 -47.92 31.49
N GLN D 303 24.02 -48.15 32.69
CA GLN D 303 22.86 -49.00 32.94
C GLN D 303 21.93 -48.30 33.87
N PHE D 304 20.65 -48.27 33.55
CA PHE D 304 19.59 -47.73 34.39
C PHE D 304 18.61 -48.87 34.71
N SER D 305 18.64 -49.40 35.93
CA SER D 305 17.76 -50.51 36.29
C SER D 305 16.33 -50.02 36.46
N THR D 306 15.39 -50.75 35.90
CA THR D 306 13.96 -50.48 36.01
C THR D 306 13.23 -51.55 36.78
N SER D 307 13.90 -52.55 37.34
CA SER D 307 13.23 -53.60 38.12
C SER D 307 12.77 -53.18 39.53
N SER D 308 13.10 -51.96 39.99
CA SER D 308 12.86 -51.49 41.36
C SER D 308 12.51 -50.01 41.43
N GLY D 309 11.91 -49.57 42.54
CA GLY D 309 11.36 -48.22 42.71
C GLY D 309 9.95 -48.06 42.11
N SER D 310 9.42 -46.84 42.09
CA SER D 310 8.18 -46.52 41.40
C SER D 310 8.37 -46.46 39.88
N ALA D 311 7.26 -46.45 39.17
CA ALA D 311 7.34 -46.20 37.71
C ALA D 311 7.39 -44.68 37.56
N GLU D 312 7.81 -44.18 36.40
CA GLU D 312 7.91 -42.72 36.11
C GLU D 312 9.17 -42.17 36.78
N GLU D 313 9.92 -43.02 37.47
CA GLU D 313 11.21 -42.59 38.05
C GLU D 313 12.19 -42.49 36.89
N ALA D 314 13.11 -41.52 36.92
CA ALA D 314 13.96 -41.32 35.77
C ALA D 314 15.38 -40.88 36.14
N ALA D 315 16.27 -40.99 35.17
CA ALA D 315 17.62 -40.45 35.25
C ALA D 315 18.00 -39.81 33.94
N LEU D 316 18.61 -38.64 33.99
CA LEU D 316 19.27 -38.03 32.87
C LEU D 316 20.75 -38.35 32.94
N LEU D 317 21.28 -38.78 31.81
CA LEU D 317 22.68 -38.70 31.48
C LEU D 317 22.83 -37.65 30.41
N GLU D 318 23.71 -36.68 30.55
CA GLU D 318 23.92 -35.60 29.58
C GLU D 318 25.34 -35.58 29.06
N SER D 319 25.53 -35.32 27.77
CA SER D 319 26.87 -35.19 27.20
C SER D 319 27.65 -34.00 27.74
N ARG D 320 28.92 -33.89 27.38
CA ARG D 320 29.61 -32.61 27.39
C ARG D 320 28.86 -31.58 26.54
N ILE D 321 29.15 -30.29 26.68
CA ILE D 321 28.62 -29.28 25.78
C ILE D 321 29.41 -29.34 24.48
N LEU D 322 28.71 -29.41 23.36
CA LEU D 322 29.28 -29.69 22.04
C LEU D 322 28.93 -28.60 21.05
N TYR D 323 29.85 -28.28 20.15
CA TYR D 323 29.79 -27.07 19.34
C TYR D 323 29.62 -27.45 17.87
N PRO D 324 28.39 -27.66 17.39
CA PRO D 324 28.18 -28.22 16.07
C PRO D 324 28.73 -27.31 14.98
N LYS D 325 29.50 -27.87 14.08
CA LYS D 325 30.07 -27.22 12.89
C LYS D 325 29.16 -27.26 11.67
N ARG D 326 28.09 -28.06 11.70
CA ARG D 326 27.08 -28.17 10.62
C ARG D 326 25.68 -28.15 11.20
N LYS D 327 24.66 -27.99 10.36
CA LYS D 327 23.26 -27.88 10.82
C LYS D 327 22.65 -29.18 11.31
N GLN D 328 23.23 -30.31 10.94
CA GLN D 328 22.66 -31.63 11.17
C GLN D 328 23.71 -32.58 11.70
N GLN D 329 23.34 -33.40 12.66
CA GLN D 329 24.19 -34.42 13.24
C GLN D 329 23.42 -35.72 13.36
N CYS D 330 24.12 -36.82 13.47
CA CYS D 330 23.55 -38.11 13.77
C CYS D 330 24.13 -38.63 15.06
N LEU D 331 23.29 -38.84 16.06
CA LEU D 331 23.66 -39.49 17.29
C LEU D 331 23.39 -40.98 17.12
N GLN D 332 24.41 -41.73 16.79
CA GLN D 332 24.40 -43.17 16.86
C GLN D 332 24.67 -43.64 18.28
N PHE D 333 24.08 -44.73 18.71
CA PHE D 333 24.50 -45.43 19.92
C PHE D 333 24.05 -46.88 19.89
N PHE D 334 24.53 -47.68 20.82
CA PHE D 334 24.02 -49.03 21.03
C PHE D 334 23.33 -49.08 22.38
N TYR D 335 22.21 -49.78 22.46
CA TYR D 335 21.39 -49.81 23.66
C TYR D 335 20.70 -51.15 23.87
N LYS D 336 20.27 -51.44 25.08
CA LYS D 336 19.38 -52.57 25.39
C LYS D 336 18.24 -52.09 26.26
N MET D 337 17.09 -52.72 26.16
CA MET D 337 15.92 -52.40 26.99
C MET D 337 15.32 -53.68 27.56
N THR D 338 16.14 -54.42 28.29
CA THR D 338 15.77 -55.70 28.89
C THR D 338 14.64 -55.58 29.92
N GLY D 339 14.32 -54.37 30.38
CA GLY D 339 13.27 -54.10 31.36
C GLY D 339 11.85 -54.20 30.84
N SER D 340 10.92 -53.48 31.45
CA SER D 340 9.50 -53.51 31.10
C SER D 340 9.26 -52.98 29.69
N PRO D 341 8.23 -53.43 28.97
CA PRO D 341 7.80 -52.81 27.73
C PRO D 341 7.48 -51.33 27.87
N SER D 342 6.98 -50.91 29.04
CA SER D 342 6.61 -49.52 29.30
C SER D 342 7.79 -48.65 29.74
N ASP D 343 9.00 -49.23 29.79
CA ASP D 343 10.20 -48.40 30.06
C ASP D 343 10.46 -47.54 28.83
N ARG D 344 10.98 -46.32 28.97
CA ARG D 344 11.15 -45.47 27.77
C ARG D 344 12.55 -44.86 27.74
N LEU D 345 13.32 -45.10 26.69
CA LEU D 345 14.68 -44.50 26.53
C LEU D 345 14.46 -43.27 25.66
N VAL D 346 14.51 -42.07 26.24
CA VAL D 346 14.15 -40.89 25.48
C VAL D 346 15.40 -40.07 25.26
N VAL D 347 15.75 -39.82 24.02
CA VAL D 347 16.84 -38.93 23.69
C VAL D 347 16.32 -37.52 23.66
N TRP D 348 17.04 -36.63 24.29
CA TRP D 348 16.74 -35.22 24.36
C TRP D 348 17.95 -34.45 23.91
N VAL D 349 17.73 -33.19 23.60
CA VAL D 349 18.78 -32.21 23.44
C VAL D 349 18.56 -31.12 24.46
N ARG D 350 19.58 -30.76 25.23
CA ARG D 350 19.62 -29.52 26.00
C ARG D 350 20.43 -28.55 25.17
N ARG D 351 19.76 -27.70 24.41
CA ARG D 351 20.47 -26.79 23.48
C ARG D 351 20.64 -25.43 24.13
N ASP D 352 21.40 -24.55 23.47
CA ASP D 352 21.58 -23.18 23.99
C ASP D 352 20.23 -22.47 23.93
N ASP D 353 19.89 -21.71 24.96
CA ASP D 353 18.61 -20.95 24.98
C ASP D 353 18.83 -19.62 24.27
N SER D 354 19.92 -19.49 23.50
CA SER D 354 20.24 -18.27 22.72
C SER D 354 20.87 -17.18 23.60
N THR D 355 21.14 -17.46 24.87
CA THR D 355 21.86 -16.48 25.74
C THR D 355 23.20 -17.08 26.14
N GLY D 356 23.61 -18.14 25.45
CA GLY D 356 24.89 -18.81 25.74
C GLY D 356 24.76 -19.80 26.88
N ASN D 357 23.53 -20.03 27.35
CA ASN D 357 23.30 -20.97 28.47
C ASN D 357 22.66 -22.23 27.90
N VAL D 358 23.32 -23.38 28.07
CA VAL D 358 22.81 -24.63 27.48
C VAL D 358 21.72 -25.17 28.41
N ARG D 359 20.45 -24.81 28.18
CA ARG D 359 19.37 -25.24 29.13
C ARG D 359 18.05 -25.56 28.42
N LYS D 360 17.84 -25.13 27.18
CA LYS D 360 16.58 -25.36 26.48
C LYS D 360 16.45 -26.83 26.09
N LEU D 361 15.58 -27.58 26.76
CA LEU D 361 15.30 -28.96 26.40
C LEU D 361 14.50 -29.04 25.09
N VAL D 362 14.73 -30.07 24.31
CA VAL D 362 13.93 -30.48 23.15
C VAL D 362 13.92 -32.00 23.09
N LYS D 363 12.76 -32.64 23.18
CA LYS D 363 12.68 -34.10 23.10
C LYS D 363 12.88 -34.51 21.65
N VAL D 364 13.82 -35.41 21.34
CA VAL D 364 14.12 -35.76 19.95
C VAL D 364 13.69 -37.15 19.53
N GLN D 365 13.82 -38.18 20.34
CA GLN D 365 13.29 -39.49 19.99
C GLN D 365 13.03 -40.35 21.20
N THR D 366 12.10 -41.32 21.13
CA THR D 366 11.85 -42.32 22.16
C THR D 366 12.12 -43.71 21.62
N PHE D 367 12.73 -44.57 22.43
CA PHE D 367 12.98 -45.98 22.15
C PHE D 367 12.26 -46.85 23.16
N GLN D 368 11.64 -47.92 22.70
CA GLN D 368 10.84 -48.79 23.60
C GLN D 368 11.49 -50.18 23.63
N GLY D 369 10.93 -51.11 24.42
CA GLY D 369 11.60 -52.42 24.56
C GLY D 369 10.91 -53.52 23.80
N ASP D 370 11.62 -54.18 22.89
CA ASP D 370 11.05 -55.33 22.14
C ASP D 370 11.42 -56.62 22.87
N ASP D 371 10.94 -57.76 22.38
CA ASP D 371 11.33 -59.06 22.98
C ASP D 371 12.85 -59.20 22.80
N ASP D 372 13.38 -58.72 21.68
CA ASP D 372 14.84 -58.75 21.48
C ASP D 372 15.47 -57.94 22.61
N HIS D 373 16.34 -58.56 23.40
CA HIS D 373 17.02 -57.83 24.51
C HIS D 373 18.51 -57.75 24.21
N ASN D 374 18.90 -58.05 22.96
CA ASN D 374 20.32 -57.97 22.54
C ASN D 374 20.66 -56.51 22.26
N TRP D 375 21.95 -56.17 22.19
CA TRP D 375 22.34 -54.75 21.98
C TRP D 375 21.71 -54.29 20.67
N LYS D 376 21.07 -53.13 20.66
CA LYS D 376 20.36 -52.69 19.45
C LYS D 376 20.97 -51.38 18.98
N ILE D 377 21.02 -51.16 17.67
CA ILE D 377 21.70 -49.92 17.19
C ILE D 377 20.64 -48.85 17.02
N ALA D 378 20.89 -47.67 17.57
CA ALA D 378 19.99 -46.54 17.44
C ALA D 378 20.67 -45.44 16.65
N HIS D 379 19.88 -44.66 15.94
CA HIS D 379 20.29 -43.38 15.40
C HIS D 379 19.23 -42.33 15.65
N VAL D 380 19.63 -41.15 16.07
CA VAL D 380 18.76 -39.99 16.16
C VAL D 380 19.36 -38.83 15.39
N VAL D 381 18.65 -38.34 14.40
CA VAL D 381 18.99 -37.10 13.71
C VAL D 381 18.83 -35.96 14.69
N LEU D 382 19.90 -35.23 14.94
CA LEU D 382 19.86 -33.97 15.67
C LEU D 382 19.99 -32.85 14.63
N LYS D 383 19.42 -31.69 14.91
CA LYS D 383 19.48 -30.55 14.01
C LYS D 383 19.90 -29.32 14.78
N GLU D 384 21.09 -29.39 15.34
CA GLU D 384 21.63 -28.37 16.22
C GLU D 384 22.56 -27.45 15.46
N GLU D 385 22.34 -26.15 15.58
CA GLU D 385 23.23 -25.15 14.99
C GLU D 385 23.87 -24.25 16.05
N GLN D 386 23.62 -24.53 17.32
CA GLN D 386 24.14 -23.81 18.48
C GLN D 386 24.55 -24.83 19.53
N LYS D 387 25.48 -24.48 20.41
CA LYS D 387 26.06 -25.46 21.33
C LYS D 387 25.01 -26.17 22.16
N PHE D 388 25.21 -27.45 22.45
CA PHE D 388 24.19 -28.29 23.08
C PHE D 388 24.77 -29.52 23.79
N ARG D 389 23.97 -30.14 24.64
CA ARG D 389 24.19 -31.51 25.12
C ARG D 389 23.15 -32.44 24.55
N TYR D 390 23.52 -33.61 24.08
CA TYR D 390 22.56 -34.68 23.89
C TYR D 390 22.38 -35.40 25.22
N LEU D 391 21.18 -35.88 25.49
CA LEU D 391 20.76 -36.37 26.79
C LEU D 391 20.08 -37.70 26.59
N PHE D 392 20.18 -38.60 27.54
CA PHE D 392 19.39 -39.80 27.62
C PHE D 392 18.57 -39.77 28.89
N GLN D 393 17.26 -39.64 28.78
CA GLN D 393 16.34 -39.89 29.87
C GLN D 393 16.04 -41.38 29.86
N GLY D 394 16.54 -42.10 30.84
CA GLY D 394 16.03 -43.44 31.12
C GLY D 394 14.83 -43.31 32.04
N THR D 395 13.74 -44.00 31.76
CA THR D 395 12.51 -43.93 32.54
C THR D 395 11.98 -45.30 32.88
N LYS D 396 11.65 -45.52 34.14
CA LYS D 396 11.02 -46.75 34.58
C LYS D 396 9.54 -46.73 34.22
N GLY D 397 9.03 -47.71 33.51
CA GLY D 397 7.60 -48.00 33.42
C GLY D 397 7.33 -49.38 34.03
N ASP D 398 6.34 -49.50 34.90
CA ASP D 398 5.96 -50.76 35.56
C ASP D 398 7.13 -51.61 36.10
N PRO D 399 7.90 -51.15 37.10
CA PRO D 399 8.98 -51.93 37.69
C PRO D 399 8.60 -53.34 38.13
N GLN D 400 7.37 -53.54 38.60
CA GLN D 400 6.84 -54.86 38.94
C GLN D 400 6.92 -55.85 37.77
N ASN D 401 6.87 -55.37 36.53
CA ASN D 401 6.98 -56.14 35.31
C ASN D 401 8.27 -55.85 34.53
N SER D 402 9.29 -55.32 35.19
CA SER D 402 10.65 -55.31 34.68
C SER D 402 11.51 -56.28 35.48
N THR D 403 12.22 -57.19 34.82
CA THR D 403 13.32 -57.95 35.43
C THR D 403 14.69 -57.36 35.07
N GLY D 404 14.73 -56.22 34.39
CA GLY D 404 15.92 -55.71 33.73
C GLY D 404 16.08 -54.21 33.84
N GLY D 405 16.49 -53.58 32.75
CA GLY D 405 16.75 -52.16 32.71
C GLY D 405 16.98 -51.63 31.31
N ILE D 406 17.57 -50.42 31.25
CA ILE D 406 17.94 -49.80 29.95
C ILE D 406 19.47 -49.75 29.91
N TYR D 407 20.09 -49.91 28.74
CA TYR D 407 21.58 -50.01 28.67
C TYR D 407 22.09 -49.01 27.64
N LEU D 408 23.37 -48.63 27.72
CA LEU D 408 23.91 -47.59 26.81
C LEU D 408 25.42 -47.77 26.61
N ASP D 409 25.86 -48.06 25.38
CA ASP D 409 27.29 -48.13 25.12
C ASP D 409 27.61 -47.61 23.71
N ASP D 410 28.88 -47.37 23.40
CA ASP D 410 29.36 -47.08 22.04
C ASP D 410 28.60 -45.94 21.33
N ILE D 411 28.34 -44.83 22.02
CA ILE D 411 27.73 -43.64 21.46
C ILE D 411 28.69 -42.98 20.47
N THR D 412 28.20 -42.46 19.35
CA THR D 412 29.00 -41.81 18.33
C THR D 412 28.20 -40.69 17.73
N LEU D 413 28.73 -39.47 17.68
CA LEU D 413 28.01 -38.32 17.16
C LEU D 413 28.78 -37.71 16.00
N THR D 414 28.17 -37.73 14.82
CA THR D 414 28.79 -37.26 13.59
C THR D 414 27.99 -36.12 13.01
N GLU D 415 28.62 -35.17 12.35
CA GLU D 415 27.94 -34.03 11.74
C GLU D 415 27.53 -34.35 10.32
N THR D 416 26.74 -35.40 10.17
CA THR D 416 26.34 -35.98 8.89
C THR D 416 24.88 -36.42 8.98
N PRO D 417 24.19 -36.62 7.85
CA PRO D 417 22.91 -37.32 7.83
C PRO D 417 22.98 -38.68 8.55
N CYS D 418 21.90 -39.09 9.20
CA CYS D 418 21.79 -40.47 9.68
C CYS D 418 21.46 -41.42 8.54
N PRO D 419 21.88 -42.69 8.62
CA PRO D 419 21.51 -43.69 7.65
C PRO D 419 19.99 -43.79 7.52
N THR D 420 19.51 -43.69 6.30
CA THR D 420 18.09 -43.61 5.97
C THR D 420 17.34 -44.86 6.37
N GLY D 421 17.99 -46.01 6.24
CA GLY D 421 17.52 -47.30 6.71
C GLY D 421 18.68 -48.04 7.34
N VAL D 422 18.40 -48.87 8.32
CA VAL D 422 19.38 -49.62 9.09
C VAL D 422 18.81 -50.95 9.46
N TRP D 423 19.42 -52.02 8.98
CA TRP D 423 18.99 -53.39 9.20
C TRP D 423 20.03 -54.14 9.99
N THR D 424 19.65 -54.77 11.09
CA THR D 424 20.55 -55.65 11.85
C THR D 424 20.13 -57.08 11.65
N VAL D 425 20.98 -57.90 11.04
CA VAL D 425 20.74 -59.33 10.91
C VAL D 425 21.46 -60.08 12.04
N ARG D 426 20.64 -60.62 12.94
CA ARG D 426 21.18 -61.26 14.16
C ARG D 426 21.83 -62.61 13.90
N ASN D 427 22.68 -63.04 14.83
CA ASN D 427 23.37 -64.35 14.79
C ASN D 427 23.84 -64.67 13.37
N PHE D 428 24.55 -63.76 12.74
CA PHE D 428 24.82 -63.85 11.32
C PHE D 428 25.76 -64.99 10.95
N SER D 429 26.69 -65.36 11.82
CA SER D 429 27.47 -66.59 11.64
C SER D 429 26.57 -67.81 11.54
N GLN D 430 25.59 -67.91 12.44
CA GLN D 430 24.56 -68.94 12.40
C GLN D 430 23.77 -68.88 11.09
N VAL D 431 23.41 -67.69 10.60
CA VAL D 431 22.71 -67.54 9.32
C VAL D 431 23.53 -68.12 8.18
N LEU D 432 24.81 -67.79 8.08
CA LEU D 432 25.71 -68.35 7.08
C LEU D 432 25.79 -69.87 7.15
N GLU D 433 25.82 -70.45 8.34
CA GLU D 433 25.83 -71.91 8.53
C GLU D 433 24.49 -72.55 8.16
N ASN D 434 23.37 -71.84 8.34
CA ASN D 434 22.04 -72.37 8.10
C ASN D 434 21.57 -72.33 6.63
N THR D 435 22.08 -71.38 5.85
CA THR D 435 21.35 -70.87 4.67
C THR D 435 21.93 -71.38 3.35
N SER D 436 21.10 -71.95 2.47
CA SER D 436 21.56 -72.48 1.19
C SER D 436 22.03 -71.36 0.26
N LYS D 437 22.90 -71.66 -0.71
CA LYS D 437 23.21 -70.69 -1.77
C LYS D 437 21.92 -70.29 -2.49
N GLY D 438 21.71 -69.00 -2.69
CA GLY D 438 20.52 -68.50 -3.36
C GLY D 438 19.24 -68.46 -2.51
N ASP D 439 19.28 -68.92 -1.26
CA ASP D 439 18.31 -68.48 -0.24
C ASP D 439 18.62 -67.03 0.13
N LYS D 440 17.62 -66.31 0.64
CA LYS D 440 17.73 -64.87 0.87
C LYS D 440 16.94 -64.38 2.06
N LEU D 441 17.31 -63.20 2.51
CA LEU D 441 16.69 -62.43 3.58
C LEU D 441 16.35 -61.04 3.05
N GLN D 442 15.29 -60.42 3.55
CA GLN D 442 14.85 -59.12 3.08
C GLN D 442 14.55 -58.18 4.24
N SER D 443 15.06 -56.96 4.14
CA SER D 443 14.89 -55.96 5.17
C SER D 443 13.44 -55.55 5.35
N PRO D 444 13.00 -55.14 6.55
CA PRO D 444 11.83 -54.27 6.68
C PRO D 444 11.87 -53.10 5.71
N ARG D 445 10.66 -52.62 5.37
CA ARG D 445 10.52 -51.54 4.37
C ARG D 445 10.82 -50.15 4.93
N PHE D 446 12.01 -49.64 4.68
CA PHE D 446 12.36 -48.26 4.99
C PHE D 446 11.61 -47.31 4.08
N TYR D 447 11.67 -46.02 4.40
CA TYR D 447 11.16 -44.94 3.58
C TYR D 447 12.24 -43.89 3.47
N ASN D 448 12.50 -43.33 2.30
CA ASN D 448 13.47 -42.24 2.20
C ASN D 448 12.87 -40.90 2.63
N SER D 449 13.68 -39.84 2.63
CA SER D 449 13.25 -38.48 2.99
C SER D 449 12.11 -37.97 2.10
N GLU D 450 12.09 -38.38 0.83
CA GLU D 450 11.04 -38.06 -0.11
C GLU D 450 9.83 -38.98 0.01
N GLY D 451 9.90 -40.00 0.84
CA GLY D 451 8.83 -40.95 1.08
C GLY D 451 8.82 -42.16 0.15
N TYR D 452 9.83 -42.40 -0.66
CA TYR D 452 9.93 -43.65 -1.43
C TYR D 452 10.15 -44.82 -0.49
N GLY D 453 9.30 -45.83 -0.55
CA GLY D 453 9.49 -47.06 0.20
C GLY D 453 10.60 -47.90 -0.41
N PHE D 454 11.52 -48.43 0.35
CA PHE D 454 12.63 -49.21 -0.18
C PHE D 454 13.14 -50.24 0.82
N GLY D 455 13.88 -51.22 0.34
CA GLY D 455 14.55 -52.17 1.20
C GLY D 455 15.77 -52.76 0.54
N VAL D 456 16.41 -53.73 1.19
CA VAL D 456 17.50 -54.50 0.60
C VAL D 456 17.23 -55.98 0.72
N THR D 457 17.72 -56.73 -0.26
CA THR D 457 17.80 -58.18 -0.29
C THR D 457 19.22 -58.59 0.05
N LEU D 458 19.39 -59.51 0.98
CA LEU D 458 20.65 -60.12 1.33
C LEU D 458 20.61 -61.59 0.95
N TYR D 459 21.55 -62.07 0.17
CA TYR D 459 21.74 -63.49 -0.12
C TYR D 459 22.97 -63.90 0.69
N PRO D 460 22.83 -64.53 1.86
CA PRO D 460 23.93 -64.61 2.82
C PRO D 460 25.05 -65.51 2.33
N ASN D 461 24.73 -66.55 1.56
CA ASN D 461 25.66 -67.28 0.73
C ASN D 461 25.31 -67.00 -0.74
N SER D 462 26.16 -66.30 -1.47
CA SER D 462 25.97 -65.96 -2.87
C SER D 462 25.83 -67.24 -3.68
N ARG D 463 24.86 -67.30 -4.60
CA ARG D 463 24.83 -68.41 -5.58
C ARG D 463 25.91 -68.23 -6.64
N GLU D 464 26.26 -66.97 -6.90
CA GLU D 464 27.18 -66.56 -7.95
C GLU D 464 28.64 -66.93 -7.66
N SER D 465 29.07 -66.92 -6.39
CA SER D 465 30.32 -67.54 -5.93
C SER D 465 30.29 -67.89 -4.45
N SER D 466 31.04 -68.92 -4.08
CA SER D 466 31.30 -69.29 -2.70
C SER D 466 31.90 -68.14 -1.92
N GLY D 467 31.54 -68.00 -0.64
CA GLY D 467 32.21 -67.06 0.25
C GLY D 467 32.02 -65.60 -0.12
N TYR D 468 30.84 -65.23 -0.61
CA TYR D 468 30.44 -63.85 -0.86
C TYR D 468 29.01 -63.60 -0.42
N LEU D 469 28.73 -62.41 0.10
CA LEU D 469 27.39 -61.88 0.19
C LEU D 469 27.01 -61.28 -1.15
N ARG D 470 25.73 -61.39 -1.51
CA ARG D 470 25.11 -60.41 -2.42
C ARG D 470 24.18 -59.54 -1.58
N LEU D 471 24.33 -58.24 -1.69
CA LEU D 471 23.38 -57.24 -1.22
C LEU D 471 22.78 -56.53 -2.41
N ALA D 472 21.46 -56.43 -2.46
CA ALA D 472 20.78 -55.82 -3.57
C ALA D 472 19.58 -55.00 -3.10
N PHE D 473 19.62 -53.72 -3.40
CA PHE D 473 18.55 -52.79 -3.15
C PHE D 473 17.36 -53.08 -4.02
N HIS D 474 16.17 -52.78 -3.51
CA HIS D 474 14.95 -52.77 -4.28
C HIS D 474 14.03 -51.68 -3.75
N VAL D 475 13.18 -51.15 -4.61
CA VAL D 475 12.16 -50.19 -4.20
C VAL D 475 10.89 -50.95 -3.80
N CYS D 476 10.39 -50.69 -2.60
CA CYS D 476 9.16 -51.27 -2.09
C CYS D 476 7.99 -50.38 -2.41
N SER D 477 6.80 -50.94 -2.63
CA SER D 477 5.60 -50.12 -2.58
C SER D 477 5.42 -49.58 -1.18
N GLY D 478 4.93 -48.36 -1.07
CA GLY D 478 4.67 -47.69 0.19
C GLY D 478 3.50 -46.74 0.13
N GLU D 479 3.12 -46.23 1.29
CA GLU D 479 1.92 -45.41 1.49
C GLU D 479 1.90 -44.11 0.67
N ASN D 480 3.04 -43.71 0.12
CA ASN D 480 3.19 -42.46 -0.64
C ASN D 480 3.17 -42.64 -2.15
N ASP D 481 3.39 -43.85 -2.67
CA ASP D 481 3.77 -44.06 -4.07
C ASP D 481 2.90 -43.34 -5.07
N ALA D 482 1.60 -43.27 -4.79
CA ALA D 482 0.62 -42.67 -5.67
C ALA D 482 0.93 -41.20 -5.99
N ILE D 483 1.73 -40.51 -5.19
CA ILE D 483 2.12 -39.13 -5.45
C ILE D 483 3.56 -38.93 -5.95
N LEU D 484 4.39 -39.95 -5.88
CA LEU D 484 5.82 -39.87 -6.19
C LEU D 484 6.08 -39.98 -7.68
N GLU D 485 7.21 -39.51 -8.20
CA GLU D 485 7.50 -39.73 -9.62
C GLU D 485 8.01 -41.14 -9.87
N TRP D 486 7.73 -41.64 -11.07
CA TRP D 486 8.14 -42.97 -11.50
C TRP D 486 8.63 -42.92 -12.95
N PRO D 487 9.66 -43.67 -13.32
CA PRO D 487 10.52 -44.39 -12.42
C PRO D 487 11.26 -43.45 -11.47
N VAL D 488 11.60 -43.95 -10.29
CA VAL D 488 12.51 -43.24 -9.42
C VAL D 488 13.89 -43.40 -9.99
N GLU D 489 14.54 -42.30 -10.31
CA GLU D 489 15.89 -42.31 -10.83
C GLU D 489 16.61 -41.06 -10.38
N ASN D 490 17.92 -41.05 -10.58
CA ASN D 490 18.82 -40.10 -9.99
C ASN D 490 18.89 -40.22 -8.46
N ARG D 491 18.32 -41.29 -7.91
CA ARG D 491 18.40 -41.51 -6.44
C ARG D 491 19.57 -42.43 -6.11
N GLN D 492 20.65 -41.88 -5.55
CA GLN D 492 21.82 -42.64 -5.21
C GLN D 492 21.49 -43.55 -4.04
N VAL D 493 21.61 -44.84 -4.25
CA VAL D 493 21.68 -45.84 -3.21
C VAL D 493 23.09 -45.90 -2.69
N ILE D 494 23.29 -45.82 -1.39
CA ILE D 494 24.52 -46.22 -0.74
C ILE D 494 24.17 -47.37 0.17
N ILE D 495 24.68 -48.56 -0.05
CA ILE D 495 24.59 -49.65 0.92
C ILE D 495 25.92 -49.74 1.61
N THR D 496 25.91 -49.77 2.93
CA THR D 496 27.12 -49.84 3.74
C THR D 496 27.01 -50.92 4.78
N ILE D 497 27.94 -51.86 4.83
CA ILE D 497 28.07 -52.74 5.97
C ILE D 497 28.87 -51.97 7.02
N LEU D 498 28.24 -51.71 8.15
CA LEU D 498 28.85 -50.95 9.22
C LEU D 498 29.99 -51.76 9.83
N ASP D 499 31.11 -51.12 10.08
CA ASP D 499 32.27 -51.75 10.68
C ASP D 499 32.17 -51.88 12.22
N GLN D 500 31.35 -51.08 12.88
CA GLN D 500 31.00 -51.17 14.31
C GLN D 500 32.09 -50.79 15.30
N GLU D 501 33.20 -50.19 14.88
CA GLU D 501 33.98 -49.40 15.84
C GLU D 501 33.19 -48.19 16.33
N PRO D 502 33.25 -47.81 17.62
CA PRO D 502 32.58 -46.63 18.14
C PRO D 502 33.29 -45.34 17.75
N ASP D 503 34.58 -45.41 17.43
CA ASP D 503 35.36 -44.33 16.87
C ASP D 503 35.34 -44.44 15.36
N VAL D 504 34.91 -43.37 14.68
CA VAL D 504 34.75 -43.44 13.20
C VAL D 504 36.11 -43.61 12.51
N ARG D 505 37.17 -42.98 13.05
CA ARG D 505 38.49 -43.06 12.38
C ARG D 505 38.93 -44.53 12.36
N ASN D 506 38.68 -45.26 13.44
CA ASN D 506 39.03 -46.71 13.50
C ASN D 506 38.19 -47.48 12.47
N ARG D 507 36.93 -47.07 12.26
CA ARG D 507 36.02 -47.83 11.36
C ARG D 507 36.51 -47.89 9.92
N MET D 508 36.32 -49.03 9.25
CA MET D 508 36.63 -49.14 7.80
C MET D 508 35.39 -49.80 7.19
N SER D 509 34.25 -49.10 7.20
CA SER D 509 32.97 -49.69 6.74
C SER D 509 33.03 -50.02 5.24
N SER D 510 32.44 -51.13 4.82
CA SER D 510 32.43 -51.45 3.39
C SER D 510 31.20 -50.85 2.74
N SER D 511 31.35 -50.15 1.63
CA SER D 511 30.24 -49.43 1.06
C SER D 511 30.22 -49.46 -0.44
N MET D 512 29.07 -49.77 -1.01
CA MET D 512 28.84 -49.79 -2.45
C MET D 512 27.73 -48.82 -2.77
N VAL D 513 27.91 -48.11 -3.87
CA VAL D 513 27.06 -47.03 -4.27
C VAL D 513 26.63 -47.27 -5.69
N PHE D 514 25.38 -46.98 -6.01
CA PHE D 514 24.92 -46.83 -7.38
C PHE D 514 23.80 -45.82 -7.42
N THR D 515 23.46 -45.34 -8.60
CA THR D 515 22.33 -44.43 -8.75
C THR D 515 21.25 -45.12 -9.54
N THR D 516 20.04 -45.20 -9.01
CA THR D 516 18.87 -45.61 -9.77
C THR D 516 18.78 -44.81 -11.07
N SER D 517 18.54 -45.49 -12.18
CA SER D 517 18.71 -44.92 -13.52
C SER D 517 17.70 -45.50 -14.49
N LYS D 518 17.32 -44.75 -15.52
CA LYS D 518 16.58 -45.26 -16.68
C LYS D 518 17.26 -46.45 -17.38
N SER D 519 18.60 -46.46 -17.35
CA SER D 519 19.36 -47.54 -18.02
C SER D 519 19.19 -48.87 -17.29
N HIS D 520 18.69 -48.83 -16.05
CA HIS D 520 18.44 -50.07 -15.27
C HIS D 520 17.07 -50.65 -15.65
N THR D 521 16.98 -51.34 -16.78
CA THR D 521 15.69 -51.91 -17.25
C THR D 521 15.81 -53.44 -17.33
N SER D 522 14.84 -54.16 -16.78
CA SER D 522 14.90 -55.65 -16.75
C SER D 522 14.00 -56.26 -17.85
N PRO D 523 14.50 -57.02 -18.86
CA PRO D 523 13.59 -57.65 -19.82
C PRO D 523 12.60 -58.59 -19.12
N ASP D 527 10.93 -55.41 -20.34
CA ASP D 527 11.98 -54.41 -20.64
C ASP D 527 11.58 -53.03 -20.11
N THR D 528 11.04 -52.97 -18.89
CA THR D 528 10.65 -51.67 -18.28
C THR D 528 11.64 -51.34 -17.16
N VAL D 529 11.80 -50.06 -16.83
CA VAL D 529 12.83 -49.68 -15.82
C VAL D 529 12.49 -50.42 -14.53
N ILE D 530 13.49 -51.04 -13.90
CA ILE D 530 13.28 -51.77 -12.62
C ILE D 530 12.69 -50.77 -11.62
N TRP D 531 13.16 -49.52 -11.65
CA TRP D 531 12.72 -48.50 -10.72
C TRP D 531 11.37 -47.85 -11.04
N ASP D 532 10.62 -48.34 -12.03
CA ASP D 532 9.24 -47.95 -12.25
C ASP D 532 8.34 -48.45 -11.10
N ARG D 533 7.10 -47.97 -11.02
CA ARG D 533 6.28 -48.08 -9.81
C ARG D 533 6.08 -49.54 -9.36
N PRO D 534 6.44 -49.91 -8.13
CA PRO D 534 6.43 -51.30 -7.65
C PRO D 534 5.11 -52.01 -7.75
N SER D 535 3.99 -51.31 -7.60
CA SER D 535 2.66 -51.92 -7.74
C SER D 535 2.42 -52.57 -9.09
N ARG D 536 3.16 -52.17 -10.14
CA ARG D 536 2.98 -52.66 -11.51
C ARG D 536 4.23 -53.21 -12.19
N VAL D 537 5.41 -53.07 -11.59
CA VAL D 537 6.62 -53.79 -12.03
C VAL D 537 7.32 -54.56 -10.90
N GLY D 538 6.78 -54.60 -9.70
CA GLY D 538 7.31 -55.37 -8.57
C GLY D 538 6.59 -56.71 -8.36
N THR D 539 7.20 -57.58 -7.56
CA THR D 539 6.62 -58.88 -7.17
C THR D 539 6.01 -58.78 -5.78
N TYR D 540 4.76 -59.22 -5.59
CA TYR D 540 4.10 -59.09 -4.29
C TYR D 540 4.71 -59.98 -3.21
N HIS D 541 4.69 -59.48 -1.98
CA HIS D 541 5.20 -60.12 -0.78
C HIS D 541 4.14 -60.04 0.32
N THR D 542 3.51 -61.17 0.61
CA THR D 542 2.69 -61.33 1.82
C THR D 542 3.50 -61.08 3.11
N ASP D 543 4.83 -61.18 3.00
CA ASP D 543 5.82 -61.05 4.07
C ASP D 543 5.79 -59.68 4.77
N CYS D 544 5.35 -58.64 4.05
CA CYS D 544 5.12 -57.31 4.61
C CYS D 544 3.95 -56.55 3.96
N ASN D 545 3.13 -57.25 3.19
CA ASN D 545 2.13 -56.66 2.31
C ASN D 545 2.75 -55.61 1.37
N CYS D 546 3.92 -55.93 0.81
CA CYS D 546 4.67 -54.96 -0.04
C CYS D 546 4.91 -55.52 -1.45
N PHE D 547 4.84 -54.68 -2.48
CA PHE D 547 5.20 -55.12 -3.85
C PHE D 547 6.68 -54.82 -4.10
N ARG D 548 7.58 -55.61 -3.53
CA ARG D 548 9.04 -55.31 -3.67
C ARG D 548 9.44 -55.40 -5.14
N SER D 549 10.34 -54.51 -5.60
CA SER D 549 10.72 -54.48 -7.03
C SER D 549 11.86 -55.44 -7.33
N ILE D 550 12.30 -55.47 -8.59
CA ILE D 550 13.47 -56.33 -8.98
C ILE D 550 14.68 -55.80 -8.23
N ASP D 551 15.56 -56.69 -7.77
CA ASP D 551 16.67 -56.21 -6.91
C ASP D 551 17.97 -55.98 -7.70
N LEU D 552 18.60 -54.83 -7.50
CA LEU D 552 19.88 -54.52 -8.13
C LEU D 552 20.94 -54.27 -7.06
N GLY D 553 22.15 -54.71 -7.32
CA GLY D 553 23.27 -54.49 -6.44
C GLY D 553 24.47 -55.32 -6.85
N TRP D 554 25.13 -55.93 -5.88
CA TRP D 554 26.46 -56.47 -6.10
C TRP D 554 26.54 -57.90 -5.65
N SER D 555 26.59 -58.80 -6.63
CA SER D 555 27.18 -60.12 -6.44
C SER D 555 28.58 -59.93 -5.87
N GLY D 556 28.81 -60.41 -4.67
CA GLY D 556 30.07 -60.17 -4.01
C GLY D 556 30.26 -58.75 -3.52
N PHE D 557 29.30 -58.22 -2.78
CA PHE D 557 29.45 -56.95 -2.07
C PHE D 557 30.67 -56.99 -1.14
N ILE D 558 30.81 -58.10 -0.42
CA ILE D 558 31.98 -58.41 0.40
C ILE D 558 32.13 -59.92 0.52
N SER D 559 33.36 -60.39 0.63
CA SER D 559 33.63 -61.80 0.87
C SER D 559 33.46 -62.15 2.33
N HIS D 560 32.90 -63.32 2.61
CA HIS D 560 32.83 -63.87 3.95
C HIS D 560 34.15 -63.75 4.68
N GLN D 561 35.28 -64.14 4.06
CA GLN D 561 36.57 -64.11 4.74
C GLN D 561 36.99 -62.70 5.15
N MET D 562 36.50 -61.66 4.48
CA MET D 562 36.64 -60.27 4.91
C MET D 562 35.59 -59.89 5.96
N LEU D 563 34.37 -60.40 5.85
CA LEU D 563 33.31 -60.18 6.82
C LEU D 563 33.65 -60.79 8.19
N LYS D 564 34.43 -61.87 8.27
CA LYS D 564 34.88 -62.42 9.56
C LYS D 564 35.74 -61.42 10.35
N ARG D 565 36.38 -60.49 9.63
CA ARG D 565 37.33 -59.58 10.31
C ARG D 565 36.74 -58.19 10.46
N ARG D 566 37.52 -57.24 10.98
CA ARG D 566 37.11 -55.80 11.03
C ARG D 566 35.82 -55.53 11.81
N SER D 567 35.34 -56.47 12.62
CA SER D 567 34.16 -56.16 13.48
C SER D 567 32.91 -55.86 12.64
N PHE D 568 32.84 -56.33 11.40
CA PHE D 568 31.59 -56.18 10.61
C PHE D 568 30.50 -56.94 11.36
N LEU D 569 30.86 -58.09 11.95
CA LEU D 569 29.92 -58.87 12.78
C LEU D 569 30.37 -58.74 14.24
N LYS D 570 30.36 -57.54 14.81
CA LYS D 570 30.93 -57.34 16.17
C LYS D 570 30.28 -58.12 17.30
N ASN D 571 28.96 -58.21 17.34
CA ASN D 571 28.23 -58.96 18.36
C ASN D 571 27.65 -60.25 17.77
N ASP D 572 28.37 -60.86 16.84
CA ASP D 572 27.92 -61.93 15.96
C ASP D 572 26.67 -61.57 15.16
N ASP D 573 26.51 -60.30 14.81
CA ASP D 573 25.40 -59.79 14.01
C ASP D 573 25.84 -58.71 13.02
N LEU D 574 25.14 -58.62 11.89
CA LEU D 574 25.55 -57.84 10.74
C LEU D 574 24.66 -56.61 10.65
N ILE D 575 25.24 -55.42 10.63
CA ILE D 575 24.48 -54.18 10.49
C ILE D 575 24.72 -53.58 9.13
N ILE D 576 23.65 -53.43 8.36
CA ILE D 576 23.65 -52.80 7.05
C ILE D 576 22.96 -51.47 7.17
N PHE D 577 23.61 -50.41 6.74
CA PHE D 577 23.00 -49.12 6.51
C PHE D 577 22.61 -49.00 5.06
N VAL D 578 21.57 -48.23 4.79
CA VAL D 578 21.22 -47.81 3.45
C VAL D 578 20.90 -46.33 3.46
N ASP D 579 21.40 -45.61 2.49
CA ASP D 579 20.83 -44.34 2.05
C ASP D 579 20.28 -44.50 0.66
N PHE D 580 19.22 -43.77 0.35
CA PHE D 580 18.57 -43.77 -0.94
C PHE D 580 18.12 -42.35 -1.24
N GLU D 581 19.04 -41.51 -1.65
CA GLU D 581 18.86 -40.07 -1.61
C GLU D 581 18.94 -39.47 -3.01
N ASP D 582 18.07 -38.52 -3.32
CA ASP D 582 18.06 -37.88 -4.62
C ASP D 582 19.35 -37.08 -4.83
N ILE D 583 20.02 -37.31 -5.95
CA ILE D 583 21.18 -36.54 -6.38
C ILE D 583 20.93 -35.79 -7.68
N THR D 584 19.68 -35.65 -8.12
CA THR D 584 19.30 -34.84 -9.28
C THR D 584 19.86 -33.42 -9.20
N HIS D 585 19.99 -32.84 -8.02
CA HIS D 585 20.55 -31.50 -7.87
C HIS D 585 22.03 -31.40 -8.19
N LEU D 586 22.72 -32.51 -8.44
CA LEU D 586 24.10 -32.50 -8.93
C LEU D 586 24.20 -32.41 -10.46
N SER D 587 23.09 -32.54 -11.18
CA SER D 587 23.05 -32.53 -12.65
C SER D 587 23.32 -31.14 -13.25
N ASN E 53 -7.11 9.90 12.61
CA ASN E 53 -6.36 10.13 13.88
C ASN E 53 -4.85 10.09 13.68
N GLY E 54 -4.27 10.31 12.48
CA GLY E 54 -2.83 10.20 12.28
C GLY E 54 -2.18 11.55 12.37
N LEU E 55 -1.00 11.66 12.97
CA LEU E 55 -0.21 12.89 13.02
C LEU E 55 0.22 13.29 11.59
N ARG E 56 -0.34 14.37 11.06
CA ARG E 56 -0.14 14.72 9.62
C ARG E 56 1.32 14.89 9.21
N ASP E 57 2.12 15.66 9.97
CA ASP E 57 3.48 16.01 9.58
C ASP E 57 4.32 14.78 9.19
N PRO E 58 4.72 14.60 7.91
CA PRO E 58 5.49 13.44 7.48
C PRO E 58 6.89 13.38 8.08
N ASN E 59 7.42 14.44 8.70
CA ASN E 59 8.66 14.33 9.45
C ASN E 59 8.51 13.41 10.67
N THR E 60 7.30 13.18 11.18
CA THR E 60 7.06 12.37 12.38
C THR E 60 7.02 10.88 12.09
N ARG E 61 7.25 10.45 10.86
CA ARG E 61 7.22 9.03 10.46
C ARG E 61 8.49 8.30 10.87
N TRP E 62 8.35 7.03 11.20
CA TRP E 62 9.47 6.10 11.32
C TRP E 62 9.97 5.61 9.96
N THR E 63 11.15 5.01 9.93
CA THR E 63 11.64 4.25 8.78
C THR E 63 11.96 2.85 9.24
N PHE E 64 11.25 1.85 8.73
CA PHE E 64 11.30 0.51 9.26
C PHE E 64 12.62 -0.22 8.96
N PRO E 65 13.03 -1.19 9.79
CA PRO E 65 12.45 -1.53 11.08
C PRO E 65 12.67 -0.42 12.11
N ILE E 66 11.74 -0.26 13.05
CA ILE E 66 11.89 0.62 14.20
C ILE E 66 12.94 0.00 15.10
N PRO E 67 14.07 0.64 15.38
CA PRO E 67 15.02 0.11 16.32
C PRO E 67 14.48 0.29 17.73
N TYR E 68 14.61 -0.72 18.58
CA TYR E 68 14.05 -0.68 19.93
C TYR E 68 14.99 -1.24 21.01
N ILE E 69 14.77 -0.83 22.25
CA ILE E 69 15.44 -1.33 23.45
C ILE E 69 14.39 -1.83 24.42
N LEU E 70 14.57 -3.00 25.03
CA LEU E 70 13.74 -3.40 26.17
C LEU E 70 14.58 -3.15 27.42
N ALA E 71 14.20 -2.19 28.25
CA ALA E 71 14.91 -1.95 29.49
C ALA E 71 14.68 -3.10 30.47
N ASP E 72 15.64 -3.37 31.34
CA ASP E 72 15.53 -4.47 32.30
C ASP E 72 14.53 -4.20 33.43
N ASN E 73 14.03 -2.98 33.57
CA ASN E 73 12.98 -2.69 34.52
C ASN E 73 11.63 -3.31 34.10
N LEU E 74 11.45 -3.63 32.82
CA LEU E 74 10.38 -4.51 32.37
C LEU E 74 10.51 -5.90 33.01
N GLY E 75 9.43 -6.38 33.60
CA GLY E 75 9.36 -7.79 33.99
C GLY E 75 9.52 -8.68 32.76
N LEU E 76 9.97 -9.93 32.93
CA LEU E 76 10.09 -10.87 31.82
C LEU E 76 8.78 -10.96 31.02
N ASN E 77 7.66 -11.06 31.71
CA ASN E 77 6.33 -11.08 31.10
C ASN E 77 6.11 -9.91 30.15
N ALA E 78 6.48 -8.71 30.57
CA ALA E 78 6.34 -7.54 29.74
C ALA E 78 7.26 -7.59 28.55
N LYS E 79 8.54 -7.98 28.68
CA LYS E 79 9.44 -8.15 27.54
C LYS E 79 8.86 -9.13 26.53
N GLY E 80 8.38 -10.26 27.00
CA GLY E 80 7.83 -11.29 26.14
C GLY E 80 6.59 -10.79 25.41
N ALA E 81 5.69 -10.12 26.12
CA ALA E 81 4.49 -9.55 25.52
C ALA E 81 4.81 -8.49 24.48
N ILE E 82 5.83 -7.66 24.69
CA ILE E 82 6.21 -6.68 23.69
C ILE E 82 6.69 -7.36 22.43
N LEU E 83 7.49 -8.41 22.53
CA LEU E 83 7.88 -9.15 21.33
C LEU E 83 6.67 -9.80 20.66
N TYR E 84 5.71 -10.30 21.41
CA TYR E 84 4.49 -10.85 20.82
C TYR E 84 3.68 -9.79 20.07
N ALA E 85 3.60 -8.58 20.61
CA ALA E 85 2.96 -7.47 19.93
C ALA E 85 3.69 -7.10 18.64
N PHE E 86 5.02 -7.08 18.63
CA PHE E 86 5.75 -6.90 17.39
C PHE E 86 5.41 -7.98 16.37
N GLU E 87 5.29 -9.24 16.79
CA GLU E 87 4.91 -10.29 15.85
C GLU E 87 3.55 -10.04 15.25
N MET E 88 2.62 -9.41 15.96
CA MET E 88 1.34 -9.00 15.39
C MET E 88 1.46 -7.87 14.40
N PHE E 89 2.25 -6.84 14.69
CA PHE E 89 2.57 -5.84 13.68
C PHE E 89 3.19 -6.44 12.43
N ARG E 90 4.22 -7.29 12.58
CA ARG E 90 4.88 -7.96 11.47
C ARG E 90 3.95 -8.89 10.71
N LEU E 91 2.85 -9.32 11.30
CA LEU E 91 1.90 -10.23 10.70
C LEU E 91 0.74 -9.54 10.04
N LYS E 92 0.39 -8.34 10.47
CA LYS E 92 -0.76 -7.60 9.96
C LYS E 92 -0.39 -6.36 9.22
N SER E 93 0.88 -5.98 9.19
CA SER E 93 1.34 -4.77 8.53
C SER E 93 2.78 -4.90 8.05
N CYS E 94 3.26 -3.95 7.27
CA CYS E 94 4.67 -3.86 6.94
C CYS E 94 5.52 -3.20 8.03
N VAL E 95 4.95 -2.88 9.20
CA VAL E 95 5.72 -2.40 10.35
C VAL E 95 6.70 -3.48 10.78
N ASP E 96 7.94 -3.14 11.04
CA ASP E 96 8.89 -4.07 11.61
C ASP E 96 9.71 -3.39 12.67
N PHE E 97 10.35 -4.19 13.52
CA PHE E 97 11.13 -3.79 14.65
C PHE E 97 12.48 -4.51 14.65
N LYS E 98 13.56 -3.84 15.03
CA LYS E 98 14.87 -4.48 15.22
C LYS E 98 15.46 -4.12 16.57
N PRO E 99 16.28 -4.97 17.19
CA PRO E 99 17.01 -4.56 18.37
C PRO E 99 17.84 -3.32 18.05
N TYR E 100 18.06 -2.46 19.05
CA TYR E 100 18.80 -1.23 18.87
C TYR E 100 20.27 -1.51 18.59
N GLU E 101 20.88 -0.74 17.71
CA GLU E 101 22.27 -0.89 17.26
C GLU E 101 22.91 0.47 16.94
N GLY E 102 22.54 1.53 17.67
CA GLY E 102 23.18 2.86 17.57
C GLY E 102 22.44 3.88 16.72
N GLU E 103 21.16 3.65 16.41
CA GLU E 103 20.36 4.58 15.62
C GLU E 103 20.03 5.88 16.37
N SER E 104 19.74 6.94 15.61
CA SER E 104 19.44 8.26 16.19
C SER E 104 18.07 8.33 16.84
N SER E 105 17.02 7.80 16.21
CA SER E 105 15.72 7.58 16.83
C SER E 105 15.41 6.11 17.00
N TYR E 106 14.79 5.77 18.13
CA TYR E 106 14.50 4.42 18.58
C TYR E 106 13.43 4.47 19.65
N ILE E 107 12.79 3.34 19.94
CA ILE E 107 11.89 3.23 21.08
C ILE E 107 12.60 2.49 22.20
N ILE E 108 12.58 3.00 23.42
CA ILE E 108 12.92 2.20 24.59
C ILE E 108 11.64 1.90 25.34
N PHE E 109 11.43 0.65 25.68
CA PHE E 109 10.27 0.18 26.41
C PHE E 109 10.68 0.00 27.85
N GLN E 110 9.93 0.54 28.80
CA GLN E 110 10.28 0.60 30.22
C GLN E 110 9.04 0.40 31.08
N GLN E 111 9.19 -0.12 32.28
CA GLN E 111 8.10 -0.24 33.24
C GLN E 111 8.08 1.00 34.14
N PHE E 112 7.67 2.14 33.59
CA PHE E 112 7.39 3.34 34.38
C PHE E 112 5.97 3.35 34.90
N ASP E 113 5.63 4.43 35.58
CA ASP E 113 4.28 4.74 36.04
C ASP E 113 3.31 4.73 34.85
N GLY E 114 2.43 3.74 34.81
CA GLY E 114 1.38 3.67 33.80
C GLY E 114 1.91 3.23 32.44
N CYS E 115 1.15 3.47 31.37
CA CYS E 115 1.40 2.81 30.10
C CYS E 115 1.18 3.76 28.94
N TRP E 116 2.22 4.32 28.36
CA TRP E 116 2.08 5.52 27.55
C TRP E 116 3.21 5.70 26.56
N SER E 117 3.02 6.54 25.56
CA SER E 117 4.01 6.83 24.54
C SER E 117 3.90 8.26 24.06
N GLU E 118 5.02 8.87 23.69
CA GLU E 118 4.99 10.04 22.83
C GLU E 118 4.42 9.65 21.47
N VAL E 119 3.91 10.60 20.67
CA VAL E 119 3.24 10.28 19.41
C VAL E 119 4.11 10.54 18.20
N GLY E 120 4.28 9.56 17.32
CA GLY E 120 5.18 9.67 16.18
C GLY E 120 6.64 9.53 16.57
N ASP E 121 7.52 9.47 15.59
CA ASP E 121 8.95 9.42 15.81
C ASP E 121 9.43 10.75 16.40
N GLN E 122 9.87 10.73 17.66
CA GLN E 122 10.72 11.75 18.22
C GLN E 122 12.15 11.43 17.81
N HIS E 123 12.79 12.27 17.00
CA HIS E 123 14.04 11.90 16.34
C HIS E 123 15.25 11.66 17.26
N VAL E 124 15.19 12.03 18.54
CA VAL E 124 16.19 11.70 19.56
C VAL E 124 16.01 10.30 20.18
N GLY E 125 14.94 9.59 19.87
CA GLY E 125 14.54 8.35 20.49
C GLY E 125 13.66 8.55 21.72
N GLN E 126 12.80 7.61 22.07
CA GLN E 126 11.65 7.92 22.92
C GLN E 126 11.22 6.78 23.83
N ASN E 127 10.58 7.08 24.94
CA ASN E 127 10.06 6.08 25.87
C ASN E 127 8.68 5.62 25.45
N ILE E 128 8.44 4.32 25.56
CA ILE E 128 7.12 3.76 25.78
C ILE E 128 7.15 3.19 27.20
N SER E 129 6.17 3.55 28.01
CA SER E 129 5.96 2.89 29.27
C SER E 129 4.98 1.77 29.10
N ILE E 130 5.27 0.61 29.68
CA ILE E 130 4.30 -0.46 29.92
C ILE E 130 4.34 -0.81 31.40
N GLY E 131 3.56 -0.07 32.18
CA GLY E 131 3.42 -0.28 33.61
C GLY E 131 2.73 -1.58 33.96
N GLN E 132 2.75 -1.94 35.24
CA GLN E 132 2.24 -3.20 35.72
C GLN E 132 0.75 -3.37 35.37
N GLY E 133 0.37 -4.53 34.85
CA GLY E 133 -0.97 -4.82 34.34
C GLY E 133 -1.23 -4.45 32.87
N CYS E 134 -0.34 -3.72 32.21
CA CYS E 134 -0.47 -3.40 30.78
C CYS E 134 0.14 -4.41 29.81
N ALA E 135 0.46 -5.63 30.25
CA ALA E 135 1.10 -6.62 29.43
C ALA E 135 0.27 -7.17 28.25
N TYR E 136 -1.05 -6.98 28.20
CA TYR E 136 -1.87 -7.63 27.18
C TYR E 136 -1.58 -7.03 25.79
N LYS E 137 -1.54 -7.84 24.72
CA LYS E 137 -1.04 -7.40 23.42
C LYS E 137 -1.70 -6.13 22.90
N ALA E 138 -2.99 -6.00 23.12
CA ALA E 138 -3.76 -4.88 22.60
C ALA E 138 -3.34 -3.56 23.22
N ILE E 139 -2.91 -3.55 24.47
CA ILE E 139 -2.41 -2.34 25.12
C ILE E 139 -1.05 -2.00 24.54
N ILE E 140 -0.18 -2.97 24.34
CA ILE E 140 1.10 -2.74 23.69
C ILE E 140 0.89 -2.21 22.27
N GLU E 141 0.02 -2.84 21.50
CA GLU E 141 -0.34 -2.40 20.16
C GLU E 141 -0.87 -0.97 20.18
N HIS E 142 -1.72 -0.61 21.13
CA HIS E 142 -2.20 0.75 21.29
C HIS E 142 -1.05 1.72 21.54
N GLU E 143 -0.11 1.40 22.42
CA GLU E 143 1.01 2.30 22.68
C GLU E 143 1.96 2.41 21.50
N ILE E 144 2.30 1.29 20.87
CA ILE E 144 3.09 1.30 19.66
C ILE E 144 2.37 2.07 18.58
N LEU E 145 1.05 2.07 18.48
CA LEU E 145 0.34 2.91 17.53
C LEU E 145 0.50 4.39 17.86
N HIS E 146 0.55 4.78 19.13
CA HIS E 146 0.96 6.12 19.48
C HIS E 146 2.36 6.43 19.00
N ALA E 147 3.38 5.61 19.31
CA ALA E 147 4.69 5.86 18.77
C ALA E 147 4.70 5.92 17.25
N LEU E 148 3.78 5.18 16.62
CA LEU E 148 3.63 5.24 15.13
C LEU E 148 2.71 6.40 14.74
N GLY E 149 2.77 7.53 15.44
CA GLY E 149 1.99 8.73 15.07
C GLY E 149 0.48 8.56 15.03
N PHE E 150 -0.17 7.88 15.95
CA PHE E 150 -1.63 7.89 16.04
C PHE E 150 -2.08 8.53 17.35
N TYR E 151 -3.17 9.27 17.31
CA TYR E 151 -3.89 9.76 18.48
C TYR E 151 -5.07 8.84 18.79
N HIS E 152 -5.74 9.04 19.92
CA HIS E 152 -6.95 8.28 20.19
C HIS E 152 -8.05 8.58 19.19
N GLU E 153 -8.94 7.64 18.97
CA GLU E 153 -10.01 7.77 18.00
C GLU E 153 -10.99 8.84 18.41
N GLN E 154 -11.39 8.91 19.68
CA GLN E 154 -12.24 9.99 20.16
C GLN E 154 -11.56 11.37 20.19
N SER E 155 -10.30 11.48 19.80
CA SER E 155 -9.66 12.76 19.58
C SER E 155 -9.69 13.21 18.11
N ARG E 156 -10.23 12.44 17.17
CA ARG E 156 -10.47 12.90 15.80
C ARG E 156 -11.21 14.23 15.76
N THR E 157 -10.98 15.04 14.74
CA THR E 157 -11.60 16.37 14.58
C THR E 157 -13.13 16.30 14.49
N ASP E 158 -13.61 15.25 13.86
CA ASP E 158 -15.01 14.99 13.57
C ASP E 158 -15.71 14.17 14.65
N ARG E 159 -15.02 13.80 15.73
CA ARG E 159 -15.50 12.84 16.71
C ARG E 159 -16.87 13.18 17.29
N ASP E 160 -17.19 14.46 17.42
CA ASP E 160 -18.45 14.92 17.98
C ASP E 160 -19.65 14.46 17.15
N ASP E 161 -19.42 14.11 15.88
CA ASP E 161 -20.44 13.55 15.00
C ASP E 161 -20.74 12.09 15.35
N TYR E 162 -19.81 11.40 16.00
CA TYR E 162 -19.84 9.95 16.24
C TYR E 162 -19.98 9.55 17.70
N VAL E 163 -19.48 10.35 18.64
CA VAL E 163 -19.56 10.07 20.07
C VAL E 163 -20.08 11.27 20.86
N ASN E 164 -20.84 11.00 21.90
CA ASN E 164 -21.16 11.94 22.94
C ASN E 164 -20.09 11.85 24.01
N ILE E 165 -19.63 12.99 24.49
CA ILE E 165 -18.80 13.05 25.70
C ILE E 165 -19.67 13.64 26.79
N TRP E 166 -19.92 12.89 27.86
CA TRP E 166 -20.67 13.35 29.01
C TRP E 166 -19.71 14.06 29.96
N TRP E 167 -19.40 15.32 29.64
CA TRP E 167 -18.37 16.09 30.33
C TRP E 167 -18.51 16.11 31.84
N ASP E 168 -19.74 16.26 32.34
CA ASP E 168 -20.02 16.27 33.76
C ASP E 168 -19.76 14.93 34.46
N GLN E 169 -19.65 13.82 33.73
CA GLN E 169 -19.30 12.50 34.27
C GLN E 169 -17.81 12.24 34.28
N ILE E 170 -17.04 13.11 33.61
CA ILE E 170 -15.55 12.94 33.60
C ILE E 170 -15.02 13.43 34.94
N LEU E 171 -13.97 12.77 35.46
CA LEU E 171 -13.35 13.20 36.73
C LEU E 171 -12.73 14.58 36.53
N SER E 172 -12.74 15.42 37.56
CA SER E 172 -12.22 16.80 37.41
C SER E 172 -10.74 16.77 37.04
N GLY E 173 -10.33 17.64 36.11
CA GLY E 173 -8.92 17.71 35.70
C GLY E 173 -8.58 16.65 34.66
N TYR E 174 -9.59 15.88 34.25
CA TYR E 174 -9.37 14.80 33.25
C TYR E 174 -10.14 15.11 31.97
N GLN E 175 -10.72 16.31 31.89
CA GLN E 175 -11.49 16.72 30.68
C GLN E 175 -10.54 16.77 29.47
N HIS E 176 -9.29 17.17 29.68
CA HIS E 176 -8.33 17.34 28.56
C HIS E 176 -8.10 16.02 27.82
N ASN E 177 -8.09 14.88 28.53
CA ASN E 177 -7.86 13.57 27.89
C ASN E 177 -8.86 13.35 26.76
N PHE E 178 -9.89 14.20 26.69
CA PHE E 178 -10.91 14.14 25.64
C PHE E 178 -10.78 15.32 24.69
N ASP E 179 -9.68 16.06 24.73
CA ASP E 179 -9.45 17.09 23.72
C ASP E 179 -9.33 16.45 22.33
N THR E 180 -10.14 16.98 21.42
CA THR E 180 -10.04 16.71 19.99
C THR E 180 -8.85 17.47 19.41
N TYR E 181 -8.41 17.13 18.21
CA TYR E 181 -7.42 17.90 17.47
C TYR E 181 -7.99 18.36 16.14
N ASP E 182 -7.50 19.47 15.62
CA ASP E 182 -7.91 20.00 14.32
C ASP E 182 -7.26 19.25 13.16
N ASP E 183 -7.77 19.50 11.96
CA ASP E 183 -7.26 18.85 10.76
C ASP E 183 -5.88 19.34 10.32
N SER E 184 -5.31 20.36 10.94
CA SER E 184 -3.93 20.74 10.67
C SER E 184 -2.98 19.79 11.37
N LEU E 185 -3.27 19.42 12.62
CA LEU E 185 -2.48 18.44 13.35
C LEU E 185 -2.64 17.04 12.81
N ILE E 186 -3.84 16.66 12.36
CA ILE E 186 -4.15 15.25 12.10
C ILE E 186 -4.90 14.97 10.80
N THR E 187 -4.54 13.90 10.12
CA THR E 187 -5.29 13.34 8.99
C THR E 187 -6.29 12.29 9.44
N ASP E 188 -7.42 12.19 8.75
CA ASP E 188 -8.29 11.02 8.82
C ASP E 188 -7.78 9.86 7.95
N LEU E 189 -6.71 10.07 7.16
CA LEU E 189 -6.23 9.14 6.15
C LEU E 189 -7.34 8.73 5.19
N ASN E 190 -8.28 9.63 4.95
CA ASN E 190 -9.51 9.40 4.19
C ASN E 190 -10.29 8.17 4.69
N THR E 191 -10.40 7.99 6.00
CA THR E 191 -11.14 6.88 6.60
C THR E 191 -12.23 7.38 7.52
N PRO E 192 -13.35 6.66 7.64
CA PRO E 192 -14.41 6.98 8.57
C PRO E 192 -13.94 6.91 10.02
N TYR E 193 -14.73 7.51 10.91
CA TYR E 193 -14.58 7.25 12.33
C TYR E 193 -14.92 5.80 12.62
N ASP E 194 -14.01 5.11 13.30
CA ASP E 194 -14.13 3.71 13.62
C ASP E 194 -14.32 3.45 15.10
N TYR E 195 -15.55 3.17 15.51
CA TYR E 195 -15.85 2.75 16.86
C TYR E 195 -15.06 1.52 17.30
N GLU E 196 -14.82 0.59 16.36
CA GLU E 196 -14.11 -0.67 16.71
C GLU E 196 -12.61 -0.40 16.83
N SER E 197 -12.21 0.88 16.84
CA SER E 197 -10.76 1.21 16.86
C SER E 197 -10.10 0.80 18.18
N LEU E 198 -8.85 0.35 18.13
CA LEU E 198 -8.09 -0.01 19.36
C LEU E 198 -7.78 1.29 20.10
N MET E 199 -7.58 2.38 19.36
CA MET E 199 -7.28 3.70 19.96
C MET E 199 -8.49 4.25 20.72
N HIS E 200 -9.71 3.87 20.34
CA HIS E 200 -10.92 4.44 20.98
C HIS E 200 -10.93 4.15 22.48
N TYR E 201 -11.31 5.14 23.29
CA TYR E 201 -11.40 4.93 24.76
C TYR E 201 -12.61 4.06 25.08
N GLN E 202 -12.55 3.31 26.18
CA GLN E 202 -13.70 2.47 26.61
C GLN E 202 -14.81 3.40 27.11
N PRO E 203 -16.08 2.96 27.19
CA PRO E 203 -17.14 3.87 27.58
C PRO E 203 -16.83 4.45 28.96
N PHE E 204 -16.31 3.63 29.87
CA PHE E 204 -15.96 4.09 31.24
C PHE E 204 -14.49 4.49 31.28
N SER E 205 -14.15 5.67 30.77
CA SER E 205 -12.77 6.22 30.74
C SER E 205 -12.71 7.51 31.55
N PHE E 206 -11.87 7.55 32.60
CA PHE E 206 -11.80 8.73 33.49
C PHE E 206 -13.13 9.13 34.16
N ASN E 207 -14.04 8.19 34.39
CA ASN E 207 -15.38 8.48 34.88
C ASN E 207 -15.42 8.69 36.40
N LYS E 208 -16.26 9.61 36.86
CA LYS E 208 -16.57 9.86 38.28
C LYS E 208 -17.20 8.65 38.97
N ASN E 209 -18.20 8.07 38.32
CA ASN E 209 -19.09 7.05 38.86
C ASN E 209 -18.93 5.77 38.05
N ALA E 210 -18.58 4.66 38.70
CA ALA E 210 -18.32 3.38 38.04
C ALA E 210 -19.53 2.77 37.31
N SER E 211 -20.75 3.21 37.59
CA SER E 211 -21.96 2.78 36.87
C SER E 211 -22.19 3.58 35.57
N VAL E 212 -21.50 4.70 35.38
CA VAL E 212 -21.87 5.71 34.37
C VAL E 212 -20.75 5.94 33.37
N PRO E 213 -20.98 5.82 32.05
CA PRO E 213 -19.94 6.01 31.05
C PRO E 213 -19.58 7.49 30.90
N THR E 214 -18.32 7.74 30.58
CA THR E 214 -17.83 9.04 30.14
C THR E 214 -18.21 9.32 28.69
N ILE E 215 -18.10 8.32 27.82
CA ILE E 215 -18.19 8.47 26.38
C ILE E 215 -19.12 7.42 25.82
N THR E 216 -20.05 7.78 24.94
CA THR E 216 -21.01 6.85 24.33
C THR E 216 -21.16 7.13 22.85
N ALA E 217 -21.40 6.10 22.04
CA ALA E 217 -21.58 6.27 20.62
C ALA E 217 -22.93 6.90 20.29
N LYS E 218 -22.97 7.83 19.33
CA LYS E 218 -24.23 8.38 18.83
C LYS E 218 -25.06 7.34 18.07
N ILE E 219 -24.42 6.32 17.51
CA ILE E 219 -25.06 5.06 17.09
C ILE E 219 -25.03 4.12 18.31
N PRO E 220 -26.14 3.97 19.05
CA PRO E 220 -26.12 3.41 20.41
C PRO E 220 -25.60 1.98 20.50
N GLU E 221 -25.72 1.19 19.44
CA GLU E 221 -25.16 -0.16 19.40
C GLU E 221 -23.67 -0.20 19.71
N PHE E 222 -22.91 0.79 19.21
CA PHE E 222 -21.49 0.84 19.44
C PHE E 222 -21.10 1.19 20.87
N ASN E 223 -22.01 1.57 21.76
CA ASN E 223 -21.71 1.64 23.20
C ASN E 223 -21.05 0.35 23.69
N SER E 224 -21.51 -0.77 23.17
CA SER E 224 -21.04 -2.09 23.54
C SER E 224 -19.69 -2.49 22.91
N ILE E 225 -19.17 -1.68 22.00
CA ILE E 225 -18.05 -2.03 21.11
C ILE E 225 -16.90 -1.04 21.19
N ILE E 226 -17.17 0.24 21.50
CA ILE E 226 -16.12 1.23 21.62
C ILE E 226 -15.09 0.78 22.65
N GLY E 227 -13.83 0.96 22.30
CA GLY E 227 -12.74 0.49 23.16
C GLY E 227 -12.69 -1.02 23.27
N GLN E 228 -12.97 -1.74 22.20
CA GLN E 228 -12.53 -3.11 22.10
C GLN E 228 -11.02 -3.15 22.24
N ARG E 229 -10.47 -4.14 22.94
CA ARG E 229 -9.02 -4.34 23.05
C ARG E 229 -8.66 -5.79 22.81
N LEU E 230 -9.24 -6.32 21.75
CA LEU E 230 -8.90 -7.58 21.14
C LEU E 230 -7.57 -7.43 20.41
N ASP E 231 -7.52 -6.46 19.50
CA ASP E 231 -6.60 -6.45 18.38
C ASP E 231 -6.66 -5.11 17.63
N PHE E 232 -5.86 -4.92 16.58
CA PHE E 232 -6.08 -3.82 15.64
C PHE E 232 -7.44 -3.95 15.00
N SER E 233 -8.22 -2.88 14.85
CA SER E 233 -9.39 -2.95 13.97
C SER E 233 -8.98 -3.07 12.50
N ALA E 234 -9.91 -3.48 11.63
CA ALA E 234 -9.63 -3.51 10.20
C ALA E 234 -9.25 -2.12 9.67
N ILE E 235 -9.98 -1.10 10.09
CA ILE E 235 -9.69 0.29 9.77
C ILE E 235 -8.38 0.75 10.44
N ASP E 236 -8.00 0.31 11.63
CA ASP E 236 -6.70 0.67 12.19
C ASP E 236 -5.57 0.14 11.34
N LEU E 237 -5.70 -1.06 10.79
CA LEU E 237 -4.71 -1.55 9.84
C LEU E 237 -4.76 -0.75 8.56
N GLU E 238 -5.97 -0.47 8.05
CA GLU E 238 -6.11 0.36 6.84
C GLU E 238 -5.37 1.68 7.05
N ARG E 239 -5.61 2.36 8.17
CA ARG E 239 -4.97 3.67 8.46
C ARG E 239 -3.45 3.50 8.59
N LEU E 240 -2.99 2.44 9.27
CA LEU E 240 -1.54 2.20 9.46
C LEU E 240 -0.90 1.98 8.09
N ASN E 241 -1.59 1.25 7.21
CA ASN E 241 -1.08 1.00 5.88
C ASN E 241 -1.06 2.26 5.05
N ARG E 242 -2.13 3.06 5.08
CA ARG E 242 -2.16 4.36 4.41
C ARG E 242 -1.15 5.33 4.97
N MET E 243 -0.77 5.20 6.24
CA MET E 243 0.25 6.07 6.81
C MET E 243 1.63 5.64 6.33
N TYR E 244 1.97 4.36 6.43
CA TYR E 244 3.31 3.83 6.17
C TYR E 244 3.48 3.15 4.81
N ASN E 245 2.60 3.43 3.86
CA ASN E 245 2.60 2.89 2.49
C ASN E 245 2.72 1.37 2.40
N CYS E 246 2.20 0.63 3.37
CA CYS E 246 2.28 -0.82 3.39
C CYS E 246 1.30 -1.44 2.40
N THR E 247 1.60 -2.63 1.89
CA THR E 247 0.65 -3.44 1.09
C THR E 247 0.74 -4.92 1.43
N THR E 248 1.92 -5.49 1.34
CA THR E 248 2.27 -6.77 1.95
C THR E 248 2.36 -6.63 3.46
N THR E 249 2.60 -7.74 4.15
CA THR E 249 3.00 -7.77 5.56
C THR E 249 4.06 -8.84 5.73
N HIS E 250 5.02 -8.66 6.63
CA HIS E 250 6.21 -9.52 6.68
C HIS E 250 5.94 -11.00 6.96
N THR E 251 4.80 -11.35 7.53
CA THR E 251 4.64 -12.68 8.14
C THR E 251 3.40 -13.42 7.65
N LEU E 252 2.55 -12.87 6.79
CA LEU E 252 1.51 -13.63 6.11
C LEU E 252 2.06 -14.01 4.74
N LEU E 253 2.37 -15.28 4.55
CA LEU E 253 3.06 -15.77 3.37
C LEU E 253 2.07 -16.26 2.32
N ASP E 254 0.98 -16.88 2.74
CA ASP E 254 -0.13 -17.20 1.84
C ASP E 254 -1.42 -17.37 2.60
N HIS E 255 -2.53 -17.30 1.89
CA HIS E 255 -3.81 -17.77 2.40
C HIS E 255 -4.73 -18.11 1.23
N CYS E 256 -5.71 -18.97 1.46
CA CYS E 256 -6.66 -19.32 0.46
C CYS E 256 -7.98 -19.74 1.06
N THR E 257 -9.06 -19.26 0.41
CA THR E 257 -10.44 -19.56 0.84
C THR E 257 -11.17 -20.19 -0.36
N PHE E 258 -10.50 -20.25 -1.52
CA PHE E 258 -11.06 -20.89 -2.75
C PHE E 258 -12.24 -20.12 -3.38
N GLU E 259 -12.62 -18.96 -2.85
CA GLU E 259 -13.83 -18.28 -3.39
C GLU E 259 -13.64 -17.95 -4.87
N LYS E 260 -12.41 -17.99 -5.37
CA LYS E 260 -12.14 -17.63 -6.75
C LYS E 260 -11.81 -18.90 -7.52
N ALA E 261 -12.34 -19.09 -8.72
CA ALA E 261 -12.06 -20.28 -9.54
C ALA E 261 -10.58 -20.47 -9.88
N ASN E 262 -9.78 -19.42 -9.78
CA ASN E 262 -8.33 -19.44 -9.80
C ASN E 262 -7.68 -20.35 -8.73
N ILE E 263 -8.45 -20.72 -7.69
CA ILE E 263 -8.04 -21.45 -6.49
C ILE E 263 -6.73 -20.98 -5.93
N CYS E 264 -6.59 -19.67 -5.80
CA CYS E 264 -5.45 -19.05 -5.13
C CYS E 264 -4.10 -19.39 -5.77
N GLY E 265 -4.08 -19.65 -7.07
CA GLY E 265 -2.94 -20.16 -7.79
C GLY E 265 -2.50 -21.55 -7.38
N MET E 266 -3.28 -22.30 -6.62
CA MET E 266 -3.03 -23.72 -6.49
C MET E 266 -3.20 -24.41 -7.82
N ILE E 267 -2.49 -25.50 -7.97
CA ILE E 267 -2.44 -26.34 -9.15
C ILE E 267 -2.69 -27.76 -8.73
N GLN E 268 -3.07 -28.61 -9.66
CA GLN E 268 -3.29 -30.01 -9.37
C GLN E 268 -2.19 -30.81 -10.04
N GLY E 269 -1.59 -31.73 -9.30
CA GLY E 269 -0.62 -32.65 -9.87
C GLY E 269 -1.18 -33.44 -11.05
N THR E 270 -0.28 -34.06 -11.82
CA THR E 270 -0.62 -35.02 -12.88
C THR E 270 0.06 -36.38 -12.70
N ARG E 271 1.10 -36.47 -11.86
CA ARG E 271 1.70 -37.73 -11.40
C ARG E 271 0.91 -38.41 -10.27
N ASP E 272 -0.01 -37.68 -9.65
CA ASP E 272 -1.10 -38.23 -8.86
C ASP E 272 -2.14 -38.97 -9.72
N ASP E 273 -3.16 -39.58 -9.11
CA ASP E 273 -4.17 -40.34 -9.83
C ASP E 273 -5.28 -39.43 -10.36
N THR E 274 -5.98 -38.73 -9.47
CA THR E 274 -7.17 -37.92 -9.79
C THR E 274 -6.97 -36.48 -9.34
N ASP E 275 -8.05 -35.69 -9.28
CA ASP E 275 -8.06 -34.29 -8.87
C ASP E 275 -9.02 -34.08 -7.71
N TRP E 276 -8.71 -33.11 -6.86
CA TRP E 276 -9.66 -32.51 -5.96
C TRP E 276 -10.68 -31.71 -6.76
N ALA E 277 -11.98 -31.88 -6.53
CA ALA E 277 -12.98 -30.99 -7.08
C ALA E 277 -12.85 -29.62 -6.42
N HIS E 278 -13.06 -28.54 -7.17
CA HIS E 278 -13.28 -27.21 -6.61
C HIS E 278 -14.76 -27.07 -6.24
N GLN E 279 -15.18 -27.76 -5.18
CA GLN E 279 -16.58 -28.03 -4.91
C GLN E 279 -17.34 -26.79 -4.47
N ASP E 280 -18.45 -26.57 -5.14
CA ASP E 280 -19.42 -25.52 -4.89
C ASP E 280 -20.28 -25.87 -3.69
N SER E 281 -20.44 -24.96 -2.74
CA SER E 281 -21.28 -25.17 -1.56
C SER E 281 -22.78 -25.29 -1.84
N ALA E 282 -23.23 -25.21 -3.09
CA ALA E 282 -24.65 -25.32 -3.45
C ALA E 282 -25.30 -26.67 -3.10
N GLN E 283 -24.55 -27.77 -3.13
CA GLN E 283 -25.07 -29.11 -2.81
C GLN E 283 -25.57 -29.17 -1.36
N ALA E 284 -26.68 -29.86 -1.11
CA ALA E 284 -27.34 -29.78 0.19
C ALA E 284 -26.47 -30.36 1.33
N GLY E 285 -26.40 -29.66 2.46
CA GLY E 285 -25.68 -30.11 3.65
C GLY E 285 -24.16 -30.17 3.50
N GLU E 286 -23.62 -29.54 2.45
CA GLU E 286 -22.22 -29.69 2.05
C GLU E 286 -21.57 -28.33 1.76
N VAL E 287 -21.51 -27.48 2.79
CA VAL E 287 -21.04 -26.09 2.69
C VAL E 287 -19.53 -25.92 2.87
N ASP E 288 -19.00 -24.77 2.48
CA ASP E 288 -17.60 -24.39 2.70
C ASP E 288 -17.35 -23.91 4.14
N HIS E 289 -16.12 -23.74 4.57
CA HIS E 289 -15.86 -23.19 5.90
C HIS E 289 -15.77 -21.67 5.88
N THR E 290 -15.41 -21.06 4.76
CA THR E 290 -15.31 -19.60 4.71
C THR E 290 -16.64 -18.95 4.99
N LEU E 291 -17.71 -19.42 4.36
CA LEU E 291 -19.02 -18.81 4.47
C LEU E 291 -20.04 -19.72 5.12
N LEU E 292 -19.80 -21.03 5.27
CA LEU E 292 -20.71 -21.95 5.94
C LEU E 292 -22.15 -21.87 5.43
N GLY E 293 -22.32 -21.71 4.12
CA GLY E 293 -23.64 -21.63 3.49
C GLY E 293 -24.33 -20.28 3.64
N GLN E 294 -23.67 -19.27 4.20
CA GLN E 294 -24.23 -17.93 4.33
C GLN E 294 -24.51 -17.29 2.98
N CYS E 295 -23.60 -17.41 2.02
CA CYS E 295 -23.82 -16.88 0.67
C CYS E 295 -24.22 -18.00 -0.28
N THR E 296 -25.35 -17.87 -0.98
CA THR E 296 -25.70 -18.80 -2.06
C THR E 296 -24.80 -18.64 -3.27
N GLY E 297 -24.48 -19.74 -3.94
CA GLY E 297 -23.65 -19.76 -5.16
C GLY E 297 -22.19 -19.34 -5.00
N ALA E 298 -21.65 -19.24 -3.77
CA ALA E 298 -20.38 -18.54 -3.54
C ALA E 298 -19.50 -19.06 -2.40
N GLY E 299 -19.85 -20.13 -1.68
CA GLY E 299 -18.89 -20.81 -0.81
C GLY E 299 -18.15 -21.90 -1.58
N TYR E 300 -16.85 -22.00 -1.44
CA TYR E 300 -16.00 -22.96 -2.12
C TYR E 300 -14.99 -23.62 -1.20
N PHE E 301 -14.71 -24.87 -1.50
CA PHE E 301 -13.75 -25.69 -0.81
C PHE E 301 -13.22 -26.71 -1.79
N MET E 302 -12.00 -27.18 -1.60
CA MET E 302 -11.54 -28.31 -2.39
C MET E 302 -12.10 -29.57 -1.76
N GLN E 303 -12.58 -30.52 -2.55
CA GLN E 303 -13.07 -31.79 -2.06
C GLN E 303 -12.48 -32.93 -2.85
N PHE E 304 -11.90 -33.90 -2.19
CA PHE E 304 -11.41 -35.13 -2.77
C PHE E 304 -12.35 -36.23 -2.35
N SER E 305 -13.20 -36.72 -3.24
CA SER E 305 -14.13 -37.78 -2.89
C SER E 305 -13.38 -39.06 -2.64
N THR E 306 -13.78 -39.82 -1.63
CA THR E 306 -13.21 -41.14 -1.36
C THR E 306 -14.26 -42.24 -1.43
N SER E 307 -15.48 -41.94 -1.85
CA SER E 307 -16.60 -42.88 -1.86
C SER E 307 -16.51 -43.95 -2.93
N SER E 308 -15.70 -43.78 -3.98
CA SER E 308 -15.59 -44.70 -5.12
C SER E 308 -14.15 -44.85 -5.60
N GLY E 309 -13.88 -45.87 -6.42
CA GLY E 309 -12.56 -46.21 -6.94
C GLY E 309 -11.79 -47.21 -6.08
N SER E 310 -10.53 -47.44 -6.41
CA SER E 310 -9.62 -48.27 -5.63
C SER E 310 -9.21 -47.60 -4.31
N ALA E 311 -8.83 -48.39 -3.31
CA ALA E 311 -7.97 -47.89 -2.25
C ALA E 311 -6.63 -47.39 -2.82
N GLU E 312 -5.99 -46.50 -2.06
CA GLU E 312 -4.70 -45.85 -2.32
C GLU E 312 -4.60 -45.04 -3.63
N GLU E 313 -5.72 -44.71 -4.27
CA GLU E 313 -5.79 -43.59 -5.21
C GLU E 313 -5.59 -42.27 -4.48
N ALA E 314 -5.04 -41.26 -5.16
CA ALA E 314 -4.65 -40.01 -4.54
C ALA E 314 -4.75 -38.80 -5.46
N ALA E 315 -4.87 -37.61 -4.89
CA ALA E 315 -4.77 -36.36 -5.63
C ALA E 315 -3.95 -35.36 -4.85
N LEU E 316 -2.96 -34.76 -5.51
CA LEU E 316 -2.03 -33.84 -4.83
C LEU E 316 -2.41 -32.38 -5.09
N LEU E 317 -3.22 -31.78 -4.22
CA LEU E 317 -3.47 -30.33 -4.40
C LEU E 317 -2.11 -29.67 -4.20
N GLU E 318 -1.70 -28.78 -5.10
CA GLU E 318 -0.33 -28.22 -5.01
C GLU E 318 -0.41 -26.69 -5.01
N SER E 319 0.22 -26.03 -4.03
CA SER E 319 0.12 -24.55 -3.93
C SER E 319 1.08 -23.88 -4.92
N ARG E 320 0.93 -22.56 -5.12
CA ARG E 320 1.88 -21.81 -5.99
C ARG E 320 3.23 -21.72 -5.26
N ILE E 321 4.32 -21.48 -6.01
CA ILE E 321 5.67 -21.44 -5.40
C ILE E 321 5.69 -20.29 -4.38
N LEU E 322 6.26 -20.52 -3.19
CA LEU E 322 6.31 -19.49 -2.13
C LEU E 322 7.77 -19.19 -1.78
N TYR E 323 8.07 -17.96 -1.37
CA TYR E 323 9.42 -17.55 -1.08
C TYR E 323 9.44 -17.13 0.39
N PRO E 324 9.72 -18.04 1.34
CA PRO E 324 9.70 -17.73 2.74
C PRO E 324 10.77 -16.68 3.09
N LYS E 325 10.46 -15.82 4.04
CA LYS E 325 11.32 -14.78 4.60
C LYS E 325 11.93 -15.19 5.93
N ARG E 326 11.40 -16.25 6.57
CA ARG E 326 11.85 -16.79 7.87
C ARG E 326 12.14 -18.28 7.74
N LYS E 327 12.71 -18.87 8.79
CA LYS E 327 13.12 -20.29 8.84
C LYS E 327 12.02 -21.26 9.26
N GLN E 328 10.83 -20.75 9.56
CA GLN E 328 9.71 -21.49 10.11
C GLN E 328 8.40 -20.87 9.68
N GLN E 329 7.42 -21.69 9.38
CA GLN E 329 6.07 -21.26 9.06
C GLN E 329 5.04 -22.17 9.70
N CYS E 330 3.82 -21.70 9.82
CA CYS E 330 2.69 -22.48 10.28
C CYS E 330 1.61 -22.47 9.22
N LEU E 331 1.38 -23.59 8.57
CA LEU E 331 0.26 -23.77 7.67
C LEU E 331 -0.93 -24.16 8.51
N GLN E 332 -1.90 -23.29 8.64
CA GLN E 332 -3.20 -23.55 9.20
C GLN E 332 -4.17 -23.89 8.09
N PHE E 333 -5.11 -24.79 8.31
CA PHE E 333 -6.22 -24.95 7.39
C PHE E 333 -7.41 -25.60 8.05
N PHE E 334 -8.58 -25.53 7.42
CA PHE E 334 -9.76 -26.23 7.87
C PHE E 334 -10.08 -27.37 6.92
N TYR E 335 -10.45 -28.51 7.47
CA TYR E 335 -10.65 -29.70 6.68
C TYR E 335 -11.77 -30.56 7.25
N LYS E 336 -12.26 -31.50 6.47
CA LYS E 336 -13.17 -32.55 6.92
C LYS E 336 -12.71 -33.86 6.37
N MET E 337 -12.94 -34.94 7.08
CA MET E 337 -12.67 -36.31 6.64
C MET E 337 -13.89 -37.16 6.94
N THR E 338 -14.96 -36.94 6.19
CA THR E 338 -16.21 -37.70 6.32
C THR E 338 -16.15 -39.08 5.64
N GLY E 339 -15.11 -39.37 4.87
CA GLY E 339 -14.93 -40.63 4.19
C GLY E 339 -14.48 -41.77 5.11
N SER E 340 -13.79 -42.77 4.58
CA SER E 340 -13.33 -43.92 5.34
C SER E 340 -12.34 -43.51 6.43
N PRO E 341 -12.31 -44.16 7.60
CA PRO E 341 -11.25 -43.95 8.58
C PRO E 341 -9.84 -44.25 8.07
N SER E 342 -9.72 -45.05 7.01
CA SER E 342 -8.44 -45.33 6.36
C SER E 342 -8.06 -44.29 5.30
N ASP E 343 -8.93 -43.32 4.98
CA ASP E 343 -8.55 -42.15 4.19
C ASP E 343 -7.46 -41.36 4.88
N ARG E 344 -6.48 -40.88 4.12
CA ARG E 344 -5.43 -40.01 4.64
C ARG E 344 -5.43 -38.69 3.93
N LEU E 345 -5.55 -37.60 4.66
CA LEU E 345 -5.09 -36.31 4.21
C LEU E 345 -3.64 -36.21 4.64
N VAL E 346 -2.69 -36.15 3.71
CA VAL E 346 -1.28 -35.98 4.03
C VAL E 346 -0.89 -34.61 3.55
N VAL E 347 -0.18 -33.86 4.40
CA VAL E 347 0.35 -32.54 3.94
C VAL E 347 1.80 -32.79 3.49
N TRP E 348 2.17 -32.26 2.32
CA TRP E 348 3.52 -32.51 1.75
C TRP E 348 4.18 -31.16 1.46
N VAL E 349 5.51 -31.09 1.48
CA VAL E 349 6.18 -29.83 1.07
C VAL E 349 7.06 -30.12 -0.14
N ARG E 350 6.82 -29.43 -1.25
CA ARG E 350 7.73 -29.58 -2.42
C ARG E 350 8.72 -28.43 -2.25
N ARG E 351 10.02 -28.69 -2.19
CA ARG E 351 10.97 -27.58 -1.87
C ARG E 351 12.09 -27.49 -2.92
N ASP E 352 12.75 -26.33 -2.99
CA ASP E 352 13.85 -26.12 -3.95
C ASP E 352 15.00 -27.07 -3.62
N ASP E 353 15.67 -27.62 -4.65
CA ASP E 353 16.83 -28.51 -4.44
C ASP E 353 18.10 -27.66 -4.53
N SER E 354 17.96 -26.32 -4.54
CA SER E 354 19.10 -25.36 -4.64
C SER E 354 19.51 -25.15 -6.10
N THR E 355 18.82 -25.79 -7.05
CA THR E 355 19.10 -25.55 -8.48
C THR E 355 18.00 -24.65 -9.06
N GLY E 356 17.14 -24.10 -8.19
CA GLY E 356 16.00 -23.28 -8.67
C GLY E 356 14.82 -24.16 -9.04
N ASN E 357 14.92 -25.47 -8.77
CA ASN E 357 13.84 -26.40 -9.18
C ASN E 357 13.10 -26.89 -7.93
N VAL E 358 11.82 -26.53 -7.81
CA VAL E 358 10.99 -26.96 -6.64
C VAL E 358 10.44 -28.35 -6.93
N ARG E 359 11.27 -29.39 -6.85
CA ARG E 359 10.83 -30.76 -7.19
C ARG E 359 11.02 -31.72 -5.98
N LYS E 360 11.83 -31.34 -5.00
CA LYS E 360 12.12 -32.24 -3.84
C LYS E 360 10.84 -32.40 -3.00
N LEU E 361 10.57 -33.61 -2.50
CA LEU E 361 9.32 -33.85 -1.73
C LEU E 361 9.62 -34.13 -0.26
N VAL E 362 8.83 -33.57 0.65
CA VAL E 362 9.01 -33.82 2.08
C VAL E 362 7.65 -34.02 2.72
N LYS E 363 7.32 -35.22 3.20
CA LYS E 363 6.08 -35.42 3.97
C LYS E 363 6.21 -34.66 5.28
N VAL E 364 5.24 -33.83 5.66
CA VAL E 364 5.31 -33.09 6.92
C VAL E 364 4.28 -33.52 7.95
N GLN E 365 3.06 -33.87 7.57
CA GLN E 365 2.05 -34.32 8.54
C GLN E 365 0.96 -35.18 7.90
N THR E 366 0.26 -35.99 8.68
CA THR E 366 -0.90 -36.78 8.26
C THR E 366 -2.09 -36.54 9.16
N PHE E 367 -3.29 -36.54 8.58
CA PHE E 367 -4.56 -36.44 9.27
C PHE E 367 -5.45 -37.60 8.84
N GLN E 368 -6.34 -38.04 9.72
CA GLN E 368 -7.18 -39.22 9.55
C GLN E 368 -8.59 -39.01 10.09
N GLY E 369 -9.55 -39.79 9.61
CA GLY E 369 -10.97 -39.59 9.89
C GLY E 369 -11.43 -40.15 11.23
N ASP E 370 -11.43 -39.33 12.28
CA ASP E 370 -12.19 -39.63 13.50
C ASP E 370 -13.71 -39.64 13.25
N ASP E 371 -14.50 -40.04 14.24
CA ASP E 371 -15.97 -40.03 14.15
C ASP E 371 -16.55 -38.61 14.05
N ASP E 372 -15.79 -37.59 14.40
CA ASP E 372 -16.17 -36.20 14.17
C ASP E 372 -16.13 -35.86 12.69
N HIS E 373 -17.29 -35.68 12.07
CA HIS E 373 -17.39 -35.32 10.66
C HIS E 373 -17.37 -33.82 10.40
N ASN E 374 -17.37 -32.95 11.41
CA ASN E 374 -17.49 -31.51 11.23
C ASN E 374 -16.14 -30.86 10.88
N TRP E 375 -16.12 -29.62 10.39
CA TRP E 375 -14.89 -28.90 9.98
C TRP E 375 -13.88 -28.78 11.11
N LYS E 376 -12.74 -29.45 10.97
CA LYS E 376 -11.64 -29.43 11.92
C LYS E 376 -10.62 -28.40 11.53
N ILE E 377 -10.01 -27.76 12.49
CA ILE E 377 -8.81 -26.95 12.26
C ILE E 377 -7.57 -27.84 12.32
N ALA E 378 -6.58 -27.54 11.49
CA ALA E 378 -5.27 -28.14 11.48
C ALA E 378 -4.21 -27.07 11.50
N HIS E 379 -3.06 -27.39 12.08
CA HIS E 379 -1.83 -26.63 11.95
C HIS E 379 -0.68 -27.58 11.63
N VAL E 380 0.17 -27.18 10.71
CA VAL E 380 1.37 -27.92 10.36
C VAL E 380 2.56 -27.00 10.46
N VAL E 381 3.54 -27.33 11.29
CA VAL E 381 4.79 -26.59 11.34
C VAL E 381 5.65 -26.97 10.15
N LEU E 382 5.90 -26.00 9.28
CA LEU E 382 6.84 -26.10 8.18
C LEU E 382 8.14 -25.42 8.56
N LYS E 383 9.25 -25.81 7.94
CA LYS E 383 10.57 -25.28 8.28
C LYS E 383 11.31 -24.98 7.00
N GLU E 384 10.74 -24.11 6.20
CA GLU E 384 11.24 -23.87 4.86
C GLU E 384 12.05 -22.58 4.83
N GLU E 385 13.35 -22.65 4.55
CA GLU E 385 14.18 -21.47 4.33
C GLU E 385 14.46 -21.21 2.85
N GLN E 386 13.96 -22.06 1.96
CA GLN E 386 14.12 -22.00 0.52
C GLN E 386 12.76 -22.09 -0.14
N LYS E 387 12.64 -21.57 -1.36
CA LYS E 387 11.30 -21.51 -2.04
C LYS E 387 10.62 -22.88 -1.98
N PHE E 388 9.35 -22.91 -1.57
CA PHE E 388 8.64 -24.20 -1.37
C PHE E 388 7.15 -24.07 -1.71
N ARG E 389 6.46 -25.20 -1.92
CA ARG E 389 4.99 -25.16 -2.12
C ARG E 389 4.36 -26.09 -1.07
N TYR E 390 3.30 -25.66 -0.40
CA TYR E 390 2.59 -26.59 0.53
C TYR E 390 1.66 -27.49 -0.30
N LEU E 391 1.54 -28.77 0.04
CA LEU E 391 0.75 -29.69 -0.81
C LEU E 391 -0.23 -30.52 0.04
N PHE E 392 -1.39 -30.87 -0.51
CA PHE E 392 -2.31 -31.77 0.17
C PHE E 392 -2.53 -33.01 -0.68
N GLN E 393 -1.94 -34.12 -0.30
CA GLN E 393 -2.32 -35.41 -0.82
C GLN E 393 -3.62 -35.83 -0.15
N GLY E 394 -4.71 -35.87 -0.89
CA GLY E 394 -5.86 -36.66 -0.52
C GLY E 394 -5.58 -38.09 -0.87
N THR E 395 -5.95 -39.04 -0.02
CA THR E 395 -5.75 -40.47 -0.30
C THR E 395 -6.97 -41.26 0.08
N LYS E 396 -7.47 -42.08 -0.82
CA LYS E 396 -8.60 -42.96 -0.58
C LYS E 396 -8.14 -44.16 0.20
N GLY E 397 -8.69 -44.45 1.37
CA GLY E 397 -8.61 -45.78 1.96
C GLY E 397 -9.98 -46.42 1.88
N ASP E 398 -10.08 -47.69 1.50
CA ASP E 398 -11.35 -48.44 1.49
C ASP E 398 -12.58 -47.65 0.99
N PRO E 399 -12.68 -47.29 -0.29
CA PRO E 399 -13.89 -46.67 -0.81
C PRO E 399 -15.15 -47.49 -0.59
N GLN E 400 -15.05 -48.82 -0.50
CA GLN E 400 -16.15 -49.67 -0.06
C GLN E 400 -16.68 -49.31 1.33
N ASN E 401 -15.91 -48.61 2.16
CA ASN E 401 -16.29 -48.09 3.47
C ASN E 401 -16.19 -46.57 3.59
N SER E 402 -16.27 -45.83 2.48
CA SER E 402 -16.41 -44.38 2.51
C SER E 402 -17.75 -43.96 1.93
N THR E 403 -18.49 -43.10 2.61
CA THR E 403 -19.69 -42.42 2.07
C THR E 403 -19.43 -40.94 1.81
N GLY E 404 -18.19 -40.51 1.81
CA GLY E 404 -17.83 -39.10 1.75
C GLY E 404 -16.46 -38.82 1.16
N GLY E 405 -15.74 -37.86 1.72
CA GLY E 405 -14.46 -37.43 1.20
C GLY E 405 -13.62 -36.68 2.21
N ILE E 406 -12.54 -36.13 1.68
CA ILE E 406 -11.65 -35.19 2.34
C ILE E 406 -11.93 -33.81 1.76
N TYR E 407 -11.94 -32.77 2.57
CA TYR E 407 -12.35 -31.42 2.21
C TYR E 407 -11.31 -30.42 2.70
N LEU E 408 -11.09 -29.30 2.03
CA LEU E 408 -10.23 -28.22 2.51
C LEU E 408 -10.84 -26.86 2.26
N ASP E 409 -10.65 -25.93 3.18
CA ASP E 409 -11.01 -24.53 3.03
C ASP E 409 -10.20 -23.68 4.02
N ASP E 410 -10.24 -22.36 3.92
CA ASP E 410 -9.71 -21.45 4.94
C ASP E 410 -8.24 -21.68 5.30
N ILE E 411 -7.43 -21.97 4.31
CA ILE E 411 -5.99 -22.17 4.41
C ILE E 411 -5.29 -20.85 4.72
N THR E 412 -4.34 -20.86 5.64
CA THR E 412 -3.60 -19.68 6.05
C THR E 412 -2.20 -20.06 6.43
N LEU E 413 -1.21 -19.47 5.81
CA LEU E 413 0.19 -19.77 6.00
C LEU E 413 0.92 -18.53 6.47
N THR E 414 1.37 -18.59 7.71
CA THR E 414 2.05 -17.50 8.38
C THR E 414 3.46 -17.89 8.70
N GLU E 415 4.41 -16.99 8.63
CA GLU E 415 5.79 -17.26 8.98
C GLU E 415 6.04 -17.13 10.49
N THR E 416 5.34 -17.94 11.27
CA THR E 416 5.29 -17.90 12.73
C THR E 416 5.45 -19.29 13.30
N PRO E 417 5.73 -19.42 14.60
CA PRO E 417 5.39 -20.62 15.34
C PRO E 417 3.91 -20.97 15.17
N CYS E 418 3.58 -22.24 15.26
CA CYS E 418 2.17 -22.64 15.39
C CYS E 418 1.71 -22.47 16.82
N PRO E 419 0.40 -22.34 17.05
CA PRO E 419 -0.14 -22.47 18.37
C PRO E 419 0.26 -23.82 18.93
N THR E 420 0.85 -23.83 20.10
CA THR E 420 1.47 -24.99 20.71
C THR E 420 0.45 -26.06 21.03
N GLY E 421 -0.68 -25.62 21.56
CA GLY E 421 -1.90 -26.39 21.71
C GLY E 421 -3.05 -25.68 21.04
N VAL E 422 -4.00 -26.46 20.51
CA VAL E 422 -5.22 -25.89 19.83
C VAL E 422 -6.44 -26.67 20.34
N TRP E 423 -7.39 -25.99 20.96
CA TRP E 423 -8.59 -26.68 21.53
C TRP E 423 -9.87 -26.15 20.87
N THR E 424 -10.75 -27.06 20.42
CA THR E 424 -12.02 -26.66 19.76
C THR E 424 -13.21 -27.19 20.58
N VAL E 425 -14.18 -26.33 20.89
CA VAL E 425 -15.42 -26.80 21.60
C VAL E 425 -16.58 -26.76 20.62
N ARG E 426 -17.16 -27.92 20.29
CA ARG E 426 -18.27 -28.00 19.28
C ARG E 426 -19.57 -27.44 19.86
N ASN E 427 -20.42 -26.84 19.02
CA ASN E 427 -21.75 -26.36 19.46
C ASN E 427 -21.60 -25.44 20.68
N PHE E 428 -20.65 -24.51 20.65
CA PHE E 428 -20.40 -23.68 21.86
C PHE E 428 -21.65 -22.89 22.30
N SER E 429 -22.36 -22.25 21.37
CA SER E 429 -23.53 -21.47 21.77
C SER E 429 -24.51 -22.31 22.59
N GLN E 430 -24.67 -23.58 22.21
CA GLN E 430 -25.52 -24.54 22.91
C GLN E 430 -24.89 -24.98 24.24
N VAL E 431 -23.58 -25.17 24.28
CA VAL E 431 -22.84 -25.38 25.53
C VAL E 431 -23.05 -24.21 26.48
N LEU E 432 -22.84 -23.00 26.00
CA LEU E 432 -22.88 -21.77 26.77
C LEU E 432 -24.25 -21.54 27.38
N GLU E 433 -25.33 -21.82 26.64
CA GLU E 433 -26.68 -21.82 27.19
C GLU E 433 -26.89 -22.95 28.21
N ASN E 434 -26.49 -24.19 27.91
CA ASN E 434 -26.79 -25.34 28.75
C ASN E 434 -26.00 -25.39 30.07
N THR E 435 -24.80 -24.84 30.09
CA THR E 435 -23.86 -24.90 31.22
C THR E 435 -24.29 -23.98 32.36
N SER E 436 -24.28 -24.42 33.62
CA SER E 436 -24.57 -23.53 34.75
C SER E 436 -23.36 -22.65 35.11
N LYS E 437 -23.53 -21.61 35.93
CA LYS E 437 -22.40 -20.83 36.44
C LYS E 437 -21.45 -21.72 37.23
N GLY E 438 -20.14 -21.58 37.00
CA GLY E 438 -19.08 -22.27 37.73
C GLY E 438 -18.77 -23.71 37.28
N ASP E 439 -19.59 -24.30 36.42
CA ASP E 439 -19.23 -25.53 35.70
C ASP E 439 -18.03 -25.30 34.78
N LYS E 440 -17.34 -26.39 34.42
CA LYS E 440 -16.11 -26.32 33.63
C LYS E 440 -16.01 -27.35 32.52
N LEU E 441 -15.18 -27.00 31.56
CA LEU E 441 -14.63 -27.84 30.52
C LEU E 441 -13.13 -27.77 30.60
N GLN E 442 -12.45 -28.89 30.31
CA GLN E 442 -10.96 -28.94 30.39
C GLN E 442 -10.38 -29.39 29.05
N SER E 443 -9.35 -28.69 28.58
CA SER E 443 -8.68 -29.01 27.29
C SER E 443 -7.86 -30.30 27.41
N PRO E 444 -7.70 -31.11 26.33
CA PRO E 444 -6.83 -32.28 26.39
C PRO E 444 -5.38 -31.83 26.60
N ARG E 445 -4.57 -32.64 27.30
CA ARG E 445 -3.19 -32.25 27.64
C ARG E 445 -2.35 -32.05 26.37
N PHE E 446 -1.51 -31.01 26.35
CA PHE E 446 -0.62 -30.74 25.19
C PHE E 446 0.81 -30.62 25.71
N TYR E 447 1.81 -30.89 24.85
CA TYR E 447 3.23 -30.82 25.28
C TYR E 447 3.93 -29.66 24.55
N ASN E 448 4.61 -28.79 25.30
CA ASN E 448 5.33 -27.64 24.70
C ASN E 448 6.68 -28.11 24.14
N SER E 449 7.37 -27.24 23.39
CA SER E 449 8.71 -27.59 22.84
C SER E 449 9.56 -28.28 23.91
N GLU E 450 9.48 -27.83 25.16
CA GLU E 450 10.29 -28.43 26.23
C GLU E 450 9.69 -29.69 26.81
N GLY E 451 8.48 -30.07 26.43
CA GLY E 451 7.79 -31.24 26.93
C GLY E 451 6.98 -31.02 28.20
N TYR E 452 6.78 -29.82 28.71
CA TYR E 452 5.83 -29.59 29.80
C TYR E 452 4.43 -29.88 29.32
N GLY E 453 3.69 -30.73 30.02
CA GLY E 453 2.29 -30.98 29.76
C GLY E 453 1.43 -29.83 30.24
N PHE E 454 0.38 -29.44 29.53
CA PHE E 454 -0.49 -28.35 29.95
C PHE E 454 -1.87 -28.40 29.32
N GLY E 455 -2.81 -27.66 29.87
CA GLY E 455 -4.15 -27.57 29.37
C GLY E 455 -4.82 -26.28 29.82
N VAL E 456 -5.97 -25.99 29.24
CA VAL E 456 -6.81 -24.86 29.64
C VAL E 456 -8.13 -25.36 30.19
N THR E 457 -8.57 -24.74 31.27
CA THR E 457 -9.91 -24.87 31.80
C THR E 457 -10.73 -23.72 31.26
N LEU E 458 -11.84 -24.03 30.64
CA LEU E 458 -12.83 -23.07 30.22
C LEU E 458 -14.02 -23.21 31.13
N TYR E 459 -14.41 -22.15 31.80
CA TYR E 459 -15.65 -22.09 32.56
C TYR E 459 -16.59 -21.23 31.72
N PRO E 460 -17.54 -21.82 30.99
CA PRO E 460 -18.30 -21.11 29.97
C PRO E 460 -19.07 -19.94 30.54
N ASN E 461 -19.78 -20.15 31.65
CA ASN E 461 -20.43 -19.10 32.42
C ASN E 461 -19.61 -18.83 33.68
N SER E 462 -18.92 -17.69 33.72
CA SER E 462 -18.15 -17.25 34.88
C SER E 462 -19.07 -17.03 36.09
N ARG E 463 -18.79 -17.70 37.21
CA ARG E 463 -19.49 -17.44 38.48
C ARG E 463 -19.09 -16.09 39.09
N GLU E 464 -17.95 -15.56 38.65
CA GLU E 464 -17.34 -14.31 39.10
C GLU E 464 -17.97 -13.08 38.44
N SER E 465 -18.54 -13.23 37.24
CA SER E 465 -19.34 -12.20 36.57
C SER E 465 -20.23 -12.81 35.49
N SER E 466 -21.53 -12.53 35.59
CA SER E 466 -22.52 -12.92 34.57
C SER E 466 -22.11 -12.48 33.16
N GLY E 467 -22.39 -13.28 32.14
CA GLY E 467 -22.13 -12.90 30.75
C GLY E 467 -20.65 -12.78 30.37
N TYR E 468 -19.78 -13.41 31.16
CA TYR E 468 -18.36 -13.54 30.87
C TYR E 468 -17.92 -14.98 30.88
N LEU E 469 -16.93 -15.24 30.05
CA LEU E 469 -16.26 -16.51 29.87
C LEU E 469 -14.93 -16.43 30.61
N ARG E 470 -14.68 -17.41 31.47
CA ARG E 470 -13.46 -17.52 32.27
C ARG E 470 -12.57 -18.62 31.72
N LEU E 471 -11.31 -18.33 31.48
CA LEU E 471 -10.42 -19.19 30.72
C LEU E 471 -9.04 -19.20 31.36
N ALA E 472 -8.63 -20.34 31.90
CA ALA E 472 -7.51 -20.43 32.83
C ALA E 472 -6.56 -21.56 32.48
N PHE E 473 -5.27 -21.27 32.45
CA PHE E 473 -4.21 -22.20 32.13
C PHE E 473 -3.85 -23.08 33.32
N HIS E 474 -3.47 -24.33 33.08
CA HIS E 474 -2.80 -25.16 34.08
C HIS E 474 -1.77 -26.07 33.45
N VAL E 475 -0.71 -26.37 34.19
CA VAL E 475 0.22 -27.41 33.83
C VAL E 475 -0.42 -28.75 34.13
N CYS E 476 -0.33 -29.70 33.23
CA CYS E 476 -0.73 -31.08 33.45
C CYS E 476 0.50 -31.90 33.78
N SER E 477 0.37 -32.94 34.59
CA SER E 477 1.41 -33.96 34.60
C SER E 477 1.46 -34.62 33.23
N GLY E 478 2.63 -35.10 32.86
CA GLY E 478 2.90 -35.73 31.59
C GLY E 478 4.18 -36.53 31.63
N GLU E 479 4.46 -37.22 30.54
CA GLU E 479 5.52 -38.23 30.44
C GLU E 479 6.93 -37.72 30.71
N ASN E 480 7.16 -36.41 30.61
CA ASN E 480 8.47 -35.77 30.69
C ASN E 480 8.81 -35.22 32.08
N ASP E 481 7.83 -35.06 32.95
CA ASP E 481 7.94 -34.26 34.17
C ASP E 481 9.14 -34.58 35.05
N ALA E 482 9.56 -35.83 35.08
CA ALA E 482 10.63 -36.31 35.92
C ALA E 482 12.00 -35.77 35.52
N ILE E 483 12.14 -35.11 34.37
CA ILE E 483 13.40 -34.48 33.94
C ILE E 483 13.30 -32.97 33.75
N LEU E 484 12.11 -32.38 33.84
CA LEU E 484 11.92 -30.96 33.64
C LEU E 484 12.25 -30.20 34.91
N GLU E 485 12.65 -28.94 34.77
CA GLU E 485 12.91 -28.09 35.92
C GLU E 485 11.58 -27.66 36.57
N TRP E 486 11.57 -27.49 37.88
CA TRP E 486 10.40 -27.10 38.64
C TRP E 486 10.79 -26.10 39.73
N PRO E 487 9.87 -25.22 40.24
CA PRO E 487 8.58 -24.85 39.60
C PRO E 487 8.84 -24.24 38.21
N VAL E 488 7.83 -24.24 37.34
CA VAL E 488 8.04 -23.55 36.04
C VAL E 488 8.37 -22.12 36.45
N GLU E 489 9.47 -21.57 35.94
CA GLU E 489 9.91 -20.24 36.45
C GLU E 489 9.68 -19.14 35.41
N ASN E 490 9.99 -19.40 34.14
CA ASN E 490 9.88 -18.28 33.15
C ASN E 490 9.13 -18.69 31.88
N ARG E 491 8.10 -19.53 31.99
CA ARG E 491 7.44 -19.95 30.73
C ARG E 491 6.22 -19.05 30.49
N GLN E 492 6.28 -18.23 29.44
CA GLN E 492 5.16 -17.31 29.13
C GLN E 492 3.96 -18.12 28.63
N VAL E 493 2.75 -17.75 29.05
CA VAL E 493 1.52 -18.44 28.61
C VAL E 493 0.72 -17.45 27.76
N ILE E 494 0.52 -17.77 26.48
CA ILE E 494 -0.32 -16.92 25.65
C ILE E 494 -1.56 -17.72 25.31
N ILE E 495 -2.73 -17.23 25.64
CA ILE E 495 -3.98 -17.87 25.26
C ILE E 495 -4.69 -16.96 24.31
N THR E 496 -5.15 -17.49 23.18
CA THR E 496 -5.82 -16.72 22.15
C THR E 496 -7.12 -17.39 21.75
N ILE E 497 -8.20 -16.62 21.66
CA ILE E 497 -9.47 -17.15 21.10
C ILE E 497 -9.42 -16.76 19.61
N LEU E 498 -9.20 -17.73 18.73
CA LEU E 498 -9.01 -17.40 17.30
C LEU E 498 -10.25 -16.76 16.69
N ASP E 499 -10.07 -15.67 15.95
CA ASP E 499 -11.20 -15.12 15.18
C ASP E 499 -11.08 -15.96 13.92
N GLN E 500 -12.04 -16.77 13.54
CA GLN E 500 -11.83 -17.69 12.44
C GLN E 500 -12.01 -16.95 11.12
N GLU E 501 -11.06 -16.09 10.75
CA GLU E 501 -11.07 -15.46 9.40
C GLU E 501 -9.77 -15.88 8.71
N PRO E 502 -9.79 -16.39 7.48
CA PRO E 502 -8.60 -16.90 6.82
C PRO E 502 -7.53 -15.82 6.68
N ASP E 503 -7.89 -14.64 6.19
CA ASP E 503 -6.95 -13.56 6.05
C ASP E 503 -6.62 -13.05 7.44
N VAL E 504 -5.35 -13.18 7.84
CA VAL E 504 -4.94 -12.78 9.23
C VAL E 504 -5.25 -11.30 9.47
N ARG E 505 -5.11 -10.46 8.44
CA ARG E 505 -5.36 -9.01 8.60
C ARG E 505 -6.83 -8.80 8.99
N ASN E 506 -7.73 -9.57 8.37
CA ASN E 506 -9.18 -9.49 8.72
C ASN E 506 -9.38 -9.93 10.18
N ARG E 507 -8.62 -10.93 10.64
CA ARG E 507 -8.82 -11.48 12.01
C ARG E 507 -8.59 -10.44 13.10
N MET E 508 -9.42 -10.46 14.14
CA MET E 508 -9.18 -9.59 15.32
C MET E 508 -9.27 -10.52 16.53
N SER E 509 -8.30 -11.43 16.67
CA SER E 509 -8.37 -12.47 17.74
C SER E 509 -8.18 -11.86 19.13
N SER E 510 -8.74 -12.52 20.15
CA SER E 510 -8.59 -12.05 21.53
C SER E 510 -7.45 -12.78 22.19
N SER E 511 -6.56 -12.13 22.91
CA SER E 511 -5.42 -12.83 23.48
C SER E 511 -4.97 -12.27 24.82
N MET E 512 -4.72 -13.14 25.78
CA MET E 512 -4.26 -12.77 27.11
C MET E 512 -3.00 -13.55 27.44
N VAL E 513 -2.12 -12.91 28.18
CA VAL E 513 -0.73 -13.31 28.34
C VAL E 513 -0.34 -13.23 29.80
N PHE E 514 0.33 -14.26 30.30
CA PHE E 514 1.01 -14.18 31.59
C PHE E 514 2.23 -15.06 31.57
N THR E 515 3.15 -14.85 32.50
CA THR E 515 4.30 -15.71 32.64
C THR E 515 4.22 -16.43 33.96
N THR E 516 4.26 -17.75 33.94
CA THR E 516 4.31 -18.56 35.15
C THR E 516 5.46 -18.07 36.01
N SER E 517 5.22 -17.75 37.28
CA SER E 517 6.14 -16.98 38.12
C SER E 517 6.21 -17.53 39.54
N LYS E 518 7.36 -17.37 40.20
CA LYS E 518 7.58 -17.72 41.60
C LYS E 518 6.54 -17.14 42.55
N SER E 519 6.06 -15.93 42.26
CA SER E 519 5.01 -15.24 43.00
C SER E 519 3.64 -15.92 42.98
N HIS E 520 3.36 -16.81 42.04
CA HIS E 520 2.07 -17.46 41.91
C HIS E 520 1.96 -18.64 42.87
N THR E 521 1.23 -18.47 43.96
CA THR E 521 1.12 -19.41 45.08
C THR E 521 -0.30 -19.46 45.62
N SER E 522 -0.67 -20.49 46.39
CA SER E 522 -1.96 -20.53 47.10
C SER E 522 -1.89 -21.26 48.44
N PRO E 523 -2.67 -20.84 49.46
CA PRO E 523 -2.87 -21.60 50.68
C PRO E 523 -3.41 -23.02 50.47
N ALA E 524 -4.16 -23.24 49.38
CA ALA E 524 -4.68 -24.56 49.02
C ALA E 524 -3.56 -25.60 48.79
N ILE E 525 -2.35 -25.13 48.52
CA ILE E 525 -1.12 -25.92 48.34
C ILE E 525 -0.05 -25.48 49.34
N ASN E 526 -0.46 -25.18 50.57
CA ASN E 526 0.39 -24.77 51.69
C ASN E 526 1.34 -23.61 51.34
N ASP E 527 0.87 -22.67 50.52
CA ASP E 527 1.63 -21.50 50.07
C ASP E 527 2.94 -21.88 49.34
N THR E 528 2.83 -22.89 48.45
CA THR E 528 4.00 -23.24 47.61
C THR E 528 3.69 -22.76 46.18
N VAL E 529 4.68 -22.78 45.28
CA VAL E 529 4.45 -22.24 43.91
C VAL E 529 3.45 -23.14 43.19
N ILE E 530 2.53 -22.55 42.43
CA ILE E 530 1.50 -23.34 41.68
C ILE E 530 2.19 -24.17 40.61
N TRP E 531 3.33 -23.71 40.09
CA TRP E 531 3.96 -24.36 38.92
C TRP E 531 4.92 -25.50 39.27
N ASP E 532 4.92 -25.97 40.51
CA ASP E 532 5.77 -27.12 40.91
C ASP E 532 5.20 -28.42 40.34
N ARG E 533 6.01 -29.48 40.28
CA ARG E 533 5.58 -30.76 39.65
C ARG E 533 4.11 -31.08 39.99
N PRO E 534 3.16 -31.16 39.01
CA PRO E 534 1.73 -31.34 39.34
C PRO E 534 1.40 -32.56 40.22
N SER E 535 2.24 -33.61 40.20
CA SER E 535 1.95 -34.73 41.12
C SER E 535 2.04 -34.24 42.56
N ARG E 536 3.07 -33.45 42.88
CA ARG E 536 3.26 -32.88 44.24
C ARG E 536 2.21 -31.81 44.57
N VAL E 537 1.83 -30.96 43.61
CA VAL E 537 0.94 -29.80 43.92
C VAL E 537 -0.45 -29.91 43.31
N GLY E 538 -0.58 -30.41 42.07
CA GLY E 538 -1.86 -30.40 41.38
C GLY E 538 -2.88 -31.38 41.96
N THR E 539 -4.01 -31.52 41.29
CA THR E 539 -5.11 -32.43 41.65
C THR E 539 -5.40 -33.42 40.52
N TYR E 540 -5.77 -34.65 40.87
CA TYR E 540 -5.86 -35.75 39.91
C TYR E 540 -7.16 -35.73 39.11
N HIS E 541 -7.06 -36.09 37.84
CA HIS E 541 -8.16 -36.12 36.88
C HIS E 541 -8.11 -37.42 36.08
N THR E 542 -8.95 -38.39 36.44
CA THR E 542 -9.17 -39.61 35.62
C THR E 542 -9.71 -39.28 34.22
N ASP E 543 -10.24 -38.08 34.08
CA ASP E 543 -10.67 -37.41 32.85
C ASP E 543 -9.60 -37.38 31.76
N CYS E 544 -8.32 -37.51 32.14
CA CYS E 544 -7.21 -37.77 31.23
C CYS E 544 -6.10 -38.65 31.82
N ASN E 545 -6.28 -39.15 33.05
CA ASN E 545 -5.26 -39.73 33.90
C ASN E 545 -4.07 -38.79 34.09
N CYS E 546 -4.33 -37.60 34.60
CA CYS E 546 -3.33 -36.57 34.84
C CYS E 546 -3.49 -35.94 36.20
N PHE E 547 -2.42 -35.41 36.78
CA PHE E 547 -2.57 -34.30 37.72
C PHE E 547 -2.69 -33.03 36.89
N ARG E 548 -3.34 -32.00 37.40
CA ARG E 548 -3.35 -30.65 36.80
C ARG E 548 -3.09 -29.62 37.88
N SER E 549 -2.24 -28.64 37.64
CA SER E 549 -1.95 -27.57 38.58
C SER E 549 -3.23 -26.84 38.97
N ILE E 550 -3.19 -26.05 40.05
CA ILE E 550 -4.16 -24.97 40.20
C ILE E 550 -4.14 -24.12 38.92
N ASP E 551 -5.29 -23.69 38.44
CA ASP E 551 -5.40 -23.02 37.15
C ASP E 551 -5.41 -21.50 37.33
N LEU E 552 -4.52 -20.82 36.61
CA LEU E 552 -4.39 -19.36 36.62
C LEU E 552 -4.79 -18.77 35.28
N GLY E 553 -5.53 -17.67 35.30
CA GLY E 553 -6.01 -16.99 34.12
C GLY E 553 -7.30 -16.30 34.48
N TRP E 554 -7.99 -15.80 33.47
CA TRP E 554 -8.83 -14.64 33.68
C TRP E 554 -10.28 -15.04 33.76
N SER E 555 -10.90 -14.74 34.89
CA SER E 555 -12.33 -14.49 34.91
C SER E 555 -12.57 -13.35 33.93
N GLY E 556 -13.55 -13.52 33.05
CA GLY E 556 -13.76 -12.59 31.95
C GLY E 556 -12.54 -12.35 31.07
N PHE E 557 -11.93 -13.42 30.57
CA PHE E 557 -11.08 -13.34 29.40
C PHE E 557 -11.80 -12.59 28.26
N ILE E 558 -13.07 -12.93 28.03
CA ILE E 558 -13.94 -12.30 27.03
C ILE E 558 -15.40 -12.37 27.47
N SER E 559 -16.20 -11.39 27.03
CA SER E 559 -17.65 -11.38 27.33
C SER E 559 -18.40 -12.21 26.29
N HIS E 560 -19.60 -12.69 26.62
CA HIS E 560 -20.42 -13.48 25.66
C HIS E 560 -20.79 -12.60 24.47
N GLN E 561 -21.18 -11.35 24.71
CA GLN E 561 -21.59 -10.44 23.61
C GLN E 561 -20.38 -10.20 22.69
N MET E 562 -19.20 -9.99 23.26
CA MET E 562 -17.97 -9.75 22.45
C MET E 562 -17.67 -11.02 21.63
N LEU E 563 -17.84 -12.19 22.24
CA LEU E 563 -17.57 -13.47 21.53
C LEU E 563 -18.57 -13.64 20.37
N LYS E 564 -19.84 -13.32 20.60
CA LYS E 564 -20.87 -13.44 19.53
C LYS E 564 -20.54 -12.48 18.39
N ARG E 565 -20.12 -11.26 18.74
CA ARG E 565 -19.75 -10.25 17.70
C ARG E 565 -18.42 -10.64 17.05
N ARG E 566 -18.18 -10.21 15.80
CA ARG E 566 -16.91 -10.49 15.07
C ARG E 566 -16.89 -11.93 14.56
N SER E 567 -18.02 -12.65 14.68
CA SER E 567 -18.11 -14.05 14.19
C SER E 567 -17.00 -14.92 14.79
N PHE E 568 -16.70 -14.75 16.08
CA PHE E 568 -15.71 -15.67 16.72
C PHE E 568 -16.30 -17.08 16.65
N LEU E 569 -17.61 -17.21 16.88
CA LEU E 569 -18.27 -18.53 16.72
C LEU E 569 -18.68 -18.65 15.25
N LYS E 570 -17.70 -18.82 14.35
CA LYS E 570 -18.00 -18.86 12.89
C LYS E 570 -18.90 -20.05 12.57
N ASN E 571 -18.59 -21.22 13.13
CA ASN E 571 -19.39 -22.45 12.90
C ASN E 571 -20.25 -22.67 14.15
N ASP E 572 -20.35 -21.66 15.02
CA ASP E 572 -21.07 -21.78 16.32
C ASP E 572 -20.17 -22.58 17.25
N ASP E 573 -18.89 -22.75 16.87
CA ASP E 573 -17.91 -23.49 17.71
C ASP E 573 -16.87 -22.49 18.20
N LEU E 574 -15.99 -22.91 19.12
CA LEU E 574 -15.02 -22.00 19.69
C LEU E 574 -13.64 -22.61 19.57
N ILE E 575 -12.69 -21.91 18.96
CA ILE E 575 -11.31 -22.39 18.83
C ILE E 575 -10.38 -21.54 19.66
N ILE E 576 -9.71 -22.16 20.62
CA ILE E 576 -8.72 -21.56 21.51
C ILE E 576 -7.35 -22.09 21.14
N PHE E 577 -6.42 -21.19 20.86
CA PHE E 577 -5.02 -21.50 20.81
C PHE E 577 -4.40 -21.30 22.17
N VAL E 578 -3.38 -22.07 22.47
CA VAL E 578 -2.50 -21.84 23.60
C VAL E 578 -1.07 -21.92 23.12
N ASP E 579 -0.23 -21.02 23.56
CA ASP E 579 1.21 -21.19 23.58
C ASP E 579 1.69 -21.19 25.00
N PHE E 580 2.80 -21.85 25.22
CA PHE E 580 3.41 -21.96 26.52
C PHE E 580 4.88 -22.22 26.30
N GLU E 581 5.71 -21.19 26.38
CA GLU E 581 7.10 -21.28 25.94
C GLU E 581 8.00 -20.54 26.89
N ASP E 582 9.23 -21.00 27.02
CA ASP E 582 10.17 -20.35 27.89
C ASP E 582 10.58 -19.00 27.35
N ILE E 583 10.41 -17.95 28.13
CA ILE E 583 10.97 -16.64 27.81
C ILE E 583 12.19 -16.31 28.63
N THR E 584 12.77 -17.24 29.38
CA THR E 584 13.97 -16.99 30.19
C THR E 584 15.07 -16.30 29.40
N HIS E 585 15.23 -16.62 28.13
CA HIS E 585 16.26 -16.01 27.30
C HIS E 585 16.08 -14.51 27.05
N LEU E 586 14.96 -13.92 27.44
CA LEU E 586 14.77 -12.47 27.40
C LEU E 586 15.28 -11.76 28.67
N SER E 587 15.65 -12.52 29.71
CA SER E 587 16.29 -11.99 30.93
C SER E 587 17.75 -11.61 30.74
N LEU F 31 53.40 -6.19 -42.09
CA LEU F 31 52.02 -5.69 -41.87
C LEU F 31 51.96 -4.91 -40.54
N LEU F 32 51.33 -3.73 -40.56
CA LEU F 32 51.17 -2.84 -39.40
C LEU F 32 49.72 -2.89 -38.90
N SER F 33 49.52 -3.40 -37.68
CA SER F 33 48.15 -3.36 -37.09
C SER F 33 47.85 -1.90 -36.73
N ARG F 34 46.61 -1.44 -36.93
CA ARG F 34 46.29 0.00 -36.72
C ARG F 34 45.10 0.14 -35.77
N GLY F 35 44.97 1.29 -35.12
CA GLY F 35 43.88 1.53 -34.15
C GLY F 35 42.54 1.81 -34.83
N CYS F 36 41.44 1.42 -34.20
CA CYS F 36 40.09 1.67 -34.73
C CYS F 36 39.60 3.09 -34.47
N ASN F 37 40.18 3.80 -33.50
CA ASN F 37 39.95 5.21 -33.26
C ASN F 37 40.93 6.14 -34.01
N ASP F 38 41.80 5.61 -34.90
CA ASP F 38 42.73 6.45 -35.68
C ASP F 38 41.98 7.31 -36.72
N SER F 39 42.37 8.57 -36.85
CA SER F 39 41.62 9.57 -37.64
C SER F 39 41.56 9.27 -39.15
N ASP F 40 42.58 8.61 -39.72
CA ASP F 40 42.57 8.12 -41.10
C ASP F 40 41.67 6.88 -41.26
N VAL F 41 41.83 5.90 -40.36
CA VAL F 41 41.06 4.65 -40.34
C VAL F 41 39.55 4.92 -40.24
N LEU F 42 39.15 5.86 -39.37
CA LEU F 42 37.75 6.28 -39.23
C LEU F 42 37.16 6.81 -40.53
N ALA F 43 37.86 7.72 -41.22
CA ALA F 43 37.40 8.27 -42.50
C ALA F 43 37.37 7.18 -43.60
N VAL F 44 38.44 6.39 -43.71
CA VAL F 44 38.52 5.27 -44.67
C VAL F 44 37.37 4.29 -44.49
N ALA F 45 37.05 3.89 -43.26
CA ALA F 45 35.93 3.01 -43.01
C ALA F 45 34.58 3.62 -43.46
N GLY F 46 34.37 4.90 -43.14
CA GLY F 46 33.15 5.58 -43.60
C GLY F 46 33.10 5.55 -45.11
N PHE F 47 34.18 5.94 -45.78
CA PHE F 47 34.20 5.98 -47.27
C PHE F 47 33.97 4.58 -47.81
N ALA F 48 34.63 3.57 -47.23
CA ALA F 48 34.51 2.18 -47.72
C ALA F 48 33.05 1.73 -47.57
N LEU F 49 32.43 2.04 -46.43
CA LEU F 49 31.03 1.62 -46.19
C LEU F 49 30.11 2.33 -47.19
N ARG F 50 30.38 3.61 -47.48
CA ARG F 50 29.56 4.36 -48.46
C ARG F 50 29.70 3.68 -49.83
N ASP F 51 30.91 3.26 -50.18
CA ASP F 51 31.16 2.56 -51.48
C ASP F 51 30.37 1.26 -51.49
N ILE F 52 30.36 0.53 -50.37
CA ILE F 52 29.61 -0.76 -50.28
C ILE F 52 28.12 -0.47 -50.49
N ASN F 53 27.60 0.60 -49.87
CA ASN F 53 26.16 0.95 -49.99
C ASN F 53 25.86 1.30 -51.46
N LYS F 54 26.79 2.01 -52.12
CA LYS F 54 26.58 2.41 -53.52
C LYS F 54 26.67 1.16 -54.40
N ASP F 55 27.65 0.30 -54.11
CA ASP F 55 27.76 -0.95 -54.89
C ASP F 55 26.51 -1.84 -54.80
N ARG F 56 25.91 -1.96 -53.61
CA ARG F 56 24.73 -2.81 -53.38
C ARG F 56 23.56 -2.44 -54.28
N LYS F 57 22.98 -3.45 -54.94
CA LYS F 57 21.83 -3.31 -55.85
C LYS F 57 20.46 -3.44 -55.14
N ASP F 58 20.45 -3.99 -53.93
CA ASP F 58 19.26 -4.19 -53.10
C ASP F 58 19.61 -4.12 -51.60
N GLY F 59 18.58 -3.98 -50.76
CA GLY F 59 18.68 -3.78 -49.32
C GLY F 59 18.88 -2.32 -48.94
N TYR F 60 19.57 -2.07 -47.84
CA TYR F 60 19.56 -0.78 -47.16
C TYR F 60 20.95 -0.22 -46.92
N VAL F 61 21.02 1.11 -46.90
CA VAL F 61 22.22 1.88 -46.59
C VAL F 61 22.66 1.54 -45.16
N LEU F 62 23.94 1.21 -44.98
CA LEU F 62 24.52 0.84 -43.70
C LEU F 62 25.31 2.01 -43.10
N ARG F 63 25.03 2.31 -41.83
CA ARG F 63 25.80 3.22 -40.97
C ARG F 63 26.97 2.47 -40.35
N LEU F 64 28.09 3.18 -40.19
CA LEU F 64 29.27 2.58 -39.49
C LEU F 64 29.08 2.75 -37.98
N ASN F 65 28.75 1.68 -37.26
CA ASN F 65 28.65 1.74 -35.81
C ASN F 65 30.03 2.02 -35.21
N ARG F 66 31.06 1.28 -35.67
CA ARG F 66 32.48 1.58 -35.43
C ARG F 66 33.40 0.79 -36.35
N VAL F 67 34.65 1.21 -36.45
CA VAL F 67 35.72 0.31 -36.89
C VAL F 67 36.00 -0.71 -35.79
N ASN F 68 36.18 -1.95 -36.20
CA ASN F 68 36.17 -3.12 -35.33
C ASN F 68 37.55 -3.80 -35.31
N ASP F 69 38.26 -3.83 -36.44
CA ASP F 69 39.71 -4.03 -36.54
C ASP F 69 40.25 -3.22 -37.74
N ALA F 70 41.52 -2.83 -37.72
CA ALA F 70 42.19 -2.22 -38.88
C ALA F 70 43.67 -2.59 -38.94
N GLN F 71 44.17 -2.92 -40.13
CA GLN F 71 45.55 -3.32 -40.37
C GLN F 71 46.01 -2.78 -41.75
N GLU F 72 47.29 -2.50 -41.91
CA GLU F 72 47.83 -1.75 -43.04
C GLU F 72 49.10 -2.39 -43.62
N TYR F 73 49.18 -2.49 -44.94
CA TYR F 73 50.40 -2.84 -45.68
C TYR F 73 50.98 -1.56 -46.31
N ARG F 74 52.24 -1.25 -46.00
CA ARG F 74 52.91 0.00 -46.37
C ARG F 74 53.90 -0.20 -47.53
N ARG F 75 53.92 0.76 -48.46
CA ARG F 75 54.58 0.65 -49.76
C ARG F 75 55.41 1.89 -50.15
N GLY F 76 55.89 2.64 -49.15
CA GLY F 76 56.64 3.88 -49.35
C GLY F 76 55.76 5.04 -49.86
N GLY F 77 56.20 5.72 -50.91
CA GLY F 77 55.55 6.94 -51.42
C GLY F 77 54.18 6.73 -52.09
N LEU F 78 53.98 5.61 -52.79
CA LEU F 78 52.73 5.30 -53.53
C LEU F 78 51.63 4.69 -52.63
N GLY F 79 51.40 5.28 -51.46
CA GLY F 79 50.30 4.94 -50.56
C GLY F 79 50.44 3.61 -49.81
N SER F 80 49.29 3.11 -49.33
CA SER F 80 49.17 1.89 -48.54
C SER F 80 47.87 1.14 -48.86
N LEU F 81 47.85 -0.15 -48.55
CA LEU F 81 46.65 -0.98 -48.62
C LEU F 81 46.13 -1.24 -47.20
N PHE F 82 44.89 -0.89 -46.94
CA PHE F 82 44.22 -1.09 -45.66
C PHE F 82 43.26 -2.27 -45.72
N TYR F 83 43.28 -3.06 -44.66
CA TYR F 83 42.34 -4.14 -44.39
C TYR F 83 41.55 -3.77 -43.15
N LEU F 84 40.23 -3.70 -43.27
CA LEU F 84 39.35 -3.20 -42.22
C LEU F 84 38.29 -4.25 -41.87
N THR F 85 38.03 -4.40 -40.58
CA THR F 85 36.82 -5.05 -40.07
C THR F 85 35.94 -3.98 -39.43
N LEU F 86 34.63 -4.02 -39.67
CA LEU F 86 33.66 -3.01 -39.22
C LEU F 86 32.57 -3.64 -38.34
N ASP F 87 31.96 -2.85 -37.47
CA ASP F 87 30.64 -3.07 -36.88
C ASP F 87 29.65 -2.08 -37.51
N VAL F 88 28.49 -2.53 -37.97
CA VAL F 88 27.57 -1.74 -38.81
C VAL F 88 26.10 -1.93 -38.45
N LEU F 89 25.27 -0.94 -38.78
CA LEU F 89 23.82 -0.94 -38.55
C LEU F 89 23.04 -0.53 -39.80
N GLU F 90 21.87 -1.12 -40.00
CA GLU F 90 20.97 -0.79 -41.11
C GLU F 90 20.19 0.50 -40.86
N THR F 91 20.27 1.47 -41.78
CA THR F 91 19.56 2.76 -41.68
C THR F 91 18.18 2.72 -42.35
N ASP F 92 17.41 3.81 -42.21
CA ASP F 92 16.05 3.95 -42.74
C ASP F 92 15.94 4.13 -44.28
N CYS F 93 17.04 4.11 -45.03
CA CYS F 93 17.05 4.37 -46.48
C CYS F 93 17.41 3.11 -47.29
N HIS F 94 16.57 2.72 -48.26
CA HIS F 94 16.91 1.66 -49.23
C HIS F 94 18.00 2.15 -50.20
N VAL F 95 18.88 1.26 -50.68
CA VAL F 95 20.01 1.64 -51.54
C VAL F 95 19.60 2.29 -52.86
N LEU F 96 18.40 2.02 -53.38
CA LEU F 96 17.88 2.68 -54.59
C LEU F 96 17.61 4.19 -54.38
N ARG F 97 17.55 4.66 -53.13
CA ARG F 97 17.50 6.10 -52.79
C ARG F 97 18.86 6.81 -52.95
N LYS F 98 19.97 6.05 -52.98
CA LYS F 98 21.35 6.51 -53.21
C LYS F 98 21.87 7.60 -52.23
N LYS F 99 21.32 7.67 -51.02
CA LYS F 99 21.82 8.51 -49.91
C LYS F 99 23.16 7.99 -49.37
N ALA F 100 23.97 8.88 -48.79
CA ALA F 100 25.07 8.48 -47.90
C ALA F 100 24.51 8.15 -46.51
N TRP F 101 25.21 7.36 -45.68
CA TRP F 101 24.66 6.92 -44.40
C TRP F 101 24.53 8.04 -43.35
N GLN F 102 25.30 9.11 -43.47
CA GLN F 102 25.14 10.35 -42.69
C GLN F 102 23.85 11.10 -43.04
N ASP F 103 23.26 10.87 -44.21
CA ASP F 103 21.98 11.44 -44.64
C ASP F 103 20.76 10.69 -44.06
N CYS F 104 21.00 9.64 -43.25
CA CYS F 104 20.01 8.68 -42.78
C CYS F 104 19.99 8.54 -41.26
N GLY F 105 18.82 8.25 -40.70
CA GLY F 105 18.59 8.14 -39.26
C GLY F 105 18.92 6.75 -38.70
N MET F 106 19.00 6.67 -37.38
CA MET F 106 19.02 5.38 -36.66
C MET F 106 17.65 4.69 -36.77
N ARG F 107 17.62 3.40 -37.15
CA ARG F 107 16.39 2.59 -37.11
C ARG F 107 15.95 2.28 -35.68
N ILE F 108 14.66 1.95 -35.50
CA ILE F 108 14.09 1.55 -34.21
C ILE F 108 14.73 0.26 -33.68
N PHE F 109 14.91 0.14 -32.37
CA PHE F 109 15.61 -0.99 -31.76
C PHE F 109 14.95 -2.35 -32.10
N PHE F 110 13.62 -2.45 -32.04
CA PHE F 110 12.91 -3.73 -32.24
C PHE F 110 12.98 -4.33 -33.65
N GLU F 111 13.51 -3.59 -34.63
CA GLU F 111 13.76 -4.12 -35.97
C GLU F 111 15.17 -3.80 -36.51
N SER F 112 16.14 -3.49 -35.65
CA SER F 112 17.47 -3.15 -36.14
C SER F 112 18.15 -4.38 -36.76
N VAL F 113 18.81 -4.18 -37.89
CA VAL F 113 19.73 -5.16 -38.49
C VAL F 113 21.15 -4.69 -38.20
N TYR F 114 21.98 -5.62 -37.73
CA TYR F 114 23.32 -5.35 -37.21
C TYR F 114 24.30 -6.41 -37.69
N GLY F 115 25.59 -6.11 -37.67
CA GLY F 115 26.62 -7.09 -37.95
C GLY F 115 27.94 -6.50 -38.36
N GLN F 116 28.69 -7.24 -39.17
CA GLN F 116 30.11 -6.98 -39.41
C GLN F 116 30.49 -7.13 -40.87
N CYS F 117 31.43 -6.31 -41.30
CA CYS F 117 32.01 -6.32 -42.65
C CYS F 117 33.53 -6.50 -42.57
N LYS F 118 34.11 -7.24 -43.51
CA LYS F 118 35.54 -7.18 -43.85
C LYS F 118 35.68 -6.47 -45.20
N ALA F 119 36.62 -5.54 -45.31
CA ALA F 119 36.87 -4.80 -46.56
C ALA F 119 38.36 -4.53 -46.77
N ILE F 120 38.76 -4.50 -48.04
CA ILE F 120 40.12 -4.23 -48.50
C ILE F 120 40.09 -2.92 -49.29
N PHE F 121 40.95 -1.96 -48.94
CA PHE F 121 40.83 -0.57 -49.42
C PHE F 121 42.21 0.08 -49.62
N TYR F 122 42.52 0.51 -50.85
CA TYR F 122 43.76 1.25 -51.14
C TYR F 122 43.60 2.74 -50.86
N MET F 123 44.63 3.37 -50.28
CA MET F 123 44.66 4.81 -50.05
C MET F 123 46.02 5.43 -50.41
N ASN F 124 45.97 6.56 -51.10
CA ASN F 124 47.08 7.40 -51.49
C ASN F 124 46.59 8.87 -51.59
N ASN F 125 46.63 9.58 -50.45
CA ASN F 125 46.17 10.97 -50.36
C ASN F 125 46.99 11.96 -51.23
N PRO F 126 48.32 11.84 -51.38
CA PRO F 126 49.09 12.71 -52.27
C PRO F 126 48.65 12.63 -53.74
N SER F 127 48.31 11.44 -54.26
CA SER F 127 47.70 11.28 -55.59
C SER F 127 46.18 11.52 -55.60
N ARG F 128 45.55 11.73 -54.44
CA ARG F 128 44.09 11.75 -54.22
C ARG F 128 43.39 10.50 -54.76
N VAL F 129 44.02 9.34 -54.59
CA VAL F 129 43.50 8.03 -55.02
C VAL F 129 43.04 7.23 -53.79
N LEU F 130 41.77 6.84 -53.78
CA LEU F 130 41.12 6.05 -52.74
C LEU F 130 40.22 4.99 -53.40
N TYR F 131 40.26 3.73 -52.99
CA TYR F 131 39.52 2.67 -53.68
C TYR F 131 39.21 1.42 -52.84
N LEU F 132 37.93 1.06 -52.77
CA LEU F 132 37.46 -0.24 -52.28
C LEU F 132 37.85 -1.35 -53.27
N ALA F 133 38.81 -2.19 -52.90
CA ALA F 133 39.24 -3.33 -53.70
C ALA F 133 38.21 -4.49 -53.66
N ALA F 134 37.83 -4.93 -52.45
CA ALA F 134 36.87 -6.02 -52.26
C ALA F 134 36.30 -6.04 -50.84
N TYR F 135 35.18 -6.74 -50.62
CA TYR F 135 34.54 -6.86 -49.30
C TYR F 135 33.66 -8.11 -49.15
N ASN F 136 33.35 -8.48 -47.92
CA ASN F 136 32.20 -9.34 -47.60
C ASN F 136 31.60 -8.90 -46.25
N CYS F 137 30.29 -9.07 -46.07
CA CYS F 137 29.58 -8.67 -44.85
C CYS F 137 28.59 -9.74 -44.39
N THR F 138 28.53 -9.96 -43.08
CA THR F 138 27.53 -10.80 -42.43
C THR F 138 26.66 -9.92 -41.54
N LEU F 139 25.35 -9.99 -41.74
CA LEU F 139 24.34 -9.20 -41.04
C LEU F 139 23.28 -10.13 -40.45
N ARG F 140 22.62 -9.68 -39.39
CA ARG F 140 21.51 -10.37 -38.72
C ARG F 140 20.43 -9.37 -38.31
N PRO F 141 19.15 -9.78 -38.24
CA PRO F 141 18.19 -9.05 -37.42
C PRO F 141 18.59 -9.16 -35.94
N VAL F 142 18.31 -8.13 -35.16
CA VAL F 142 18.54 -8.08 -33.71
C VAL F 142 17.95 -9.31 -32.99
N SER F 143 18.64 -9.82 -31.95
CA SER F 143 18.27 -11.08 -31.29
C SER F 143 16.83 -11.05 -30.75
N LYS F 144 16.00 -11.99 -31.20
CA LYS F 144 14.56 -12.02 -30.91
C LYS F 144 14.26 -12.16 -29.42
N LYS F 145 15.04 -12.99 -28.70
CA LYS F 145 14.98 -13.10 -27.24
C LYS F 145 15.29 -11.78 -26.56
N LYS F 146 16.40 -11.13 -26.95
CA LYS F 146 16.85 -9.87 -26.33
C LYS F 146 15.88 -8.71 -26.60
N ILE F 147 15.22 -8.70 -27.76
CA ILE F 147 14.09 -7.80 -28.03
C ILE F 147 12.91 -8.11 -27.12
N TYR F 148 12.44 -9.37 -27.10
CA TYR F 148 11.30 -9.76 -26.23
C TYR F 148 11.56 -9.29 -24.79
N MET F 149 12.73 -9.61 -24.23
CA MET F 149 13.11 -9.20 -22.86
C MET F 149 13.08 -7.67 -22.66
N THR F 150 13.45 -6.90 -23.67
CA THR F 150 13.47 -5.41 -23.61
C THR F 150 12.06 -4.83 -23.75
N CYS F 151 11.20 -5.45 -24.56
CA CYS F 151 9.85 -4.98 -24.88
C CYS F 151 9.00 -6.15 -25.43
N PRO F 152 8.15 -6.76 -24.61
CA PRO F 152 7.45 -7.97 -24.98
C PRO F 152 6.48 -7.80 -26.15
N ASP F 153 5.87 -6.63 -26.30
CA ASP F 153 4.88 -6.39 -27.37
C ASP F 153 5.48 -5.89 -28.68
N CYS F 154 6.79 -5.62 -28.75
CA CYS F 154 7.42 -5.06 -29.94
C CYS F 154 7.26 -6.00 -31.15
N PRO F 155 6.92 -5.50 -32.35
CA PRO F 155 6.77 -6.31 -33.55
C PRO F 155 8.06 -7.06 -33.94
N SER F 156 8.09 -8.37 -33.71
CA SER F 156 9.29 -9.15 -33.99
C SER F 156 9.50 -9.31 -35.50
N SER F 157 10.72 -9.01 -35.95
CA SER F 157 11.14 -9.07 -37.36
C SER F 157 11.23 -10.53 -37.87
N ILE F 158 10.98 -10.72 -39.16
CA ILE F 158 10.87 -12.04 -39.81
C ILE F 158 11.40 -12.05 -41.25
N PRO F 159 11.76 -13.23 -41.81
CA PRO F 159 12.13 -13.37 -43.21
C PRO F 159 11.04 -12.87 -44.15
N THR F 160 11.42 -12.20 -45.24
CA THR F 160 10.48 -11.57 -46.19
C THR F 160 10.08 -12.46 -47.38
N ASP F 161 10.53 -13.71 -47.42
CA ASP F 161 10.28 -14.62 -48.54
C ASP F 161 8.81 -15.05 -48.67
N SER F 162 8.45 -15.56 -49.85
CA SER F 162 7.07 -15.87 -50.26
C SER F 162 6.36 -16.95 -49.45
N SER F 163 7.05 -17.69 -48.57
CA SER F 163 6.37 -18.60 -47.63
C SER F 163 5.44 -17.86 -46.66
N ASN F 164 5.71 -16.58 -46.38
CA ASN F 164 4.82 -15.76 -45.55
C ASN F 164 3.73 -15.06 -46.38
N HIS F 165 2.66 -15.80 -46.67
CA HIS F 165 1.47 -15.31 -47.36
C HIS F 165 0.88 -14.06 -46.71
N GLN F 166 0.85 -14.00 -45.38
CA GLN F 166 0.20 -12.93 -44.65
C GLN F 166 1.00 -11.62 -44.70
N VAL F 167 2.34 -11.68 -44.75
CA VAL F 167 3.18 -10.52 -45.06
C VAL F 167 2.92 -10.00 -46.47
N LEU F 168 2.75 -10.90 -47.45
CA LEU F 168 2.39 -10.51 -48.81
C LEU F 168 0.99 -9.87 -48.85
N GLU F 169 0.03 -10.42 -48.11
CA GLU F 169 -1.28 -9.80 -47.92
C GLU F 169 -1.14 -8.40 -47.31
N ALA F 170 -0.29 -8.22 -46.29
CA ALA F 170 -0.07 -6.91 -45.69
C ALA F 170 0.45 -5.88 -46.72
N ALA F 171 1.53 -6.20 -47.44
CA ALA F 171 2.11 -5.31 -48.43
C ALA F 171 1.15 -5.02 -49.60
N THR F 172 0.38 -6.01 -50.05
CA THR F 172 -0.60 -5.82 -51.12
C THR F 172 -1.83 -5.05 -50.64
N GLU F 173 -2.28 -5.21 -49.39
CA GLU F 173 -3.34 -4.37 -48.83
C GLU F 173 -2.89 -2.91 -48.69
N SER F 174 -1.70 -2.65 -48.13
CA SER F 174 -1.18 -1.28 -48.06
C SER F 174 -0.99 -0.68 -49.45
N LEU F 175 -0.53 -1.45 -50.43
CA LEU F 175 -0.43 -1.00 -51.81
C LEU F 175 -1.80 -0.70 -52.43
N ALA F 176 -2.79 -1.55 -52.19
CA ALA F 176 -4.16 -1.31 -52.65
C ALA F 176 -4.71 -0.01 -52.04
N LYS F 177 -4.50 0.23 -50.74
CA LYS F 177 -4.86 1.49 -50.10
C LYS F 177 -4.14 2.68 -50.74
N TYR F 178 -2.84 2.56 -51.04
CA TYR F 178 -2.10 3.64 -51.70
C TYR F 178 -2.64 3.92 -53.11
N ASN F 179 -2.94 2.89 -53.89
CA ASN F 179 -3.57 3.04 -55.21
C ASN F 179 -4.97 3.67 -55.11
N ASN F 180 -5.76 3.35 -54.07
CA ASN F 180 -7.06 3.98 -53.85
C ASN F 180 -6.92 5.45 -53.40
N GLU F 181 -5.89 5.79 -52.63
CA GLU F 181 -5.60 7.16 -52.21
C GLU F 181 -5.01 8.04 -53.32
N ASN F 182 -4.12 7.48 -54.16
CA ASN F 182 -3.42 8.19 -55.23
C ASN F 182 -4.06 7.97 -56.60
N THR F 183 -4.93 8.88 -57.05
CA THR F 183 -5.64 8.75 -58.35
C THR F 183 -4.79 9.06 -59.58
N SER F 184 -3.66 9.77 -59.43
CA SER F 184 -2.84 10.23 -60.57
C SER F 184 -2.11 9.09 -61.30
N LYS F 185 -1.64 8.09 -60.55
CA LYS F 185 -0.87 6.93 -61.01
C LYS F 185 -1.20 5.71 -60.14
N GLN F 186 -1.00 4.51 -60.67
CA GLN F 186 -1.21 3.25 -59.97
C GLN F 186 0.09 2.44 -59.98
N TYR F 187 0.30 1.63 -58.94
CA TYR F 187 1.57 0.97 -58.67
C TYR F 187 1.39 -0.51 -58.37
N SER F 188 2.42 -1.30 -58.66
CA SER F 188 2.48 -2.76 -58.51
C SER F 188 3.66 -3.15 -57.62
N LEU F 189 3.50 -4.23 -56.85
CA LEU F 189 4.52 -4.74 -55.93
C LEU F 189 5.69 -5.37 -56.71
N PHE F 190 6.90 -4.89 -56.47
CA PHE F 190 8.12 -5.54 -56.96
C PHE F 190 8.59 -6.63 -55.99
N LYS F 191 8.87 -6.25 -54.73
CA LYS F 191 9.50 -7.12 -53.71
C LYS F 191 9.21 -6.59 -52.30
N VAL F 192 9.18 -7.45 -51.28
CA VAL F 192 9.08 -7.03 -49.87
C VAL F 192 10.48 -7.04 -49.24
N THR F 193 10.91 -5.90 -48.72
CA THR F 193 12.30 -5.66 -48.30
C THR F 193 12.51 -5.85 -46.81
N ARG F 194 11.52 -5.52 -45.97
CA ARG F 194 11.53 -5.77 -44.51
C ARG F 194 10.13 -6.14 -44.03
N ALA F 195 10.02 -6.95 -42.98
CA ALA F 195 8.74 -7.31 -42.37
C ALA F 195 8.86 -7.63 -40.87
N SER F 196 7.76 -7.42 -40.15
CA SER F 196 7.60 -7.76 -38.73
C SER F 196 6.12 -7.94 -38.41
N SER F 197 5.81 -8.52 -37.26
CA SER F 197 4.43 -8.59 -36.78
C SER F 197 4.32 -8.66 -35.26
N GLN F 198 3.13 -8.38 -34.78
CA GLN F 198 2.72 -8.28 -33.38
C GLN F 198 1.28 -8.79 -33.27
N TRP F 199 0.83 -9.29 -32.12
CA TRP F 199 -0.50 -9.91 -32.02
C TRP F 199 -1.47 -9.35 -30.96
N VAL F 200 -1.13 -8.23 -30.32
CA VAL F 200 -1.84 -7.76 -29.12
C VAL F 200 -3.30 -7.36 -29.35
N VAL F 201 -3.55 -6.36 -30.19
CA VAL F 201 -4.92 -5.99 -30.63
C VAL F 201 -5.50 -7.03 -31.60
N GLY F 202 -4.70 -8.03 -31.97
CA GLY F 202 -4.91 -8.96 -33.06
C GLY F 202 -3.69 -9.05 -33.97
N PRO F 203 -3.69 -9.95 -34.96
CA PRO F 203 -2.63 -10.06 -35.96
C PRO F 203 -2.37 -8.71 -36.62
N SER F 204 -1.15 -8.21 -36.45
CA SER F 204 -0.72 -6.87 -36.84
C SER F 204 0.63 -6.95 -37.53
N TYR F 205 0.67 -6.80 -38.85
CA TYR F 205 1.87 -6.88 -39.69
C TYR F 205 2.35 -5.51 -40.09
N PHE F 206 3.66 -5.31 -40.09
CA PHE F 206 4.31 -4.06 -40.50
C PHE F 206 5.41 -4.37 -41.50
N VAL F 207 5.49 -3.60 -42.58
CA VAL F 207 6.25 -3.98 -43.79
C VAL F 207 6.88 -2.78 -44.49
N GLU F 208 7.98 -3.04 -45.19
CA GLU F 208 8.55 -2.15 -46.20
C GLU F 208 8.71 -2.94 -47.50
N TYR F 209 8.45 -2.29 -48.64
CA TYR F 209 8.43 -2.96 -49.94
C TYR F 209 8.66 -1.99 -51.11
N LEU F 210 9.06 -2.52 -52.25
CA LEU F 210 9.38 -1.78 -53.47
C LEU F 210 8.26 -1.90 -54.51
N ILE F 211 8.16 -0.91 -55.39
CA ILE F 211 7.06 -0.79 -56.36
C ILE F 211 7.51 -0.29 -57.74
N LYS F 212 6.66 -0.49 -58.76
CA LYS F 212 6.74 0.17 -60.09
C LYS F 212 5.36 0.49 -60.65
N GLU F 213 5.27 1.50 -61.52
CA GLU F 213 4.01 2.02 -62.10
C GLU F 213 3.25 1.01 -62.99
N SER F 214 1.96 1.25 -63.18
CA SER F 214 1.10 0.60 -64.18
C SER F 214 -0.02 1.53 -64.67
N SER F 231 10.11 -1.42 -65.08
CA SER F 231 11.02 -0.39 -64.59
C SER F 231 11.94 -0.86 -63.45
N VAL F 232 13.06 -0.16 -63.25
CA VAL F 232 13.76 -0.14 -61.96
C VAL F 232 12.76 0.31 -60.86
N PRO F 233 12.75 -0.29 -59.66
CA PRO F 233 11.74 0.06 -58.66
C PRO F 233 11.78 1.54 -58.29
N VAL F 234 10.63 2.20 -58.32
CA VAL F 234 10.53 3.67 -58.39
C VAL F 234 10.55 4.35 -57.01
N GLY F 235 10.32 3.59 -55.94
CA GLY F 235 10.25 4.09 -54.58
C GLY F 235 10.14 2.98 -53.55
N LEU F 236 10.33 3.33 -52.28
CA LEU F 236 10.12 2.45 -51.14
C LEU F 236 8.82 2.83 -50.43
N CYS F 237 7.92 1.86 -50.32
CA CYS F 237 6.75 1.89 -49.50
C CYS F 237 7.02 1.38 -48.08
N LYS F 238 6.27 1.94 -47.12
CA LYS F 238 6.15 1.54 -45.73
C LYS F 238 4.67 1.36 -45.43
N GLY F 239 4.25 0.34 -44.69
CA GLY F 239 2.82 0.13 -44.42
C GLY F 239 2.50 -0.95 -43.41
N SER F 240 1.21 -1.17 -43.17
CA SER F 240 0.73 -2.16 -42.20
C SER F 240 -0.63 -2.75 -42.57
N LEU F 241 -0.94 -3.90 -41.99
CA LEU F 241 -2.25 -4.53 -41.95
C LEU F 241 -2.52 -5.04 -40.53
N THR F 242 -3.67 -4.71 -39.97
CA THR F 242 -4.12 -5.23 -38.66
C THR F 242 -5.55 -5.70 -38.73
N ARG F 243 -5.84 -6.89 -38.22
CA ARG F 243 -7.21 -7.36 -38.00
C ARG F 243 -7.45 -7.48 -36.49
N THR F 244 -8.49 -6.85 -35.99
CA THR F 244 -9.13 -7.32 -34.75
C THR F 244 -10.15 -8.41 -35.12
N HIS F 245 -10.90 -8.96 -34.16
CA HIS F 245 -12.03 -9.82 -34.51
C HIS F 245 -13.15 -9.08 -35.27
N TRP F 246 -13.22 -7.74 -35.19
CA TRP F 246 -14.35 -6.95 -35.71
C TRP F 246 -13.90 -5.77 -36.61
N GLU F 247 -13.18 -4.80 -36.04
CA GLU F 247 -12.54 -3.72 -36.80
C GLU F 247 -11.25 -4.20 -37.49
N LYS F 248 -10.90 -3.57 -38.62
CA LYS F 248 -9.71 -3.85 -39.44
C LYS F 248 -9.06 -2.54 -39.86
N PHE F 249 -7.74 -2.54 -39.99
CA PHE F 249 -6.94 -1.36 -40.30
C PHE F 249 -5.85 -1.66 -41.32
N VAL F 250 -5.63 -0.73 -42.26
CA VAL F 250 -4.49 -0.73 -43.19
C VAL F 250 -3.88 0.67 -43.21
N SER F 251 -2.57 0.77 -43.24
CA SER F 251 -1.86 2.06 -43.33
C SER F 251 -0.72 2.01 -44.34
N VAL F 252 -0.40 3.15 -44.95
CA VAL F 252 0.63 3.22 -45.98
C VAL F 252 1.22 4.62 -46.12
N THR F 253 2.54 4.69 -46.34
CA THR F 253 3.29 5.88 -46.76
C THR F 253 4.39 5.43 -47.72
N CYS F 254 4.68 6.17 -48.79
CA CYS F 254 5.69 5.76 -49.77
C CYS F 254 6.55 6.93 -50.24
N ASP F 255 7.85 6.71 -50.39
CA ASP F 255 8.82 7.69 -50.90
C ASP F 255 9.37 7.26 -52.26
N PHE F 256 9.18 8.09 -53.28
CA PHE F 256 9.81 7.90 -54.60
C PHE F 256 11.26 8.40 -54.58
N PHE F 257 12.15 7.68 -55.26
CA PHE F 257 13.59 7.97 -55.23
C PHE F 257 13.98 9.19 -56.08
N GLY F 299 32.67 -4.53 -62.33
CA GLY F 299 32.57 -3.89 -61.01
C GLY F 299 33.45 -4.54 -59.94
N PRO F 300 33.43 -4.01 -58.70
CA PRO F 300 34.18 -4.58 -57.58
C PRO F 300 33.67 -5.96 -57.17
N ARG F 301 34.53 -6.78 -56.57
CA ARG F 301 34.16 -8.10 -56.04
C ARG F 301 33.72 -7.98 -54.58
N GLY F 302 32.51 -8.42 -54.25
CA GLY F 302 32.06 -8.49 -52.87
C GLY F 302 30.62 -8.92 -52.68
N SER F 303 30.22 -9.07 -51.42
CA SER F 303 28.95 -9.71 -51.06
C SER F 303 28.43 -9.30 -49.67
N VAL F 304 27.15 -9.54 -49.43
CA VAL F 304 26.49 -9.44 -48.12
C VAL F 304 25.62 -10.67 -47.90
N GLN F 305 25.53 -11.17 -46.68
CA GLN F 305 24.58 -12.22 -46.30
C GLN F 305 23.80 -11.84 -45.03
N TYR F 306 22.51 -12.13 -45.03
CA TYR F 306 21.62 -11.95 -43.88
C TYR F 306 21.36 -13.32 -43.26
N LEU F 307 21.89 -13.57 -42.07
CA LEU F 307 21.82 -14.85 -41.37
C LEU F 307 20.72 -14.86 -40.28
N PRO F 308 20.33 -16.05 -39.79
CA PRO F 308 19.50 -16.18 -38.59
C PRO F 308 20.17 -15.56 -37.35
N ASP F 309 19.37 -15.06 -36.41
CA ASP F 309 19.84 -14.35 -35.22
C ASP F 309 20.41 -15.28 -34.13
N LEU F 310 21.30 -14.72 -33.30
CA LEU F 310 21.89 -15.42 -32.15
C LEU F 310 20.88 -15.60 -31.01
N PHE F 324 29.17 -13.95 -36.20
CA PHE F 324 29.47 -13.12 -37.38
C PHE F 324 30.78 -13.53 -38.07
N PRO F 325 30.89 -14.76 -38.59
CA PRO F 325 31.98 -15.14 -39.49
C PRO F 325 31.89 -14.35 -40.81
N VAL F 326 33.03 -14.07 -41.44
CA VAL F 326 33.09 -13.42 -42.77
C VAL F 326 34.24 -14.03 -43.58
N HIS F 327 33.91 -14.81 -44.60
CA HIS F 327 34.86 -15.32 -45.59
C HIS F 327 35.29 -14.22 -46.57
N LEU F 328 36.59 -13.95 -46.70
CA LEU F 328 37.13 -12.98 -47.67
C LEU F 328 38.61 -13.24 -47.97
N ASP F 329 38.95 -13.40 -49.25
CA ASP F 329 40.32 -13.34 -49.79
C ASP F 329 40.28 -13.18 -51.32
N LEU F 330 40.99 -12.19 -51.86
CA LEU F 330 41.26 -12.08 -53.31
C LEU F 330 42.35 -13.06 -53.79
N THR F 331 43.18 -13.56 -52.87
CA THR F 331 44.23 -14.56 -53.14
C THR F 331 44.50 -15.42 -51.91
N THR F 332 44.96 -16.66 -52.14
CA THR F 332 45.55 -17.50 -51.09
C THR F 332 47.07 -17.29 -50.94
N ASN F 333 47.72 -16.61 -51.90
CA ASN F 333 49.18 -16.58 -52.02
C ASN F 333 49.85 -15.86 -50.83
N PRO F 334 50.75 -16.51 -50.06
CA PRO F 334 51.51 -15.84 -49.00
C PRO F 334 52.41 -14.70 -49.49
N GLN F 335 52.84 -14.72 -50.75
CA GLN F 335 53.54 -13.60 -51.40
C GLN F 335 52.62 -12.40 -51.70
N GLY F 336 51.30 -12.60 -51.70
CA GLY F 336 50.30 -11.67 -52.20
C GLY F 336 50.17 -11.69 -53.73
N GLU F 337 49.13 -11.05 -54.24
CA GLU F 337 48.73 -11.04 -55.64
C GLU F 337 48.98 -9.67 -56.28
N THR F 338 49.74 -9.60 -57.37
CA THR F 338 50.01 -8.36 -58.14
C THR F 338 48.79 -7.95 -58.99
N LEU F 339 47.72 -7.52 -58.33
CA LEU F 339 46.47 -7.13 -58.97
C LEU F 339 46.59 -5.77 -59.69
N ASP F 340 46.11 -5.66 -60.92
CA ASP F 340 46.12 -4.40 -61.68
C ASP F 340 45.25 -3.32 -61.00
N ILE F 341 45.76 -2.09 -60.94
CA ILE F 341 45.05 -0.89 -60.46
C ILE F 341 45.23 0.31 -61.40
N SER F 342 45.81 0.11 -62.59
CA SER F 342 46.12 1.17 -63.56
C SER F 342 44.90 2.03 -63.92
N PHE F 343 43.74 1.40 -64.06
CA PHE F 343 42.46 2.04 -64.39
C PHE F 343 41.94 3.01 -63.31
N LEU F 344 42.46 2.96 -62.08
CA LEU F 344 42.08 3.92 -61.03
C LEU F 344 42.59 5.34 -61.30
N PHE F 345 43.72 5.47 -62.02
CA PHE F 345 44.44 6.73 -62.17
C PHE F 345 43.86 7.62 -63.28
N LEU F 346 43.98 8.95 -63.11
CA LEU F 346 43.38 9.95 -64.02
C LEU F 346 43.97 9.90 -65.44
N GLU F 347 45.27 9.68 -65.53
CA GLU F 347 45.89 9.01 -66.68
C GLU F 347 46.19 7.57 -66.23
N PRO F 348 45.69 6.53 -66.93
CA PRO F 348 45.78 5.15 -66.46
C PRO F 348 47.17 4.54 -66.70
N MET F 349 48.17 5.11 -66.05
CA MET F 349 49.57 4.66 -66.01
C MET F 349 49.65 3.23 -65.48
N GLU F 350 50.66 2.46 -65.94
CA GLU F 350 50.81 1.05 -65.58
C GLU F 350 51.14 0.88 -64.08
N GLU F 351 50.14 0.49 -63.28
CA GLU F 351 50.24 0.33 -61.83
C GLU F 351 49.56 -0.97 -61.38
N LYS F 352 50.26 -1.74 -60.54
CA LYS F 352 49.77 -3.00 -59.96
C LYS F 352 50.07 -3.02 -58.46
N LEU F 353 49.15 -3.57 -57.69
CA LEU F 353 49.12 -3.56 -56.23
C LEU F 353 49.31 -4.98 -55.68
N VAL F 354 50.29 -5.20 -54.79
CA VAL F 354 50.44 -6.51 -54.11
C VAL F 354 49.41 -6.63 -52.99
N VAL F 355 48.31 -7.34 -53.26
CA VAL F 355 47.31 -7.68 -52.25
C VAL F 355 47.79 -8.91 -51.47
N LEU F 356 48.28 -8.73 -50.24
CA LEU F 356 48.50 -9.83 -49.30
C LEU F 356 47.18 -10.49 -48.88
N PRO F 357 47.18 -11.76 -48.41
CA PRO F 357 46.02 -12.38 -47.79
C PRO F 357 45.46 -11.55 -46.63
N PHE F 358 44.14 -11.60 -46.38
CA PHE F 358 43.49 -10.73 -45.40
C PHE F 358 44.11 -10.90 -43.99
N PRO F 359 44.67 -9.85 -43.38
CA PRO F 359 45.32 -9.92 -42.07
C PRO F 359 44.35 -10.40 -40.98
N LYS F 360 44.72 -11.47 -40.27
CA LYS F 360 43.84 -12.15 -39.31
C LYS F 360 43.64 -11.35 -38.03
N GLU F 361 42.49 -11.53 -37.39
CA GLU F 361 42.11 -10.79 -36.17
C GLU F 361 42.97 -11.12 -34.94
N LYS F 362 43.75 -12.21 -34.97
CA LYS F 362 44.77 -12.50 -33.94
C LYS F 362 45.83 -11.39 -33.82
N ALA F 363 45.97 -10.55 -34.84
CA ALA F 363 46.84 -9.37 -34.86
C ALA F 363 46.13 -8.04 -34.45
N ARG F 364 44.93 -8.09 -33.83
CA ARG F 364 44.23 -6.91 -33.26
C ARG F 364 45.12 -6.14 -32.27
N THR F 365 45.03 -4.81 -32.27
CA THR F 365 45.60 -3.94 -31.24
C THR F 365 44.64 -3.74 -30.06
N ALA F 366 45.13 -3.25 -28.92
CA ALA F 366 44.28 -2.81 -27.81
C ALA F 366 43.42 -1.58 -28.16
N GLU F 367 43.77 -0.84 -29.22
CA GLU F 367 42.99 0.26 -29.80
C GLU F 367 41.86 -0.23 -30.75
N CYS F 368 41.56 -1.52 -30.75
CA CYS F 368 40.45 -2.15 -31.46
C CYS F 368 39.62 -3.09 -30.56
N PRO F 369 38.28 -3.12 -30.70
CA PRO F 369 37.45 -2.25 -31.54
C PRO F 369 37.34 -0.82 -30.99
N GLY F 370 36.85 0.13 -31.81
CA GLY F 370 36.76 1.55 -31.47
C GLY F 370 35.54 1.95 -30.60
N PRO F 371 35.33 3.26 -30.37
CA PRO F 371 34.11 3.78 -29.74
C PRO F 371 32.91 3.69 -30.70
N ALA F 372 31.78 3.15 -30.21
CA ALA F 372 30.56 2.92 -31.00
C ALA F 372 29.65 4.17 -31.11
N GLN F 373 28.95 4.32 -32.24
CA GLN F 373 27.82 5.27 -32.37
C GLN F 373 26.58 4.81 -31.58
N ASN F 374 26.37 3.50 -31.45
CA ASN F 374 25.34 2.87 -30.65
C ASN F 374 25.92 1.63 -29.95
N ALA F 375 26.23 1.78 -28.66
CA ALA F 375 26.85 0.73 -27.84
C ALA F 375 25.85 -0.25 -27.21
N SER F 376 24.55 -0.18 -27.52
CA SER F 376 23.53 -1.03 -26.89
C SER F 376 23.80 -2.51 -27.16
N PRO F 377 23.85 -3.38 -26.12
CA PRO F 377 24.27 -4.78 -26.25
C PRO F 377 23.30 -5.62 -27.10
N LEU F 378 22.10 -5.10 -27.39
CA LEU F 378 21.17 -5.68 -28.36
C LEU F 378 21.77 -5.71 -29.79
N VAL F 379 22.46 -4.64 -30.19
CA VAL F 379 22.83 -4.37 -31.61
C VAL F 379 24.31 -4.07 -31.82
N LEU F 380 25.10 -3.93 -30.76
CA LEU F 380 26.56 -3.89 -30.86
C LEU F 380 27.08 -5.33 -31.14
N PRO F 381 27.75 -5.61 -32.28
CA PRO F 381 28.23 -6.95 -32.59
C PRO F 381 29.33 -7.46 -31.61
N PRO F 382 29.55 -8.78 -31.52
CA PRO F 382 30.62 -9.38 -30.72
C PRO F 382 32.03 -9.09 -31.27
#